data_6Q4O
#
_entry.id   6Q4O
#
_cell.length_a   145.203
_cell.length_b   162.571
_cell.length_c   243.459
_cell.angle_alpha   90.00
_cell.angle_beta   90.00
_cell.angle_gamma   90.00
#
_symmetry.space_group_name_H-M   'P 21 21 21'
#
loop_
_entity.id
_entity.type
_entity.pdbx_description
1 polymer 'Multidrug efflux pump subunit AcrB'
2 polymer DARPIN
3 non-polymer DODECYL-BETA-D-MALTOSIDE
4 non-polymer DECANE
5 non-polymer DECYLAMINE-N,N-DIMETHYL-N-OXIDE
6 non-polymer GLYCEROL
7 non-polymer HEXANE
8 non-polymer N-OCTANE
9 non-polymer 'FUSIDIC ACID'
10 non-polymer DODECANE
11 non-polymer '(2S)-3-hydroxypropane-1,2-diyl didecanoate'
12 non-polymer PHOSPHATIDYLETHANOLAMINE
13 non-polymer 'SULFATE ION'
14 water water
#
loop_
_entity_poly.entity_id
_entity_poly.type
_entity_poly.pdbx_seq_one_letter_code
_entity_poly.pdbx_strand_id
1 'polypeptide(L)'
;MPNFFIDRPIFAWVIAIIIMLAGGLAALKLPVAQYPTIAPPAVTISASYPGADAKTVQDTVTQVIEQNMNGIDNLMYMSS
NSDSTGTVQITLTFESGTDADIAQVQVQNKLQLAMPLLPQEVQQQGVSVEKSSSSFLMVVGVINTDGTMTQEDISDYVAA
NMKDAISRTSGVGDVQLFGSQYAMRIWMNPNELNKFQLTPVDVITAIKAQNAQVAAGQLGGTPPVKGQQLNASIIAQTRL
TSTEEFGKILLKVNQDGSRVLLRDVAKIELGGENYDIIAEFNGQPASGLGIKLATGANALDTAAAIRAELAKMEPFFPSG
LKIVYPYDTTPFVKISIHEVVKTLVEAIILVFLVMYLFLQNFRATLIPTIAVPVVLLGTFAVLAAFGFSINTLTMFGMVL
AIGLLVDDAIVVVENVERVMAEEGLPPKEATRKSMGQIQGALVGIAMVLSAVFVPMAFFGGSTGAIYRQFSITIVSAMAL
SVLVALILTPALCATMLKPIAKGDHGEGKKGFFGWFNRMFEKSTHHYTDSVGGILRSTGRYLVLYLIIVVGMAYLFVRLP
SSFLPDEDQGVFMTMVQLPAGATQERTQKVLNEVTHYYLTKEKNNVESVFAVNGFGFAGRGQNTGIAFVSLKDWADRPGE
ENKVEAITMRATRAFSQIKDAMVFAFNLPAIVELGTATGFDFELIDQAGLGHEKLTQARNQLLAEAAKHPDMLTSVRPNG
LEDTPQFKIDIDQEKAQALGVSINDINTTLGAAWGGSYVNDFIDRGRVKKVYVMSEAKYRMLPDDIGDWYVRAADGQMVP
FSAFSSSRWEYGSPRLERYNGLPSMEILGQAAPGKSTGEAMELMEQLASKLPTGVGYDWTGMSYQERLSGNQAPSLYAIS
LIVVFLCLAALYESWSIPFSVMLVVPLGVIGALLAATFRGLTNDVYFQVGLLTTIGLSAKNAILIVEFAKDLMDKEGKGL
IEATLDAVRMRLRPILMTSLAFILGVMPLVISTGAGSGAQNAVGTGVMGGMVTATVLAIFFVPVFFVVVRRRFSRKNEDI
EHSHTVDHHLEHHHHHH
;
A,B,C
2 'polypeptide(L)'
;MRGSHHHHHHGSDLGKKLLEAARAGRDDEVRILMANGADVNAADVVGWTPLHLAAYWGHLEIVEVLLKNGADVNAYDTLG
STPLHLAAHFGHLEIVEVLLKNGADVNAKDDNGITPLHLAANRGHLEIVEVLLKYGADVNAQDKFGKTAFDISINNGNED
LAEILQKLN
;
D,E
#
loop_
_chem_comp.id
_chem_comp.type
_chem_comp.name
_chem_comp.formula
D10 non-polymer DECANE 'C10 H22'
D12 non-polymer DODECANE 'C12 H26'
DDQ non-polymer DECYLAMINE-N,N-DIMETHYL-N-OXIDE 'C12 H27 N O'
DDR non-polymer '(2S)-3-hydroxypropane-1,2-diyl didecanoate' 'C23 H44 O5'
FUA non-polymer 'FUSIDIC ACID' 'C31 H48 O6'
GOL non-polymer GLYCEROL 'C3 H8 O3'
HEX non-polymer HEXANE 'C6 H14'
LMT D-saccharide DODECYL-BETA-D-MALTOSIDE 'C24 H46 O11'
OCT non-polymer N-OCTANE 'C8 H18'
PTY non-polymer PHOSPHATIDYLETHANOLAMINE 'C40 H80 N O8 P'
SO4 non-polymer 'SULFATE ION' 'O4 S -2'
#
# COMPACT_ATOMS: atom_id res chain seq x y z
N MET A 1 16.87 -41.43 18.22
CA MET A 1 16.84 -40.05 18.80
C MET A 1 16.63 -40.12 20.32
N PRO A 2 15.67 -40.92 20.84
CA PRO A 2 15.59 -41.15 22.29
C PRO A 2 16.92 -41.70 22.83
N ASN A 3 17.48 -42.72 22.18
CA ASN A 3 18.74 -43.39 22.57
C ASN A 3 19.88 -42.37 22.58
N PHE A 4 19.92 -41.47 21.58
CA PHE A 4 20.96 -40.42 21.42
C PHE A 4 20.94 -39.48 22.64
N PHE A 5 19.76 -39.05 23.07
CA PHE A 5 19.56 -38.00 24.09
C PHE A 5 19.56 -38.60 25.51
N ILE A 6 19.26 -39.89 25.67
CA ILE A 6 19.36 -40.59 26.98
C ILE A 6 20.83 -40.52 27.46
N ASP A 7 21.79 -40.71 26.56
CA ASP A 7 23.25 -40.69 26.85
C ASP A 7 23.78 -39.25 26.87
N ARG A 8 23.00 -38.29 26.37
CA ARG A 8 23.37 -36.84 26.34
C ARG A 8 22.21 -36.01 26.90
N PRO A 9 22.00 -36.01 28.23
CA PRO A 9 20.95 -35.20 28.85
C PRO A 9 21.11 -33.68 28.68
N ILE A 10 22.35 -33.17 28.66
CA ILE A 10 22.64 -31.71 28.55
C ILE A 10 22.21 -31.22 27.16
N PHE A 11 22.54 -31.96 26.11
CA PHE A 11 22.09 -31.68 24.71
C PHE A 11 20.57 -31.53 24.72
N ALA A 12 19.87 -32.55 25.24
CA ALA A 12 18.39 -32.57 25.37
C ALA A 12 17.93 -31.29 26.06
N TRP A 13 18.54 -30.95 27.20
CA TRP A 13 18.24 -29.73 27.99
C TRP A 13 18.43 -28.49 27.12
N VAL A 14 19.57 -28.41 26.41
CA VAL A 14 19.93 -27.24 25.55
C VAL A 14 18.79 -27.01 24.54
N ILE A 15 18.31 -28.08 23.89
CA ILE A 15 17.22 -28.01 22.88
C ILE A 15 15.94 -27.50 23.58
N ALA A 16 15.66 -27.95 24.81
CA ALA A 16 14.49 -27.54 25.60
C ALA A 16 14.61 -26.05 25.96
N ILE A 17 15.83 -25.59 26.27
CA ILE A 17 16.11 -24.17 26.68
C ILE A 17 15.98 -23.26 25.45
N ILE A 18 16.59 -23.63 24.31
CA ILE A 18 16.57 -22.84 23.05
C ILE A 18 15.12 -22.72 22.55
N ILE A 19 14.32 -23.78 22.69
CA ILE A 19 12.87 -23.77 22.34
C ILE A 19 12.17 -22.74 23.25
N MET A 20 12.48 -22.75 24.55
CA MET A 20 11.82 -21.88 25.57
C MET A 20 12.23 -20.42 25.41
N LEU A 21 13.46 -20.15 24.95
CA LEU A 21 13.95 -18.77 24.66
C LEU A 21 13.20 -18.25 23.42
N ALA A 22 13.32 -18.97 22.31
CA ALA A 22 12.65 -18.65 21.02
C ALA A 22 11.15 -18.45 21.28
N GLY A 23 10.55 -19.35 22.05
CA GLY A 23 9.13 -19.29 22.47
C GLY A 23 8.86 -18.10 23.38
N GLY A 24 9.73 -17.86 24.37
CA GLY A 24 9.63 -16.76 25.33
C GLY A 24 9.68 -15.41 24.64
N LEU A 25 10.66 -15.22 23.74
CA LEU A 25 10.86 -13.96 22.98
C LEU A 25 9.71 -13.76 21.98
N ALA A 26 9.14 -14.85 21.46
CA ALA A 26 7.92 -14.82 20.61
C ALA A 26 6.77 -14.26 21.43
N ALA A 27 6.58 -14.77 22.65
CA ALA A 27 5.49 -14.36 23.58
C ALA A 27 5.60 -12.86 23.89
N LEU A 28 6.82 -12.36 24.13
CA LEU A 28 7.06 -10.94 24.53
C LEU A 28 6.84 -10.00 23.34
N LYS A 29 7.02 -10.47 22.11
CA LYS A 29 7.09 -9.58 20.91
C LYS A 29 6.09 -10.00 19.82
N LEU A 30 5.08 -10.81 20.16
CA LEU A 30 3.94 -11.13 19.23
C LEU A 30 2.83 -10.10 19.45
N PRO A 31 2.00 -9.81 18.42
CA PRO A 31 0.82 -8.98 18.62
C PRO A 31 -0.24 -9.70 19.48
N VAL A 32 -0.95 -8.94 20.31
CA VAL A 32 -2.11 -9.43 21.11
C VAL A 32 -3.37 -8.79 20.54
N ALA A 33 -4.42 -9.60 20.35
CA ALA A 33 -5.76 -9.18 19.90
C ALA A 33 -6.80 -10.10 20.57
N GLN A 34 -8.05 -9.65 20.72
CA GLN A 34 -9.13 -10.50 21.28
C GLN A 34 -9.38 -11.67 20.32
N TYR A 35 -9.54 -11.36 19.02
CA TYR A 35 -9.76 -12.34 17.93
C TYR A 35 -8.88 -11.98 16.73
N PRO A 36 -8.68 -12.89 15.77
CA PRO A 36 -8.10 -12.52 14.48
C PRO A 36 -9.05 -11.57 13.73
N THR A 37 -8.51 -10.53 13.09
CA THR A 37 -9.30 -9.51 12.35
C THR A 37 -9.93 -10.20 11.14
N ILE A 38 -11.27 -10.27 11.12
CA ILE A 38 -12.06 -10.94 10.05
C ILE A 38 -13.02 -9.94 9.38
N ALA A 39 -13.11 -8.72 9.92
CA ALA A 39 -14.00 -7.64 9.41
C ALA A 39 -13.56 -7.24 8.01
N PRO A 40 -14.52 -7.03 7.08
CA PRO A 40 -14.18 -6.52 5.74
C PRO A 40 -13.69 -5.08 5.82
N PRO A 41 -12.51 -4.75 5.23
CA PRO A 41 -12.03 -3.37 5.17
C PRO A 41 -13.07 -2.41 4.57
N ALA A 42 -13.22 -1.22 5.16
CA ALA A 42 -14.21 -0.20 4.76
C ALA A 42 -13.52 1.15 4.63
N VAL A 43 -13.47 1.68 3.40
CA VAL A 43 -13.00 3.08 3.11
C VAL A 43 -14.23 3.98 3.13
N THR A 44 -14.16 5.07 3.91
CA THR A 44 -15.24 6.07 4.09
C THR A 44 -14.81 7.41 3.51
N ILE A 45 -15.55 7.92 2.52
CA ILE A 45 -15.41 9.31 1.99
C ILE A 45 -16.37 10.19 2.81
N SER A 46 -15.83 11.21 3.48
CA SER A 46 -16.60 12.21 4.26
C SER A 46 -16.40 13.59 3.65
N ALA A 47 -17.50 14.30 3.38
CA ALA A 47 -17.52 15.68 2.87
C ALA A 47 -18.56 16.49 3.65
N SER A 48 -18.48 17.82 3.56
CA SER A 48 -19.32 18.77 4.34
C SER A 48 -19.63 20.02 3.50
N TYR A 49 -20.92 20.27 3.27
CA TYR A 49 -21.46 21.46 2.57
C TYR A 49 -22.19 22.31 3.60
N PRO A 50 -21.56 23.36 4.18
CA PRO A 50 -22.19 24.16 5.23
C PRO A 50 -23.48 24.86 4.76
N GLY A 51 -24.58 24.63 5.48
CA GLY A 51 -25.89 25.27 5.24
C GLY A 51 -26.71 24.54 4.18
N ALA A 52 -26.22 23.39 3.71
CA ALA A 52 -26.86 22.58 2.64
C ALA A 52 -27.89 21.63 3.27
N ASP A 53 -29.04 21.49 2.60
CA ASP A 53 -30.08 20.48 2.91
C ASP A 53 -29.65 19.12 2.34
N ALA A 54 -30.28 18.04 2.80
CA ALA A 54 -29.94 16.64 2.45
C ALA A 54 -29.95 16.45 0.92
N LYS A 55 -30.92 17.05 0.22
CA LYS A 55 -31.09 16.92 -1.25
C LYS A 55 -29.94 17.64 -1.96
N THR A 56 -29.68 18.90 -1.58
CA THR A 56 -28.58 19.74 -2.14
C THR A 56 -27.25 18.99 -2.02
N VAL A 57 -27.03 18.35 -0.87
CA VAL A 57 -25.79 17.58 -0.54
C VAL A 57 -25.72 16.38 -1.49
N GLN A 58 -26.82 15.64 -1.62
CA GLN A 58 -26.89 14.41 -2.46
C GLN A 58 -26.59 14.78 -3.91
N ASP A 59 -27.19 15.87 -4.42
CA ASP A 59 -27.27 16.18 -5.88
C ASP A 59 -26.04 16.97 -6.33
N THR A 60 -25.32 17.63 -5.42
CA THR A 60 -24.09 18.43 -5.76
C THR A 60 -22.81 17.71 -5.33
N VAL A 61 -22.90 16.70 -4.44
CA VAL A 61 -21.70 16.02 -3.87
C VAL A 61 -21.84 14.50 -4.03
N THR A 62 -22.79 13.88 -3.31
CA THR A 62 -22.89 12.41 -3.15
C THR A 62 -22.95 11.72 -4.52
N GLN A 63 -23.90 12.12 -5.36
CA GLN A 63 -24.14 11.49 -6.70
C GLN A 63 -22.87 11.67 -7.55
N VAL A 64 -22.31 12.87 -7.57
CA VAL A 64 -21.10 13.23 -8.36
C VAL A 64 -19.94 12.30 -7.97
N ILE A 65 -19.74 12.08 -6.67
CA ILE A 65 -18.66 11.19 -6.12
C ILE A 65 -18.98 9.75 -6.52
N GLU A 66 -20.20 9.28 -6.23
CA GLU A 66 -20.65 7.89 -6.47
C GLU A 66 -20.42 7.50 -7.94
N GLN A 67 -20.73 8.41 -8.87
CA GLN A 67 -20.65 8.17 -10.34
C GLN A 67 -19.19 7.96 -10.75
N ASN A 68 -18.23 8.54 -10.01
CA ASN A 68 -16.77 8.40 -10.32
C ASN A 68 -16.20 7.13 -9.69
N MET A 69 -16.90 6.50 -8.74
CA MET A 69 -16.46 5.24 -8.09
C MET A 69 -16.70 4.07 -9.05
N ASN A 70 -15.65 3.63 -9.75
CA ASN A 70 -15.72 2.50 -10.71
C ASN A 70 -14.31 1.93 -10.95
N GLY A 71 -14.24 0.65 -11.35
CA GLY A 71 -12.97 -0.10 -11.52
C GLY A 71 -12.17 -0.11 -10.22
N ILE A 72 -12.85 -0.34 -9.10
CA ILE A 72 -12.23 -0.39 -7.74
C ILE A 72 -12.23 -1.85 -7.27
N ASP A 73 -11.04 -2.48 -7.25
CA ASP A 73 -10.85 -3.92 -7.00
C ASP A 73 -11.50 -4.32 -5.66
N ASN A 74 -12.14 -5.49 -5.63
CA ASN A 74 -12.58 -6.20 -4.41
C ASN A 74 -13.69 -5.43 -3.68
N LEU A 75 -14.40 -4.54 -4.37
CA LEU A 75 -15.52 -3.75 -3.80
C LEU A 75 -16.76 -4.66 -3.68
N MET A 76 -17.22 -4.94 -2.46
CA MET A 76 -18.44 -5.76 -2.20
C MET A 76 -19.67 -4.92 -2.49
N TYR A 77 -19.75 -3.73 -1.90
CA TYR A 77 -20.88 -2.77 -2.07
C TYR A 77 -20.49 -1.38 -1.59
N MET A 78 -21.27 -0.40 -2.01
CA MET A 78 -21.16 1.05 -1.67
C MET A 78 -22.48 1.50 -1.04
N SER A 79 -22.42 2.20 0.10
CA SER A 79 -23.59 2.84 0.76
C SER A 79 -23.24 4.29 1.08
N SER A 80 -24.23 5.18 1.16
CA SER A 80 -24.03 6.62 1.44
C SER A 80 -25.26 7.26 2.10
N ASN A 81 -25.01 8.15 3.06
CA ASN A 81 -26.01 9.06 3.68
C ASN A 81 -25.67 10.51 3.30
N SER A 82 -26.65 11.25 2.79
CA SER A 82 -26.61 12.71 2.57
C SER A 82 -27.68 13.34 3.46
N ASP A 83 -27.32 14.16 4.45
CA ASP A 83 -28.28 14.66 5.46
C ASP A 83 -28.22 16.17 5.60
N SER A 84 -29.23 16.74 6.28
CA SER A 84 -29.58 18.18 6.31
C SER A 84 -28.64 18.97 7.23
N THR A 85 -27.73 18.29 7.95
CA THR A 85 -26.58 18.94 8.65
C THR A 85 -25.56 19.41 7.61
N GLY A 86 -25.71 18.97 6.35
CA GLY A 86 -24.84 19.36 5.22
C GLY A 86 -23.68 18.40 5.02
N THR A 87 -23.84 17.15 5.46
CA THR A 87 -22.75 16.14 5.55
C THR A 87 -23.04 14.97 4.60
N VAL A 88 -22.05 14.60 3.79
CA VAL A 88 -22.04 13.32 3.03
C VAL A 88 -21.20 12.32 3.82
N GLN A 89 -21.56 11.04 3.72
CA GLN A 89 -20.72 9.92 4.16
C GLN A 89 -20.97 8.76 3.20
N ILE A 90 -19.95 8.36 2.45
CA ILE A 90 -19.97 7.23 1.47
C ILE A 90 -19.01 6.15 1.98
N THR A 91 -19.53 4.95 2.27
CA THR A 91 -18.74 3.80 2.77
C THR A 91 -18.64 2.74 1.67
N LEU A 92 -17.42 2.46 1.22
CA LEU A 92 -17.10 1.38 0.25
C LEU A 92 -16.50 0.20 1.01
N THR A 93 -17.28 -0.88 1.15
CA THR A 93 -16.88 -2.11 1.90
C THR A 93 -16.24 -3.09 0.93
N PHE A 94 -15.09 -3.64 1.30
CA PHE A 94 -14.22 -4.48 0.44
C PHE A 94 -14.20 -5.92 0.92
N GLU A 95 -13.98 -6.87 0.00
CA GLU A 95 -13.86 -8.32 0.33
C GLU A 95 -12.76 -8.51 1.37
N SER A 96 -12.95 -9.46 2.28
CA SER A 96 -11.96 -9.82 3.35
C SER A 96 -10.65 -10.23 2.67
N GLY A 97 -9.53 -9.68 3.13
CA GLY A 97 -8.18 -9.95 2.57
C GLY A 97 -7.69 -8.82 1.68
N THR A 98 -8.58 -7.89 1.28
CA THR A 98 -8.22 -6.66 0.52
C THR A 98 -7.20 -5.87 1.34
N ASP A 99 -6.13 -5.40 0.69
CA ASP A 99 -5.17 -4.42 1.27
C ASP A 99 -5.90 -3.08 1.39
N ALA A 100 -6.06 -2.58 2.62
CA ALA A 100 -6.77 -1.32 2.94
C ALA A 100 -6.01 -0.13 2.35
N ASP A 101 -4.67 -0.20 2.31
CA ASP A 101 -3.79 0.87 1.75
C ASP A 101 -4.15 1.08 0.28
N ILE A 102 -4.19 -0.01 -0.49
CA ILE A 102 -4.45 0.00 -1.96
C ILE A 102 -5.91 0.38 -2.22
N ALA A 103 -6.84 -0.05 -1.37
CA ALA A 103 -8.28 0.31 -1.45
C ALA A 103 -8.45 1.83 -1.31
N GLN A 104 -7.76 2.43 -0.33
CA GLN A 104 -7.75 3.89 -0.09
C GLN A 104 -7.22 4.60 -1.34
N VAL A 105 -6.08 4.14 -1.87
CA VAL A 105 -5.42 4.74 -3.07
C VAL A 105 -6.40 4.71 -4.26
N GLN A 106 -7.07 3.58 -4.47
CA GLN A 106 -7.99 3.36 -5.62
C GLN A 106 -9.23 4.25 -5.45
N VAL A 107 -9.84 4.24 -4.27
CA VAL A 107 -11.04 5.05 -3.93
C VAL A 107 -10.69 6.53 -4.15
N GLN A 108 -9.54 6.97 -3.64
CA GLN A 108 -9.15 8.41 -3.66
C GLN A 108 -8.72 8.84 -5.06
N ASN A 109 -8.09 7.96 -5.85
CA ASN A 109 -7.75 8.25 -7.27
C ASN A 109 -9.04 8.70 -7.98
N LYS A 110 -10.13 7.99 -7.73
CA LYS A 110 -11.46 8.23 -8.35
C LYS A 110 -12.09 9.49 -7.77
N LEU A 111 -11.98 9.71 -6.45
CA LEU A 111 -12.52 10.92 -5.77
C LEU A 111 -11.87 12.18 -6.38
N GLN A 112 -10.57 12.11 -6.69
CA GLN A 112 -9.78 13.26 -7.23
C GLN A 112 -10.35 13.69 -8.59
N LEU A 113 -10.91 12.74 -9.36
CA LEU A 113 -11.62 13.03 -10.64
C LEU A 113 -12.90 13.83 -10.34
N ALA A 114 -13.62 13.47 -9.26
CA ALA A 114 -14.89 14.09 -8.85
C ALA A 114 -14.63 15.46 -8.18
N MET A 115 -13.47 15.64 -7.54
CA MET A 115 -13.17 16.78 -6.63
C MET A 115 -13.42 18.12 -7.32
N PRO A 116 -12.85 18.40 -8.53
CA PRO A 116 -13.06 19.71 -9.17
C PRO A 116 -14.51 19.99 -9.59
N LEU A 117 -15.36 18.96 -9.67
CA LEU A 117 -16.80 19.08 -10.01
C LEU A 117 -17.63 19.37 -8.74
N LEU A 118 -17.03 19.28 -7.55
CA LEU A 118 -17.74 19.57 -6.27
C LEU A 118 -17.77 21.07 -6.04
N PRO A 119 -18.78 21.60 -5.30
CA PRO A 119 -18.87 23.04 -5.03
C PRO A 119 -17.67 23.50 -4.21
N GLN A 120 -17.22 24.75 -4.44
CA GLN A 120 -15.98 25.32 -3.83
C GLN A 120 -16.07 25.24 -2.30
N GLU A 121 -17.27 25.45 -1.74
CA GLU A 121 -17.54 25.42 -0.27
C GLU A 121 -17.26 24.02 0.28
N VAL A 122 -17.55 22.96 -0.50
CA VAL A 122 -17.36 21.53 -0.09
C VAL A 122 -15.87 21.20 -0.12
N GLN A 123 -15.14 21.70 -1.12
CA GLN A 123 -13.68 21.50 -1.27
C GLN A 123 -12.96 22.15 -0.08
N GLN A 124 -13.41 23.35 0.32
CA GLN A 124 -12.77 24.18 1.38
C GLN A 124 -13.08 23.65 2.78
N GLN A 125 -14.08 22.79 2.95
CA GLN A 125 -14.36 22.12 4.25
C GLN A 125 -13.46 20.88 4.40
N GLY A 126 -12.64 20.58 3.39
CA GLY A 126 -11.78 19.39 3.36
C GLY A 126 -12.59 18.12 3.24
N VAL A 127 -12.50 17.45 2.08
CA VAL A 127 -13.02 16.07 1.88
C VAL A 127 -11.97 15.11 2.48
N SER A 128 -12.41 14.04 3.13
CA SER A 128 -11.50 13.05 3.77
C SER A 128 -11.85 11.63 3.31
N VAL A 129 -10.84 10.85 2.92
CA VAL A 129 -10.91 9.39 2.68
C VAL A 129 -10.20 8.72 3.86
N GLU A 130 -10.91 7.88 4.61
CA GLU A 130 -10.38 7.22 5.84
C GLU A 130 -10.67 5.72 5.77
N LYS A 131 -9.70 4.91 6.21
CA LYS A 131 -9.79 3.43 6.26
C LYS A 131 -9.71 3.03 7.74
N SER A 132 -10.84 3.07 8.43
CA SER A 132 -10.95 2.75 9.88
C SER A 132 -12.09 1.75 10.10
N SER A 133 -12.07 1.11 11.26
CA SER A 133 -13.22 0.37 11.84
C SER A 133 -14.34 1.38 12.07
N SER A 134 -15.61 0.98 11.93
CA SER A 134 -16.79 1.86 12.10
C SER A 134 -16.99 2.17 13.58
N SER A 135 -16.61 1.25 14.48
CA SER A 135 -16.77 1.35 15.95
C SER A 135 -15.61 2.13 16.59
N PHE A 136 -15.83 2.65 17.80
CA PHE A 136 -14.82 3.38 18.60
C PHE A 136 -13.92 2.38 19.34
N LEU A 137 -12.60 2.55 19.20
CA LEU A 137 -11.57 1.84 19.98
C LEU A 137 -11.64 2.33 21.42
N MET A 138 -11.64 3.66 21.61
CA MET A 138 -11.71 4.33 22.93
C MET A 138 -12.26 5.75 22.77
N VAL A 139 -12.78 6.31 23.86
CA VAL A 139 -13.03 7.77 24.00
C VAL A 139 -12.07 8.30 25.05
N VAL A 140 -11.19 9.22 24.64
CA VAL A 140 -10.32 10.03 25.53
C VAL A 140 -11.13 11.27 25.91
N GLY A 141 -11.63 11.34 27.14
CA GLY A 141 -12.35 12.50 27.68
C GLY A 141 -11.38 13.53 28.23
N VAL A 142 -11.78 14.80 28.27
CA VAL A 142 -10.99 15.92 28.86
C VAL A 142 -11.97 16.80 29.65
N ILE A 143 -11.69 17.01 30.94
CA ILE A 143 -12.49 17.84 31.89
C ILE A 143 -11.57 18.84 32.59
N ASN A 144 -12.16 19.86 33.21
CA ASN A 144 -11.46 20.85 34.06
C ASN A 144 -11.96 20.69 35.50
N THR A 145 -11.13 20.11 36.38
CA THR A 145 -11.44 19.81 37.81
C THR A 145 -11.57 21.11 38.62
N ASP A 146 -10.98 22.21 38.15
CA ASP A 146 -10.99 23.53 38.83
C ASP A 146 -12.10 24.42 38.24
N GLY A 147 -13.00 23.85 37.43
CA GLY A 147 -14.11 24.57 36.76
C GLY A 147 -13.68 25.92 36.18
N THR A 148 -12.45 26.01 35.68
CA THR A 148 -11.81 27.26 35.18
C THR A 148 -12.15 27.47 33.69
N MET A 149 -12.39 26.39 32.95
CA MET A 149 -12.65 26.40 31.49
C MET A 149 -14.04 25.80 31.20
N THR A 150 -14.80 26.44 30.32
CA THR A 150 -16.14 26.00 29.84
C THR A 150 -15.99 24.82 28.89
N GLN A 151 -17.11 24.20 28.50
CA GLN A 151 -17.17 23.11 27.47
C GLN A 151 -16.48 23.61 26.19
N GLU A 152 -16.79 24.85 25.76
CA GLU A 152 -16.27 25.45 24.51
C GLU A 152 -14.75 25.63 24.59
N ASP A 153 -14.23 26.10 25.74
CA ASP A 153 -12.78 26.30 25.99
C ASP A 153 -12.06 24.95 25.89
N ILE A 154 -12.54 23.93 26.61
CA ILE A 154 -11.91 22.58 26.66
C ILE A 154 -11.86 22.01 25.24
N SER A 155 -12.99 22.08 24.53
CA SER A 155 -13.15 21.56 23.15
C SER A 155 -12.13 22.23 22.23
N ASP A 156 -11.93 23.55 22.37
CA ASP A 156 -10.94 24.32 21.59
C ASP A 156 -9.52 23.86 21.96
N TYR A 157 -9.24 23.64 23.25
CA TYR A 157 -7.90 23.20 23.69
C TYR A 157 -7.56 21.84 23.06
N VAL A 158 -8.51 20.90 23.11
CA VAL A 158 -8.35 19.52 22.57
C VAL A 158 -8.08 19.66 21.07
N ALA A 159 -8.90 20.44 20.37
CA ALA A 159 -8.83 20.66 18.91
C ALA A 159 -7.47 21.26 18.49
N ALA A 160 -6.92 22.16 19.30
CA ALA A 160 -5.77 23.02 18.94
C ALA A 160 -4.45 22.44 19.45
N ASN A 161 -4.45 21.59 20.49
CA ASN A 161 -3.21 21.16 21.19
C ASN A 161 -3.08 19.63 21.29
N MET A 162 -4.13 18.86 20.97
CA MET A 162 -4.17 17.40 21.27
C MET A 162 -4.54 16.58 20.02
N LYS A 163 -5.64 16.93 19.36
CA LYS A 163 -6.26 16.13 18.26
C LYS A 163 -5.22 15.79 17.19
N ASP A 164 -4.56 16.80 16.62
CA ASP A 164 -3.65 16.65 15.45
C ASP A 164 -2.64 15.53 15.69
N ALA A 165 -1.98 15.51 16.85
CA ALA A 165 -0.93 14.53 17.21
C ALA A 165 -1.55 13.13 17.35
N ILE A 166 -2.76 13.03 17.92
CA ILE A 166 -3.50 11.74 18.05
C ILE A 166 -3.88 11.27 16.64
N SER A 167 -4.44 12.18 15.82
CA SER A 167 -4.83 11.95 14.40
C SER A 167 -3.63 11.39 13.60
N ARG A 168 -2.42 11.88 13.88
CA ARG A 168 -1.18 11.53 13.13
C ARG A 168 -0.61 10.21 13.63
N THR A 169 -0.97 9.78 14.85
CA THR A 169 -0.48 8.53 15.49
C THR A 169 -0.86 7.33 14.61
N SER A 170 0.08 6.40 14.41
CA SER A 170 -0.09 5.18 13.58
C SER A 170 -1.15 4.27 14.24
N GLY A 171 -2.10 3.77 13.45
CA GLY A 171 -3.20 2.92 13.92
C GLY A 171 -4.49 3.70 14.11
N VAL A 172 -4.42 5.03 14.12
CA VAL A 172 -5.60 5.92 14.34
C VAL A 172 -6.20 6.25 12.97
N GLY A 173 -7.21 5.48 12.56
CA GLY A 173 -7.88 5.60 11.26
C GLY A 173 -8.73 6.85 11.19
N ASP A 174 -9.38 7.21 12.31
CA ASP A 174 -10.29 8.38 12.40
C ASP A 174 -10.33 8.90 13.83
N VAL A 175 -10.39 10.22 14.01
CA VAL A 175 -10.57 10.89 15.33
C VAL A 175 -11.78 11.84 15.22
N GLN A 176 -12.80 11.59 16.04
CA GLN A 176 -13.98 12.49 16.19
C GLN A 176 -13.72 13.39 17.42
N LEU A 177 -13.68 14.71 17.22
CA LEU A 177 -13.69 15.71 18.32
C LEU A 177 -15.13 15.83 18.83
N PHE A 178 -15.34 15.58 20.12
CA PHE A 178 -16.66 15.71 20.79
C PHE A 178 -16.79 17.16 21.27
N GLY A 179 -17.07 18.04 20.31
CA GLY A 179 -17.03 19.51 20.45
C GLY A 179 -16.46 20.11 19.19
N SER A 180 -16.13 21.41 19.21
CA SER A 180 -15.61 22.15 18.04
C SER A 180 -14.36 22.95 18.41
N GLN A 181 -13.40 23.01 17.49
CA GLN A 181 -12.32 24.03 17.52
C GLN A 181 -12.98 25.41 17.42
N TYR A 182 -12.35 26.44 17.98
CA TYR A 182 -12.84 27.84 17.85
C TYR A 182 -12.67 28.27 16.39
N ALA A 183 -13.55 29.17 15.97
CA ALA A 183 -13.42 30.01 14.77
C ALA A 183 -13.67 31.46 15.20
N MET A 184 -13.22 32.43 14.41
CA MET A 184 -13.65 33.84 14.59
C MET A 184 -15.10 33.92 14.09
N ARG A 185 -16.05 34.03 15.02
CA ARG A 185 -17.50 34.15 14.70
C ARG A 185 -17.84 35.64 14.53
N ILE A 186 -18.22 36.02 13.31
CA ILE A 186 -18.84 37.35 12.99
C ILE A 186 -20.36 37.14 12.99
N TRP A 187 -21.01 37.40 14.12
CA TRP A 187 -22.49 37.29 14.29
C TRP A 187 -23.16 38.57 13.79
N MET A 188 -23.59 38.58 12.52
CA MET A 188 -24.11 39.79 11.82
C MET A 188 -25.49 40.16 12.35
N ASN A 189 -25.75 41.47 12.43
CA ASN A 189 -27.06 42.08 12.78
C ASN A 189 -27.67 42.69 11.51
N PRO A 190 -28.83 42.20 11.04
CA PRO A 190 -29.43 42.69 9.78
C PRO A 190 -30.02 44.09 9.91
N ASN A 191 -30.44 44.48 11.10
CA ASN A 191 -30.98 45.84 11.40
C ASN A 191 -29.84 46.84 11.21
N GLU A 192 -28.70 46.60 11.88
CA GLU A 192 -27.52 47.51 11.82
CA GLU A 192 -27.50 47.48 11.82
C GLU A 192 -26.88 47.43 10.42
N LEU A 193 -27.01 46.30 9.73
CA LEU A 193 -26.47 46.12 8.35
C LEU A 193 -27.24 47.01 7.38
N ASN A 194 -28.58 47.01 7.48
CA ASN A 194 -29.49 47.76 6.57
C ASN A 194 -29.33 49.26 6.81
N LYS A 195 -29.09 49.67 8.07
CA LYS A 195 -28.95 51.09 8.48
C LYS A 195 -27.83 51.76 7.67
N PHE A 196 -26.72 51.05 7.45
CA PHE A 196 -25.51 51.57 6.74
C PHE A 196 -25.50 51.09 5.28
N GLN A 197 -26.65 50.65 4.76
CA GLN A 197 -26.80 50.10 3.39
C GLN A 197 -25.69 49.09 3.11
N LEU A 198 -25.56 48.05 3.95
CA LEU A 198 -24.55 46.97 3.79
C LEU A 198 -25.24 45.60 3.82
N THR A 199 -24.61 44.61 3.19
CA THR A 199 -25.06 43.19 3.13
C THR A 199 -23.96 42.28 3.67
N PRO A 200 -24.27 41.00 3.96
CA PRO A 200 -23.23 40.00 4.20
C PRO A 200 -22.15 39.96 3.11
N VAL A 201 -22.48 40.35 1.87
CA VAL A 201 -21.53 40.35 0.73
C VAL A 201 -20.44 41.40 1.00
N ASP A 202 -20.82 42.55 1.56
CA ASP A 202 -19.89 43.65 1.94
C ASP A 202 -18.99 43.17 3.08
N VAL A 203 -19.58 42.50 4.08
CA VAL A 203 -18.89 41.95 5.27
C VAL A 203 -17.81 40.95 4.81
N ILE A 204 -18.19 40.00 3.96
CA ILE A 204 -17.31 38.91 3.46
C ILE A 204 -16.14 39.52 2.67
N THR A 205 -16.40 40.53 1.84
CA THR A 205 -15.38 41.19 0.98
C THR A 205 -14.38 41.95 1.86
N ALA A 206 -14.85 42.63 2.91
CA ALA A 206 -14.02 43.37 3.88
C ALA A 206 -13.12 42.39 4.64
N ILE A 207 -13.68 41.27 5.12
CA ILE A 207 -12.92 40.23 5.88
C ILE A 207 -11.83 39.64 4.97
N LYS A 208 -12.11 39.48 3.68
CA LYS A 208 -11.13 38.97 2.69
C LYS A 208 -10.04 40.03 2.48
N ALA A 209 -10.42 41.30 2.33
CA ALA A 209 -9.52 42.43 2.02
C ALA A 209 -8.63 42.76 3.24
N GLN A 210 -9.19 42.71 4.45
CA GLN A 210 -8.54 43.27 5.68
C GLN A 210 -8.14 42.17 6.66
N ASN A 211 -8.46 40.90 6.38
CA ASN A 211 -7.88 39.72 7.10
C ASN A 211 -7.12 38.88 6.06
N ALA A 212 -6.01 39.42 5.54
CA ALA A 212 -5.24 38.87 4.41
C ALA A 212 -3.77 38.75 4.79
N GLN A 213 -3.13 37.65 4.41
CA GLN A 213 -1.67 37.41 4.56
C GLN A 213 -1.03 37.62 3.18
N VAL A 214 -0.41 38.78 2.97
CA VAL A 214 0.09 39.27 1.65
C VAL A 214 1.56 38.93 1.48
N ALA A 215 1.92 38.35 0.33
CA ALA A 215 3.31 38.19 -0.16
C ALA A 215 3.72 39.50 -0.84
N ALA A 216 4.65 40.23 -0.26
CA ALA A 216 5.01 41.63 -0.63
C ALA A 216 6.44 41.71 -1.17
N GLY A 217 7.16 40.59 -1.27
CA GLY A 217 8.53 40.55 -1.82
C GLY A 217 9.55 41.12 -0.84
N GLN A 218 10.64 41.70 -1.37
CA GLN A 218 11.82 42.11 -0.59
C GLN A 218 12.34 43.47 -1.06
N LEU A 219 12.89 44.26 -0.13
CA LEU A 219 13.86 45.35 -0.42
C LEU A 219 15.17 44.66 -0.84
N GLY A 220 15.73 45.06 -1.99
CA GLY A 220 17.02 44.58 -2.51
C GLY A 220 16.96 43.10 -2.90
N GLY A 221 15.82 42.67 -3.46
CA GLY A 221 15.58 41.27 -3.85
C GLY A 221 16.25 40.94 -5.18
N THR A 222 16.56 39.65 -5.39
CA THR A 222 17.20 39.12 -6.63
C THR A 222 16.21 39.18 -7.77
N PRO A 223 16.63 39.51 -9.02
CA PRO A 223 17.99 39.99 -9.30
C PRO A 223 18.14 41.45 -8.86
N PRO A 224 19.22 41.81 -8.12
CA PRO A 224 19.38 43.17 -7.60
C PRO A 224 20.11 44.09 -8.59
N VAL A 225 20.16 45.39 -8.29
CA VAL A 225 21.09 46.36 -8.94
C VAL A 225 22.47 46.18 -8.29
N LYS A 226 23.53 46.62 -8.97
CA LYS A 226 24.91 46.59 -8.42
C LYS A 226 25.03 47.63 -7.31
N GLY A 227 25.76 47.29 -6.24
CA GLY A 227 26.05 48.19 -5.10
C GLY A 227 24.96 48.17 -4.05
N GLN A 228 24.01 47.23 -4.13
CA GLN A 228 22.94 47.06 -3.11
C GLN A 228 23.59 46.58 -1.80
N GLN A 229 23.32 47.28 -0.69
CA GLN A 229 23.78 46.91 0.67
C GLN A 229 22.61 46.34 1.49
N LEU A 230 21.39 46.84 1.24
CA LEU A 230 20.15 46.47 2.00
C LEU A 230 19.49 45.25 1.37
N ASN A 231 19.13 44.27 2.21
CA ASN A 231 18.25 43.13 1.86
C ASN A 231 17.36 42.80 3.05
N ALA A 232 16.06 43.06 2.93
CA ALA A 232 15.05 42.82 3.97
C ALA A 232 13.73 42.41 3.32
N SER A 233 12.97 41.54 4.00
CA SER A 233 11.60 41.13 3.60
C SER A 233 10.68 42.34 3.73
N ILE A 234 9.77 42.55 2.77
CA ILE A 234 8.63 43.49 2.94
C ILE A 234 7.49 42.71 3.60
N ILE A 235 6.98 43.24 4.72
CA ILE A 235 5.80 42.71 5.47
C ILE A 235 4.67 43.73 5.31
N ALA A 236 3.64 43.37 4.54
CA ALA A 236 2.38 44.13 4.41
C ALA A 236 1.35 43.55 5.39
N GLN A 237 0.09 43.41 4.98
CA GLN A 237 -0.99 42.86 5.84
C GLN A 237 -0.64 41.43 6.25
N THR A 238 -0.91 41.10 7.52
CA THR A 238 -0.85 39.72 8.08
C THR A 238 -2.22 39.35 8.63
N ARG A 239 -2.47 38.05 8.85
CA ARG A 239 -3.75 37.52 9.38
C ARG A 239 -4.07 38.26 10.69
N LEU A 240 -5.34 38.61 10.89
CA LEU A 240 -5.85 39.15 12.18
C LEU A 240 -5.75 38.04 13.24
N THR A 241 -5.53 38.40 14.50
CA THR A 241 -5.17 37.48 15.61
C THR A 241 -6.18 37.56 16.77
N SER A 242 -7.16 38.47 16.70
CA SER A 242 -8.04 38.81 17.86
C SER A 242 -9.39 39.34 17.38
N THR A 243 -10.39 39.25 18.27
CA THR A 243 -11.75 39.83 18.10
C THR A 243 -11.64 41.35 17.89
N GLU A 244 -10.78 42.01 18.68
CA GLU A 244 -10.57 43.48 18.62
CA GLU A 244 -10.59 43.48 18.62
C GLU A 244 -10.24 43.91 17.19
N GLU A 245 -9.30 43.20 16.55
CA GLU A 245 -8.79 43.51 15.17
C GLU A 245 -9.90 43.27 14.14
N PHE A 246 -10.74 42.25 14.33
CA PHE A 246 -11.89 41.93 13.44
C PHE A 246 -12.95 43.02 13.59
N GLY A 247 -13.27 43.42 14.82
CA GLY A 247 -14.17 44.56 15.12
C GLY A 247 -13.68 45.83 14.45
N LYS A 248 -12.35 46.03 14.38
CA LYS A 248 -11.66 47.24 13.89
C LYS A 248 -11.73 47.31 12.36
N ILE A 249 -12.11 46.22 11.67
CA ILE A 249 -12.26 46.16 10.19
C ILE A 249 -13.18 47.30 9.74
N LEU A 250 -12.74 48.11 8.78
CA LEU A 250 -13.51 49.26 8.23
C LEU A 250 -14.31 48.78 7.01
N LEU A 251 -15.63 48.68 7.15
CA LEU A 251 -16.56 48.29 6.06
C LEU A 251 -16.74 49.46 5.10
N LYS A 252 -16.93 50.67 5.63
CA LYS A 252 -17.47 51.83 4.88
C LYS A 252 -17.16 53.13 5.63
N VAL A 253 -16.79 54.18 4.88
CA VAL A 253 -16.70 55.58 5.39
C VAL A 253 -17.90 56.34 4.84
N ASN A 254 -18.71 56.94 5.72
CA ASN A 254 -19.92 57.72 5.35
C ASN A 254 -19.49 59.05 4.70
N GLN A 255 -20.46 59.74 4.08
CA GLN A 255 -20.25 61.05 3.39
C GLN A 255 -19.76 62.10 4.40
N ASP A 256 -20.26 62.02 5.64
CA ASP A 256 -19.95 63.00 6.72
C ASP A 256 -18.65 62.63 7.45
N GLY A 257 -17.95 61.59 6.98
CA GLY A 257 -16.59 61.23 7.43
C GLY A 257 -16.56 60.16 8.50
N SER A 258 -17.71 59.86 9.13
CA SER A 258 -17.84 58.82 10.20
C SER A 258 -17.56 57.43 9.61
N ARG A 259 -16.94 56.55 10.41
CA ARG A 259 -16.49 55.20 10.00
C ARG A 259 -17.50 54.14 10.47
N VAL A 260 -17.89 53.23 9.56
CA VAL A 260 -18.69 52.02 9.88
C VAL A 260 -17.72 50.84 10.02
N LEU A 261 -17.40 50.45 11.26
CA LEU A 261 -16.52 49.28 11.56
C LEU A 261 -17.39 48.01 11.59
N LEU A 262 -16.74 46.83 11.56
CA LEU A 262 -17.45 45.52 11.56
C LEU A 262 -18.16 45.33 12.90
N ARG A 263 -17.60 45.83 14.00
CA ARG A 263 -18.22 45.70 15.35
C ARG A 263 -19.52 46.51 15.41
N ASP A 264 -19.70 47.49 14.52
CA ASP A 264 -20.93 48.33 14.45
C ASP A 264 -22.09 47.55 13.84
N VAL A 265 -21.83 46.46 13.11
CA VAL A 265 -22.86 45.67 12.38
C VAL A 265 -22.87 44.20 12.82
N ALA A 266 -22.05 43.79 13.79
CA ALA A 266 -21.93 42.37 14.21
C ALA A 266 -21.32 42.23 15.59
N LYS A 267 -21.83 41.28 16.40
CA LYS A 267 -21.14 40.74 17.60
C LYS A 267 -19.99 39.84 17.13
N ILE A 268 -18.81 40.01 17.71
CA ILE A 268 -17.56 39.32 17.28
C ILE A 268 -17.00 38.56 18.49
N GLU A 269 -16.74 37.27 18.33
CA GLU A 269 -16.24 36.41 19.44
C GLU A 269 -15.59 35.14 18.88
N LEU A 270 -14.64 34.57 19.63
CA LEU A 270 -14.16 33.18 19.42
C LEU A 270 -15.32 32.23 19.79
N GLY A 271 -15.57 31.23 18.95
CA GLY A 271 -16.65 30.25 19.15
C GLY A 271 -16.54 29.12 18.15
N GLY A 272 -17.16 27.98 18.43
CA GLY A 272 -17.06 26.74 17.63
C GLY A 272 -17.26 27.00 16.15
N GLU A 273 -16.51 26.27 15.31
CA GLU A 273 -16.78 26.13 13.85
C GLU A 273 -18.24 25.71 13.68
N ASN A 274 -18.69 24.78 14.52
CA ASN A 274 -20.10 24.34 14.67
C ASN A 274 -20.45 24.33 16.16
N TYR A 275 -21.75 24.32 16.48
CA TYR A 275 -22.29 24.26 17.86
C TYR A 275 -23.23 23.05 17.98
N ASP A 276 -22.86 21.94 17.34
CA ASP A 276 -23.72 20.73 17.20
C ASP A 276 -23.39 19.72 18.31
N ILE A 277 -22.11 19.46 18.58
CA ILE A 277 -21.66 18.45 19.60
C ILE A 277 -21.36 19.16 20.93
N ILE A 278 -21.94 18.65 22.03
CA ILE A 278 -21.73 19.12 23.43
C ILE A 278 -21.68 17.89 24.34
N ALA A 279 -20.52 17.62 24.95
CA ALA A 279 -20.26 16.43 25.77
C ALA A 279 -20.24 16.78 27.26
N GLU A 280 -20.71 15.84 28.09
CA GLU A 280 -20.61 15.89 29.57
C GLU A 280 -19.96 14.59 30.05
N PHE A 281 -19.14 14.66 31.11
CA PHE A 281 -18.54 13.49 31.80
C PHE A 281 -19.05 13.45 33.24
N ASN A 282 -19.94 12.51 33.54
CA ASN A 282 -20.60 12.37 34.88
C ASN A 282 -21.32 13.67 35.23
N GLY A 283 -21.92 14.34 34.24
CA GLY A 283 -22.76 15.53 34.41
C GLY A 283 -22.01 16.84 34.26
N GLN A 284 -20.68 16.84 34.36
CA GLN A 284 -19.86 18.08 34.35
C GLN A 284 -19.36 18.36 32.93
N PRO A 285 -19.08 19.65 32.59
CA PRO A 285 -18.60 20.02 31.26
C PRO A 285 -17.34 19.24 30.83
N ALA A 286 -17.30 18.82 29.57
CA ALA A 286 -16.23 17.97 29.01
C ALA A 286 -16.14 18.15 27.48
N SER A 287 -14.99 17.80 26.92
CA SER A 287 -14.78 17.48 25.50
C SER A 287 -14.12 16.11 25.42
N GLY A 288 -13.74 15.64 24.23
CA GLY A 288 -12.98 14.40 24.08
C GLY A 288 -12.71 14.03 22.63
N LEU A 289 -11.94 12.97 22.45
CA LEU A 289 -11.60 12.36 21.14
C LEU A 289 -12.21 10.96 21.08
N GLY A 290 -13.15 10.75 20.14
CA GLY A 290 -13.61 9.42 19.72
C GLY A 290 -12.64 8.85 18.71
N ILE A 291 -11.80 7.91 19.12
CA ILE A 291 -10.70 7.34 18.28
C ILE A 291 -11.18 6.00 17.70
N LYS A 292 -11.16 5.89 16.37
CA LYS A 292 -11.53 4.65 15.64
C LYS A 292 -10.24 4.04 15.08
N LEU A 293 -10.07 2.73 15.30
CA LEU A 293 -8.87 1.95 14.96
C LEU A 293 -8.76 1.85 13.43
N ALA A 294 -7.58 2.14 12.87
CA ALA A 294 -7.29 2.02 11.42
C ALA A 294 -7.45 0.55 11.01
N THR A 295 -7.91 0.32 9.78
CA THR A 295 -8.17 -1.04 9.23
C THR A 295 -6.90 -1.89 9.34
N GLY A 296 -7.00 -3.02 10.06
CA GLY A 296 -5.92 -4.01 10.21
C GLY A 296 -4.93 -3.66 11.31
N ALA A 297 -5.02 -2.45 11.89
CA ALA A 297 -4.12 -1.98 12.97
C ALA A 297 -4.38 -2.78 14.25
N ASN A 298 -3.37 -2.93 15.10
CA ASN A 298 -3.46 -3.59 16.43
C ASN A 298 -4.07 -2.62 17.44
N ALA A 299 -5.21 -2.99 18.04
CA ALA A 299 -5.95 -2.19 19.03
C ALA A 299 -5.03 -1.81 20.20
N LEU A 300 -4.34 -2.80 20.80
CA LEU A 300 -3.55 -2.63 22.04
C LEU A 300 -2.34 -1.73 21.80
N ASP A 301 -1.61 -1.95 20.70
CA ASP A 301 -0.39 -1.18 20.34
C ASP A 301 -0.77 0.28 20.08
N THR A 302 -1.91 0.52 19.42
CA THR A 302 -2.40 1.88 19.07
C THR A 302 -2.81 2.60 20.36
N ALA A 303 -3.62 1.95 21.19
CA ALA A 303 -4.05 2.46 22.53
C ALA A 303 -2.82 2.88 23.32
N ALA A 304 -1.77 2.04 23.34
CA ALA A 304 -0.48 2.30 24.02
C ALA A 304 0.17 3.56 23.43
N ALA A 305 0.19 3.67 22.10
CA ALA A 305 0.76 4.81 21.35
C ALA A 305 -0.03 6.08 21.67
N ILE A 306 -1.36 5.99 21.75
CA ILE A 306 -2.27 7.13 22.09
C ILE A 306 -1.92 7.60 23.50
N ARG A 307 -1.82 6.66 24.45
CA ARG A 307 -1.52 6.95 25.88
CA ARG A 307 -1.51 6.93 25.88
C ARG A 307 -0.12 7.56 25.99
N ALA A 308 0.83 7.10 25.17
CA ALA A 308 2.21 7.64 25.10
C ALA A 308 2.17 9.11 24.67
N GLU A 309 1.39 9.40 23.62
CA GLU A 309 1.26 10.76 23.03
C GLU A 309 0.53 11.69 24.00
N LEU A 310 -0.49 11.17 24.71
CA LEU A 310 -1.28 11.92 25.72
C LEU A 310 -0.37 12.32 26.89
N ALA A 311 0.59 11.46 27.26
CA ALA A 311 1.56 11.70 28.36
C ALA A 311 2.46 12.89 28.01
N LYS A 312 2.78 13.07 26.72
CA LYS A 312 3.68 14.14 26.22
C LYS A 312 2.98 15.51 26.29
N MET A 313 1.65 15.55 26.33
CA MET A 313 0.83 16.79 26.33
C MET A 313 0.54 17.26 27.77
N GLU A 314 0.32 16.31 28.69
CA GLU A 314 -0.17 16.55 30.08
C GLU A 314 0.67 17.63 30.77
N PRO A 315 2.03 17.57 30.75
CA PRO A 315 2.85 18.60 31.39
C PRO A 315 2.51 20.05 31.02
N PHE A 316 2.04 20.29 29.79
CA PHE A 316 1.86 21.64 29.21
C PHE A 316 0.37 22.02 29.21
N PHE A 317 -0.47 21.24 29.89
CA PHE A 317 -1.90 21.54 30.10
C PHE A 317 -2.05 22.82 30.93
N PRO A 318 -3.14 23.60 30.74
CA PRO A 318 -3.47 24.70 31.64
C PRO A 318 -3.97 24.13 32.97
N SER A 319 -4.13 24.99 33.99
CA SER A 319 -4.56 24.58 35.35
C SER A 319 -5.97 24.02 35.28
N GLY A 320 -6.20 22.85 35.88
CA GLY A 320 -7.53 22.21 35.98
C GLY A 320 -7.71 21.10 34.96
N LEU A 321 -7.21 21.26 33.74
CA LEU A 321 -7.43 20.30 32.64
C LEU A 321 -6.91 18.93 33.06
N LYS A 322 -7.63 17.87 32.69
CA LYS A 322 -7.38 16.48 33.14
C LYS A 322 -7.98 15.51 32.12
N ILE A 323 -7.21 14.52 31.69
CA ILE A 323 -7.68 13.40 30.84
C ILE A 323 -8.42 12.41 31.74
N VAL A 324 -9.62 12.00 31.33
CA VAL A 324 -10.39 10.87 31.92
C VAL A 324 -10.60 9.84 30.81
N TYR A 325 -10.92 8.59 31.17
CA TYR A 325 -10.99 7.45 30.22
C TYR A 325 -12.36 6.78 30.33
N PRO A 326 -13.43 7.46 29.85
CA PRO A 326 -14.80 6.97 30.03
C PRO A 326 -15.22 5.77 29.17
N TYR A 327 -14.39 5.35 28.20
CA TYR A 327 -14.70 4.23 27.28
C TYR A 327 -13.39 3.73 26.65
N ASP A 328 -13.09 2.44 26.82
CA ASP A 328 -11.88 1.78 26.28
C ASP A 328 -12.14 0.28 26.12
N THR A 329 -12.04 -0.23 24.89
CA THR A 329 -12.28 -1.65 24.50
C THR A 329 -11.02 -2.49 24.78
N THR A 330 -9.86 -1.85 25.01
CA THR A 330 -8.55 -2.53 25.08
C THR A 330 -8.35 -3.19 26.44
N PRO A 331 -8.62 -2.53 27.60
CA PRO A 331 -8.47 -3.19 28.90
C PRO A 331 -9.03 -4.61 28.98
N PHE A 332 -10.22 -4.86 28.42
CA PHE A 332 -10.87 -6.21 28.43
C PHE A 332 -9.96 -7.22 27.73
N VAL A 333 -9.45 -6.86 26.54
CA VAL A 333 -8.54 -7.71 25.71
C VAL A 333 -7.33 -8.07 26.57
N LYS A 334 -6.74 -7.07 27.23
CA LYS A 334 -5.50 -7.20 28.04
C LYS A 334 -5.75 -8.13 29.23
N ILE A 335 -6.86 -7.93 29.95
CA ILE A 335 -7.18 -8.66 31.20
C ILE A 335 -7.66 -10.08 30.87
N SER A 336 -8.50 -10.24 29.84
CA SER A 336 -9.12 -11.55 29.48
C SER A 336 -8.03 -12.53 29.02
N ILE A 337 -7.02 -12.04 28.30
CA ILE A 337 -5.83 -12.84 27.88
C ILE A 337 -5.04 -13.21 29.14
N HIS A 338 -4.76 -12.24 30.02
CA HIS A 338 -4.02 -12.43 31.29
C HIS A 338 -4.68 -13.53 32.11
N GLU A 339 -6.02 -13.52 32.21
CA GLU A 339 -6.80 -14.52 32.99
C GLU A 339 -6.59 -15.92 32.39
N VAL A 340 -6.60 -16.05 31.05
CA VAL A 340 -6.34 -17.35 30.36
C VAL A 340 -4.88 -17.75 30.61
N VAL A 341 -3.95 -16.80 30.57
CA VAL A 341 -2.50 -17.02 30.83
C VAL A 341 -2.31 -17.52 32.27
N LYS A 342 -3.14 -17.05 33.22
CA LYS A 342 -3.11 -17.49 34.63
C LYS A 342 -3.55 -18.96 34.72
N THR A 343 -4.59 -19.36 33.98
CA THR A 343 -5.14 -20.74 34.02
C THR A 343 -4.11 -21.73 33.44
N LEU A 344 -3.18 -21.27 32.59
CA LEU A 344 -2.06 -22.10 32.08
C LEU A 344 -1.10 -22.41 33.24
N VAL A 345 -0.74 -21.40 34.04
CA VAL A 345 0.20 -21.52 35.19
C VAL A 345 -0.47 -22.32 36.31
N GLU A 346 -1.75 -22.06 36.58
CA GLU A 346 -2.57 -22.79 37.59
C GLU A 346 -2.68 -24.26 37.19
N ALA A 347 -2.86 -24.55 35.89
CA ALA A 347 -3.02 -25.91 35.33
C ALA A 347 -1.69 -26.67 35.41
N ILE A 348 -0.55 -25.98 35.24
CA ILE A 348 0.81 -26.58 35.37
C ILE A 348 1.01 -27.01 36.84
N ILE A 349 0.59 -26.18 37.79
CA ILE A 349 0.70 -26.46 39.26
C ILE A 349 -0.26 -27.60 39.63
N LEU A 350 -1.51 -27.54 39.16
CA LEU A 350 -2.57 -28.54 39.47
C LEU A 350 -2.27 -29.88 38.78
N VAL A 351 -1.43 -29.88 37.73
CA VAL A 351 -0.86 -31.12 37.13
C VAL A 351 0.17 -31.68 38.12
N PHE A 352 1.14 -30.85 38.50
CA PHE A 352 2.27 -31.17 39.41
C PHE A 352 1.77 -31.85 40.68
N LEU A 353 0.63 -31.40 41.23
CA LEU A 353 0.00 -32.02 42.44
C LEU A 353 -0.49 -33.43 42.10
N VAL A 354 -1.24 -33.58 41.00
CA VAL A 354 -1.85 -34.88 40.57
C VAL A 354 -0.74 -35.85 40.19
N MET A 355 0.38 -35.37 39.62
CA MET A 355 1.56 -36.20 39.29
C MET A 355 2.19 -36.74 40.58
N TYR A 356 2.23 -35.93 41.64
CA TYR A 356 2.85 -36.28 42.95
C TYR A 356 2.05 -37.41 43.62
N LEU A 357 0.74 -37.40 43.46
CA LEU A 357 -0.15 -38.47 43.98
C LEU A 357 0.33 -39.84 43.45
N PHE A 358 0.67 -39.92 42.15
CA PHE A 358 0.90 -41.20 41.41
C PHE A 358 2.39 -41.56 41.32
N LEU A 359 3.31 -40.58 41.32
CA LEU A 359 4.77 -40.81 41.13
C LEU A 359 5.51 -40.72 42.47
N GLN A 360 5.22 -39.69 43.28
CA GLN A 360 5.53 -39.61 44.74
C GLN A 360 7.00 -39.25 45.00
N ASN A 361 7.83 -39.08 43.96
CA ASN A 361 9.17 -38.45 44.08
C ASN A 361 9.12 -37.07 43.40
N PHE A 362 9.74 -36.07 44.01
CA PHE A 362 9.75 -34.65 43.55
C PHE A 362 10.32 -34.58 42.12
N ARG A 363 11.47 -35.23 41.88
CA ARG A 363 12.21 -35.19 40.58
C ARG A 363 11.40 -35.87 39.48
N ALA A 364 10.63 -36.92 39.82
CA ALA A 364 9.81 -37.69 38.85
C ALA A 364 8.63 -36.83 38.36
N THR A 365 8.02 -36.06 39.26
CA THR A 365 6.85 -35.20 38.97
C THR A 365 7.25 -34.00 38.09
N LEU A 366 8.53 -33.62 38.10
CA LEU A 366 9.05 -32.48 37.29
C LEU A 366 9.08 -32.85 35.80
N ILE A 367 9.18 -34.15 35.45
CA ILE A 367 9.35 -34.58 34.02
C ILE A 367 8.11 -34.18 33.23
N PRO A 368 6.87 -34.54 33.67
CA PRO A 368 5.65 -34.05 33.01
C PRO A 368 5.38 -32.55 33.21
N THR A 369 5.85 -31.98 34.34
CA THR A 369 5.63 -30.55 34.69
C THR A 369 6.55 -29.67 33.84
N ILE A 370 7.74 -30.15 33.47
CA ILE A 370 8.73 -29.41 32.63
C ILE A 370 8.34 -29.52 31.16
N ALA A 371 7.79 -30.66 30.74
CA ALA A 371 7.40 -30.95 29.34
C ALA A 371 6.39 -29.92 28.86
N VAL A 372 5.34 -29.67 29.64
CA VAL A 372 4.18 -28.78 29.29
C VAL A 372 4.69 -27.40 28.90
N PRO A 373 5.36 -26.63 29.79
CA PRO A 373 5.85 -25.29 29.45
C PRO A 373 6.89 -25.27 28.31
N VAL A 374 7.70 -26.31 28.14
CA VAL A 374 8.69 -26.41 27.03
C VAL A 374 7.94 -26.44 25.69
N VAL A 375 6.80 -27.13 25.64
CA VAL A 375 5.96 -27.28 24.41
C VAL A 375 5.15 -25.99 24.20
N LEU A 376 4.36 -25.58 25.20
CA LEU A 376 3.45 -24.40 25.11
C LEU A 376 4.27 -23.18 24.69
N LEU A 377 5.37 -22.91 25.39
CA LEU A 377 6.26 -21.75 25.13
C LEU A 377 6.81 -21.89 23.70
N GLY A 378 7.24 -23.10 23.31
CA GLY A 378 7.72 -23.42 21.95
C GLY A 378 6.66 -23.14 20.88
N THR A 379 5.38 -23.33 21.21
CA THR A 379 4.24 -23.17 20.27
C THR A 379 4.11 -21.69 19.86
N PHE A 380 4.43 -20.75 20.76
CA PHE A 380 4.44 -19.29 20.47
C PHE A 380 5.40 -19.01 19.31
N ALA A 381 6.59 -19.61 19.34
CA ALA A 381 7.62 -19.50 18.28
C ALA A 381 7.05 -20.02 16.96
N VAL A 382 6.33 -21.14 16.98
CA VAL A 382 5.74 -21.81 15.78
C VAL A 382 4.59 -20.94 15.24
N LEU A 383 3.74 -20.39 16.13
CA LEU A 383 2.70 -19.41 15.74
C LEU A 383 3.38 -18.27 14.97
N ALA A 384 4.37 -17.62 15.60
CA ALA A 384 5.13 -16.47 15.05
C ALA A 384 5.72 -16.84 13.69
N ALA A 385 6.18 -18.08 13.52
CA ALA A 385 6.74 -18.62 12.26
C ALA A 385 5.68 -18.53 11.15
N PHE A 386 4.43 -18.92 11.44
CA PHE A 386 3.31 -18.95 10.48
C PHE A 386 2.47 -17.66 10.60
N GLY A 387 3.02 -16.62 11.21
CA GLY A 387 2.51 -15.23 11.14
C GLY A 387 1.32 -14.95 12.03
N PHE A 388 0.89 -15.92 12.86
CA PHE A 388 -0.29 -15.79 13.75
C PHE A 388 0.04 -14.88 14.94
N SER A 389 -1.00 -14.34 15.59
CA SER A 389 -0.91 -13.48 16.78
C SER A 389 -1.42 -14.25 18.02
N ILE A 390 -1.06 -13.76 19.20
CA ILE A 390 -1.63 -14.22 20.50
C ILE A 390 -3.05 -13.65 20.59
N ASN A 391 -4.06 -14.50 20.76
CA ASN A 391 -5.48 -14.07 20.90
C ASN A 391 -6.23 -15.07 21.77
N THR A 392 -7.49 -14.74 22.09
CA THR A 392 -8.40 -15.57 22.94
C THR A 392 -8.34 -17.03 22.48
N LEU A 393 -8.43 -17.25 21.17
CA LEU A 393 -8.60 -18.60 20.55
C LEU A 393 -7.28 -19.37 20.59
N THR A 394 -6.15 -18.72 20.27
CA THR A 394 -4.80 -19.34 20.37
C THR A 394 -4.48 -19.64 21.83
N MET A 395 -4.96 -18.81 22.75
CA MET A 395 -4.67 -18.95 24.21
C MET A 395 -5.49 -20.09 24.81
N PHE A 396 -6.72 -20.32 24.35
CA PHE A 396 -7.56 -21.48 24.76
C PHE A 396 -7.04 -22.74 24.07
N GLY A 397 -6.47 -22.59 22.86
CA GLY A 397 -5.74 -23.66 22.16
C GLY A 397 -4.59 -24.19 23.00
N MET A 398 -3.86 -23.29 23.67
CA MET A 398 -2.75 -23.63 24.60
C MET A 398 -3.30 -24.38 25.82
N VAL A 399 -4.45 -23.94 26.35
CA VAL A 399 -5.09 -24.56 27.54
C VAL A 399 -5.52 -25.99 27.18
N LEU A 400 -6.22 -26.17 26.05
CA LEU A 400 -6.68 -27.49 25.56
C LEU A 400 -5.46 -28.36 25.21
N ALA A 401 -4.41 -27.76 24.66
CA ALA A 401 -3.15 -28.45 24.30
C ALA A 401 -2.60 -29.21 25.52
N ILE A 402 -2.72 -28.63 26.73
CA ILE A 402 -2.15 -29.21 27.98
C ILE A 402 -2.64 -30.66 28.14
N GLY A 403 -3.92 -30.93 27.89
CA GLY A 403 -4.49 -32.29 27.90
C GLY A 403 -3.64 -33.24 27.07
N LEU A 404 -3.41 -32.90 25.81
CA LEU A 404 -2.61 -33.71 24.83
C LEU A 404 -1.12 -33.67 25.24
N LEU A 405 -0.64 -32.54 25.74
CA LEU A 405 0.80 -32.29 26.05
C LEU A 405 1.26 -33.15 27.24
N VAL A 406 0.48 -33.20 28.33
CA VAL A 406 0.83 -34.03 29.53
C VAL A 406 0.73 -35.51 29.15
N ASP A 407 -0.30 -35.91 28.38
CA ASP A 407 -0.54 -37.32 28.04
C ASP A 407 0.72 -37.90 27.39
N ASP A 408 1.32 -37.18 26.43
CA ASP A 408 2.60 -37.57 25.78
C ASP A 408 3.64 -37.84 26.87
N ALA A 409 3.78 -36.93 27.84
CA ALA A 409 4.77 -37.01 28.95
C ALA A 409 4.39 -38.14 29.92
N ILE A 410 3.13 -38.19 30.35
CA ILE A 410 2.60 -39.23 31.29
C ILE A 410 2.82 -40.62 30.70
N VAL A 411 2.42 -40.83 29.44
CA VAL A 411 2.59 -42.12 28.71
C VAL A 411 4.06 -42.53 28.79
N VAL A 412 4.99 -41.62 28.48
CA VAL A 412 6.45 -41.91 28.38
C VAL A 412 7.03 -42.18 29.77
N VAL A 413 6.67 -41.39 30.79
CA VAL A 413 7.22 -41.51 32.18
C VAL A 413 6.60 -42.74 32.86
N GLU A 414 5.28 -42.91 32.79
CA GLU A 414 4.53 -44.03 33.43
C GLU A 414 5.07 -45.36 32.90
N ASN A 415 5.21 -45.49 31.57
CA ASN A 415 5.62 -46.74 30.89
C ASN A 415 7.03 -47.16 31.37
N VAL A 416 7.89 -46.18 31.68
CA VAL A 416 9.27 -46.43 32.22
C VAL A 416 9.14 -46.94 33.65
N GLU A 417 8.25 -46.35 34.46
CA GLU A 417 7.98 -46.77 35.86
C GLU A 417 7.49 -48.22 35.88
N ARG A 418 6.62 -48.58 34.91
CA ARG A 418 6.05 -49.95 34.75
C ARG A 418 7.17 -50.96 34.47
N VAL A 419 8.01 -50.67 33.47
CA VAL A 419 9.13 -51.55 33.03
C VAL A 419 10.05 -51.84 34.23
N MET A 420 10.35 -50.83 35.04
CA MET A 420 11.20 -50.97 36.27
C MET A 420 10.46 -51.79 37.32
N ALA A 421 9.13 -51.65 37.44
CA ALA A 421 8.29 -52.42 38.37
C ALA A 421 8.24 -53.89 37.94
N GLU A 422 8.04 -54.16 36.65
CA GLU A 422 7.85 -55.52 36.10
C GLU A 422 9.18 -56.28 36.04
N GLU A 423 10.29 -55.61 35.72
CA GLU A 423 11.59 -56.25 35.37
C GLU A 423 12.71 -55.89 36.38
N GLY A 424 12.69 -54.70 36.97
CA GLY A 424 13.66 -54.28 38.00
C GLY A 424 14.96 -53.74 37.41
N LEU A 425 14.94 -53.28 36.14
CA LEU A 425 16.10 -52.65 35.46
C LEU A 425 16.35 -51.27 36.07
N PRO A 426 17.58 -50.72 35.95
CA PRO A 426 17.84 -49.32 36.32
C PRO A 426 17.07 -48.35 35.43
N PRO A 427 17.01 -47.05 35.79
CA PRO A 427 16.28 -46.06 34.99
C PRO A 427 16.80 -45.91 33.55
N LYS A 428 18.11 -45.84 33.38
CA LYS A 428 18.80 -45.61 32.08
C LYS A 428 18.45 -46.76 31.11
N GLU A 429 18.46 -48.01 31.60
CA GLU A 429 18.15 -49.22 30.79
C GLU A 429 16.65 -49.28 30.50
N ALA A 430 15.82 -49.01 31.52
CA ALA A 430 14.33 -49.11 31.47
C ALA A 430 13.77 -48.15 30.42
N THR A 431 14.32 -46.94 30.34
CA THR A 431 13.92 -45.88 29.35
C THR A 431 14.19 -46.39 27.93
N ARG A 432 15.40 -46.91 27.68
CA ARG A 432 15.80 -47.45 26.35
C ARG A 432 14.79 -48.50 25.90
N LYS A 433 14.45 -49.46 26.78
CA LYS A 433 13.45 -50.52 26.49
C LYS A 433 12.06 -49.90 26.31
N SER A 434 11.66 -49.01 27.22
CA SER A 434 10.33 -48.33 27.22
C SER A 434 10.16 -47.52 25.93
N MET A 435 11.10 -46.61 25.64
CA MET A 435 11.10 -45.77 24.42
C MET A 435 11.08 -46.67 23.19
N GLY A 436 11.74 -47.84 23.26
CA GLY A 436 11.78 -48.85 22.19
C GLY A 436 10.40 -49.26 21.71
N GLN A 437 9.40 -49.32 22.61
CA GLN A 437 8.09 -49.98 22.33
C GLN A 437 6.97 -48.95 22.13
N ILE A 438 7.09 -47.71 22.65
CA ILE A 438 6.01 -46.67 22.53
C ILE A 438 6.40 -45.60 21.50
N GLN A 439 7.71 -45.37 21.27
CA GLN A 439 8.26 -44.33 20.35
C GLN A 439 7.41 -44.23 19.07
N GLY A 440 7.16 -45.37 18.42
CA GLY A 440 6.43 -45.47 17.13
C GLY A 440 4.98 -45.04 17.26
N ALA A 441 4.29 -45.51 18.31
CA ALA A 441 2.85 -45.28 18.53
C ALA A 441 2.58 -43.79 18.77
N LEU A 442 3.47 -43.10 19.49
CA LEU A 442 3.36 -41.64 19.79
C LEU A 442 3.35 -40.86 18.47
N VAL A 443 4.35 -41.09 17.62
CA VAL A 443 4.51 -40.45 16.28
C VAL A 443 3.26 -40.77 15.44
N GLY A 444 2.79 -42.02 15.49
CA GLY A 444 1.59 -42.48 14.77
C GLY A 444 0.32 -41.81 15.27
N ILE A 445 0.19 -41.63 16.59
CA ILE A 445 -1.02 -41.04 17.24
C ILE A 445 -1.12 -39.56 16.83
N ALA A 446 -0.01 -38.81 16.87
CA ALA A 446 0.07 -37.37 16.54
C ALA A 446 -0.49 -37.12 15.14
N MET A 447 -0.22 -38.03 14.20
CA MET A 447 -0.71 -37.96 12.81
C MET A 447 -2.20 -38.35 12.77
N VAL A 448 -2.61 -39.34 13.58
CA VAL A 448 -4.04 -39.73 13.73
C VAL A 448 -4.82 -38.53 14.30
N LEU A 449 -4.22 -37.80 15.25
CA LEU A 449 -4.87 -36.62 15.91
C LEU A 449 -4.80 -35.40 14.98
N SER A 450 -3.78 -35.30 14.12
CA SER A 450 -3.69 -34.27 13.05
C SER A 450 -5.00 -34.28 12.26
N ALA A 451 -5.46 -35.47 11.87
CA ALA A 451 -6.69 -35.71 11.08
C ALA A 451 -7.94 -35.23 11.84
N VAL A 452 -7.87 -35.12 13.17
CA VAL A 452 -8.99 -34.60 14.01
C VAL A 452 -9.06 -33.07 13.86
N PHE A 453 -7.93 -32.38 14.06
CA PHE A 453 -7.84 -30.90 14.20
C PHE A 453 -7.61 -30.22 12.85
N VAL A 454 -6.76 -30.78 11.97
CA VAL A 454 -6.32 -30.10 10.71
C VAL A 454 -7.54 -29.73 9.85
N PRO A 455 -8.54 -30.62 9.66
CA PRO A 455 -9.71 -30.27 8.85
C PRO A 455 -10.40 -28.93 9.19
N MET A 456 -10.49 -28.56 10.47
CA MET A 456 -11.22 -27.33 10.90
C MET A 456 -10.40 -26.08 10.54
N ALA A 457 -9.13 -26.23 10.14
CA ALA A 457 -8.30 -25.13 9.59
C ALA A 457 -8.80 -24.72 8.21
N PHE A 458 -9.56 -25.59 7.52
CA PHE A 458 -10.02 -25.41 6.12
C PHE A 458 -11.50 -25.00 6.06
N PHE A 459 -12.08 -24.52 7.17
CA PHE A 459 -13.44 -23.94 7.21
C PHE A 459 -13.47 -22.67 6.34
N GLY A 460 -14.62 -22.39 5.73
CA GLY A 460 -14.80 -21.28 4.77
C GLY A 460 -15.17 -19.98 5.46
N GLY A 461 -14.70 -18.85 4.92
CA GLY A 461 -15.13 -17.49 5.27
C GLY A 461 -14.56 -17.00 6.60
N SER A 462 -15.29 -16.11 7.26
CA SER A 462 -14.96 -15.51 8.58
C SER A 462 -14.96 -16.60 9.66
N THR A 463 -16.04 -17.38 9.70
CA THR A 463 -16.23 -18.61 10.53
C THR A 463 -14.90 -19.39 10.60
N GLY A 464 -14.22 -19.54 9.45
CA GLY A 464 -13.05 -20.43 9.28
C GLY A 464 -11.76 -19.87 9.89
N ALA A 465 -11.60 -18.54 9.89
CA ALA A 465 -10.41 -17.86 10.45
C ALA A 465 -10.38 -18.04 11.97
N ILE A 466 -11.55 -18.17 12.60
CA ILE A 466 -11.72 -18.39 14.07
C ILE A 466 -11.26 -19.81 14.43
N TYR A 467 -11.71 -20.82 13.67
CA TYR A 467 -11.38 -22.26 13.90
C TYR A 467 -9.90 -22.53 13.56
N ARG A 468 -9.34 -21.79 12.61
CA ARG A 468 -7.95 -21.99 12.11
C ARG A 468 -6.94 -21.60 13.20
N GLN A 469 -7.31 -20.72 14.13
CA GLN A 469 -6.47 -20.32 15.29
C GLN A 469 -6.24 -21.55 16.18
N PHE A 470 -7.33 -22.20 16.60
CA PHE A 470 -7.33 -23.43 17.43
C PHE A 470 -6.56 -24.54 16.73
N SER A 471 -6.88 -24.78 15.45
CA SER A 471 -6.34 -25.89 14.63
C SER A 471 -4.81 -25.82 14.64
N ILE A 472 -4.23 -24.70 14.21
CA ILE A 472 -2.75 -24.53 14.03
C ILE A 472 -2.05 -24.51 15.39
N THR A 473 -2.68 -23.94 16.43
CA THR A 473 -2.10 -23.86 17.80
C THR A 473 -1.96 -25.27 18.38
N ILE A 474 -3.04 -26.07 18.35
CA ILE A 474 -3.11 -27.43 18.96
C ILE A 474 -2.22 -28.38 18.17
N VAL A 475 -2.28 -28.32 16.83
CA VAL A 475 -1.50 -29.19 15.91
C VAL A 475 -0.01 -28.88 16.06
N SER A 476 0.37 -27.60 16.16
CA SER A 476 1.75 -27.13 16.43
C SER A 476 2.21 -27.69 17.79
N ALA A 477 1.36 -27.58 18.81
CA ALA A 477 1.63 -28.05 20.19
C ALA A 477 1.89 -29.56 20.19
N MET A 478 1.11 -30.33 19.42
CA MET A 478 1.24 -31.80 19.30
C MET A 478 2.58 -32.16 18.63
N ALA A 479 2.94 -31.47 17.55
CA ALA A 479 4.21 -31.65 16.83
C ALA A 479 5.38 -31.48 17.81
N LEU A 480 5.39 -30.38 18.57
CA LEU A 480 6.44 -30.08 19.57
C LEU A 480 6.38 -31.09 20.72
N SER A 481 5.18 -31.52 21.13
CA SER A 481 4.98 -32.50 22.23
C SER A 481 5.69 -33.81 21.89
N VAL A 482 5.49 -34.31 20.67
CA VAL A 482 6.14 -35.56 20.15
C VAL A 482 7.65 -35.33 20.07
N LEU A 483 8.10 -34.19 19.53
CA LEU A 483 9.54 -33.84 19.42
C LEU A 483 10.17 -33.84 20.81
N VAL A 484 9.49 -33.26 21.80
CA VAL A 484 9.96 -33.17 23.22
C VAL A 484 9.89 -34.56 23.86
N ALA A 485 8.92 -35.39 23.46
CA ALA A 485 8.69 -36.75 24.00
C ALA A 485 9.80 -37.72 23.53
N LEU A 486 10.54 -37.37 22.48
CA LEU A 486 11.64 -38.20 21.92
C LEU A 486 13.01 -37.60 22.27
N ILE A 487 13.08 -36.38 22.83
CA ILE A 487 14.37 -35.67 23.06
C ILE A 487 14.57 -35.43 24.57
N LEU A 488 13.68 -34.67 25.21
CA LEU A 488 13.85 -34.26 26.63
C LEU A 488 13.31 -35.35 27.57
N THR A 489 12.03 -35.74 27.39
CA THR A 489 11.29 -36.65 28.30
C THR A 489 12.07 -37.95 28.53
N PRO A 490 12.64 -38.60 27.49
CA PRO A 490 13.45 -39.80 27.68
C PRO A 490 14.73 -39.54 28.49
N ALA A 491 15.44 -38.45 28.16
CA ALA A 491 16.70 -38.02 28.82
C ALA A 491 16.43 -37.65 30.29
N LEU A 492 15.21 -37.17 30.61
CA LEU A 492 14.82 -36.79 32.00
C LEU A 492 14.31 -38.03 32.75
N CYS A 493 13.69 -38.99 32.07
CA CYS A 493 13.29 -40.29 32.66
C CYS A 493 14.54 -41.04 33.12
N ALA A 494 15.60 -41.04 32.30
CA ALA A 494 16.89 -41.70 32.60
C ALA A 494 17.53 -41.06 33.84
N THR A 495 17.73 -39.74 33.82
CA THR A 495 18.54 -39.00 34.84
C THR A 495 17.75 -38.84 36.14
N MET A 496 16.44 -38.58 36.09
CA MET A 496 15.65 -38.06 37.24
C MET A 496 14.86 -39.18 37.95
N LEU A 497 14.40 -40.21 37.23
CA LEU A 497 13.58 -41.30 37.84
C LEU A 497 14.44 -42.14 38.78
N LYS A 498 13.88 -42.49 39.95
CA LYS A 498 14.55 -43.27 41.02
C LYS A 498 14.50 -44.75 40.64
N PRO A 499 15.60 -45.51 40.83
CA PRO A 499 15.56 -46.97 40.67
C PRO A 499 14.46 -47.63 41.52
N ILE A 500 13.50 -48.28 40.87
CA ILE A 500 12.45 -49.12 41.51
C ILE A 500 12.88 -50.59 41.41
N ALA A 501 12.76 -51.35 42.50
CA ALA A 501 13.08 -52.79 42.59
C ALA A 501 12.01 -53.61 41.88
N LYS A 502 12.33 -54.85 41.48
CA LYS A 502 11.40 -55.78 40.80
C LYS A 502 10.26 -56.13 41.75
N GLY A 503 9.01 -56.08 41.25
CA GLY A 503 7.79 -56.40 41.99
C GLY A 503 7.44 -55.36 43.06
N ASP A 504 8.09 -54.19 43.02
CA ASP A 504 7.85 -53.07 43.98
C ASP A 504 6.83 -52.10 43.37
N HIS A 505 5.64 -52.02 43.97
CA HIS A 505 4.58 -51.04 43.64
C HIS A 505 4.33 -50.15 44.86
N GLY A 506 5.38 -49.85 45.63
CA GLY A 506 5.29 -49.25 46.97
C GLY A 506 4.62 -50.21 47.93
N GLU A 507 3.44 -49.86 48.45
CA GLU A 507 2.58 -50.70 49.33
C GLU A 507 3.15 -50.74 50.76
N GLY A 508 4.48 -50.77 50.90
CA GLY A 508 5.19 -50.70 52.19
C GLY A 508 5.89 -49.36 52.36
N LYS A 509 5.13 -48.26 52.26
CA LYS A 509 5.60 -46.87 52.46
C LYS A 509 4.90 -46.27 53.68
N LYS A 510 5.67 -45.92 54.72
CA LYS A 510 5.16 -45.39 56.01
C LYS A 510 4.56 -44.00 55.78
N GLY A 511 3.29 -43.93 55.36
CA GLY A 511 2.57 -42.66 55.15
C GLY A 511 1.34 -42.85 54.27
N PHE A 512 0.84 -41.73 53.71
CA PHE A 512 -0.39 -41.66 52.86
C PHE A 512 -0.19 -42.44 51.56
N PHE A 513 1.00 -42.34 50.95
CA PHE A 513 1.32 -42.95 49.64
C PHE A 513 1.19 -44.48 49.74
N GLY A 514 1.73 -45.07 50.81
CA GLY A 514 1.60 -46.51 51.12
C GLY A 514 0.15 -46.97 51.03
N TRP A 515 -0.77 -46.23 51.67
CA TRP A 515 -2.23 -46.50 51.64
C TRP A 515 -2.75 -46.37 50.20
N PHE A 516 -2.36 -45.31 49.50
CA PHE A 516 -2.79 -45.01 48.10
C PHE A 516 -2.39 -46.17 47.19
N ASN A 517 -1.14 -46.63 47.31
CA ASN A 517 -0.56 -47.73 46.49
C ASN A 517 -1.32 -49.04 46.78
N ARG A 518 -1.58 -49.33 48.06
CA ARG A 518 -2.41 -50.48 48.50
C ARG A 518 -3.80 -50.37 47.87
N MET A 519 -4.43 -49.19 47.99
CA MET A 519 -5.79 -48.89 47.46
C MET A 519 -5.81 -49.08 45.94
N PHE A 520 -4.79 -48.56 45.25
CA PHE A 520 -4.73 -48.52 43.76
C PHE A 520 -4.47 -49.91 43.19
N GLU A 521 -3.50 -50.65 43.76
CA GLU A 521 -3.13 -52.03 43.32
C GLU A 521 -4.35 -52.94 43.48
N LYS A 522 -5.09 -52.79 44.58
CA LYS A 522 -6.34 -53.55 44.87
C LYS A 522 -7.42 -53.15 43.86
N SER A 523 -7.54 -51.85 43.56
CA SER A 523 -8.51 -51.28 42.58
C SER A 523 -8.20 -51.81 41.17
N THR A 524 -6.92 -51.99 40.85
CA THR A 524 -6.45 -52.56 39.56
C THR A 524 -6.92 -54.02 39.45
N HIS A 525 -6.78 -54.80 40.53
CA HIS A 525 -7.24 -56.22 40.63
C HIS A 525 -8.76 -56.28 40.49
N HIS A 526 -9.49 -55.37 41.17
CA HIS A 526 -10.97 -55.22 41.07
C HIS A 526 -11.36 -54.90 39.62
N TYR A 527 -10.62 -53.98 38.98
CA TYR A 527 -10.89 -53.47 37.61
C TYR A 527 -10.76 -54.60 36.59
N THR A 528 -9.69 -55.39 36.66
CA THR A 528 -9.41 -56.52 35.72
C THR A 528 -10.49 -57.60 35.88
N ASP A 529 -10.83 -57.97 37.11
CA ASP A 529 -11.88 -58.96 37.46
C ASP A 529 -13.24 -58.47 36.94
N SER A 530 -13.48 -57.16 36.99
CA SER A 530 -14.71 -56.50 36.48
C SER A 530 -14.76 -56.64 34.94
N VAL A 531 -13.68 -56.25 34.26
CA VAL A 531 -13.58 -56.27 32.77
C VAL A 531 -13.61 -57.73 32.28
N GLY A 532 -12.92 -58.64 32.99
CA GLY A 532 -12.99 -60.09 32.75
C GLY A 532 -14.42 -60.57 32.69
N GLY A 533 -15.27 -60.05 33.59
CA GLY A 533 -16.72 -60.33 33.64
C GLY A 533 -17.47 -59.67 32.49
N ILE A 534 -17.10 -58.43 32.15
CA ILE A 534 -17.73 -57.64 31.04
C ILE A 534 -17.52 -58.38 29.71
N LEU A 535 -16.34 -59.00 29.52
CA LEU A 535 -15.96 -59.67 28.25
C LEU A 535 -16.66 -61.03 28.10
N ARG A 536 -17.34 -61.51 29.14
CA ARG A 536 -18.25 -62.70 29.05
C ARG A 536 -19.65 -62.24 28.62
N SER A 537 -20.00 -60.97 28.85
CA SER A 537 -21.34 -60.38 28.57
C SER A 537 -21.45 -59.98 27.09
N THR A 538 -20.69 -58.98 26.66
CA THR A 538 -20.59 -58.48 25.26
C THR A 538 -21.94 -57.87 24.82
N GLY A 539 -22.95 -58.71 24.57
CA GLY A 539 -24.25 -58.32 23.97
C GLY A 539 -25.00 -57.29 24.80
N ARG A 540 -24.95 -57.42 26.13
CA ARG A 540 -25.56 -56.47 27.11
C ARG A 540 -24.98 -55.07 26.90
N TYR A 541 -23.66 -54.98 26.72
CA TYR A 541 -22.89 -53.71 26.63
C TYR A 541 -22.97 -53.13 25.22
N LEU A 542 -23.32 -53.95 24.21
CA LEU A 542 -23.63 -53.46 22.83
C LEU A 542 -24.93 -52.65 22.89
N VAL A 543 -25.88 -53.04 23.75
CA VAL A 543 -27.18 -52.33 23.94
C VAL A 543 -26.92 -51.04 24.71
N LEU A 544 -26.11 -51.08 25.78
CA LEU A 544 -25.72 -49.89 26.58
C LEU A 544 -25.10 -48.84 25.64
N TYR A 545 -24.27 -49.28 24.68
CA TYR A 545 -23.57 -48.41 23.71
C TYR A 545 -24.59 -47.72 22.79
N LEU A 546 -25.52 -48.50 22.23
CA LEU A 546 -26.59 -47.99 21.31
C LEU A 546 -27.52 -47.04 22.07
N ILE A 547 -27.71 -47.25 23.38
CA ILE A 547 -28.46 -46.31 24.28
C ILE A 547 -27.68 -45.00 24.40
N ILE A 548 -26.37 -45.10 24.68
CA ILE A 548 -25.44 -43.93 24.84
C ILE A 548 -25.43 -43.14 23.52
N VAL A 549 -25.36 -43.82 22.37
CA VAL A 549 -25.38 -43.18 21.02
C VAL A 549 -26.72 -42.47 20.82
N VAL A 550 -27.84 -43.12 21.15
CA VAL A 550 -29.22 -42.54 21.01
C VAL A 550 -29.37 -41.39 22.01
N GLY A 551 -28.82 -41.53 23.22
CA GLY A 551 -28.76 -40.47 24.25
C GLY A 551 -27.94 -39.28 23.77
N MET A 552 -26.75 -39.56 23.20
CA MET A 552 -25.83 -38.54 22.61
C MET A 552 -26.55 -37.82 21.47
N ALA A 553 -27.09 -38.59 20.52
CA ALA A 553 -27.82 -38.10 19.32
C ALA A 553 -28.99 -37.21 19.76
N TYR A 554 -29.73 -37.62 20.80
CA TYR A 554 -30.86 -36.86 21.37
C TYR A 554 -30.37 -35.51 21.88
N LEU A 555 -29.37 -35.51 22.77
CA LEU A 555 -28.85 -34.29 23.46
C LEU A 555 -28.30 -33.30 22.43
N PHE A 556 -27.61 -33.79 21.38
CA PHE A 556 -26.95 -32.96 20.34
C PHE A 556 -27.99 -32.11 19.60
N VAL A 557 -29.13 -32.70 19.24
CA VAL A 557 -30.20 -32.04 18.43
C VAL A 557 -30.91 -30.97 19.29
N ARG A 558 -31.17 -31.28 20.57
CA ARG A 558 -31.92 -30.39 21.50
C ARG A 558 -31.03 -29.23 21.97
N LEU A 559 -29.70 -29.45 22.07
CA LEU A 559 -28.74 -28.41 22.53
C LEU A 559 -28.62 -27.32 21.48
N PRO A 560 -29.06 -26.07 21.76
CA PRO A 560 -29.00 -24.98 20.77
C PRO A 560 -27.54 -24.57 20.49
N SER A 561 -27.27 -24.13 19.26
CA SER A 561 -25.91 -23.73 18.79
C SER A 561 -25.78 -22.20 18.75
N SER A 562 -24.57 -21.69 18.99
CA SER A 562 -24.17 -20.28 18.83
C SER A 562 -22.74 -20.24 18.26
N PHE A 563 -22.15 -19.06 18.09
CA PHE A 563 -20.77 -18.90 17.56
C PHE A 563 -19.79 -18.61 18.70
N LEU A 564 -19.85 -17.41 19.28
CA LEU A 564 -18.95 -16.97 20.39
C LEU A 564 -19.76 -16.28 21.48
N PRO A 565 -19.61 -16.70 22.76
CA PRO A 565 -20.25 -16.02 23.88
C PRO A 565 -20.16 -14.48 23.85
N ASP A 566 -21.27 -13.82 24.18
CA ASP A 566 -21.38 -12.34 24.28
C ASP A 566 -20.86 -11.92 25.66
N GLU A 567 -19.61 -11.44 25.72
CA GLU A 567 -18.84 -11.22 26.98
C GLU A 567 -19.08 -9.82 27.52
N ASP A 568 -19.11 -9.68 28.86
CA ASP A 568 -19.02 -8.38 29.58
C ASP A 568 -17.60 -7.85 29.42
N GLN A 569 -17.44 -6.62 28.91
CA GLN A 569 -16.12 -5.99 28.59
C GLN A 569 -15.95 -4.70 29.40
N GLY A 570 -16.73 -4.53 30.48
CA GLY A 570 -16.64 -3.39 31.41
C GLY A 570 -17.11 -2.08 30.80
N VAL A 571 -17.75 -2.15 29.62
CA VAL A 571 -18.18 -0.96 28.82
C VAL A 571 -19.43 -1.32 28.04
N PHE A 572 -20.21 -0.31 27.67
CA PHE A 572 -21.32 -0.39 26.69
C PHE A 572 -21.74 1.03 26.32
N MET A 573 -22.65 1.14 25.35
CA MET A 573 -23.13 2.43 24.80
C MET A 573 -24.66 2.46 24.85
N THR A 574 -25.21 3.67 24.97
CA THR A 574 -26.67 3.96 24.88
C THR A 574 -26.88 4.91 23.71
N MET A 575 -27.63 4.47 22.70
CA MET A 575 -28.05 5.34 21.57
C MET A 575 -29.27 6.15 22.01
N VAL A 576 -29.23 7.47 21.79
CA VAL A 576 -30.39 8.39 21.93
C VAL A 576 -30.69 8.95 20.54
N GLN A 577 -31.86 8.65 20.00
CA GLN A 577 -32.29 9.08 18.64
C GLN A 577 -33.72 9.61 18.74
N LEU A 578 -33.88 10.94 18.66
CA LEU A 578 -35.19 11.63 18.69
C LEU A 578 -35.72 11.77 17.26
N PRO A 579 -37.03 12.07 17.09
CA PRO A 579 -37.57 12.45 15.78
C PRO A 579 -36.73 13.55 15.11
N ALA A 580 -36.65 13.53 13.78
CA ALA A 580 -36.13 14.66 12.98
C ALA A 580 -37.03 15.88 13.22
N GLY A 581 -36.45 17.07 13.31
CA GLY A 581 -37.15 18.32 13.68
C GLY A 581 -37.03 18.61 15.17
N ALA A 582 -36.64 17.62 15.98
CA ALA A 582 -36.36 17.77 17.42
C ALA A 582 -35.13 18.68 17.59
N THR A 583 -35.07 19.41 18.70
CA THR A 583 -34.04 20.44 18.98
C THR A 583 -32.94 19.86 19.88
N GLN A 584 -31.77 20.49 19.85
CA GLN A 584 -30.60 20.22 20.72
C GLN A 584 -31.04 20.20 22.18
N GLU A 585 -31.91 21.15 22.57
CA GLU A 585 -32.42 21.32 23.95
C GLU A 585 -33.15 20.04 24.41
N ARG A 586 -34.03 19.48 23.57
CA ARG A 586 -34.87 18.31 23.94
C ARG A 586 -34.02 17.03 23.92
N THR A 587 -32.99 16.96 23.07
CA THR A 587 -32.02 15.83 23.04
C THR A 587 -31.24 15.82 24.36
N GLN A 588 -30.89 17.00 24.87
CA GLN A 588 -30.16 17.16 26.15
C GLN A 588 -31.06 16.73 27.30
N LYS A 589 -32.35 17.08 27.25
CA LYS A 589 -33.37 16.66 28.24
C LYS A 589 -33.31 15.14 28.38
N VAL A 590 -33.26 14.41 27.27
CA VAL A 590 -33.27 12.91 27.23
C VAL A 590 -31.92 12.38 27.75
N LEU A 591 -30.80 12.94 27.26
CA LEU A 591 -29.44 12.51 27.67
C LEU A 591 -29.28 12.68 29.19
N ASN A 592 -29.89 13.73 29.75
CA ASN A 592 -29.91 14.01 31.21
C ASN A 592 -30.58 12.84 31.95
N GLU A 593 -31.74 12.37 31.44
CA GLU A 593 -32.49 11.23 32.03
C GLU A 593 -31.66 9.95 31.93
N VAL A 594 -30.97 9.74 30.80
CA VAL A 594 -30.08 8.57 30.58
C VAL A 594 -28.94 8.64 31.59
N THR A 595 -28.22 9.77 31.63
CA THR A 595 -27.10 10.03 32.56
C THR A 595 -27.59 9.84 34.01
N HIS A 596 -28.76 10.40 34.33
CA HIS A 596 -29.39 10.35 35.69
C HIS A 596 -29.60 8.90 36.12
N TYR A 597 -30.18 8.07 35.24
CA TYR A 597 -30.43 6.63 35.50
C TYR A 597 -29.12 5.96 35.96
N TYR A 598 -28.04 6.15 35.21
CA TYR A 598 -26.74 5.44 35.42
C TYR A 598 -26.04 5.93 36.69
N LEU A 599 -26.25 7.20 37.07
CA LEU A 599 -25.59 7.83 38.24
C LEU A 599 -26.42 7.59 39.51
N THR A 600 -27.74 7.33 39.38
CA THR A 600 -28.67 7.16 40.53
C THR A 600 -29.05 5.69 40.72
N LYS A 601 -29.60 5.04 39.69
CA LYS A 601 -30.12 3.64 39.77
C LYS A 601 -28.98 2.62 39.73
N GLU A 602 -27.94 2.85 38.91
CA GLU A 602 -26.81 1.90 38.69
C GLU A 602 -25.53 2.45 39.34
N LYS A 603 -25.66 3.11 40.50
CA LYS A 603 -24.55 3.64 41.33
C LYS A 603 -23.45 2.59 41.50
N ASN A 604 -23.84 1.34 41.79
CA ASN A 604 -22.94 0.23 42.22
C ASN A 604 -22.28 -0.44 41.01
N ASN A 605 -22.81 -0.26 39.80
CA ASN A 605 -22.30 -0.90 38.56
C ASN A 605 -21.54 0.11 37.70
N VAL A 606 -22.12 1.29 37.46
CA VAL A 606 -21.57 2.31 36.51
C VAL A 606 -20.48 3.12 37.19
N GLU A 607 -19.32 3.24 36.55
CA GLU A 607 -18.16 4.05 36.99
C GLU A 607 -18.28 5.46 36.41
N SER A 608 -18.60 5.58 35.12
CA SER A 608 -18.69 6.89 34.41
C SER A 608 -19.62 6.82 33.19
N VAL A 609 -20.29 7.94 32.93
CA VAL A 609 -21.13 8.22 31.72
C VAL A 609 -20.51 9.41 30.98
N PHE A 610 -20.06 9.21 29.75
CA PHE A 610 -19.65 10.30 28.82
C PHE A 610 -20.76 10.47 27.77
N ALA A 611 -21.67 11.40 28.02
CA ALA A 611 -22.84 11.70 27.16
C ALA A 611 -22.46 12.80 26.16
N VAL A 612 -22.70 12.53 24.87
CA VAL A 612 -22.47 13.48 23.75
C VAL A 612 -23.82 13.84 23.14
N ASN A 613 -24.21 15.11 23.21
CA ASN A 613 -25.41 15.67 22.52
C ASN A 613 -25.00 16.09 21.11
N GLY A 614 -25.71 15.58 20.11
CA GLY A 614 -25.57 16.00 18.70
C GLY A 614 -24.71 15.05 17.89
N PHE A 615 -24.42 13.85 18.38
CA PHE A 615 -23.62 12.81 17.69
C PHE A 615 -24.27 11.42 17.85
N GLY A 616 -24.39 10.70 16.73
CA GLY A 616 -24.82 9.29 16.66
C GLY A 616 -24.01 8.54 15.62
N PHE A 617 -24.25 7.24 15.47
CA PHE A 617 -23.53 6.34 14.53
C PHE A 617 -23.77 6.79 13.08
N ALA A 618 -25.02 7.15 12.76
CA ALA A 618 -25.46 7.59 11.42
C ALA A 618 -24.76 8.91 11.04
N GLY A 619 -24.58 9.81 12.01
CA GLY A 619 -23.91 11.11 11.82
C GLY A 619 -24.30 12.09 12.91
N ARG A 620 -23.79 13.33 12.84
CA ARG A 620 -24.14 14.41 13.81
C ARG A 620 -25.48 15.02 13.39
N GLY A 621 -26.04 15.90 14.22
CA GLY A 621 -27.40 16.47 14.06
C GLY A 621 -28.04 16.72 15.43
N GLN A 622 -29.04 17.60 15.47
CA GLN A 622 -29.65 18.10 16.74
C GLN A 622 -30.45 17.00 17.44
N ASN A 623 -30.98 16.02 16.70
CA ASN A 623 -31.97 15.02 17.19
C ASN A 623 -31.28 13.74 17.67
N THR A 624 -29.95 13.65 17.59
CA THR A 624 -29.18 12.42 17.87
C THR A 624 -28.23 12.66 19.05
N GLY A 625 -27.94 11.60 19.79
CA GLY A 625 -27.04 11.62 20.96
C GLY A 625 -26.54 10.24 21.28
N ILE A 626 -25.57 10.14 22.19
CA ILE A 626 -24.96 8.84 22.60
C ILE A 626 -24.37 9.01 24.00
N ALA A 627 -24.44 7.96 24.81
CA ALA A 627 -23.83 7.88 26.16
C ALA A 627 -22.85 6.72 26.18
N PHE A 628 -21.56 7.02 26.35
CA PHE A 628 -20.48 6.01 26.56
C PHE A 628 -20.43 5.68 28.06
N VAL A 629 -20.72 4.43 28.40
CA VAL A 629 -20.81 3.97 29.81
C VAL A 629 -19.65 3.02 30.10
N SER A 630 -18.90 3.31 31.16
CA SER A 630 -17.80 2.48 31.70
C SER A 630 -18.24 1.96 33.07
N LEU A 631 -18.25 0.63 33.25
CA LEU A 631 -18.68 -0.02 34.51
C LEU A 631 -17.49 -0.12 35.46
N LYS A 632 -17.77 -0.42 36.74
CA LYS A 632 -16.73 -0.73 37.76
C LYS A 632 -16.15 -2.11 37.44
N ASP A 633 -15.00 -2.44 38.04
CA ASP A 633 -14.27 -3.71 37.78
C ASP A 633 -15.21 -4.90 38.06
N TRP A 634 -14.95 -6.02 37.39
CA TRP A 634 -15.79 -7.25 37.40
C TRP A 634 -15.94 -7.81 38.82
N ALA A 635 -14.91 -7.63 39.66
CA ALA A 635 -14.86 -8.11 41.07
C ALA A 635 -15.89 -7.36 41.92
N ASP A 636 -16.20 -6.10 41.58
CA ASP A 636 -17.14 -5.23 42.33
C ASP A 636 -18.57 -5.38 41.77
N ARG A 637 -18.78 -6.27 40.78
CA ARG A 637 -20.10 -6.53 40.15
C ARG A 637 -20.39 -8.03 40.13
N PRO A 638 -20.52 -8.69 41.31
CA PRO A 638 -20.75 -10.13 41.36
C PRO A 638 -22.22 -10.49 41.14
N GLY A 639 -22.48 -11.51 40.33
CA GLY A 639 -23.84 -11.99 39.99
C GLY A 639 -24.23 -11.62 38.57
N GLU A 640 -25.15 -12.37 37.97
CA GLU A 640 -25.61 -12.20 36.56
C GLU A 640 -26.36 -10.86 36.41
N GLU A 641 -27.04 -10.41 37.47
CA GLU A 641 -27.88 -9.18 37.47
C GLU A 641 -26.99 -7.93 37.38
N ASN A 642 -25.70 -8.03 37.72
CA ASN A 642 -24.74 -6.90 37.74
C ASN A 642 -23.82 -6.95 36.50
N LYS A 643 -24.13 -7.80 35.51
CA LYS A 643 -23.37 -7.91 34.23
C LYS A 643 -24.07 -7.08 33.16
N VAL A 644 -23.37 -6.79 32.05
CA VAL A 644 -23.79 -5.83 31.00
C VAL A 644 -25.18 -6.20 30.46
N GLU A 645 -25.43 -7.49 30.23
CA GLU A 645 -26.69 -7.96 29.57
C GLU A 645 -27.89 -7.56 30.43
N ALA A 646 -27.82 -7.79 31.75
CA ALA A 646 -28.87 -7.42 32.73
C ALA A 646 -29.00 -5.89 32.83
N ILE A 647 -27.86 -5.19 32.91
CA ILE A 647 -27.79 -3.70 33.06
C ILE A 647 -28.44 -3.03 31.85
N THR A 648 -28.10 -3.48 30.64
CA THR A 648 -28.59 -2.92 29.35
C THR A 648 -30.08 -3.23 29.18
N MET A 649 -30.52 -4.42 29.58
CA MET A 649 -31.94 -4.85 29.50
C MET A 649 -32.79 -4.01 30.46
N ARG A 650 -32.32 -3.84 31.70
CA ARG A 650 -32.97 -2.97 32.72
C ARG A 650 -32.96 -1.52 32.24
N ALA A 651 -31.83 -1.04 31.71
CA ALA A 651 -31.66 0.34 31.18
C ALA A 651 -32.68 0.58 30.06
N THR A 652 -32.76 -0.32 29.08
CA THR A 652 -33.69 -0.24 27.91
C THR A 652 -35.13 -0.24 28.41
N ARG A 653 -35.43 -1.12 29.38
CA ARG A 653 -36.79 -1.25 29.98
C ARG A 653 -37.18 0.08 30.63
N ALA A 654 -36.25 0.71 31.36
CA ALA A 654 -36.45 2.01 32.03
C ALA A 654 -36.64 3.12 30.98
N PHE A 655 -35.81 3.14 29.93
CA PHE A 655 -35.75 4.23 28.93
C PHE A 655 -36.92 4.13 27.93
N SER A 656 -37.61 3.00 27.87
CA SER A 656 -38.84 2.81 27.03
C SER A 656 -39.93 3.80 27.46
N GLN A 657 -39.89 4.24 28.73
CA GLN A 657 -40.89 5.17 29.33
C GLN A 657 -40.64 6.61 28.86
N ILE A 658 -39.46 6.92 28.30
CA ILE A 658 -39.13 8.28 27.80
C ILE A 658 -39.95 8.56 26.52
N LYS A 659 -40.52 9.75 26.43
CA LYS A 659 -41.48 10.16 25.37
C LYS A 659 -40.71 10.70 24.15
N ASP A 660 -41.23 10.43 22.94
CA ASP A 660 -40.73 10.97 21.65
C ASP A 660 -39.22 10.76 21.52
N ALA A 661 -38.75 9.53 21.71
CA ALA A 661 -37.31 9.18 21.61
C ALA A 661 -37.13 7.65 21.56
N MET A 662 -36.30 7.19 20.63
CA MET A 662 -35.65 5.85 20.65
C MET A 662 -34.42 5.94 21.56
N VAL A 663 -34.45 5.27 22.71
CA VAL A 663 -33.31 5.21 23.66
C VAL A 663 -33.08 3.74 24.05
N PHE A 664 -32.06 3.11 23.48
CA PHE A 664 -31.69 1.69 23.71
CA PHE A 664 -31.71 1.70 23.79
C PHE A 664 -30.23 1.61 24.17
N ALA A 665 -29.97 0.85 25.24
CA ALA A 665 -28.63 0.44 25.70
C ALA A 665 -28.36 -0.95 25.15
N PHE A 666 -27.12 -1.24 24.77
CA PHE A 666 -26.74 -2.50 24.07
C PHE A 666 -25.24 -2.76 24.25
N ASN A 667 -24.87 -4.04 24.30
CA ASN A 667 -23.47 -4.52 24.35
C ASN A 667 -22.98 -4.72 22.91
N LEU A 668 -21.84 -4.12 22.55
CA LEU A 668 -21.13 -4.41 21.27
C LEU A 668 -20.80 -5.89 21.26
N PRO A 669 -21.13 -6.64 20.17
CA PRO A 669 -21.03 -8.10 20.20
C PRO A 669 -19.56 -8.57 20.21
N ALA A 670 -19.35 -9.86 20.44
CA ALA A 670 -18.03 -10.54 20.33
C ALA A 670 -17.34 -10.06 19.05
N ILE A 671 -18.01 -10.26 17.91
CA ILE A 671 -17.60 -9.76 16.56
C ILE A 671 -18.83 -9.09 15.91
N VAL A 672 -18.67 -7.86 15.43
CA VAL A 672 -19.79 -6.95 15.02
C VAL A 672 -20.40 -7.42 13.70
N GLU A 673 -19.58 -7.90 12.75
CA GLU A 673 -19.99 -8.18 11.35
C GLU A 673 -20.99 -9.34 11.30
N LEU A 674 -20.86 -10.33 12.19
CA LEU A 674 -21.74 -11.53 12.26
C LEU A 674 -23.15 -11.13 12.69
N GLY A 675 -23.27 -9.96 13.35
CA GLY A 675 -24.56 -9.32 13.68
C GLY A 675 -24.81 -9.27 15.18
N THR A 676 -25.40 -8.16 15.67
CA THR A 676 -25.96 -8.04 17.05
C THR A 676 -27.26 -8.85 17.08
N ALA A 677 -27.19 -10.11 17.54
CA ALA A 677 -28.20 -11.17 17.34
C ALA A 677 -28.22 -11.58 15.86
N THR A 678 -28.89 -12.68 15.53
CA THR A 678 -29.05 -13.19 14.13
C THR A 678 -30.28 -12.51 13.51
N GLY A 679 -30.18 -11.20 13.28
CA GLY A 679 -31.19 -10.39 12.57
C GLY A 679 -30.88 -10.32 11.09
N PHE A 680 -31.40 -9.30 10.38
CA PHE A 680 -31.13 -9.07 8.95
C PHE A 680 -31.03 -7.57 8.64
N ASP A 681 -30.37 -7.26 7.53
CA ASP A 681 -30.11 -5.87 7.04
C ASP A 681 -30.61 -5.79 5.59
N PHE A 682 -31.85 -5.33 5.41
CA PHE A 682 -32.55 -5.26 4.11
C PHE A 682 -32.35 -3.87 3.50
N GLU A 683 -32.16 -3.79 2.18
CA GLU A 683 -31.96 -2.51 1.44
C GLU A 683 -33.04 -2.42 0.36
N LEU A 684 -34.05 -1.59 0.58
CA LEU A 684 -35.10 -1.28 -0.42
C LEU A 684 -34.50 -0.30 -1.44
N ILE A 685 -34.43 -0.71 -2.72
CA ILE A 685 -33.76 0.05 -3.82
C ILE A 685 -34.84 0.68 -4.70
N ASP A 686 -34.58 1.90 -5.19
CA ASP A 686 -35.37 2.62 -6.22
C ASP A 686 -34.72 2.34 -7.58
N GLN A 687 -35.24 1.36 -8.34
CA GLN A 687 -34.56 0.74 -9.51
C GLN A 687 -34.95 1.44 -10.81
N ALA A 688 -35.95 2.36 -10.80
CA ALA A 688 -36.55 2.93 -12.03
C ALA A 688 -36.80 4.43 -11.90
N GLY A 689 -36.02 5.15 -11.08
CA GLY A 689 -36.09 6.62 -10.93
C GLY A 689 -37.44 7.09 -10.40
N LEU A 690 -38.07 6.30 -9.52
CA LEU A 690 -39.42 6.57 -8.95
C LEU A 690 -39.40 7.91 -8.22
N GLY A 691 -38.47 8.07 -7.28
CA GLY A 691 -38.35 9.25 -6.41
C GLY A 691 -38.42 8.87 -4.94
N HIS A 692 -38.22 9.84 -4.04
CA HIS A 692 -38.16 9.65 -2.57
C HIS A 692 -39.54 9.26 -2.01
N GLU A 693 -40.60 9.97 -2.43
CA GLU A 693 -41.98 9.76 -1.91
C GLU A 693 -42.46 8.34 -2.23
N LYS A 694 -42.32 7.91 -3.49
CA LYS A 694 -42.78 6.59 -3.97
C LYS A 694 -41.99 5.47 -3.27
N LEU A 695 -40.69 5.69 -3.02
CA LEU A 695 -39.83 4.71 -2.30
C LEU A 695 -40.25 4.65 -0.83
N THR A 696 -40.67 5.76 -0.23
CA THR A 696 -41.21 5.83 1.15
C THR A 696 -42.54 5.08 1.20
N GLN A 697 -43.43 5.31 0.23
CA GLN A 697 -44.72 4.58 0.06
C GLN A 697 -44.44 3.08 -0.01
N ALA A 698 -43.48 2.67 -0.86
CA ALA A 698 -43.06 1.27 -1.06
C ALA A 698 -42.51 0.69 0.24
N ARG A 699 -41.69 1.47 0.97
CA ARG A 699 -41.13 1.09 2.29
C ARG A 699 -42.28 0.85 3.27
N ASN A 700 -43.23 1.79 3.33
CA ASN A 700 -44.34 1.81 4.32
C ASN A 700 -45.25 0.60 4.11
N GLN A 701 -45.51 0.22 2.85
CA GLN A 701 -46.39 -0.94 2.51
C GLN A 701 -45.62 -2.24 2.82
N LEU A 702 -44.28 -2.22 2.80
CA LEU A 702 -43.43 -3.38 3.16
C LEU A 702 -43.41 -3.54 4.70
N LEU A 703 -43.41 -2.43 5.44
CA LEU A 703 -43.45 -2.42 6.93
C LEU A 703 -44.83 -2.89 7.42
N ALA A 704 -45.89 -2.46 6.72
CA ALA A 704 -47.30 -2.81 7.02
C ALA A 704 -47.52 -4.31 6.85
N GLU A 705 -47.01 -4.89 5.75
CA GLU A 705 -47.16 -6.34 5.42
C GLU A 705 -46.27 -7.19 6.32
N ALA A 706 -45.14 -6.64 6.80
CA ALA A 706 -44.16 -7.35 7.66
C ALA A 706 -44.71 -7.43 9.10
N ALA A 707 -45.46 -6.42 9.54
CA ALA A 707 -46.16 -6.37 10.84
C ALA A 707 -47.21 -7.48 10.90
N LYS A 708 -47.78 -7.86 9.76
CA LYS A 708 -48.88 -8.87 9.63
C LYS A 708 -48.32 -10.31 9.65
N HIS A 709 -47.03 -10.49 9.95
CA HIS A 709 -46.40 -11.82 10.18
C HIS A 709 -45.54 -11.78 11.44
N PRO A 710 -46.12 -11.57 12.65
CA PRO A 710 -45.36 -11.61 13.90
C PRO A 710 -44.80 -13.01 14.21
N ASP A 711 -45.40 -14.06 13.63
CA ASP A 711 -44.97 -15.47 13.77
C ASP A 711 -43.59 -15.68 13.11
N MET A 712 -43.27 -14.88 12.08
CA MET A 712 -42.02 -15.01 11.28
C MET A 712 -41.09 -13.82 11.52
N LEU A 713 -41.56 -12.59 11.28
CA LEU A 713 -40.75 -11.34 11.34
C LEU A 713 -41.00 -10.62 12.67
N THR A 714 -39.95 -10.03 13.26
CA THR A 714 -39.98 -9.28 14.54
C THR A 714 -39.19 -7.97 14.41
N SER A 715 -39.70 -6.88 14.99
CA SER A 715 -39.04 -5.55 15.10
C SER A 715 -38.54 -5.08 13.73
N VAL A 716 -39.35 -5.24 12.68
CA VAL A 716 -39.02 -4.75 11.31
C VAL A 716 -39.25 -3.24 11.31
N ARG A 717 -38.18 -2.46 11.14
CA ARG A 717 -38.23 -0.97 11.24
C ARG A 717 -37.23 -0.35 10.25
N PRO A 718 -37.46 0.92 9.84
CA PRO A 718 -36.46 1.67 9.10
C PRO A 718 -35.26 2.05 9.98
N ASN A 719 -34.09 2.23 9.36
CA ASN A 719 -32.82 2.65 10.01
C ASN A 719 -32.63 4.16 9.84
N GLY A 720 -33.32 4.77 8.88
CA GLY A 720 -33.18 6.20 8.53
C GLY A 720 -34.14 7.08 9.32
N LEU A 721 -34.46 8.27 8.78
CA LEU A 721 -35.29 9.32 9.42
C LEU A 721 -36.49 9.66 8.52
N GLU A 722 -37.56 10.16 9.15
CA GLU A 722 -38.82 10.54 8.46
C GLU A 722 -38.68 11.97 7.91
N ASP A 723 -39.43 12.28 6.85
CA ASP A 723 -39.51 13.64 6.26
C ASP A 723 -39.97 14.61 7.35
N THR A 724 -39.62 15.89 7.23
CA THR A 724 -39.94 16.93 8.23
C THR A 724 -40.33 18.22 7.52
N PRO A 725 -41.15 19.09 8.16
CA PRO A 725 -41.48 20.39 7.59
C PRO A 725 -40.18 21.12 7.22
N GLN A 726 -40.12 21.69 6.01
CA GLN A 726 -38.98 22.51 5.54
C GLN A 726 -39.53 23.75 4.84
N PHE A 727 -38.83 24.88 5.00
CA PHE A 727 -39.22 26.23 4.54
C PHE A 727 -38.76 26.39 3.10
N LYS A 728 -39.67 26.20 2.14
CA LYS A 728 -39.40 26.39 0.69
C LYS A 728 -39.48 27.89 0.39
N ILE A 729 -38.40 28.49 -0.12
CA ILE A 729 -38.36 29.91 -0.56
C ILE A 729 -38.09 29.95 -2.06
N ASP A 730 -38.93 30.66 -2.81
CA ASP A 730 -38.83 30.82 -4.28
C ASP A 730 -38.39 32.27 -4.58
N ILE A 731 -37.18 32.43 -5.12
CA ILE A 731 -36.63 33.74 -5.59
C ILE A 731 -37.23 34.03 -6.97
N ASP A 732 -38.15 34.99 -7.04
CA ASP A 732 -38.77 35.45 -8.33
C ASP A 732 -37.68 36.17 -9.16
N GLN A 733 -37.26 35.53 -10.25
CA GLN A 733 -36.14 35.99 -11.12
C GLN A 733 -36.48 37.34 -11.78
N GLU A 734 -37.71 37.49 -12.27
CA GLU A 734 -38.18 38.72 -12.98
C GLU A 734 -38.11 39.92 -12.03
N LYS A 735 -38.68 39.78 -10.83
CA LYS A 735 -38.79 40.87 -9.82
C LYS A 735 -37.38 41.30 -9.39
N ALA A 736 -36.46 40.36 -9.25
CA ALA A 736 -35.03 40.61 -8.94
C ALA A 736 -34.40 41.44 -10.07
N GLN A 737 -34.63 41.03 -11.33
CA GLN A 737 -34.11 41.74 -12.53
C GLN A 737 -34.74 43.14 -12.63
N ALA A 738 -36.02 43.27 -12.27
CA ALA A 738 -36.77 44.53 -12.27
C ALA A 738 -36.14 45.52 -11.27
N LEU A 739 -35.83 45.07 -10.05
CA LEU A 739 -35.31 45.90 -8.93
C LEU A 739 -33.79 46.09 -9.07
N GLY A 740 -33.14 45.33 -9.94
CA GLY A 740 -31.68 45.40 -10.17
C GLY A 740 -30.88 44.77 -9.03
N VAL A 741 -31.41 43.69 -8.46
CA VAL A 741 -30.71 42.88 -7.42
C VAL A 741 -30.19 41.60 -8.07
N SER A 742 -28.87 41.36 -8.02
CA SER A 742 -28.21 40.16 -8.59
C SER A 742 -28.58 38.93 -7.76
N ILE A 743 -28.60 37.76 -8.40
CA ILE A 743 -29.02 36.47 -7.76
C ILE A 743 -27.90 36.02 -6.82
N ASN A 744 -26.65 36.32 -7.17
CA ASN A 744 -25.45 36.00 -6.33
C ASN A 744 -25.59 36.66 -4.96
N ASP A 745 -25.94 37.95 -4.94
CA ASP A 745 -26.10 38.74 -3.69
C ASP A 745 -27.24 38.15 -2.87
N ILE A 746 -28.35 37.78 -3.51
CA ILE A 746 -29.53 37.15 -2.84
C ILE A 746 -29.07 35.84 -2.19
N ASN A 747 -28.45 34.95 -2.96
CA ASN A 747 -28.04 33.59 -2.52
C ASN A 747 -26.94 33.67 -1.45
N THR A 748 -26.00 34.60 -1.58
CA THR A 748 -24.93 34.85 -0.57
C THR A 748 -25.58 35.36 0.72
N THR A 749 -26.48 36.35 0.62
CA THR A 749 -27.16 36.99 1.78
C THR A 749 -27.97 35.92 2.52
N LEU A 750 -28.82 35.16 1.82
CA LEU A 750 -29.64 34.07 2.41
C LEU A 750 -28.70 33.01 3.03
N GLY A 751 -27.69 32.57 2.27
CA GLY A 751 -26.82 31.43 2.63
C GLY A 751 -25.89 31.75 3.79
N ALA A 752 -25.21 32.90 3.73
CA ALA A 752 -24.27 33.36 4.77
C ALA A 752 -25.03 33.57 6.09
N ALA A 753 -26.18 34.24 6.04
CA ALA A 753 -26.96 34.66 7.22
C ALA A 753 -27.54 33.44 7.94
N TRP A 754 -28.26 32.57 7.23
CA TRP A 754 -29.07 31.47 7.82
C TRP A 754 -28.28 30.15 7.86
N GLY A 755 -27.30 29.99 6.97
CA GLY A 755 -26.51 28.75 6.83
C GLY A 755 -25.12 28.89 7.43
N GLY A 756 -24.51 30.06 7.28
CA GLY A 756 -23.10 30.32 7.65
C GLY A 756 -22.20 30.22 6.42
N SER A 757 -21.12 31.01 6.41
CA SER A 757 -20.11 31.03 5.32
C SER A 757 -18.71 31.09 5.94
N TYR A 758 -17.90 30.06 5.70
CA TYR A 758 -16.44 30.04 5.93
C TYR A 758 -15.79 31.03 4.95
N VAL A 759 -15.31 32.17 5.45
CA VAL A 759 -14.80 33.29 4.61
C VAL A 759 -13.32 33.05 4.31
N ASN A 760 -12.47 33.03 5.33
CA ASN A 760 -11.01 32.78 5.19
C ASN A 760 -10.45 32.31 6.53
N ASP A 761 -9.12 32.20 6.64
CA ASP A 761 -8.42 31.76 7.87
C ASP A 761 -7.90 32.98 8.64
N PHE A 762 -7.71 32.81 9.95
CA PHE A 762 -7.03 33.76 10.87
C PHE A 762 -6.12 32.95 11.80
N ILE A 763 -5.29 33.62 12.61
CA ILE A 763 -4.34 32.95 13.54
C ILE A 763 -4.78 33.20 14.99
N ASP A 764 -5.13 32.13 15.71
CA ASP A 764 -5.55 32.17 17.13
C ASP A 764 -4.46 31.54 18.00
N ARG A 765 -3.73 32.39 18.75
CA ARG A 765 -2.56 32.00 19.58
C ARG A 765 -1.66 31.06 18.78
N GLY A 766 -1.26 31.47 17.57
CA GLY A 766 -0.20 30.82 16.77
C GLY A 766 -0.72 29.73 15.83
N ARG A 767 -1.96 29.29 16.00
CA ARG A 767 -2.55 28.19 15.19
C ARG A 767 -3.56 28.76 14.18
N VAL A 768 -3.53 28.26 12.94
CA VAL A 768 -4.49 28.63 11.85
C VAL A 768 -5.86 28.07 12.22
N LYS A 769 -6.89 28.93 12.19
CA LYS A 769 -8.30 28.54 12.41
C LYS A 769 -9.17 29.31 11.41
N LYS A 770 -10.47 28.99 11.36
CA LYS A 770 -11.41 29.51 10.35
C LYS A 770 -12.03 30.82 10.83
N VAL A 771 -12.56 31.61 9.89
CA VAL A 771 -13.44 32.78 10.13
C VAL A 771 -14.80 32.45 9.52
N TYR A 772 -15.86 32.45 10.33
CA TYR A 772 -17.25 32.19 9.91
C TYR A 772 -18.06 33.48 10.03
N VAL A 773 -18.78 33.83 8.97
CA VAL A 773 -19.81 34.90 8.97
C VAL A 773 -21.18 34.22 9.01
N MET A 774 -22.05 34.67 9.91
CA MET A 774 -23.41 34.10 10.11
C MET A 774 -24.28 35.14 10.82
N SER A 775 -25.59 35.06 10.63
CA SER A 775 -26.58 35.85 11.41
C SER A 775 -26.46 35.48 12.89
N GLU A 776 -26.52 36.47 13.77
CA GLU A 776 -26.67 36.23 15.23
C GLU A 776 -27.97 35.44 15.44
N ALA A 777 -27.94 34.48 16.36
CA ALA A 777 -29.01 33.49 16.61
C ALA A 777 -30.41 34.11 16.47
N LYS A 778 -30.64 35.27 17.09
CA LYS A 778 -32.00 35.85 17.28
C LYS A 778 -32.63 36.29 15.95
N TYR A 779 -31.83 36.50 14.88
CA TYR A 779 -32.32 36.95 13.55
C TYR A 779 -32.42 35.80 12.54
N ARG A 780 -32.27 34.55 12.98
CA ARG A 780 -32.39 33.35 12.09
C ARG A 780 -33.15 32.23 12.82
N MET A 781 -34.16 32.59 13.62
CA MET A 781 -34.97 31.65 14.45
C MET A 781 -36.37 31.52 13.86
N LEU A 782 -37.01 32.63 13.48
CA LEU A 782 -38.43 32.69 13.03
C LEU A 782 -38.49 32.82 11.51
N PRO A 783 -39.48 32.17 10.86
CA PRO A 783 -39.82 32.43 9.45
C PRO A 783 -39.97 33.91 9.06
N ASP A 784 -40.57 34.73 9.92
CA ASP A 784 -40.83 36.17 9.66
C ASP A 784 -39.52 36.95 9.56
N ASP A 785 -38.43 36.42 10.12
CA ASP A 785 -37.10 37.10 10.16
C ASP A 785 -36.47 37.15 8.76
N ILE A 786 -36.95 36.34 7.80
CA ILE A 786 -36.46 36.32 6.39
C ILE A 786 -36.53 37.74 5.81
N GLY A 787 -37.64 38.45 6.03
CA GLY A 787 -37.91 39.80 5.48
C GLY A 787 -37.03 40.87 6.11
N ASP A 788 -36.51 40.64 7.31
CA ASP A 788 -35.63 41.60 8.05
C ASP A 788 -34.27 41.74 7.34
N TRP A 789 -33.94 40.80 6.44
CA TRP A 789 -32.68 40.80 5.66
C TRP A 789 -32.86 41.60 4.37
N TYR A 790 -31.96 42.55 4.13
CA TYR A 790 -31.95 43.46 2.96
C TYR A 790 -30.73 43.15 2.09
N VAL A 791 -30.94 43.09 0.78
CA VAL A 791 -29.89 42.98 -0.27
C VAL A 791 -29.85 44.32 -1.01
N ARG A 792 -28.65 44.81 -1.34
CA ARG A 792 -28.48 46.10 -2.08
C ARG A 792 -28.56 45.82 -3.59
N ALA A 793 -29.30 46.67 -4.30
CA ALA A 793 -29.48 46.62 -5.76
C ALA A 793 -28.38 47.42 -6.46
N ALA A 794 -28.35 47.38 -7.80
CA ALA A 794 -27.39 48.13 -8.65
C ALA A 794 -27.56 49.64 -8.45
N ASP A 795 -28.80 50.11 -8.27
CA ASP A 795 -29.15 51.55 -8.16
C ASP A 795 -28.79 52.09 -6.77
N GLY A 796 -28.47 51.21 -5.81
CA GLY A 796 -27.95 51.59 -4.48
C GLY A 796 -28.99 51.44 -3.37
N GLN A 797 -30.27 51.22 -3.73
CA GLN A 797 -31.39 51.09 -2.76
C GLN A 797 -31.33 49.70 -2.09
N MET A 798 -31.72 49.63 -0.82
CA MET A 798 -31.77 48.37 -0.04
C MET A 798 -33.15 47.73 -0.21
N VAL A 799 -33.17 46.48 -0.69
CA VAL A 799 -34.40 45.72 -1.05
C VAL A 799 -34.56 44.57 -0.06
N PRO A 800 -35.69 44.50 0.68
CA PRO A 800 -35.92 43.38 1.60
C PRO A 800 -36.25 42.11 0.79
N PHE A 801 -35.99 40.94 1.37
CA PHE A 801 -36.26 39.61 0.75
C PHE A 801 -37.74 39.51 0.34
N SER A 802 -38.63 40.03 1.19
CA SER A 802 -40.11 40.04 1.01
C SER A 802 -40.49 40.63 -0.36
N ALA A 803 -39.67 41.53 -0.91
CA ALA A 803 -39.94 42.25 -2.18
C ALA A 803 -39.87 41.29 -3.39
N PHE A 804 -38.98 40.30 -3.36
CA PHE A 804 -38.61 39.47 -4.54
C PHE A 804 -38.66 37.97 -4.20
N SER A 805 -39.24 37.58 -3.07
CA SER A 805 -39.32 36.16 -2.62
C SER A 805 -40.74 35.82 -2.19
N SER A 806 -41.12 34.55 -2.38
CA SER A 806 -42.34 33.92 -1.80
C SER A 806 -41.89 32.64 -1.11
N SER A 807 -42.64 32.18 -0.10
CA SER A 807 -42.30 30.97 0.68
C SER A 807 -43.56 30.22 1.09
N ARG A 808 -43.40 28.92 1.36
CA ARG A 808 -44.47 28.00 1.80
C ARG A 808 -43.82 26.82 2.53
N TRP A 809 -44.56 26.19 3.45
CA TRP A 809 -44.14 24.94 4.13
C TRP A 809 -44.33 23.78 3.16
N GLU A 810 -43.34 22.89 3.10
CA GLU A 810 -43.43 21.57 2.42
C GLU A 810 -42.70 20.55 3.29
N TYR A 811 -42.77 19.27 2.91
CA TYR A 811 -42.04 18.16 3.57
C TYR A 811 -40.88 17.75 2.67
N GLY A 812 -39.83 17.20 3.29
CA GLY A 812 -38.61 16.71 2.62
C GLY A 812 -37.74 15.93 3.58
N SER A 813 -36.86 15.08 3.04
CA SER A 813 -35.98 14.17 3.82
C SER A 813 -34.86 14.98 4.47
N PRO A 814 -34.61 14.80 5.78
CA PRO A 814 -33.38 15.27 6.41
C PRO A 814 -32.20 14.30 6.24
N ARG A 815 -32.41 13.09 5.71
CA ARG A 815 -31.35 12.08 5.46
C ARG A 815 -31.75 11.16 4.30
N LEU A 816 -31.09 11.34 3.15
CA LEU A 816 -31.29 10.53 1.92
C LEU A 816 -30.22 9.43 1.88
N GLU A 817 -30.66 8.17 1.88
CA GLU A 817 -29.79 6.97 1.85
C GLU A 817 -29.65 6.51 0.39
N ARG A 818 -28.51 5.93 0.04
CA ARG A 818 -28.26 5.32 -1.29
C ARG A 818 -27.50 4.01 -1.10
N TYR A 819 -27.76 3.04 -1.97
CA TYR A 819 -27.09 1.71 -1.98
C TYR A 819 -26.68 1.37 -3.41
N ASN A 820 -25.40 1.06 -3.61
CA ASN A 820 -24.75 0.81 -4.92
C ASN A 820 -25.22 1.87 -5.94
N GLY A 821 -25.22 3.14 -5.54
CA GLY A 821 -25.39 4.30 -6.43
C GLY A 821 -26.85 4.74 -6.59
N LEU A 822 -27.81 3.91 -6.19
CA LEU A 822 -29.26 4.20 -6.38
C LEU A 822 -29.88 4.65 -5.05
N PRO A 823 -30.95 5.48 -5.08
CA PRO A 823 -31.71 5.82 -3.88
C PRO A 823 -32.17 4.56 -3.14
N SER A 824 -31.99 4.52 -1.82
CA SER A 824 -32.25 3.33 -0.98
C SER A 824 -32.91 3.73 0.35
N MET A 825 -33.41 2.73 1.08
CA MET A 825 -33.87 2.85 2.49
C MET A 825 -33.52 1.56 3.22
N GLU A 826 -32.67 1.66 4.25
CA GLU A 826 -32.16 0.51 5.04
C GLU A 826 -33.25 0.12 6.04
N ILE A 827 -33.72 -1.14 5.97
CA ILE A 827 -34.73 -1.72 6.89
C ILE A 827 -34.03 -2.81 7.73
N LEU A 828 -33.83 -2.55 9.02
CA LEU A 828 -33.38 -3.54 10.02
C LEU A 828 -34.57 -4.41 10.43
N GLY A 829 -34.31 -5.63 10.89
CA GLY A 829 -35.35 -6.58 11.33
C GLY A 829 -34.75 -7.90 11.79
N GLN A 830 -35.55 -8.71 12.49
CA GLN A 830 -35.13 -9.99 13.13
C GLN A 830 -36.18 -11.07 12.87
N ALA A 831 -35.76 -12.33 12.90
CA ALA A 831 -36.64 -13.52 12.88
C ALA A 831 -37.29 -13.67 14.26
N ALA A 832 -38.54 -14.13 14.30
CA ALA A 832 -39.32 -14.38 15.54
C ALA A 832 -38.67 -15.54 16.30
N PRO A 833 -38.95 -15.69 17.62
CA PRO A 833 -38.38 -16.78 18.40
C PRO A 833 -38.67 -18.17 17.79
N GLY A 834 -37.67 -19.05 17.76
CA GLY A 834 -37.76 -20.40 17.20
C GLY A 834 -37.94 -20.40 15.69
N LYS A 835 -37.38 -19.40 15.01
CA LYS A 835 -37.35 -19.29 13.52
C LYS A 835 -35.93 -18.92 13.08
N SER A 836 -35.42 -19.55 12.02
CA SER A 836 -34.08 -19.26 11.43
C SER A 836 -34.12 -17.92 10.69
N THR A 837 -32.95 -17.31 10.48
CA THR A 837 -32.77 -16.04 9.75
C THR A 837 -33.14 -16.24 8.27
N GLY A 838 -32.68 -17.35 7.68
CA GLY A 838 -32.86 -17.70 6.25
C GLY A 838 -34.32 -17.65 5.81
N GLU A 839 -35.25 -18.15 6.62
CA GLU A 839 -36.70 -18.24 6.27
C GLU A 839 -37.40 -16.90 6.60
N ALA A 840 -36.85 -16.12 7.54
CA ALA A 840 -37.28 -14.73 7.80
C ALA A 840 -37.02 -13.89 6.54
N MET A 841 -35.81 -14.00 5.98
CA MET A 841 -35.37 -13.31 4.74
C MET A 841 -36.27 -13.70 3.56
N GLU A 842 -36.56 -14.99 3.41
CA GLU A 842 -37.39 -15.55 2.30
C GLU A 842 -38.73 -14.81 2.25
N LEU A 843 -39.34 -14.54 3.41
CA LEU A 843 -40.66 -13.85 3.51
C LEU A 843 -40.49 -12.37 3.12
N MET A 844 -39.39 -11.73 3.53
CA MET A 844 -39.06 -10.32 3.17
C MET A 844 -38.93 -10.23 1.64
N GLU A 845 -38.28 -11.22 1.00
CA GLU A 845 -38.11 -11.31 -0.47
C GLU A 845 -39.49 -11.48 -1.13
N GLN A 846 -40.35 -12.32 -0.56
CA GLN A 846 -41.74 -12.58 -1.05
C GLN A 846 -42.56 -11.29 -0.93
N LEU A 847 -42.49 -10.62 0.23
CA LEU A 847 -43.21 -9.33 0.48
C LEU A 847 -42.66 -8.26 -0.47
N ALA A 848 -41.34 -8.29 -0.75
CA ALA A 848 -40.63 -7.32 -1.60
C ALA A 848 -41.06 -7.46 -3.07
N SER A 849 -41.43 -8.67 -3.50
CA SER A 849 -41.82 -9.00 -4.90
C SER A 849 -43.20 -8.43 -5.22
N LYS A 850 -44.03 -8.21 -4.20
CA LYS A 850 -45.42 -7.67 -4.33
C LYS A 850 -45.41 -6.14 -4.33
N LEU A 851 -44.25 -5.50 -4.11
CA LEU A 851 -44.13 -4.02 -4.00
C LEU A 851 -44.29 -3.38 -5.38
N PRO A 852 -44.60 -2.07 -5.45
CA PRO A 852 -44.80 -1.38 -6.73
C PRO A 852 -43.69 -1.54 -7.79
N THR A 853 -44.00 -1.18 -9.03
CA THR A 853 -43.09 -1.23 -10.21
C THR A 853 -41.88 -0.32 -9.96
N GLY A 854 -40.68 -0.77 -10.38
CA GLY A 854 -39.42 -0.01 -10.27
C GLY A 854 -38.78 -0.11 -8.91
N VAL A 855 -39.40 -0.83 -7.96
CA VAL A 855 -38.86 -1.04 -6.57
C VAL A 855 -38.22 -2.43 -6.51
N GLY A 856 -36.95 -2.47 -6.10
CA GLY A 856 -36.17 -3.71 -5.92
C GLY A 856 -35.67 -3.81 -4.49
N TYR A 857 -34.74 -4.73 -4.24
CA TYR A 857 -34.16 -4.98 -2.90
C TYR A 857 -32.78 -5.61 -3.04
N ASP A 858 -32.07 -5.65 -1.91
CA ASP A 858 -30.74 -6.30 -1.78
C ASP A 858 -30.46 -6.51 -0.29
N TRP A 859 -29.54 -7.42 0.02
CA TRP A 859 -29.07 -7.72 1.40
C TRP A 859 -27.67 -7.12 1.58
N THR A 860 -27.41 -6.50 2.74
CA THR A 860 -26.13 -5.83 3.07
C THR A 860 -25.69 -6.26 4.48
N GLY A 861 -24.48 -5.86 4.88
CA GLY A 861 -23.91 -6.14 6.21
C GLY A 861 -23.90 -7.63 6.52
N MET A 862 -24.48 -8.00 7.66
CA MET A 862 -24.53 -9.40 8.18
C MET A 862 -25.30 -10.30 7.21
N SER A 863 -26.34 -9.77 6.55
CA SER A 863 -27.24 -10.50 5.61
C SER A 863 -26.49 -10.87 4.33
N TYR A 864 -25.52 -10.07 3.91
CA TYR A 864 -24.68 -10.29 2.70
C TYR A 864 -23.73 -11.47 2.93
N GLN A 865 -23.09 -11.52 4.11
CA GLN A 865 -21.99 -12.47 4.46
C GLN A 865 -22.56 -13.80 5.00
N GLU A 866 -23.89 -13.94 5.08
CA GLU A 866 -24.58 -15.22 5.39
C GLU A 866 -24.87 -15.97 4.09
N ARG A 867 -25.12 -15.25 2.99
CA ARG A 867 -25.53 -15.79 1.66
C ARG A 867 -24.38 -16.63 1.06
N LEU A 868 -23.14 -16.12 1.13
CA LEU A 868 -21.93 -16.74 0.53
C LEU A 868 -21.54 -17.99 1.34
N SER A 869 -22.06 -19.16 0.96
CA SER A 869 -21.85 -20.48 1.61
C SER A 869 -22.41 -20.47 3.04
N GLY A 870 -22.26 -21.59 3.76
CA GLY A 870 -22.71 -21.75 5.16
C GLY A 870 -23.00 -23.20 5.49
N ASN A 871 -22.52 -23.67 6.65
CA ASN A 871 -22.66 -25.06 7.14
C ASN A 871 -21.94 -26.02 6.19
N GLN A 872 -20.59 -26.00 6.21
CA GLN A 872 -19.72 -27.01 5.56
C GLN A 872 -19.02 -27.83 6.65
N ALA A 873 -19.70 -28.02 7.79
CA ALA A 873 -19.17 -28.69 9.01
C ALA A 873 -19.29 -30.21 8.88
N PRO A 874 -20.48 -30.79 8.56
CA PRO A 874 -20.58 -32.23 8.31
C PRO A 874 -19.61 -32.69 7.21
N SER A 875 -19.57 -31.94 6.10
CA SER A 875 -18.68 -32.15 4.93
C SER A 875 -17.23 -32.38 5.40
N LEU A 876 -16.73 -31.54 6.33
CA LEU A 876 -15.31 -31.54 6.77
C LEU A 876 -15.10 -32.55 7.90
N TYR A 877 -16.08 -32.78 8.77
CA TYR A 877 -15.98 -33.76 9.89
C TYR A 877 -16.21 -35.19 9.38
N ALA A 878 -16.85 -35.34 8.20
CA ALA A 878 -17.02 -36.64 7.51
C ALA A 878 -15.65 -37.14 7.04
N ILE A 879 -14.90 -36.30 6.31
CA ILE A 879 -13.54 -36.61 5.79
C ILE A 879 -12.56 -36.69 6.97
N SER A 880 -12.84 -36.00 8.07
CA SER A 880 -12.04 -36.05 9.33
C SER A 880 -12.11 -37.47 9.92
N LEU A 881 -13.31 -38.06 9.97
CA LEU A 881 -13.51 -39.47 10.43
C LEU A 881 -12.75 -40.41 9.49
N ILE A 882 -12.91 -40.22 8.18
CA ILE A 882 -12.38 -41.12 7.12
C ILE A 882 -10.85 -41.12 7.16
N VAL A 883 -10.22 -39.97 7.38
CA VAL A 883 -8.73 -39.83 7.45
C VAL A 883 -8.24 -40.45 8.76
N VAL A 884 -8.97 -40.27 9.87
CA VAL A 884 -8.66 -40.90 11.19
C VAL A 884 -8.73 -42.43 11.00
N PHE A 885 -9.78 -42.93 10.35
CA PHE A 885 -9.97 -44.37 10.04
C PHE A 885 -8.75 -44.90 9.29
N LEU A 886 -8.40 -44.24 8.18
CA LEU A 886 -7.28 -44.63 7.28
C LEU A 886 -5.96 -44.65 8.06
N CYS A 887 -5.68 -43.59 8.85
CA CYS A 887 -4.45 -43.45 9.66
C CYS A 887 -4.33 -44.62 10.65
N LEU A 888 -5.43 -44.94 11.34
CA LEU A 888 -5.51 -46.10 12.27
C LEU A 888 -5.29 -47.40 11.47
N ALA A 889 -5.93 -47.51 10.30
CA ALA A 889 -5.80 -48.69 9.39
C ALA A 889 -4.32 -48.92 9.07
N ALA A 890 -3.55 -47.85 8.84
CA ALA A 890 -2.11 -47.90 8.57
C ALA A 890 -1.36 -48.30 9.84
N LEU A 891 -1.78 -47.78 11.00
CA LEU A 891 -1.14 -48.03 12.33
C LEU A 891 -1.18 -49.52 12.67
N TYR A 892 -2.34 -50.17 12.51
CA TYR A 892 -2.61 -51.57 12.92
C TYR A 892 -2.45 -52.55 11.75
N GLU A 893 -2.37 -52.03 10.51
CA GLU A 893 -2.30 -52.86 9.27
C GLU A 893 -3.56 -53.75 9.23
N SER A 894 -4.74 -53.14 9.41
CA SER A 894 -6.05 -53.82 9.46
C SER A 894 -7.16 -52.84 9.06
N TRP A 895 -8.13 -53.28 8.25
CA TRP A 895 -9.31 -52.49 7.83
C TRP A 895 -10.36 -52.49 8.95
N SER A 896 -10.24 -53.36 9.96
CA SER A 896 -11.27 -53.61 11.00
C SER A 896 -10.85 -53.04 12.36
N ILE A 897 -9.60 -53.24 12.79
CA ILE A 897 -9.13 -52.88 14.16
C ILE A 897 -9.38 -51.39 14.44
N PRO A 898 -9.14 -50.46 13.48
CA PRO A 898 -9.58 -49.07 13.62
C PRO A 898 -10.93 -48.80 14.32
N PHE A 899 -11.93 -49.65 14.11
CA PHE A 899 -13.29 -49.51 14.69
C PHE A 899 -13.25 -49.63 16.21
N SER A 900 -12.37 -50.49 16.74
CA SER A 900 -12.17 -50.71 18.19
C SER A 900 -11.76 -49.40 18.89
N VAL A 901 -11.11 -48.49 18.15
CA VAL A 901 -10.68 -47.14 18.65
C VAL A 901 -11.81 -46.12 18.40
N MET A 902 -12.38 -46.12 17.19
CA MET A 902 -13.29 -45.04 16.70
C MET A 902 -14.65 -45.08 17.43
N LEU A 903 -15.00 -46.19 18.07
CA LEU A 903 -16.29 -46.35 18.78
C LEU A 903 -16.27 -45.61 20.13
N VAL A 904 -15.12 -45.09 20.59
CA VAL A 904 -15.02 -44.33 21.87
C VAL A 904 -15.46 -42.87 21.66
N VAL A 905 -15.72 -42.45 20.43
CA VAL A 905 -16.03 -41.01 20.10
C VAL A 905 -17.27 -40.59 20.88
N PRO A 906 -18.41 -41.32 20.81
CA PRO A 906 -19.58 -41.00 21.64
C PRO A 906 -19.38 -40.96 23.17
N LEU A 907 -18.44 -41.73 23.72
CA LEU A 907 -18.22 -41.86 25.19
C LEU A 907 -17.78 -40.50 25.76
N GLY A 908 -17.01 -39.73 24.99
CA GLY A 908 -16.60 -38.36 25.34
C GLY A 908 -17.71 -37.36 25.10
N VAL A 909 -18.39 -37.48 23.96
CA VAL A 909 -19.38 -36.47 23.47
C VAL A 909 -20.58 -36.46 24.43
N ILE A 910 -20.99 -37.62 24.96
CA ILE A 910 -22.19 -37.76 25.84
C ILE A 910 -22.01 -36.88 27.08
N GLY A 911 -20.83 -36.89 27.70
CA GLY A 911 -20.53 -36.15 28.94
C GLY A 911 -20.46 -34.66 28.70
N ALA A 912 -19.84 -34.25 27.59
CA ALA A 912 -19.78 -32.84 27.14
C ALA A 912 -21.21 -32.30 26.95
N LEU A 913 -22.03 -33.04 26.21
CA LEU A 913 -23.45 -32.69 25.90
C LEU A 913 -24.26 -32.62 27.21
N LEU A 914 -24.02 -33.53 28.16
CA LEU A 914 -24.72 -33.56 29.47
C LEU A 914 -24.34 -32.31 30.27
N ALA A 915 -23.04 -32.05 30.44
CA ALA A 915 -22.49 -30.91 31.22
C ALA A 915 -22.95 -29.58 30.60
N ALA A 916 -22.89 -29.46 29.27
CA ALA A 916 -23.27 -28.25 28.51
C ALA A 916 -24.77 -27.96 28.70
N THR A 917 -25.62 -28.98 28.52
CA THR A 917 -27.10 -28.88 28.70
C THR A 917 -27.42 -28.58 30.17
N PHE A 918 -26.78 -29.29 31.10
CA PHE A 918 -27.00 -29.16 32.57
C PHE A 918 -26.85 -27.69 32.99
N ARG A 919 -25.72 -27.08 32.62
CA ARG A 919 -25.33 -25.70 33.02
C ARG A 919 -26.00 -24.66 32.13
N GLY A 920 -26.71 -25.09 31.08
CA GLY A 920 -27.46 -24.20 30.18
C GLY A 920 -26.54 -23.43 29.24
N LEU A 921 -25.51 -24.12 28.71
CA LEU A 921 -24.54 -23.59 27.71
C LEU A 921 -24.99 -24.03 26.32
N THR A 922 -24.32 -23.53 25.27
CA THR A 922 -24.67 -23.75 23.84
C THR A 922 -23.57 -24.54 23.13
N ASN A 923 -23.89 -25.09 21.96
CA ASN A 923 -22.93 -25.72 21.00
C ASN A 923 -22.20 -24.59 20.25
N ASP A 924 -21.13 -24.04 20.84
CA ASP A 924 -20.37 -22.88 20.33
C ASP A 924 -18.97 -23.33 19.92
N VAL A 925 -18.18 -22.38 19.37
CA VAL A 925 -16.78 -22.59 18.92
C VAL A 925 -15.98 -23.26 20.05
N TYR A 926 -16.11 -22.73 21.28
CA TYR A 926 -15.35 -23.17 22.48
C TYR A 926 -15.75 -24.61 22.85
N PHE A 927 -17.03 -24.96 22.72
CA PHE A 927 -17.56 -26.32 23.00
C PHE A 927 -17.00 -27.32 21.97
N GLN A 928 -17.00 -26.94 20.69
CA GLN A 928 -16.62 -27.80 19.54
C GLN A 928 -15.14 -28.17 19.61
N VAL A 929 -14.25 -27.20 19.91
CA VAL A 929 -12.77 -27.41 19.94
C VAL A 929 -12.39 -28.16 21.23
N GLY A 930 -13.11 -27.91 22.33
CA GLY A 930 -12.96 -28.66 23.59
C GLY A 930 -13.39 -30.10 23.43
N LEU A 931 -14.43 -30.32 22.62
CA LEU A 931 -14.99 -31.66 22.30
C LEU A 931 -13.98 -32.45 21.45
N LEU A 932 -13.26 -31.79 20.54
CA LEU A 932 -12.20 -32.41 19.68
C LEU A 932 -11.03 -32.88 20.58
N THR A 933 -10.65 -32.06 21.57
CA THR A 933 -9.57 -32.38 22.54
C THR A 933 -9.99 -33.56 23.42
N THR A 934 -11.28 -33.64 23.77
CA THR A 934 -11.89 -34.76 24.54
C THR A 934 -11.85 -36.03 23.67
N ILE A 935 -12.38 -35.95 22.44
CA ILE A 935 -12.38 -37.07 21.45
C ILE A 935 -10.94 -37.51 21.18
N GLY A 936 -10.01 -36.54 21.11
CA GLY A 936 -8.58 -36.76 20.83
C GLY A 936 -7.92 -37.65 21.88
N LEU A 937 -8.11 -37.32 23.16
CA LEU A 937 -7.49 -38.04 24.30
C LEU A 937 -8.13 -39.42 24.47
N SER A 938 -9.46 -39.52 24.35
CA SER A 938 -10.22 -40.79 24.49
C SER A 938 -9.80 -41.77 23.39
N ALA A 939 -9.53 -41.25 22.18
CA ALA A 939 -9.00 -42.01 21.03
C ALA A 939 -7.56 -42.46 21.32
N LYS A 940 -6.74 -41.56 21.86
CA LYS A 940 -5.31 -41.79 22.17
C LYS A 940 -5.15 -42.91 23.21
N ASN A 941 -6.02 -42.93 24.22
CA ASN A 941 -6.03 -43.97 25.29
C ASN A 941 -6.41 -45.32 24.67
N ALA A 942 -7.47 -45.34 23.87
CA ALA A 942 -8.02 -46.53 23.19
C ALA A 942 -6.98 -47.09 22.22
N ILE A 943 -6.21 -46.22 21.56
CA ILE A 943 -5.13 -46.63 20.60
C ILE A 943 -4.09 -47.46 21.36
N LEU A 944 -3.61 -46.96 22.50
CA LEU A 944 -2.54 -47.59 23.31
C LEU A 944 -3.06 -48.90 23.96
N ILE A 945 -4.36 -48.99 24.26
CA ILE A 945 -4.98 -50.22 24.83
C ILE A 945 -4.92 -51.33 23.78
N VAL A 946 -5.48 -51.10 22.59
CA VAL A 946 -5.58 -52.12 21.50
C VAL A 946 -4.20 -52.30 20.86
N GLU A 947 -3.30 -51.32 20.98
CA GLU A 947 -1.88 -51.43 20.53
C GLU A 947 -1.16 -52.45 21.44
N PHE A 948 -1.32 -52.30 22.76
CA PHE A 948 -0.73 -53.18 23.80
C PHE A 948 -1.35 -54.58 23.72
N ALA A 949 -2.67 -54.67 23.49
CA ALA A 949 -3.42 -55.93 23.32
C ALA A 949 -2.87 -56.67 22.09
N LYS A 950 -2.92 -56.02 20.92
CA LYS A 950 -2.45 -56.56 19.61
C LYS A 950 -0.95 -56.91 19.71
N ASP A 951 -0.17 -56.15 20.49
CA ASP A 951 1.27 -56.40 20.73
C ASP A 951 1.44 -57.77 21.42
N LEU A 952 0.71 -57.99 22.52
CA LEU A 952 0.79 -59.23 23.33
C LEU A 952 0.36 -60.44 22.48
N MET A 953 -0.61 -60.25 21.58
CA MET A 953 -1.16 -61.33 20.71
C MET A 953 -0.16 -61.68 19.60
N ASP A 954 0.63 -60.71 19.12
CA ASP A 954 1.55 -60.87 17.96
C ASP A 954 2.96 -61.23 18.45
N LYS A 955 3.45 -60.58 19.50
CA LYS A 955 4.84 -60.72 20.02
C LYS A 955 4.91 -61.83 21.08
N GLU A 956 4.04 -61.76 22.10
CA GLU A 956 4.02 -62.69 23.27
C GLU A 956 3.16 -63.92 22.95
N GLY A 957 2.20 -63.80 22.03
CA GLY A 957 1.39 -64.92 21.51
C GLY A 957 0.20 -65.25 22.39
N LYS A 958 -0.25 -64.30 23.23
CA LYS A 958 -1.38 -64.48 24.19
C LYS A 958 -2.71 -64.49 23.43
N GLY A 959 -3.76 -65.05 24.04
CA GLY A 959 -5.11 -65.13 23.47
C GLY A 959 -5.83 -63.80 23.53
N LEU A 960 -6.98 -63.68 22.85
CA LEU A 960 -7.75 -62.42 22.71
C LEU A 960 -8.09 -61.86 24.10
N ILE A 961 -8.55 -62.70 25.03
CA ILE A 961 -9.07 -62.27 26.37
C ILE A 961 -7.89 -61.96 27.29
N GLU A 962 -6.89 -62.84 27.35
CA GLU A 962 -5.70 -62.68 28.25
C GLU A 962 -4.95 -61.39 27.86
N ALA A 963 -4.85 -61.11 26.56
CA ALA A 963 -4.18 -59.92 25.99
C ALA A 963 -4.91 -58.65 26.41
N THR A 964 -6.24 -58.60 26.21
CA THR A 964 -7.13 -57.45 26.52
C THR A 964 -7.03 -57.10 28.00
N LEU A 965 -7.10 -58.11 28.89
CA LEU A 965 -7.06 -57.92 30.36
C LEU A 965 -5.67 -57.43 30.79
N ASP A 966 -4.61 -58.06 30.27
CA ASP A 966 -3.19 -57.65 30.55
C ASP A 966 -2.97 -56.24 30.01
N ALA A 967 -3.60 -55.89 28.88
CA ALA A 967 -3.47 -54.57 28.20
C ALA A 967 -4.07 -53.47 29.09
N VAL A 968 -5.37 -53.55 29.38
CA VAL A 968 -6.13 -52.51 30.15
C VAL A 968 -5.56 -52.40 31.58
N ARG A 969 -5.04 -53.50 32.13
CA ARG A 969 -4.33 -53.54 33.43
C ARG A 969 -3.18 -52.52 33.38
N MET A 970 -2.36 -52.58 32.32
CA MET A 970 -1.15 -51.76 32.13
C MET A 970 -1.52 -50.30 31.85
N ARG A 971 -2.65 -50.05 31.17
CA ARG A 971 -3.05 -48.70 30.67
C ARG A 971 -3.98 -47.97 31.66
N LEU A 972 -4.59 -48.69 32.62
CA LEU A 972 -5.58 -48.13 33.59
C LEU A 972 -4.96 -46.93 34.32
N ARG A 973 -3.69 -47.03 34.74
CA ARG A 973 -3.00 -46.02 35.60
C ARG A 973 -2.72 -44.74 34.80
N PRO A 974 -1.97 -44.78 33.68
CA PRO A 974 -1.67 -43.56 32.93
C PRO A 974 -2.91 -42.83 32.38
N ILE A 975 -4.00 -43.55 32.10
CA ILE A 975 -5.30 -42.96 31.65
C ILE A 975 -5.85 -42.08 32.78
N LEU A 976 -5.95 -42.62 34.00
CA LEU A 976 -6.49 -41.92 35.19
C LEU A 976 -5.53 -40.79 35.61
N MET A 977 -4.23 -40.97 35.41
CA MET A 977 -3.19 -39.94 35.67
C MET A 977 -3.45 -38.70 34.81
N THR A 978 -3.64 -38.88 33.49
CA THR A 978 -3.93 -37.80 32.52
C THR A 978 -5.33 -37.23 32.78
N SER A 979 -6.32 -38.09 33.01
CA SER A 979 -7.74 -37.70 33.23
C SER A 979 -7.85 -36.81 34.47
N LEU A 980 -7.32 -37.24 35.61
CA LEU A 980 -7.37 -36.47 36.89
C LEU A 980 -6.65 -35.14 36.72
N ALA A 981 -5.45 -35.16 36.11
CA ALA A 981 -4.57 -33.98 35.90
C ALA A 981 -5.29 -32.92 35.06
N PHE A 982 -5.94 -33.34 33.97
CA PHE A 982 -6.58 -32.46 32.97
C PHE A 982 -7.96 -32.00 33.47
N ILE A 983 -8.73 -32.89 34.09
CA ILE A 983 -10.05 -32.56 34.72
C ILE A 983 -9.81 -31.51 35.81
N LEU A 984 -8.72 -31.63 36.58
CA LEU A 984 -8.37 -30.70 37.68
C LEU A 984 -7.71 -29.44 37.09
N GLY A 985 -7.02 -29.57 35.95
CA GLY A 985 -6.41 -28.45 35.20
C GLY A 985 -7.43 -27.43 34.73
N VAL A 986 -8.64 -27.89 34.37
CA VAL A 986 -9.74 -27.05 33.81
C VAL A 986 -10.77 -26.69 34.89
N MET A 987 -10.52 -27.05 36.15
CA MET A 987 -11.36 -26.62 37.31
C MET A 987 -11.36 -25.08 37.41
N PRO A 988 -10.20 -24.40 37.37
CA PRO A 988 -10.18 -22.94 37.35
C PRO A 988 -11.06 -22.33 36.25
N LEU A 989 -11.19 -22.99 35.09
CA LEU A 989 -12.02 -22.51 33.95
C LEU A 989 -13.52 -22.57 34.31
N VAL A 990 -14.00 -23.69 34.84
CA VAL A 990 -15.45 -23.91 35.12
C VAL A 990 -15.89 -22.99 36.28
N ILE A 991 -15.00 -22.75 37.25
CA ILE A 991 -15.31 -21.95 38.48
C ILE A 991 -15.20 -20.46 38.17
N SER A 992 -14.24 -20.06 37.32
CA SER A 992 -13.86 -18.63 37.07
C SER A 992 -15.12 -17.77 36.87
N THR A 993 -15.10 -16.57 37.44
CA THR A 993 -16.07 -15.47 37.20
C THR A 993 -15.26 -14.20 36.90
N GLY A 994 -15.92 -13.16 36.40
CA GLY A 994 -15.29 -11.88 36.04
C GLY A 994 -14.80 -11.86 34.61
N ALA A 995 -13.54 -11.47 34.39
CA ALA A 995 -12.99 -11.09 33.07
C ALA A 995 -12.89 -12.32 32.16
N GLY A 996 -13.83 -12.46 31.23
CA GLY A 996 -13.84 -13.50 30.19
C GLY A 996 -14.33 -14.84 30.72
N SER A 997 -15.30 -14.84 31.63
CA SER A 997 -15.91 -16.05 32.26
C SER A 997 -16.65 -16.86 31.19
N GLY A 998 -17.48 -16.19 30.38
CA GLY A 998 -18.28 -16.79 29.30
C GLY A 998 -17.47 -17.80 28.50
N ALA A 999 -16.33 -17.38 27.95
CA ALA A 999 -15.39 -18.20 27.16
C ALA A 999 -14.79 -19.30 28.05
N GLN A 1000 -14.22 -18.92 29.19
CA GLN A 1000 -13.52 -19.84 30.13
C GLN A 1000 -14.48 -20.95 30.57
N ASN A 1001 -15.70 -20.59 30.99
CA ASN A 1001 -16.75 -21.53 31.44
C ASN A 1001 -17.10 -22.50 30.29
N ALA A 1002 -17.23 -21.97 29.06
CA ALA A 1002 -17.63 -22.73 27.85
C ALA A 1002 -16.58 -23.79 27.51
N VAL A 1003 -15.29 -23.44 27.62
CA VAL A 1003 -14.15 -24.35 27.33
C VAL A 1003 -14.12 -25.46 28.39
N GLY A 1004 -14.07 -25.07 29.67
CA GLY A 1004 -13.85 -25.97 30.82
C GLY A 1004 -14.94 -27.00 31.02
N THR A 1005 -16.21 -26.62 30.85
CA THR A 1005 -17.41 -27.47 31.13
C THR A 1005 -17.47 -28.63 30.13
N GLY A 1006 -17.46 -28.32 28.83
CA GLY A 1006 -17.48 -29.30 27.73
C GLY A 1006 -16.33 -30.28 27.84
N VAL A 1007 -15.17 -29.81 28.33
CA VAL A 1007 -13.96 -30.64 28.53
C VAL A 1007 -14.16 -31.51 29.79
N MET A 1008 -14.50 -30.90 30.92
CA MET A 1008 -14.63 -31.61 32.23
C MET A 1008 -15.68 -32.72 32.12
N GLY A 1009 -16.92 -32.37 31.78
CA GLY A 1009 -18.01 -33.33 31.54
C GLY A 1009 -17.59 -34.40 30.55
N GLY A 1010 -16.98 -33.98 29.45
CA GLY A 1010 -16.48 -34.86 28.38
C GLY A 1010 -15.39 -35.80 28.85
N MET A 1011 -14.46 -35.32 29.69
CA MET A 1011 -13.33 -36.13 30.21
C MET A 1011 -13.82 -37.14 31.26
N VAL A 1012 -14.82 -36.77 32.07
CA VAL A 1012 -15.38 -37.64 33.15
C VAL A 1012 -16.00 -38.90 32.52
N THR A 1013 -16.90 -38.74 31.54
CA THR A 1013 -17.60 -39.87 30.86
C THR A 1013 -16.59 -40.64 30.00
N ALA A 1014 -15.76 -39.94 29.22
CA ALA A 1014 -14.75 -40.53 28.32
C ALA A 1014 -13.77 -41.41 29.11
N THR A 1015 -13.44 -41.03 30.35
CA THR A 1015 -12.50 -41.78 31.22
C THR A 1015 -13.17 -43.05 31.75
N VAL A 1016 -14.30 -42.91 32.47
CA VAL A 1016 -14.91 -44.03 33.26
C VAL A 1016 -15.56 -45.04 32.30
N LEU A 1017 -16.13 -44.59 31.17
CA LEU A 1017 -16.81 -45.49 30.19
C LEU A 1017 -15.76 -46.25 29.37
N ALA A 1018 -14.71 -45.55 28.89
CA ALA A 1018 -13.72 -46.10 27.93
C ALA A 1018 -12.94 -47.25 28.56
N ILE A 1019 -12.58 -47.16 29.85
CA ILE A 1019 -11.79 -48.23 30.56
C ILE A 1019 -12.60 -49.54 30.56
N PHE A 1020 -13.93 -49.46 30.50
CA PHE A 1020 -14.84 -50.65 30.47
C PHE A 1020 -15.17 -51.01 29.01
N PHE A 1021 -15.44 -50.02 28.15
CA PHE A 1021 -16.04 -50.22 26.80
C PHE A 1021 -14.98 -50.52 25.73
N VAL A 1022 -13.73 -50.07 25.89
CA VAL A 1022 -12.64 -50.29 24.89
C VAL A 1022 -12.35 -51.79 24.79
N PRO A 1023 -12.15 -52.53 25.91
CA PRO A 1023 -12.11 -53.99 25.86
C PRO A 1023 -13.24 -54.62 25.05
N VAL A 1024 -14.47 -54.15 25.26
CA VAL A 1024 -15.69 -54.67 24.57
C VAL A 1024 -15.55 -54.42 23.07
N PHE A 1025 -15.15 -53.21 22.67
CA PHE A 1025 -15.00 -52.78 21.26
C PHE A 1025 -13.92 -53.64 20.58
N PHE A 1026 -12.78 -53.86 21.24
CA PHE A 1026 -11.65 -54.65 20.70
C PHE A 1026 -12.09 -56.11 20.50
N VAL A 1027 -12.57 -56.75 21.58
CA VAL A 1027 -12.91 -58.20 21.61
C VAL A 1027 -14.04 -58.50 20.61
N VAL A 1028 -15.04 -57.61 20.49
CA VAL A 1028 -16.16 -57.75 19.52
C VAL A 1028 -15.59 -57.68 18.10
N VAL A 1029 -14.82 -56.63 17.79
CA VAL A 1029 -14.27 -56.35 16.43
C VAL A 1029 -13.35 -57.50 16.03
N ARG A 1030 -12.44 -57.94 16.90
CA ARG A 1030 -11.41 -58.97 16.59
C ARG A 1030 -12.08 -60.33 16.33
N ARG A 1031 -13.26 -60.59 16.89
CA ARG A 1031 -14.06 -61.83 16.62
C ARG A 1031 -14.74 -61.68 15.25
N ARG A 1032 -15.46 -60.58 15.04
CA ARG A 1032 -16.27 -60.29 13.82
C ARG A 1032 -15.40 -60.44 12.56
N PHE A 1033 -14.10 -60.10 12.63
CA PHE A 1033 -13.17 -60.09 11.47
C PHE A 1033 -11.89 -60.88 11.77
N SER A 1034 -11.89 -62.18 11.45
CA SER A 1034 -10.74 -63.13 11.51
C SER A 1034 -11.26 -64.55 11.22
N ARG A 1035 -10.48 -65.60 11.54
CA ARG A 1035 -10.96 -67.01 11.46
C ARG A 1035 -10.09 -67.99 12.28
N LYS A 1036 -9.12 -67.52 13.07
CA LYS A 1036 -8.20 -68.42 13.83
C LYS A 1036 -7.79 -67.77 15.17
N ASN A 1037 -7.95 -68.53 16.26
CA ASN A 1037 -7.21 -68.45 17.55
C ASN A 1037 -7.87 -67.47 18.55
N GLU A 1038 -8.34 -68.06 19.66
CA GLU A 1038 -8.64 -67.40 20.96
C GLU A 1038 -7.70 -67.96 22.03
N ASP A 1039 -6.70 -68.76 21.61
CA ASP A 1039 -5.81 -69.57 22.48
C ASP A 1039 -4.36 -69.08 22.32
N ILE A 1040 -3.46 -69.53 23.21
CA ILE A 1040 -2.00 -69.25 23.17
C ILE A 1040 -1.41 -69.96 21.95
N GLU A 1041 -0.46 -69.31 21.26
CA GLU A 1041 0.25 -69.88 20.08
C GLU A 1041 1.47 -69.01 19.75
N HIS A 1042 2.41 -69.53 18.96
CA HIS A 1042 3.64 -68.82 18.53
C HIS A 1042 4.06 -69.27 17.12
N MET B 1 27.74 -37.14 7.32
CA MET B 1 27.68 -36.35 6.05
C MET B 1 29.06 -36.30 5.39
N PRO B 2 30.17 -36.05 6.13
CA PRO B 2 31.51 -36.20 5.55
C PRO B 2 31.77 -37.61 4.98
N ASN B 3 31.37 -38.66 5.69
CA ASN B 3 31.54 -40.08 5.28
C ASN B 3 30.69 -40.37 4.05
N PHE B 4 29.55 -39.68 3.91
CA PHE B 4 28.66 -39.75 2.71
C PHE B 4 29.43 -39.27 1.48
N PHE B 5 30.05 -38.09 1.57
CA PHE B 5 30.66 -37.36 0.43
C PHE B 5 32.12 -37.79 0.21
N ILE B 6 32.73 -38.54 1.14
CA ILE B 6 34.08 -39.16 0.93
C ILE B 6 33.92 -40.29 -0.10
N ASP B 7 32.83 -41.07 0.00
CA ASP B 7 32.50 -42.19 -0.93
C ASP B 7 31.87 -41.63 -2.22
N ARG B 8 31.38 -40.40 -2.21
CA ARG B 8 30.65 -39.76 -3.33
C ARG B 8 31.32 -38.43 -3.69
N PRO B 9 32.57 -38.45 -4.21
CA PRO B 9 33.26 -37.22 -4.60
C PRO B 9 32.64 -36.47 -5.80
N ILE B 10 31.92 -37.16 -6.68
CA ILE B 10 31.27 -36.55 -7.87
C ILE B 10 30.06 -35.72 -7.39
N PHE B 11 29.23 -36.27 -6.50
CA PHE B 11 28.10 -35.54 -5.86
C PHE B 11 28.65 -34.27 -5.22
N ALA B 12 29.74 -34.38 -4.45
CA ALA B 12 30.46 -33.25 -3.82
C ALA B 12 30.79 -32.21 -4.89
N TRP B 13 31.36 -32.65 -6.02
CA TRP B 13 31.71 -31.78 -7.19
C TRP B 13 30.44 -31.16 -7.79
N VAL B 14 29.35 -31.93 -7.89
CA VAL B 14 28.05 -31.45 -8.45
C VAL B 14 27.55 -30.27 -7.60
N ILE B 15 27.56 -30.43 -6.27
CA ILE B 15 27.11 -29.37 -5.31
C ILE B 15 28.05 -28.16 -5.44
N ALA B 16 29.36 -28.39 -5.53
CA ALA B 16 30.40 -27.35 -5.74
C ALA B 16 30.10 -26.58 -7.04
N ILE B 17 29.85 -27.30 -8.14
CA ILE B 17 29.56 -26.72 -9.49
C ILE B 17 28.29 -25.86 -9.39
N ILE B 18 27.20 -26.40 -8.81
CA ILE B 18 25.90 -25.70 -8.68
C ILE B 18 26.11 -24.41 -7.88
N ILE B 19 26.82 -24.46 -6.74
CA ILE B 19 27.10 -23.28 -5.88
C ILE B 19 27.86 -22.24 -6.71
N MET B 20 28.81 -22.66 -7.54
CA MET B 20 29.69 -21.76 -8.33
C MET B 20 28.88 -21.06 -9.44
N LEU B 21 28.04 -21.80 -10.17
CA LEU B 21 27.22 -21.25 -11.30
C LEU B 21 26.20 -20.25 -10.74
N ALA B 22 25.52 -20.60 -9.65
CA ALA B 22 24.57 -19.73 -8.92
C ALA B 22 25.29 -18.45 -8.45
N GLY B 23 26.47 -18.60 -7.86
CA GLY B 23 27.28 -17.50 -7.31
C GLY B 23 27.86 -16.61 -8.39
N GLY B 24 28.44 -17.21 -9.44
CA GLY B 24 29.02 -16.50 -10.58
C GLY B 24 27.98 -15.68 -11.32
N LEU B 25 26.82 -16.29 -11.60
CA LEU B 25 25.63 -15.62 -12.20
C LEU B 25 25.28 -14.39 -11.34
N ALA B 26 25.10 -14.60 -10.03
CA ALA B 26 24.70 -13.57 -9.04
C ALA B 26 25.74 -12.44 -9.00
N ALA B 27 27.04 -12.77 -9.07
CA ALA B 27 28.16 -11.81 -9.02
C ALA B 27 28.03 -10.77 -10.14
N LEU B 28 27.66 -11.21 -11.35
CA LEU B 28 27.57 -10.36 -12.56
C LEU B 28 26.23 -9.60 -12.58
N LYS B 29 25.15 -10.20 -12.06
CA LYS B 29 23.76 -9.70 -12.18
C LYS B 29 23.32 -8.94 -10.92
N LEU B 30 24.07 -9.01 -9.82
CA LEU B 30 23.77 -8.21 -8.60
C LEU B 30 24.10 -6.75 -8.87
N PRO B 31 23.33 -5.79 -8.34
CA PRO B 31 23.63 -4.37 -8.52
C PRO B 31 24.82 -3.95 -7.68
N VAL B 32 25.73 -3.16 -8.26
CA VAL B 32 26.84 -2.47 -7.53
C VAL B 32 26.32 -1.10 -7.09
N ALA B 33 26.59 -0.74 -5.83
CA ALA B 33 26.32 0.60 -5.26
C ALA B 33 27.49 0.95 -4.34
N GLN B 34 27.53 2.19 -3.83
CA GLN B 34 28.52 2.61 -2.81
C GLN B 34 28.02 2.12 -1.44
N TYR B 35 26.77 2.43 -1.13
CA TYR B 35 26.08 2.04 0.13
C TYR B 35 24.66 1.60 -0.20
N PRO B 36 24.05 0.73 0.64
CA PRO B 36 22.65 0.37 0.49
C PRO B 36 21.79 1.42 1.21
N THR B 37 20.47 1.35 1.05
CA THR B 37 19.50 2.18 1.80
C THR B 37 19.67 1.90 3.30
N ILE B 38 20.07 2.92 4.06
CA ILE B 38 20.37 2.80 5.52
C ILE B 38 19.35 3.65 6.29
N ALA B 39 19.24 4.93 5.96
CA ALA B 39 18.31 5.90 6.57
C ALA B 39 16.86 5.42 6.41
N PRO B 40 15.97 5.71 7.38
CA PRO B 40 14.58 5.28 7.30
C PRO B 40 13.80 6.10 6.28
N PRO B 41 12.70 5.57 5.69
CA PRO B 41 12.03 6.25 4.59
C PRO B 41 11.47 7.59 5.08
N ALA B 42 11.86 8.68 4.44
CA ALA B 42 11.32 10.03 4.68
C ALA B 42 10.66 10.53 3.38
N VAL B 43 9.61 11.32 3.52
CA VAL B 43 8.89 11.97 2.39
C VAL B 43 8.91 13.48 2.65
N THR B 44 9.37 14.25 1.67
CA THR B 44 9.52 15.72 1.73
C THR B 44 8.45 16.38 0.85
N ILE B 45 7.52 17.11 1.47
CA ILE B 45 6.59 18.05 0.76
C ILE B 45 7.33 19.38 0.58
N SER B 46 7.26 19.96 -0.63
CA SER B 46 8.00 21.19 -1.02
C SER B 46 7.09 22.10 -1.85
N ALA B 47 7.01 23.38 -1.49
CA ALA B 47 6.15 24.38 -2.17
C ALA B 47 6.83 25.75 -2.19
N SER B 48 6.50 26.56 -3.21
CA SER B 48 7.00 27.94 -3.40
C SER B 48 5.82 28.91 -3.37
N TYR B 49 5.95 29.99 -2.61
CA TYR B 49 5.05 31.16 -2.61
C TYR B 49 5.90 32.38 -2.99
N PRO B 50 6.09 32.66 -4.31
CA PRO B 50 6.95 33.75 -4.74
C PRO B 50 6.63 35.08 -4.05
N GLY B 51 7.64 35.69 -3.42
CA GLY B 51 7.56 37.00 -2.74
C GLY B 51 7.11 36.89 -1.30
N ALA B 52 6.90 35.67 -0.80
CA ALA B 52 6.32 35.41 0.54
C ALA B 52 7.44 35.41 1.58
N ASP B 53 7.18 36.06 2.72
CA ASP B 53 7.99 36.00 3.96
C ASP B 53 7.69 34.67 4.68
N ALA B 54 8.57 34.28 5.60
CA ALA B 54 8.52 33.01 6.37
C ALA B 54 7.15 32.83 7.02
N LYS B 55 6.66 33.87 7.70
CA LYS B 55 5.40 33.80 8.50
C LYS B 55 4.22 33.62 7.54
N THR B 56 4.19 34.34 6.42
CA THR B 56 3.13 34.25 5.38
C THR B 56 3.08 32.81 4.85
N VAL B 57 4.24 32.22 4.57
CA VAL B 57 4.37 30.81 4.09
C VAL B 57 3.85 29.88 5.19
N GLN B 58 4.33 30.05 6.42
CA GLN B 58 3.98 29.17 7.58
C GLN B 58 2.46 29.22 7.81
N ASP B 59 1.87 30.40 7.81
CA ASP B 59 0.51 30.66 8.35
C ASP B 59 -0.55 30.46 7.26
N THR B 60 -0.16 30.32 5.98
CA THR B 60 -1.11 30.02 4.86
C THR B 60 -0.82 28.65 4.22
N VAL B 61 0.39 28.09 4.38
CA VAL B 61 0.78 26.83 3.67
C VAL B 61 1.17 25.77 4.70
N THR B 62 2.21 26.01 5.49
CA THR B 62 2.88 24.98 6.35
C THR B 62 1.89 24.43 7.38
N GLN B 63 1.14 25.31 8.07
CA GLN B 63 0.18 24.92 9.13
C GLN B 63 -0.99 24.16 8.50
N VAL B 64 -1.47 24.63 7.34
CA VAL B 64 -2.63 24.04 6.62
C VAL B 64 -2.28 22.62 6.16
N ILE B 65 -1.08 22.41 5.61
CA ILE B 65 -0.60 21.07 5.17
C ILE B 65 -0.42 20.19 6.42
N GLU B 66 0.38 20.64 7.38
CA GLU B 66 0.70 19.92 8.65
C GLU B 66 -0.59 19.44 9.34
N GLN B 67 -1.65 20.26 9.33
CA GLN B 67 -2.94 19.97 10.00
C GLN B 67 -3.67 18.83 9.27
N ASN B 68 -3.25 18.49 8.05
CA ASN B 68 -3.95 17.52 7.15
C ASN B 68 -3.12 16.24 6.98
N MET B 69 -2.05 16.06 7.75
CA MET B 69 -1.14 14.88 7.62
C MET B 69 -1.64 13.74 8.53
N ASN B 70 -2.96 13.61 8.66
CA ASN B 70 -3.62 12.62 9.54
C ASN B 70 -3.91 11.33 8.76
N GLY B 71 -3.96 10.19 9.44
CA GLY B 71 -4.41 8.90 8.88
C GLY B 71 -3.35 8.25 7.99
N ILE B 72 -2.11 8.77 8.03
CA ILE B 72 -0.92 8.17 7.37
C ILE B 72 -0.30 7.16 8.34
N ASP B 73 0.14 6.01 7.83
CA ASP B 73 0.63 4.86 8.65
C ASP B 73 2.15 4.99 8.85
N ASN B 74 2.62 4.63 10.06
CA ASN B 74 4.03 4.38 10.42
C ASN B 74 4.85 5.67 10.38
N LEU B 75 4.21 6.82 10.65
CA LEU B 75 4.90 8.13 10.79
C LEU B 75 5.54 8.18 12.18
N MET B 76 6.87 8.35 12.25
CA MET B 76 7.64 8.49 13.52
C MET B 76 7.52 9.94 14.00
N TYR B 77 7.90 10.88 13.13
CA TYR B 77 7.85 12.34 13.40
C TYR B 77 7.76 13.13 12.09
N MET B 78 7.41 14.40 12.23
CA MET B 78 7.19 15.39 11.14
C MET B 78 7.89 16.69 11.52
N SER B 79 8.64 17.29 10.59
CA SER B 79 9.37 18.57 10.79
C SER B 79 9.16 19.47 9.56
N SER B 80 9.18 20.78 9.73
CA SER B 80 8.94 21.74 8.62
C SER B 80 9.76 23.02 8.81
N ASN B 81 10.18 23.62 7.68
CA ASN B 81 10.82 24.96 7.58
C ASN B 81 9.97 25.83 6.65
N SER B 82 9.54 27.00 7.13
CA SER B 82 8.91 28.08 6.33
C SER B 82 9.90 29.26 6.34
N ASP B 83 10.35 29.72 5.17
CA ASP B 83 11.46 30.72 5.09
C ASP B 83 11.13 31.84 4.10
N SER B 84 11.96 32.88 4.09
CA SER B 84 11.68 34.21 3.47
C SER B 84 11.97 34.20 1.97
N THR B 85 12.46 33.09 1.42
CA THR B 85 12.65 32.90 -0.05
C THR B 85 11.38 32.34 -0.68
N GLY B 86 10.26 32.35 0.06
CA GLY B 86 8.94 31.90 -0.40
C GLY B 86 8.76 30.39 -0.28
N THR B 87 9.74 29.68 0.28
CA THR B 87 9.82 28.20 0.30
C THR B 87 9.24 27.65 1.62
N VAL B 88 8.54 26.52 1.52
CA VAL B 88 8.24 25.60 2.66
C VAL B 88 8.81 24.23 2.30
N GLN B 89 9.29 23.49 3.31
CA GLN B 89 9.74 22.09 3.15
C GLN B 89 9.29 21.29 4.38
N ILE B 90 8.33 20.39 4.21
CA ILE B 90 7.80 19.50 5.29
C ILE B 90 8.36 18.09 5.07
N THR B 91 9.25 17.63 5.95
CA THR B 91 9.83 16.26 5.93
C THR B 91 9.04 15.38 6.90
N LEU B 92 8.38 14.34 6.39
CA LEU B 92 7.74 13.26 7.20
C LEU B 92 8.65 12.03 7.17
N THR B 93 9.20 11.65 8.33
CA THR B 93 10.11 10.49 8.50
C THR B 93 9.32 9.31 9.06
N PHE B 94 9.45 8.14 8.42
CA PHE B 94 8.64 6.92 8.70
C PHE B 94 9.50 5.86 9.39
N GLU B 95 8.84 4.82 9.92
CA GLU B 95 9.48 3.65 10.57
C GLU B 95 10.34 2.94 9.52
N SER B 96 11.52 2.45 9.93
CA SER B 96 12.37 1.54 9.13
C SER B 96 11.54 0.30 8.75
N GLY B 97 11.54 -0.07 7.47
CA GLY B 97 10.79 -1.22 6.95
C GLY B 97 9.44 -0.82 6.39
N THR B 98 9.08 0.47 6.49
CA THR B 98 7.88 1.05 5.82
C THR B 98 8.11 1.05 4.31
N ASP B 99 7.10 0.69 3.52
CA ASP B 99 7.12 0.83 2.04
C ASP B 99 7.09 2.33 1.72
N ALA B 100 8.18 2.84 1.14
CA ALA B 100 8.38 4.28 0.81
C ALA B 100 7.34 4.75 -0.20
N ASP B 101 6.90 3.86 -1.10
CA ASP B 101 5.90 4.17 -2.16
C ASP B 101 4.53 4.38 -1.50
N ILE B 102 4.18 3.54 -0.53
CA ILE B 102 2.91 3.65 0.27
C ILE B 102 2.98 4.91 1.14
N ALA B 103 4.11 5.15 1.81
CA ALA B 103 4.33 6.34 2.66
C ALA B 103 4.16 7.60 1.80
N GLN B 104 4.65 7.59 0.56
CA GLN B 104 4.65 8.77 -0.34
C GLN B 104 3.24 9.02 -0.88
N VAL B 105 2.55 7.99 -1.34
CA VAL B 105 1.17 8.11 -1.90
C VAL B 105 0.22 8.55 -0.78
N GLN B 106 0.41 8.04 0.43
CA GLN B 106 -0.46 8.37 1.60
C GLN B 106 -0.27 9.86 1.93
N VAL B 107 0.97 10.35 1.91
CA VAL B 107 1.29 11.79 2.14
C VAL B 107 0.68 12.62 1.01
N GLN B 108 0.94 12.24 -0.24
CA GLN B 108 0.46 12.92 -1.47
C GLN B 108 -1.07 13.00 -1.44
N ASN B 109 -1.75 11.90 -1.09
CA ASN B 109 -3.23 11.80 -1.08
C ASN B 109 -3.80 12.79 -0.06
N LYS B 110 -3.23 12.88 1.14
CA LYS B 110 -3.71 13.81 2.20
C LYS B 110 -3.43 15.26 1.78
N LEU B 111 -2.32 15.50 1.06
CA LEU B 111 -1.97 16.84 0.52
C LEU B 111 -3.04 17.28 -0.49
N GLN B 112 -3.37 16.43 -1.47
CA GLN B 112 -4.34 16.72 -2.56
C GLN B 112 -5.65 17.28 -1.97
N LEU B 113 -6.08 16.77 -0.81
CA LEU B 113 -7.36 17.15 -0.17
C LEU B 113 -7.18 18.44 0.63
N ALA B 114 -5.94 18.81 0.96
CA ALA B 114 -5.56 20.08 1.64
C ALA B 114 -5.28 21.19 0.62
N MET B 115 -5.17 20.85 -0.68
CA MET B 115 -4.76 21.79 -1.76
C MET B 115 -5.79 22.91 -1.93
N PRO B 116 -7.12 22.63 -1.91
CA PRO B 116 -8.12 23.70 -1.95
C PRO B 116 -8.01 24.77 -0.84
N LEU B 117 -7.31 24.47 0.26
CA LEU B 117 -7.18 25.37 1.45
C LEU B 117 -5.95 26.26 1.31
N LEU B 118 -5.05 25.96 0.36
CA LEU B 118 -3.79 26.72 0.15
C LEU B 118 -4.10 27.97 -0.67
N PRO B 119 -3.19 28.98 -0.72
CA PRO B 119 -3.41 30.17 -1.53
C PRO B 119 -3.45 29.83 -3.04
N GLN B 120 -4.09 30.70 -3.82
CA GLN B 120 -4.21 30.55 -5.30
C GLN B 120 -2.81 30.50 -5.93
N GLU B 121 -1.85 31.27 -5.39
CA GLU B 121 -0.47 31.38 -5.93
C GLU B 121 0.28 30.06 -5.70
N VAL B 122 0.04 29.40 -4.56
CA VAL B 122 0.75 28.15 -4.16
C VAL B 122 0.16 26.98 -4.97
N GLN B 123 -1.17 26.90 -5.06
CA GLN B 123 -1.90 25.93 -5.92
C GLN B 123 -1.30 25.98 -7.34
N GLN B 124 -1.07 27.19 -7.85
CA GLN B 124 -0.58 27.47 -9.23
C GLN B 124 0.84 26.91 -9.39
N GLN B 125 1.76 27.24 -8.48
CA GLN B 125 3.18 26.81 -8.51
C GLN B 125 3.28 25.29 -8.44
N GLY B 126 2.43 24.68 -7.62
CA GLY B 126 2.48 23.24 -7.31
C GLY B 126 3.13 22.99 -5.96
N VAL B 127 2.75 21.88 -5.33
CA VAL B 127 3.35 21.37 -4.07
C VAL B 127 3.87 19.96 -4.38
N SER B 128 5.19 19.77 -4.27
CA SER B 128 5.90 18.53 -4.67
C SER B 128 6.01 17.57 -3.49
N VAL B 129 5.60 16.32 -3.67
CA VAL B 129 5.82 15.21 -2.70
C VAL B 129 6.85 14.26 -3.32
N GLU B 130 7.99 14.08 -2.65
CA GLU B 130 9.15 13.30 -3.13
C GLU B 130 9.69 12.44 -1.98
N LYS B 131 10.35 11.33 -2.31
CA LYS B 131 11.13 10.52 -1.34
C LYS B 131 12.45 11.24 -1.08
N SER B 132 12.88 11.31 0.19
CA SER B 132 14.09 12.05 0.64
C SER B 132 15.34 11.18 0.39
N SER B 133 16.20 11.64 -0.51
CA SER B 133 17.54 11.07 -0.82
C SER B 133 18.53 12.22 -1.00
N SER B 134 19.57 12.27 -0.17
CA SER B 134 20.69 13.26 -0.27
C SER B 134 21.75 12.73 -1.25
N SER B 135 21.91 11.40 -1.31
CA SER B 135 22.94 10.70 -2.12
C SER B 135 22.65 10.88 -3.62
N PHE B 136 23.52 11.63 -4.31
CA PHE B 136 23.62 11.71 -5.78
C PHE B 136 24.62 10.67 -6.26
N LEU B 137 24.33 10.01 -7.37
CA LEU B 137 25.28 9.11 -8.09
C LEU B 137 26.43 9.96 -8.64
N MET B 138 26.08 11.09 -9.29
CA MET B 138 27.06 12.07 -9.81
C MET B 138 26.36 13.40 -10.10
N VAL B 139 27.13 14.49 -10.14
CA VAL B 139 26.69 15.85 -10.58
C VAL B 139 27.41 16.15 -11.91
N VAL B 140 26.66 16.20 -13.01
CA VAL B 140 27.18 16.66 -14.33
C VAL B 140 27.08 18.19 -14.34
N GLY B 141 28.21 18.88 -14.38
CA GLY B 141 28.28 20.35 -14.53
C GLY B 141 28.31 20.73 -16.00
N VAL B 142 27.66 21.83 -16.36
CA VAL B 142 27.62 22.36 -17.76
C VAL B 142 27.97 23.86 -17.70
N ILE B 143 28.99 24.27 -18.45
CA ILE B 143 29.60 25.64 -18.36
C ILE B 143 29.71 26.24 -19.77
N ASN B 144 29.90 27.55 -19.84
CA ASN B 144 30.16 28.32 -21.09
C ASN B 144 31.50 29.03 -20.96
N THR B 145 32.48 28.63 -21.77
CA THR B 145 33.91 29.02 -21.64
C THR B 145 34.24 30.27 -22.47
N ASP B 146 33.29 30.77 -23.28
CA ASP B 146 33.54 31.89 -24.25
C ASP B 146 32.52 33.02 -24.06
N GLY B 147 31.89 33.12 -22.88
CA GLY B 147 31.15 34.32 -22.42
C GLY B 147 29.86 34.59 -23.18
N THR B 148 29.46 33.73 -24.13
CA THR B 148 28.27 33.94 -25.00
C THR B 148 26.97 33.66 -24.21
N MET B 149 27.04 32.82 -23.18
CA MET B 149 25.85 32.28 -22.45
C MET B 149 25.94 32.64 -20.96
N THR B 150 24.85 33.18 -20.41
CA THR B 150 24.63 33.37 -18.95
C THR B 150 24.27 32.00 -18.35
N GLN B 151 24.18 31.91 -17.01
CA GLN B 151 23.84 30.65 -16.31
C GLN B 151 22.40 30.26 -16.69
N GLU B 152 21.54 31.25 -16.91
CA GLU B 152 20.11 31.06 -17.29
C GLU B 152 20.03 30.49 -18.71
N ASP B 153 20.95 30.91 -19.61
CA ASP B 153 21.06 30.41 -21.00
C ASP B 153 21.44 28.92 -20.97
N ILE B 154 22.45 28.55 -20.16
CA ILE B 154 22.95 27.15 -20.06
C ILE B 154 21.85 26.26 -19.48
N SER B 155 21.23 26.69 -18.38
CA SER B 155 20.16 25.94 -17.67
C SER B 155 19.01 25.61 -18.63
N ASP B 156 18.62 26.56 -19.48
CA ASP B 156 17.53 26.36 -20.48
C ASP B 156 17.96 25.31 -21.50
N TYR B 157 19.22 25.38 -21.96
CA TYR B 157 19.77 24.41 -22.94
C TYR B 157 19.69 23.01 -22.33
N VAL B 158 20.12 22.86 -21.07
CA VAL B 158 20.21 21.56 -20.35
C VAL B 158 18.80 20.99 -20.17
N ALA B 159 17.82 21.82 -19.78
CA ALA B 159 16.41 21.44 -19.59
C ALA B 159 15.84 20.91 -20.91
N ALA B 160 16.11 21.60 -22.01
CA ALA B 160 15.47 21.40 -23.33
C ALA B 160 16.17 20.29 -24.14
N ASN B 161 17.50 20.15 -24.00
CA ASN B 161 18.32 19.33 -24.94
C ASN B 161 19.12 18.23 -24.22
N MET B 162 19.13 18.15 -22.89
CA MET B 162 20.01 17.21 -22.12
C MET B 162 19.25 16.45 -21.04
N LYS B 163 18.44 17.14 -20.23
CA LYS B 163 17.80 16.60 -18.99
C LYS B 163 17.01 15.32 -19.29
N ASP B 164 16.11 15.39 -20.28
CA ASP B 164 15.11 14.33 -20.59
C ASP B 164 15.81 13.04 -21.02
N ALA B 165 16.82 13.15 -21.88
CA ALA B 165 17.62 12.03 -22.42
C ALA B 165 18.43 11.36 -21.30
N ILE B 166 18.86 12.13 -20.30
CA ILE B 166 19.56 11.61 -19.09
C ILE B 166 18.54 10.90 -18.20
N SER B 167 17.39 11.53 -17.95
CA SER B 167 16.23 10.91 -17.23
C SER B 167 15.91 9.53 -17.85
N ARG B 168 15.90 9.44 -19.18
CA ARG B 168 15.53 8.23 -19.97
C ARG B 168 16.68 7.21 -20.00
N THR B 169 17.89 7.58 -19.55
CA THR B 169 19.09 6.70 -19.57
C THR B 169 18.91 5.55 -18.56
N SER B 170 19.48 4.39 -18.88
CA SER B 170 19.35 3.13 -18.11
C SER B 170 19.92 3.31 -16.69
N GLY B 171 19.12 3.00 -15.68
CA GLY B 171 19.54 3.01 -14.26
C GLY B 171 19.39 4.37 -13.62
N VAL B 172 19.08 5.42 -14.38
CA VAL B 172 18.89 6.80 -13.84
C VAL B 172 17.52 6.84 -13.13
N GLY B 173 17.54 6.98 -11.81
CA GLY B 173 16.35 6.98 -10.95
C GLY B 173 15.69 8.35 -10.91
N ASP B 174 16.49 9.42 -10.93
CA ASP B 174 15.99 10.81 -10.79
C ASP B 174 17.06 11.80 -11.27
N VAL B 175 16.65 12.84 -12.00
CA VAL B 175 17.53 13.93 -12.50
C VAL B 175 17.00 15.26 -11.95
N GLN B 176 17.90 16.06 -11.37
CA GLN B 176 17.61 17.39 -10.78
C GLN B 176 18.40 18.44 -11.56
N LEU B 177 17.73 19.51 -12.02
CA LEU B 177 18.36 20.60 -12.79
C LEU B 177 18.88 21.67 -11.80
N PHE B 178 20.16 22.05 -11.92
CA PHE B 178 20.81 23.11 -11.11
C PHE B 178 20.65 24.45 -11.82
N GLY B 179 19.50 25.10 -11.57
CA GLY B 179 18.97 26.23 -12.34
C GLY B 179 17.60 25.90 -12.86
N SER B 180 16.98 26.79 -13.64
CA SER B 180 15.63 26.63 -14.22
C SER B 180 15.69 26.78 -15.73
N GLN B 181 14.73 26.19 -16.44
CA GLN B 181 14.47 26.49 -17.87
C GLN B 181 14.01 27.94 -17.96
N TYR B 182 14.01 28.53 -19.16
CA TYR B 182 13.66 29.95 -19.38
C TYR B 182 12.27 30.24 -18.79
N ALA B 183 12.07 31.50 -18.43
CA ALA B 183 10.76 32.10 -18.12
C ALA B 183 10.65 33.38 -18.95
N MET B 184 9.48 33.67 -19.52
CA MET B 184 9.24 34.99 -20.15
C MET B 184 9.21 36.02 -19.00
N ARG B 185 10.30 36.75 -18.80
CA ARG B 185 10.41 37.79 -17.75
C ARG B 185 9.92 39.13 -18.33
N ILE B 186 8.81 39.65 -17.81
CA ILE B 186 8.33 41.04 -18.02
C ILE B 186 8.89 41.88 -16.87
N TRP B 187 9.87 42.75 -17.17
CA TRP B 187 10.53 43.66 -16.19
C TRP B 187 9.85 45.02 -16.24
N MET B 188 8.92 45.27 -15.31
CA MET B 188 8.03 46.46 -15.33
C MET B 188 8.79 47.71 -14.91
N ASN B 189 8.33 48.86 -15.40
CA ASN B 189 8.89 50.22 -15.17
C ASN B 189 7.77 51.11 -14.65
N PRO B 190 7.80 51.52 -13.36
CA PRO B 190 6.67 52.23 -12.75
C PRO B 190 6.45 53.63 -13.31
N ASN B 191 7.50 54.28 -13.79
CA ASN B 191 7.46 55.64 -14.39
C ASN B 191 6.67 55.58 -15.71
N GLU B 192 7.02 54.61 -16.57
CA GLU B 192 6.32 54.37 -17.87
C GLU B 192 4.89 53.90 -17.61
N LEU B 193 4.69 53.03 -16.61
CA LEU B 193 3.35 52.53 -16.20
C LEU B 193 2.46 53.69 -15.75
N ASN B 194 3.00 54.60 -14.92
CA ASN B 194 2.28 55.78 -14.37
C ASN B 194 1.98 56.77 -15.51
N LYS B 195 2.93 56.97 -16.44
CA LYS B 195 2.83 57.87 -17.60
C LYS B 195 1.50 57.64 -18.33
N PHE B 196 1.12 56.37 -18.53
CA PHE B 196 -0.07 55.93 -19.30
C PHE B 196 -1.22 55.53 -18.38
N GLN B 197 -1.13 55.86 -17.08
CA GLN B 197 -2.17 55.58 -16.05
C GLN B 197 -2.45 54.07 -15.95
N LEU B 198 -1.40 53.24 -15.81
CA LEU B 198 -1.50 51.75 -15.76
C LEU B 198 -0.76 51.20 -14.54
N THR B 199 -1.09 49.96 -14.17
CA THR B 199 -0.56 49.23 -12.99
C THR B 199 -0.15 47.82 -13.39
N PRO B 200 0.61 47.08 -12.54
CA PRO B 200 0.85 45.66 -12.76
C PRO B 200 -0.43 44.83 -12.97
N VAL B 201 -1.54 45.22 -12.36
CA VAL B 201 -2.87 44.55 -12.50
C VAL B 201 -3.26 44.57 -13.97
N ASP B 202 -3.13 45.73 -14.63
CA ASP B 202 -3.47 45.93 -16.06
C ASP B 202 -2.57 45.07 -16.92
N VAL B 203 -1.27 44.99 -16.58
CA VAL B 203 -0.25 44.17 -17.31
C VAL B 203 -0.65 42.70 -17.21
N ILE B 204 -1.01 42.22 -16.01
CA ILE B 204 -1.38 40.80 -15.76
C ILE B 204 -2.66 40.48 -16.54
N THR B 205 -3.65 41.38 -16.49
CA THR B 205 -4.97 41.23 -17.18
C THR B 205 -4.72 41.08 -18.68
N ALA B 206 -3.85 41.92 -19.26
CA ALA B 206 -3.50 41.93 -20.70
C ALA B 206 -2.78 40.62 -21.06
N ILE B 207 -1.82 40.18 -20.24
CA ILE B 207 -1.04 38.93 -20.51
C ILE B 207 -1.99 37.74 -20.50
N LYS B 208 -2.92 37.67 -19.55
CA LYS B 208 -3.83 36.51 -19.34
C LYS B 208 -4.82 36.40 -20.51
N ALA B 209 -5.29 37.54 -21.03
CA ALA B 209 -6.21 37.62 -22.19
C ALA B 209 -5.50 37.21 -23.48
N GLN B 210 -4.28 37.73 -23.70
CA GLN B 210 -3.59 37.75 -25.02
C GLN B 210 -2.48 36.68 -25.10
N ASN B 211 -2.19 35.99 -24.00
CA ASN B 211 -1.35 34.77 -23.98
C ASN B 211 -2.15 33.64 -23.33
N ALA B 212 -3.02 32.98 -24.10
CA ALA B 212 -3.92 31.91 -23.62
C ALA B 212 -4.33 31.01 -24.79
N GLN B 213 -4.85 29.82 -24.45
CA GLN B 213 -5.41 28.81 -25.38
C GLN B 213 -6.93 28.92 -25.33
N VAL B 214 -7.57 29.32 -26.43
CA VAL B 214 -9.06 29.48 -26.51
C VAL B 214 -9.62 28.26 -27.22
N ALA B 215 -10.45 27.48 -26.53
CA ALA B 215 -11.27 26.39 -27.10
C ALA B 215 -12.25 27.01 -28.09
N ALA B 216 -12.26 26.50 -29.32
CA ALA B 216 -13.28 26.81 -30.36
C ALA B 216 -14.20 25.59 -30.46
N GLY B 217 -14.32 24.99 -31.64
CA GLY B 217 -15.09 23.75 -31.85
C GLY B 217 -14.70 23.08 -33.16
N GLN B 218 -15.70 22.57 -33.88
CA GLN B 218 -15.53 21.85 -35.16
C GLN B 218 -16.46 22.44 -36.22
N LEU B 219 -15.97 22.55 -37.46
CA LEU B 219 -16.80 22.63 -38.69
C LEU B 219 -17.43 21.24 -38.89
N GLY B 220 -18.74 21.20 -39.12
CA GLY B 220 -19.47 19.94 -39.39
C GLY B 220 -19.26 18.93 -38.27
N GLY B 221 -19.33 19.38 -37.02
CA GLY B 221 -19.26 18.51 -35.84
C GLY B 221 -20.57 17.80 -35.60
N THR B 222 -20.55 16.70 -34.84
CA THR B 222 -21.76 15.94 -34.42
C THR B 222 -22.53 16.77 -33.39
N PRO B 223 -23.88 16.76 -33.39
CA PRO B 223 -24.69 16.18 -34.47
C PRO B 223 -24.69 17.09 -35.70
N PRO B 224 -24.47 16.55 -36.91
CA PRO B 224 -24.33 17.38 -38.11
C PRO B 224 -25.67 17.63 -38.81
N VAL B 225 -25.67 18.50 -39.82
CA VAL B 225 -26.70 18.51 -40.89
C VAL B 225 -26.33 17.40 -41.87
N LYS B 226 -27.14 16.34 -41.95
CA LYS B 226 -26.94 15.21 -42.89
C LYS B 226 -26.72 15.79 -44.28
N GLY B 227 -25.63 15.40 -44.95
CA GLY B 227 -25.16 15.98 -46.21
C GLY B 227 -23.86 16.74 -46.03
N GLN B 228 -23.42 16.94 -44.79
CA GLN B 228 -22.12 17.58 -44.44
C GLN B 228 -20.99 16.78 -45.10
N GLN B 229 -20.13 17.47 -45.87
CA GLN B 229 -19.03 16.86 -46.65
C GLN B 229 -17.72 16.89 -45.85
N LEU B 230 -17.58 17.86 -44.94
CA LEU B 230 -16.30 18.21 -44.28
C LEU B 230 -16.47 18.21 -42.76
N ASN B 231 -15.59 17.49 -42.05
CA ASN B 231 -15.38 17.58 -40.58
C ASN B 231 -13.98 18.17 -40.36
N ALA B 232 -13.86 19.26 -39.61
CA ALA B 232 -12.57 19.95 -39.36
C ALA B 232 -12.58 20.63 -38.00
N SER B 233 -11.48 20.48 -37.23
CA SER B 233 -11.21 21.19 -35.96
C SER B 233 -10.99 22.67 -36.26
N ILE B 234 -11.58 23.56 -35.45
CA ILE B 234 -11.33 25.03 -35.51
C ILE B 234 -10.23 25.36 -34.49
N ILE B 235 -9.09 25.85 -34.97
CA ILE B 235 -7.96 26.36 -34.13
C ILE B 235 -8.17 27.86 -33.95
N ALA B 236 -8.42 28.31 -32.72
CA ALA B 236 -8.57 29.74 -32.35
C ALA B 236 -7.24 30.24 -31.78
N GLN B 237 -7.28 31.14 -30.79
CA GLN B 237 -6.08 31.67 -30.11
C GLN B 237 -5.30 30.51 -29.47
N THR B 238 -3.97 30.53 -29.61
CA THR B 238 -3.02 29.64 -28.90
C THR B 238 -2.00 30.51 -28.15
N ARG B 239 -1.26 29.90 -27.21
CA ARG B 239 -0.27 30.61 -26.35
C ARG B 239 0.80 31.26 -27.24
N LEU B 240 1.32 32.41 -26.82
CA LEU B 240 2.41 33.14 -27.50
C LEU B 240 3.70 32.32 -27.36
N THR B 241 4.71 32.62 -28.17
CA THR B 241 5.91 31.75 -28.35
C THR B 241 7.21 32.56 -28.32
N SER B 242 7.16 33.88 -28.20
CA SER B 242 8.33 34.79 -28.41
C SER B 242 8.23 36.06 -27.57
N THR B 243 9.40 36.62 -27.22
CA THR B 243 9.56 37.96 -26.57
C THR B 243 8.92 39.02 -27.47
N GLU B 244 9.03 38.86 -28.79
CA GLU B 244 8.51 39.80 -29.82
C GLU B 244 6.99 39.90 -29.69
N GLU B 245 6.30 38.75 -29.60
CA GLU B 245 4.82 38.67 -29.45
C GLU B 245 4.38 39.28 -28.11
N PHE B 246 5.10 39.01 -27.02
CA PHE B 246 4.79 39.54 -25.67
C PHE B 246 4.96 41.06 -25.68
N GLY B 247 6.02 41.55 -26.32
CA GLY B 247 6.27 42.99 -26.54
C GLY B 247 5.08 43.69 -27.17
N LYS B 248 4.39 43.02 -28.10
CA LYS B 248 3.26 43.59 -28.90
C LYS B 248 1.93 43.53 -28.13
N ILE B 249 1.89 42.92 -26.93
CA ILE B 249 0.64 42.82 -26.11
C ILE B 249 0.09 44.24 -25.89
N LEU B 250 -1.18 44.44 -26.20
CA LEU B 250 -1.87 45.77 -26.16
C LEU B 250 -2.38 46.01 -24.73
N LEU B 251 -1.87 47.05 -24.06
CA LEU B 251 -2.28 47.44 -22.69
C LEU B 251 -3.45 48.43 -22.76
N LYS B 252 -3.35 49.45 -23.62
CA LYS B 252 -4.47 50.41 -23.87
C LYS B 252 -4.26 51.17 -25.18
N VAL B 253 -5.35 51.78 -25.67
CA VAL B 253 -5.41 52.70 -26.84
C VAL B 253 -5.78 54.10 -26.31
N ASN B 254 -4.92 55.09 -26.52
CA ASN B 254 -5.10 56.50 -26.08
C ASN B 254 -6.23 57.14 -26.91
N GLN B 255 -6.69 58.32 -26.50
CA GLN B 255 -7.76 59.10 -27.18
C GLN B 255 -7.31 59.45 -28.61
N ASP B 256 -6.08 59.97 -28.75
CA ASP B 256 -5.51 60.47 -30.04
C ASP B 256 -5.34 59.31 -31.02
N GLY B 257 -5.11 58.08 -30.53
CA GLY B 257 -5.10 56.86 -31.35
C GLY B 257 -3.83 56.03 -31.19
N SER B 258 -2.78 56.60 -30.58
CA SER B 258 -1.50 55.90 -30.30
C SER B 258 -1.74 54.74 -29.33
N ARG B 259 -1.05 53.61 -29.54
CA ARG B 259 -1.24 52.34 -28.81
C ARG B 259 -0.14 52.18 -27.76
N VAL B 260 -0.51 51.90 -26.50
CA VAL B 260 0.44 51.57 -25.40
C VAL B 260 0.62 50.05 -25.37
N LEU B 261 1.77 49.56 -25.83
CA LEU B 261 2.14 48.11 -25.85
C LEU B 261 2.86 47.76 -24.55
N LEU B 262 3.09 46.47 -24.31
CA LEU B 262 3.81 45.98 -23.10
C LEU B 262 5.29 46.35 -23.19
N ARG B 263 5.87 46.46 -24.39
CA ARG B 263 7.30 46.82 -24.58
C ARG B 263 7.52 48.30 -24.22
N ASP B 264 6.44 49.10 -24.18
CA ASP B 264 6.50 50.56 -23.89
C ASP B 264 6.64 50.79 -22.37
N VAL B 265 6.23 49.84 -21.52
CA VAL B 265 6.21 50.00 -20.04
C VAL B 265 7.04 48.92 -19.35
N ALA B 266 7.75 48.05 -20.09
CA ALA B 266 8.53 46.94 -19.50
C ALA B 266 9.56 46.41 -20.51
N LYS B 267 10.64 45.83 -19.99
CA LYS B 267 11.68 45.13 -20.77
C LYS B 267 11.34 43.65 -20.79
N ILE B 268 11.08 43.09 -21.97
CA ILE B 268 10.71 41.66 -22.17
C ILE B 268 11.98 40.89 -22.55
N GLU B 269 12.37 39.90 -21.74
CA GLU B 269 13.51 38.99 -22.03
C GLU B 269 13.15 37.58 -21.55
N LEU B 270 13.74 36.56 -22.19
CA LEU B 270 13.82 35.18 -21.64
C LEU B 270 14.88 35.18 -20.53
N GLY B 271 14.49 34.84 -19.30
CA GLY B 271 15.39 34.75 -18.14
C GLY B 271 15.09 33.51 -17.31
N GLY B 272 15.66 33.43 -16.10
CA GLY B 272 15.40 32.33 -15.15
C GLY B 272 14.06 32.49 -14.46
N GLU B 273 13.58 31.43 -13.79
CA GLU B 273 12.33 31.45 -13.00
C GLU B 273 12.58 32.22 -11.69
N ASN B 274 13.80 32.15 -11.16
CA ASN B 274 14.24 32.97 -9.99
C ASN B 274 15.75 33.17 -10.06
N TYR B 275 16.26 34.14 -9.31
CA TYR B 275 17.65 34.66 -9.38
C TYR B 275 18.32 34.55 -8.00
N ASP B 276 17.85 33.63 -7.16
CA ASP B 276 18.36 33.44 -5.77
C ASP B 276 19.75 32.82 -5.81
N ILE B 277 19.99 31.87 -6.73
CA ILE B 277 21.29 31.16 -6.87
C ILE B 277 22.08 31.78 -8.01
N ILE B 278 23.37 32.03 -7.79
CA ILE B 278 24.38 32.27 -8.85
C ILE B 278 25.37 31.11 -8.78
N ALA B 279 25.21 30.13 -9.69
CA ALA B 279 26.13 28.99 -9.88
C ALA B 279 27.30 29.45 -10.77
N GLU B 280 28.53 29.09 -10.38
CA GLU B 280 29.77 29.36 -11.15
C GLU B 280 30.74 28.20 -10.95
N PHE B 281 31.55 27.92 -11.96
CA PHE B 281 32.55 26.82 -12.00
C PHE B 281 33.88 27.40 -12.53
N ASN B 282 34.84 27.59 -11.62
CA ASN B 282 36.13 28.28 -11.91
C ASN B 282 35.84 29.65 -12.55
N GLY B 283 34.88 30.39 -11.98
CA GLY B 283 34.54 31.76 -12.38
C GLY B 283 33.54 31.83 -13.52
N GLN B 284 33.48 30.80 -14.36
CA GLN B 284 32.62 30.75 -15.58
C GLN B 284 31.17 30.44 -15.17
N PRO B 285 30.16 31.07 -15.81
CA PRO B 285 28.76 30.74 -15.52
C PRO B 285 28.48 29.26 -15.77
N ALA B 286 27.60 28.66 -14.97
CA ALA B 286 27.41 27.19 -14.89
C ALA B 286 25.95 26.82 -14.61
N SER B 287 25.61 25.60 -14.99
CA SER B 287 24.39 24.84 -14.60
C SER B 287 24.78 23.37 -14.49
N GLY B 288 23.84 22.47 -14.21
CA GLY B 288 24.17 21.04 -14.11
C GLY B 288 22.97 20.16 -13.82
N LEU B 289 23.23 18.86 -13.78
CA LEU B 289 22.25 17.78 -13.51
C LEU B 289 22.73 17.01 -12.29
N GLY B 290 21.96 17.07 -11.20
CA GLY B 290 22.08 16.16 -10.05
C GLY B 290 21.40 14.84 -10.38
N ILE B 291 22.17 13.80 -10.68
CA ILE B 291 21.66 12.47 -11.12
C ILE B 291 21.70 11.50 -9.94
N LYS B 292 20.63 10.71 -9.78
CA LYS B 292 20.46 9.72 -8.68
C LYS B 292 20.25 8.33 -9.28
N LEU B 293 20.75 7.31 -8.58
CA LEU B 293 20.66 5.88 -8.98
C LEU B 293 19.28 5.34 -8.61
N ALA B 294 18.64 4.62 -9.54
CA ALA B 294 17.31 4.00 -9.38
C ALA B 294 17.40 2.79 -8.44
N THR B 295 16.30 2.48 -7.74
CA THR B 295 16.15 1.27 -6.89
C THR B 295 16.67 0.06 -7.66
N GLY B 296 17.67 -0.64 -7.09
CA GLY B 296 18.21 -1.91 -7.60
C GLY B 296 19.02 -1.75 -8.88
N ALA B 297 19.50 -0.53 -9.16
CA ALA B 297 20.32 -0.23 -10.36
C ALA B 297 21.81 -0.42 -10.03
N ASN B 298 22.60 -0.74 -11.07
CA ASN B 298 24.08 -0.85 -10.99
C ASN B 298 24.67 0.55 -11.17
N ALA B 299 25.40 1.04 -10.17
CA ALA B 299 25.98 2.41 -10.13
C ALA B 299 27.01 2.56 -11.25
N LEU B 300 27.78 1.51 -11.55
CA LEU B 300 28.90 1.56 -12.53
C LEU B 300 28.32 1.53 -13.96
N ASP B 301 27.27 0.73 -14.19
CA ASP B 301 26.55 0.64 -15.50
C ASP B 301 25.92 2.00 -15.82
N THR B 302 25.15 2.55 -14.88
CA THR B 302 24.41 3.83 -15.01
C THR B 302 25.39 4.96 -15.37
N ALA B 303 26.53 5.04 -14.68
CA ALA B 303 27.58 6.07 -14.91
C ALA B 303 28.09 5.96 -16.35
N ALA B 304 28.45 4.75 -16.79
CA ALA B 304 28.93 4.45 -18.16
C ALA B 304 27.84 4.83 -19.18
N ALA B 305 26.58 4.54 -18.87
CA ALA B 305 25.40 4.81 -19.72
C ALA B 305 25.16 6.32 -19.83
N ILE B 306 25.30 7.07 -18.73
CA ILE B 306 25.16 8.55 -18.70
C ILE B 306 26.24 9.16 -19.60
N ARG B 307 27.48 8.65 -19.52
CA ARG B 307 28.65 9.17 -20.28
C ARG B 307 28.46 8.92 -21.78
N ALA B 308 27.88 7.77 -22.15
CA ALA B 308 27.57 7.41 -23.56
C ALA B 308 26.53 8.38 -24.13
N GLU B 309 25.53 8.76 -23.32
CA GLU B 309 24.42 9.67 -23.73
C GLU B 309 24.96 11.10 -23.89
N LEU B 310 25.84 11.54 -22.99
CA LEU B 310 26.48 12.88 -23.06
C LEU B 310 27.37 12.95 -24.30
N ALA B 311 28.05 11.85 -24.64
CA ALA B 311 28.93 11.72 -25.83
C ALA B 311 28.11 11.94 -27.11
N LYS B 312 26.87 11.44 -27.15
CA LYS B 312 25.96 11.59 -28.32
C LYS B 312 25.42 13.04 -28.40
N MET B 313 25.39 13.75 -27.27
CA MET B 313 24.91 15.16 -27.20
C MET B 313 26.03 16.13 -27.57
N GLU B 314 27.29 15.69 -27.53
CA GLU B 314 28.51 16.54 -27.74
C GLU B 314 28.40 17.31 -29.05
N PRO B 315 28.20 16.66 -30.22
CA PRO B 315 28.23 17.37 -31.51
C PRO B 315 27.13 18.41 -31.73
N PHE B 316 26.09 18.44 -30.89
CA PHE B 316 24.92 19.34 -31.05
C PHE B 316 25.00 20.54 -30.11
N PHE B 317 25.99 20.58 -29.21
CA PHE B 317 26.17 21.69 -28.24
C PHE B 317 26.49 22.97 -28.99
N PRO B 318 26.02 24.15 -28.51
CA PRO B 318 26.49 25.43 -29.05
C PRO B 318 27.98 25.67 -28.76
N SER B 319 28.53 26.77 -29.29
CA SER B 319 29.94 27.18 -29.10
C SER B 319 30.17 27.54 -27.64
N GLY B 320 31.23 27.00 -27.03
CA GLY B 320 31.66 27.33 -25.65
C GLY B 320 31.11 26.37 -24.61
N LEU B 321 30.10 25.56 -24.96
CA LEU B 321 29.47 24.61 -24.00
C LEU B 321 30.40 23.42 -23.76
N LYS B 322 30.57 23.04 -22.50
CA LYS B 322 31.51 22.00 -22.03
C LYS B 322 30.86 21.21 -20.90
N ILE B 323 30.97 19.88 -20.93
CA ILE B 323 30.57 18.98 -19.82
C ILE B 323 31.75 18.88 -18.84
N VAL B 324 31.46 18.93 -17.55
CA VAL B 324 32.45 18.73 -16.45
C VAL B 324 31.81 17.83 -15.39
N TYR B 325 32.63 17.11 -14.63
CA TYR B 325 32.21 16.08 -13.64
C TYR B 325 32.78 16.42 -12.27
N PRO B 326 32.27 17.49 -11.60
CA PRO B 326 32.77 17.90 -10.28
C PRO B 326 32.57 16.85 -9.18
N TYR B 327 31.44 16.14 -9.18
CA TYR B 327 31.12 15.05 -8.22
C TYR B 327 30.78 13.78 -9.02
N ASP B 328 31.43 12.66 -8.68
CA ASP B 328 31.16 11.33 -9.27
C ASP B 328 31.67 10.24 -8.31
N THR B 329 30.75 9.45 -7.76
CA THR B 329 31.02 8.36 -6.78
C THR B 329 31.62 7.14 -7.49
N THR B 330 31.50 7.06 -8.82
CA THR B 330 31.77 5.84 -9.64
C THR B 330 33.27 5.49 -9.60
N PRO B 331 34.20 6.42 -9.92
CA PRO B 331 35.64 6.15 -9.76
C PRO B 331 35.99 5.57 -8.38
N PHE B 332 35.40 6.13 -7.31
CA PHE B 332 35.65 5.72 -5.91
C PHE B 332 35.12 4.29 -5.68
N VAL B 333 33.90 3.99 -6.12
CA VAL B 333 33.25 2.65 -5.98
C VAL B 333 34.07 1.61 -6.78
N LYS B 334 34.42 1.96 -8.03
CA LYS B 334 35.22 1.09 -8.94
C LYS B 334 36.49 0.62 -8.21
N ILE B 335 37.16 1.54 -7.50
CA ILE B 335 38.41 1.26 -6.73
C ILE B 335 38.06 0.41 -5.50
N SER B 336 37.02 0.78 -4.75
CA SER B 336 36.58 0.10 -3.50
C SER B 336 36.36 -1.40 -3.75
N ILE B 337 35.66 -1.76 -4.83
CA ILE B 337 35.31 -3.18 -5.16
C ILE B 337 36.60 -3.92 -5.56
N HIS B 338 37.41 -3.29 -6.44
CA HIS B 338 38.67 -3.84 -6.97
C HIS B 338 39.65 -4.17 -5.83
N GLU B 339 39.79 -3.26 -4.86
CA GLU B 339 40.73 -3.40 -3.71
C GLU B 339 40.29 -4.58 -2.82
N VAL B 340 38.98 -4.82 -2.71
CA VAL B 340 38.40 -5.98 -1.96
C VAL B 340 38.68 -7.26 -2.75
N VAL B 341 38.39 -7.25 -4.05
CA VAL B 341 38.60 -8.42 -4.97
C VAL B 341 40.09 -8.79 -4.97
N LYS B 342 40.98 -7.79 -5.01
CA LYS B 342 42.45 -8.00 -4.93
C LYS B 342 42.77 -8.71 -3.60
N THR B 343 42.20 -8.23 -2.49
CA THR B 343 42.45 -8.77 -1.12
C THR B 343 42.03 -10.24 -1.03
N LEU B 344 40.87 -10.59 -1.59
CA LEU B 344 40.31 -11.97 -1.57
C LEU B 344 41.17 -12.89 -2.44
N VAL B 345 41.62 -12.41 -3.62
CA VAL B 345 42.51 -13.16 -4.56
C VAL B 345 43.86 -13.36 -3.87
N GLU B 346 44.45 -12.29 -3.34
CA GLU B 346 45.76 -12.30 -2.61
C GLU B 346 45.67 -13.22 -1.39
N ALA B 347 44.54 -13.19 -0.67
CA ALA B 347 44.27 -14.03 0.52
C ALA B 347 44.37 -15.51 0.15
N ILE B 348 43.81 -15.90 -1.00
CA ILE B 348 43.83 -17.30 -1.52
C ILE B 348 45.24 -17.65 -1.98
N ILE B 349 45.96 -16.69 -2.59
CA ILE B 349 47.37 -16.85 -3.02
C ILE B 349 48.25 -17.06 -1.78
N LEU B 350 48.04 -16.27 -0.72
CA LEU B 350 48.82 -16.35 0.54
C LEU B 350 48.59 -17.71 1.22
N VAL B 351 47.37 -18.23 1.19
CA VAL B 351 47.03 -19.58 1.74
C VAL B 351 47.82 -20.63 0.95
N PHE B 352 47.82 -20.55 -0.38
CA PHE B 352 48.60 -21.46 -1.28
C PHE B 352 50.05 -21.49 -0.80
N LEU B 353 50.64 -20.32 -0.57
CA LEU B 353 52.06 -20.16 -0.14
C LEU B 353 52.26 -20.77 1.25
N VAL B 354 51.36 -20.47 2.20
CA VAL B 354 51.42 -20.96 3.60
C VAL B 354 51.16 -22.48 3.63
N MET B 355 50.18 -22.97 2.86
CA MET B 355 49.85 -24.42 2.78
C MET B 355 51.07 -25.18 2.24
N TYR B 356 51.80 -24.61 1.28
CA TYR B 356 53.00 -25.22 0.66
C TYR B 356 54.18 -25.17 1.64
N LEU B 357 54.33 -24.07 2.39
CA LEU B 357 55.44 -23.88 3.36
C LEU B 357 55.42 -25.01 4.40
N PHE B 358 54.25 -25.35 4.94
CA PHE B 358 54.10 -26.34 6.05
C PHE B 358 53.95 -27.77 5.49
N LEU B 359 53.04 -27.99 4.54
CA LEU B 359 52.63 -29.34 4.07
C LEU B 359 53.52 -29.80 2.90
N GLN B 360 53.95 -28.88 2.03
CA GLN B 360 55.03 -29.07 1.02
C GLN B 360 54.63 -30.14 -0.02
N ASN B 361 53.37 -30.12 -0.48
CA ASN B 361 52.91 -30.84 -1.70
C ASN B 361 51.81 -30.01 -2.35
N PHE B 362 51.72 -30.03 -3.68
CA PHE B 362 50.85 -29.13 -4.49
C PHE B 362 49.38 -29.57 -4.37
N ARG B 363 49.13 -30.87 -4.14
CA ARG B 363 47.74 -31.43 -4.06
C ARG B 363 47.04 -30.83 -2.82
N ALA B 364 47.74 -30.72 -1.69
CA ALA B 364 47.19 -30.14 -0.43
C ALA B 364 46.92 -28.65 -0.62
N THR B 365 47.77 -27.94 -1.39
CA THR B 365 47.64 -26.48 -1.65
C THR B 365 46.41 -26.19 -2.52
N LEU B 366 46.01 -27.14 -3.38
CA LEU B 366 44.88 -26.96 -4.33
C LEU B 366 43.54 -26.97 -3.58
N ILE B 367 43.41 -27.76 -2.51
CA ILE B 367 42.09 -28.09 -1.89
C ILE B 367 41.47 -26.81 -1.33
N PRO B 368 42.19 -25.95 -0.58
CA PRO B 368 41.68 -24.63 -0.22
C PRO B 368 41.50 -23.68 -1.42
N THR B 369 42.38 -23.75 -2.41
CA THR B 369 42.34 -22.91 -3.64
C THR B 369 41.04 -23.20 -4.42
N ILE B 370 40.49 -24.42 -4.27
CA ILE B 370 39.14 -24.79 -4.81
C ILE B 370 38.07 -24.30 -3.82
N ALA B 371 38.16 -24.72 -2.56
CA ALA B 371 37.08 -24.66 -1.54
C ALA B 371 36.71 -23.21 -1.19
N VAL B 372 37.70 -22.31 -1.08
CA VAL B 372 37.48 -20.90 -0.63
C VAL B 372 36.74 -20.11 -1.71
N PRO B 373 37.21 -20.07 -2.98
CA PRO B 373 36.46 -19.37 -4.03
C PRO B 373 35.05 -19.93 -4.28
N VAL B 374 34.83 -21.23 -4.06
CA VAL B 374 33.47 -21.85 -4.12
C VAL B 374 32.56 -21.16 -3.10
N VAL B 375 33.09 -20.90 -1.90
CA VAL B 375 32.33 -20.29 -0.75
C VAL B 375 32.13 -18.80 -1.02
N LEU B 376 33.20 -18.07 -1.36
CA LEU B 376 33.16 -16.62 -1.67
C LEU B 376 32.17 -16.36 -2.81
N LEU B 377 32.25 -17.15 -3.88
CA LEU B 377 31.37 -17.05 -5.06
C LEU B 377 29.94 -17.40 -4.63
N GLY B 378 29.77 -18.52 -3.90
CA GLY B 378 28.47 -18.97 -3.36
C GLY B 378 27.80 -17.93 -2.47
N THR B 379 28.58 -17.12 -1.75
CA THR B 379 28.07 -16.05 -0.84
C THR B 379 27.22 -15.05 -1.63
N PHE B 380 27.64 -14.72 -2.86
CA PHE B 380 26.94 -13.75 -3.75
C PHE B 380 25.52 -14.25 -4.05
N ALA B 381 25.35 -15.55 -4.31
CA ALA B 381 24.05 -16.20 -4.55
C ALA B 381 23.14 -16.00 -3.32
N VAL B 382 23.70 -16.16 -2.11
CA VAL B 382 22.94 -16.01 -0.83
C VAL B 382 22.65 -14.53 -0.60
N LEU B 383 23.58 -13.64 -1.00
CA LEU B 383 23.36 -12.17 -0.98
C LEU B 383 22.19 -11.81 -1.90
N ALA B 384 22.07 -12.50 -3.04
CA ALA B 384 20.98 -12.32 -4.03
C ALA B 384 19.65 -12.80 -3.44
N ALA B 385 19.67 -13.86 -2.63
CA ALA B 385 18.49 -14.40 -1.93
C ALA B 385 17.91 -13.34 -0.98
N PHE B 386 18.79 -12.57 -0.31
CA PHE B 386 18.41 -11.52 0.68
C PHE B 386 18.13 -10.19 -0.02
N GLY B 387 18.32 -10.12 -1.35
CA GLY B 387 18.08 -8.91 -2.15
C GLY B 387 19.06 -7.81 -1.83
N PHE B 388 20.31 -8.18 -1.53
CA PHE B 388 21.43 -7.27 -1.19
C PHE B 388 22.13 -6.84 -2.47
N SER B 389 22.85 -5.72 -2.40
CA SER B 389 23.72 -5.20 -3.48
C SER B 389 25.18 -5.53 -3.14
N ILE B 390 26.04 -5.56 -4.16
CA ILE B 390 27.51 -5.42 -3.97
C ILE B 390 27.74 -3.97 -3.58
N ASN B 391 28.14 -3.71 -2.32
CA ASN B 391 28.40 -2.34 -1.81
C ASN B 391 29.57 -2.38 -0.83
N THR B 392 30.01 -1.20 -0.37
CA THR B 392 31.19 -1.02 0.51
C THR B 392 31.06 -1.92 1.74
N LEU B 393 29.85 -2.05 2.29
CA LEU B 393 29.59 -2.77 3.57
C LEU B 393 29.65 -4.29 3.33
N THR B 394 28.93 -4.80 2.33
CA THR B 394 28.83 -6.25 2.02
C THR B 394 30.21 -6.78 1.59
N MET B 395 30.99 -5.97 0.88
CA MET B 395 32.29 -6.39 0.29
C MET B 395 33.36 -6.41 1.39
N PHE B 396 33.42 -5.38 2.23
CA PHE B 396 34.31 -5.36 3.43
C PHE B 396 33.80 -6.39 4.44
N GLY B 397 32.50 -6.71 4.41
CA GLY B 397 31.90 -7.83 5.15
C GLY B 397 32.58 -9.15 4.83
N MET B 398 32.99 -9.34 3.56
CA MET B 398 33.62 -10.60 3.08
C MET B 398 35.10 -10.67 3.48
N VAL B 399 35.83 -9.55 3.45
CA VAL B 399 37.29 -9.53 3.79
C VAL B 399 37.45 -9.68 5.30
N LEU B 400 36.44 -9.26 6.09
CA LEU B 400 36.41 -9.52 7.55
C LEU B 400 36.22 -11.02 7.79
N ALA B 401 35.55 -11.71 6.86
CA ALA B 401 35.14 -13.13 6.97
C ALA B 401 36.25 -14.09 6.50
N ILE B 402 37.18 -13.66 5.64
CA ILE B 402 38.16 -14.60 4.99
C ILE B 402 38.96 -15.36 6.07
N GLY B 403 39.23 -14.74 7.22
CA GLY B 403 39.87 -15.41 8.37
C GLY B 403 39.15 -16.70 8.73
N LEU B 404 37.81 -16.66 8.73
CA LEU B 404 36.92 -17.81 9.06
C LEU B 404 36.86 -18.78 7.88
N LEU B 405 36.77 -18.26 6.65
CA LEU B 405 36.61 -19.06 5.40
C LEU B 405 37.90 -19.84 5.12
N VAL B 406 39.05 -19.18 5.29
CA VAL B 406 40.41 -19.77 5.10
C VAL B 406 40.62 -20.87 6.15
N ASP B 407 40.25 -20.62 7.41
CA ASP B 407 40.49 -21.55 8.54
C ASP B 407 39.77 -22.88 8.28
N ASP B 408 38.48 -22.83 7.92
CA ASP B 408 37.63 -24.04 7.65
C ASP B 408 38.35 -24.94 6.62
N ALA B 409 38.97 -24.34 5.60
CA ALA B 409 39.74 -25.06 4.55
C ALA B 409 41.01 -25.66 5.18
N ILE B 410 41.81 -24.82 5.85
CA ILE B 410 43.12 -25.21 6.46
C ILE B 410 42.91 -26.31 7.52
N VAL B 411 41.89 -26.17 8.37
CA VAL B 411 41.64 -27.10 9.51
C VAL B 411 41.41 -28.52 8.97
N VAL B 412 40.56 -28.67 7.94
CA VAL B 412 40.16 -30.00 7.38
C VAL B 412 41.38 -30.68 6.76
N VAL B 413 42.15 -29.97 5.92
CA VAL B 413 43.28 -30.54 5.15
C VAL B 413 44.43 -30.89 6.10
N GLU B 414 44.84 -29.94 6.95
CA GLU B 414 45.94 -30.09 7.94
C GLU B 414 45.68 -31.33 8.81
N ASN B 415 44.45 -31.52 9.27
CA ASN B 415 44.09 -32.61 10.22
C ASN B 415 44.11 -33.96 9.50
N VAL B 416 43.85 -34.00 8.19
CA VAL B 416 44.00 -35.23 7.36
C VAL B 416 45.50 -35.52 7.22
N GLU B 417 46.31 -34.50 6.95
CA GLU B 417 47.78 -34.60 6.75
C GLU B 417 48.46 -35.07 8.04
N ARG B 418 47.96 -34.60 9.20
CA ARG B 418 48.47 -34.97 10.54
C ARG B 418 48.14 -36.45 10.81
N VAL B 419 46.88 -36.84 10.65
CA VAL B 419 46.38 -38.23 10.93
C VAL B 419 47.18 -39.22 10.08
N MET B 420 47.46 -38.89 8.82
CA MET B 420 48.27 -39.76 7.90
C MET B 420 49.69 -39.86 8.46
N ALA B 421 50.31 -38.73 8.83
CA ALA B 421 51.71 -38.64 9.29
C ALA B 421 51.90 -39.42 10.60
N GLU B 422 50.88 -39.43 11.49
CA GLU B 422 51.00 -40.00 12.86
C GLU B 422 50.57 -41.47 12.88
N GLU B 423 49.56 -41.86 12.09
CA GLU B 423 48.95 -43.21 12.12
C GLU B 423 49.24 -44.00 10.83
N GLY B 424 49.73 -43.33 9.77
CA GLY B 424 50.16 -43.98 8.51
C GLY B 424 48.99 -44.55 7.71
N LEU B 425 47.77 -44.07 7.95
CA LEU B 425 46.55 -44.52 7.22
C LEU B 425 46.60 -44.02 5.78
N PRO B 426 45.92 -44.70 4.83
CA PRO B 426 45.74 -44.16 3.48
C PRO B 426 44.79 -42.96 3.48
N PRO B 427 44.88 -42.05 2.50
CA PRO B 427 44.09 -40.82 2.47
C PRO B 427 42.58 -40.98 2.76
N LYS B 428 41.94 -41.99 2.16
CA LYS B 428 40.47 -42.22 2.26
C LYS B 428 40.10 -42.52 3.72
N GLU B 429 40.80 -43.46 4.36
CA GLU B 429 40.59 -43.86 5.77
C GLU B 429 41.04 -42.71 6.70
N ALA B 430 42.16 -42.07 6.38
CA ALA B 430 42.74 -40.92 7.13
C ALA B 430 41.70 -39.79 7.19
N THR B 431 41.04 -39.50 6.06
CA THR B 431 40.00 -38.43 5.94
C THR B 431 38.77 -38.81 6.77
N ARG B 432 38.35 -40.08 6.72
CA ARG B 432 37.20 -40.59 7.54
C ARG B 432 37.48 -40.34 9.02
N LYS B 433 38.69 -40.67 9.49
CA LYS B 433 39.09 -40.52 10.91
C LYS B 433 39.23 -39.03 11.24
N SER B 434 39.97 -38.29 10.41
CA SER B 434 40.21 -36.82 10.51
C SER B 434 38.87 -36.07 10.69
N MET B 435 37.92 -36.28 9.78
CA MET B 435 36.58 -35.63 9.82
C MET B 435 35.81 -36.12 11.04
N GLY B 436 35.96 -37.40 11.42
CA GLY B 436 35.37 -37.97 12.64
C GLY B 436 35.73 -37.15 13.88
N GLN B 437 36.96 -36.61 13.92
CA GLN B 437 37.49 -35.82 15.05
C GLN B 437 36.87 -34.42 15.09
N ILE B 438 36.62 -33.80 13.93
CA ILE B 438 36.34 -32.33 13.83
C ILE B 438 34.89 -32.04 13.40
N GLN B 439 34.15 -33.00 12.81
CA GLN B 439 32.85 -32.70 12.15
C GLN B 439 31.84 -32.19 13.19
N GLY B 440 31.81 -32.79 14.38
CA GLY B 440 30.95 -32.33 15.50
C GLY B 440 31.31 -30.93 15.94
N ALA B 441 32.61 -30.63 16.02
CA ALA B 441 33.17 -29.32 16.42
C ALA B 441 32.82 -28.26 15.36
N LEU B 442 32.87 -28.62 14.08
CA LEU B 442 32.61 -27.69 12.94
C LEU B 442 31.13 -27.27 12.95
N VAL B 443 30.21 -28.21 13.21
CA VAL B 443 28.76 -27.93 13.39
C VAL B 443 28.59 -27.00 14.60
N GLY B 444 29.30 -27.28 15.70
CA GLY B 444 29.30 -26.45 16.93
C GLY B 444 29.75 -25.03 16.65
N ILE B 445 30.85 -24.88 15.90
CA ILE B 445 31.45 -23.57 15.52
C ILE B 445 30.42 -22.77 14.69
N ALA B 446 29.72 -23.45 13.78
CA ALA B 446 28.64 -22.85 12.94
C ALA B 446 27.57 -22.24 13.85
N MET B 447 27.10 -23.02 14.83
CA MET B 447 26.02 -22.62 15.77
C MET B 447 26.52 -21.50 16.69
N VAL B 448 27.80 -21.54 17.10
CA VAL B 448 28.42 -20.50 17.97
C VAL B 448 28.54 -19.19 17.17
N LEU B 449 29.12 -19.22 15.97
CA LEU B 449 29.35 -18.02 15.13
C LEU B 449 28.01 -17.39 14.72
N SER B 450 26.99 -18.20 14.44
CA SER B 450 25.60 -17.74 14.19
C SER B 450 25.10 -16.92 15.38
N ALA B 451 25.27 -17.47 16.59
CA ALA B 451 24.87 -16.83 17.87
C ALA B 451 25.59 -15.50 18.06
N VAL B 452 26.83 -15.36 17.56
CA VAL B 452 27.63 -14.11 17.64
C VAL B 452 27.05 -13.08 16.65
N PHE B 453 26.88 -13.48 15.38
CA PHE B 453 26.68 -12.56 14.24
C PHE B 453 25.20 -12.27 13.99
N VAL B 454 24.31 -13.26 14.11
CA VAL B 454 22.87 -13.13 13.73
C VAL B 454 22.22 -12.02 14.53
N PRO B 455 22.49 -11.85 15.85
CA PRO B 455 21.93 -10.73 16.63
C PRO B 455 22.31 -9.31 16.17
N MET B 456 23.38 -9.14 15.37
CA MET B 456 23.75 -7.83 14.77
C MET B 456 22.61 -7.35 13.85
N ALA B 457 21.92 -8.28 13.20
CA ALA B 457 20.88 -8.03 12.17
C ALA B 457 19.65 -7.35 12.80
N PHE B 458 19.43 -7.53 14.11
CA PHE B 458 18.17 -7.16 14.80
C PHE B 458 18.29 -5.80 15.50
N PHE B 459 19.40 -5.09 15.34
CA PHE B 459 19.52 -3.66 15.74
C PHE B 459 18.62 -2.83 14.82
N GLY B 460 18.05 -1.75 15.35
CA GLY B 460 17.06 -0.89 14.66
C GLY B 460 17.66 0.42 14.21
N GLY B 461 17.03 1.06 13.20
CA GLY B 461 17.42 2.38 12.68
C GLY B 461 18.59 2.28 11.72
N SER B 462 19.26 3.41 11.46
CA SER B 462 20.36 3.58 10.48
C SER B 462 21.55 2.70 10.88
N THR B 463 21.97 2.77 12.14
CA THR B 463 23.09 1.96 12.70
C THR B 463 22.76 0.47 12.54
N GLY B 464 21.53 0.07 12.88
CA GLY B 464 21.06 -1.32 12.80
C GLY B 464 21.04 -1.86 11.38
N ALA B 465 20.76 -1.00 10.40
CA ALA B 465 20.72 -1.34 8.95
C ALA B 465 22.14 -1.61 8.44
N ILE B 466 23.13 -0.88 8.95
CA ILE B 466 24.57 -1.04 8.58
C ILE B 466 25.09 -2.37 9.11
N TYR B 467 24.80 -2.70 10.38
CA TYR B 467 25.24 -3.96 11.04
C TYR B 467 24.62 -5.15 10.31
N ARG B 468 23.37 -5.00 9.84
CA ARG B 468 22.60 -6.08 9.16
C ARG B 468 23.27 -6.45 7.83
N GLN B 469 23.96 -5.50 7.19
CA GLN B 469 24.73 -5.75 5.93
C GLN B 469 25.89 -6.69 6.26
N PHE B 470 26.63 -6.41 7.34
CA PHE B 470 27.77 -7.24 7.82
C PHE B 470 27.26 -8.58 8.34
N SER B 471 26.13 -8.58 9.04
CA SER B 471 25.54 -9.77 9.71
C SER B 471 25.14 -10.83 8.68
N ILE B 472 24.25 -10.50 7.74
CA ILE B 472 23.75 -11.45 6.70
C ILE B 472 24.95 -11.94 5.87
N THR B 473 25.89 -11.06 5.53
CA THR B 473 27.06 -11.38 4.68
C THR B 473 27.97 -12.40 5.39
N ILE B 474 28.37 -12.11 6.64
CA ILE B 474 29.35 -12.92 7.41
C ILE B 474 28.70 -14.26 7.82
N VAL B 475 27.44 -14.24 8.24
CA VAL B 475 26.68 -15.48 8.61
C VAL B 475 26.56 -16.37 7.36
N SER B 476 26.30 -15.78 6.19
CA SER B 476 26.07 -16.50 4.90
C SER B 476 27.37 -17.15 4.42
N ALA B 477 28.48 -16.41 4.43
CA ALA B 477 29.82 -16.89 4.02
C ALA B 477 30.27 -18.01 4.96
N MET B 478 30.08 -17.80 6.27
CA MET B 478 30.50 -18.74 7.34
C MET B 478 29.69 -20.03 7.25
N ALA B 479 28.38 -19.95 6.95
CA ALA B 479 27.46 -21.10 6.85
C ALA B 479 27.82 -21.98 5.65
N LEU B 480 28.02 -21.39 4.47
CA LEU B 480 28.47 -22.10 3.24
C LEU B 480 29.81 -22.78 3.50
N SER B 481 30.74 -22.07 4.15
CA SER B 481 32.12 -22.55 4.45
C SER B 481 32.06 -23.85 5.26
N VAL B 482 31.13 -23.92 6.23
CA VAL B 482 30.90 -25.11 7.08
C VAL B 482 30.29 -26.23 6.21
N LEU B 483 29.26 -25.92 5.42
CA LEU B 483 28.64 -26.89 4.47
C LEU B 483 29.71 -27.44 3.53
N VAL B 484 30.59 -26.57 3.01
CA VAL B 484 31.68 -26.93 2.07
C VAL B 484 32.73 -27.76 2.81
N ALA B 485 33.00 -27.44 4.08
CA ALA B 485 33.99 -28.14 4.94
C ALA B 485 33.50 -29.56 5.28
N LEU B 486 32.18 -29.81 5.20
CA LEU B 486 31.57 -31.13 5.51
C LEU B 486 31.26 -31.91 4.22
N ILE B 487 31.15 -31.24 3.07
CA ILE B 487 30.71 -31.87 1.79
C ILE B 487 31.88 -31.99 0.82
N LEU B 488 32.50 -30.86 0.44
CA LEU B 488 33.47 -30.79 -0.69
C LEU B 488 34.88 -31.20 -0.24
N THR B 489 35.43 -30.57 0.81
CA THR B 489 36.87 -30.67 1.18
C THR B 489 37.22 -32.08 1.66
N PRO B 490 36.37 -32.79 2.43
CA PRO B 490 36.59 -34.21 2.71
C PRO B 490 36.79 -35.01 1.41
N ALA B 491 35.83 -34.88 0.48
CA ALA B 491 35.83 -35.55 -0.83
C ALA B 491 37.13 -35.22 -1.56
N LEU B 492 37.54 -33.95 -1.55
CA LEU B 492 38.81 -33.48 -2.17
C LEU B 492 39.99 -34.14 -1.47
N CYS B 493 40.05 -34.05 -0.13
CA CYS B 493 41.13 -34.65 0.70
C CYS B 493 41.26 -36.15 0.41
N ALA B 494 40.15 -36.88 0.38
CA ALA B 494 40.10 -38.35 0.22
C ALA B 494 40.64 -38.78 -1.15
N THR B 495 40.43 -37.98 -2.20
CA THR B 495 40.67 -38.36 -3.62
C THR B 495 41.90 -37.64 -4.19
N MET B 496 42.47 -36.64 -3.51
CA MET B 496 43.57 -35.80 -4.06
C MET B 496 44.86 -35.93 -3.25
N LEU B 497 44.78 -36.04 -1.92
CA LEU B 497 45.98 -36.06 -1.03
C LEU B 497 46.74 -37.37 -1.23
N LYS B 498 48.07 -37.27 -1.43
CA LYS B 498 49.01 -38.41 -1.54
C LYS B 498 49.22 -38.99 -0.15
N PRO B 499 49.39 -40.34 0.00
CA PRO B 499 49.62 -40.93 1.32
C PRO B 499 50.93 -40.43 1.97
N ILE B 500 50.96 -40.43 3.31
CA ILE B 500 52.17 -40.17 4.13
C ILE B 500 52.39 -41.40 5.02
N ALA B 501 53.59 -42.00 4.96
CA ALA B 501 53.99 -43.17 5.78
C ALA B 501 54.12 -42.76 7.24
N LYS B 502 53.69 -43.62 8.17
CA LYS B 502 53.70 -43.34 9.64
C LYS B 502 55.09 -42.82 10.05
N GLY B 503 55.13 -41.74 10.84
CA GLY B 503 56.36 -41.20 11.45
C GLY B 503 57.09 -40.22 10.56
N ASP B 504 56.71 -40.09 9.28
CA ASP B 504 57.32 -39.11 8.34
C ASP B 504 56.77 -37.71 8.65
N HIS B 505 57.61 -36.83 9.19
CA HIS B 505 57.29 -35.41 9.49
C HIS B 505 58.20 -34.50 8.66
N GLY B 506 58.79 -35.04 7.59
CA GLY B 506 59.60 -34.29 6.61
C GLY B 506 60.95 -33.84 7.18
N GLU B 507 61.41 -34.47 8.28
CA GLU B 507 62.74 -34.21 8.89
C GLU B 507 63.82 -34.90 8.03
N GLY B 508 63.46 -36.01 7.38
CA GLY B 508 64.35 -36.80 6.50
C GLY B 508 64.79 -36.03 5.27
N LYS B 509 63.98 -35.09 4.79
CA LYS B 509 64.27 -34.22 3.61
C LYS B 509 65.50 -33.35 3.91
N LYS B 510 66.12 -32.81 2.85
CA LYS B 510 67.24 -31.83 2.95
C LYS B 510 66.95 -30.67 2.00
N GLY B 511 67.50 -29.49 2.32
CA GLY B 511 67.18 -28.20 1.66
C GLY B 511 66.44 -27.29 2.61
N PHE B 512 65.55 -26.42 2.09
CA PHE B 512 64.75 -25.46 2.89
C PHE B 512 63.71 -26.22 3.73
N PHE B 513 62.97 -27.13 3.10
CA PHE B 513 61.82 -27.86 3.71
C PHE B 513 62.34 -28.86 4.75
N GLY B 514 63.53 -29.42 4.54
CA GLY B 514 64.22 -30.26 5.54
C GLY B 514 64.52 -29.48 6.80
N TRP B 515 65.07 -28.27 6.64
CA TRP B 515 65.43 -27.34 7.75
C TRP B 515 64.15 -26.88 8.47
N PHE B 516 63.14 -26.46 7.72
CA PHE B 516 61.87 -25.91 8.27
C PHE B 516 61.15 -26.97 9.11
N ASN B 517 61.06 -28.20 8.59
CA ASN B 517 60.38 -29.34 9.26
C ASN B 517 61.12 -29.69 10.55
N ARG B 518 62.46 -29.73 10.52
CA ARG B 518 63.32 -30.00 11.70
C ARG B 518 63.20 -28.84 12.69
N MET B 519 63.14 -27.60 12.19
CA MET B 519 62.97 -26.37 13.00
C MET B 519 61.62 -26.41 13.71
N PHE B 520 60.53 -26.64 12.96
CA PHE B 520 59.13 -26.54 13.46
C PHE B 520 58.83 -27.68 14.44
N GLU B 521 59.38 -28.87 14.20
CA GLU B 521 59.24 -30.04 15.11
C GLU B 521 59.90 -29.71 16.46
N LYS B 522 61.08 -29.07 16.43
CA LYS B 522 61.82 -28.64 17.65
C LYS B 522 61.11 -27.45 18.31
N SER B 523 60.50 -26.57 17.50
CA SER B 523 59.70 -25.41 17.97
C SER B 523 58.40 -25.92 18.63
N THR B 524 57.82 -26.99 18.11
CA THR B 524 56.58 -27.61 18.66
C THR B 524 56.91 -28.25 20.02
N HIS B 525 58.11 -28.82 20.17
CA HIS B 525 58.60 -29.41 21.45
C HIS B 525 58.88 -28.30 22.46
N HIS B 526 59.47 -27.18 22.03
CA HIS B 526 59.67 -25.97 22.87
C HIS B 526 58.33 -25.46 23.37
N TYR B 527 57.30 -25.48 22.51
CA TYR B 527 55.92 -24.99 22.81
C TYR B 527 55.28 -25.90 23.87
N THR B 528 55.32 -27.22 23.69
CA THR B 528 54.66 -28.21 24.58
C THR B 528 55.32 -28.22 25.96
N ASP B 529 56.64 -28.04 26.02
CA ASP B 529 57.40 -27.82 27.30
C ASP B 529 56.83 -26.57 27.99
N SER B 530 56.83 -25.45 27.27
CA SER B 530 56.40 -24.11 27.75
C SER B 530 55.01 -24.19 28.38
N VAL B 531 54.06 -24.88 27.73
CA VAL B 531 52.67 -25.06 28.22
C VAL B 531 52.70 -25.94 29.47
N GLY B 532 53.55 -26.97 29.49
CA GLY B 532 53.80 -27.82 30.67
C GLY B 532 54.12 -26.98 31.89
N GLY B 533 55.09 -26.06 31.74
CA GLY B 533 55.53 -25.11 32.78
C GLY B 533 54.44 -24.13 33.16
N ILE B 534 53.67 -23.66 32.17
CA ILE B 534 52.49 -22.76 32.39
C ILE B 534 51.46 -23.51 33.24
N LEU B 535 51.16 -24.78 32.91
CA LEU B 535 50.10 -25.58 33.57
C LEU B 535 50.54 -26.01 34.97
N ARG B 536 51.84 -25.98 35.26
CA ARG B 536 52.38 -26.23 36.63
C ARG B 536 52.05 -25.04 37.54
N SER B 537 52.19 -23.81 37.01
CA SER B 537 51.91 -22.53 37.72
C SER B 537 50.79 -21.75 37.02
N THR B 538 49.53 -22.15 37.24
CA THR B 538 48.33 -21.59 36.55
C THR B 538 47.85 -20.32 37.27
N GLY B 539 47.97 -20.28 38.60
CA GLY B 539 47.52 -19.15 39.44
C GLY B 539 48.11 -17.82 38.97
N ARG B 540 49.34 -17.84 38.46
CA ARG B 540 50.06 -16.65 37.93
C ARG B 540 49.31 -16.09 36.71
N TYR B 541 48.80 -16.96 35.84
CA TYR B 541 48.22 -16.60 34.52
C TYR B 541 46.77 -16.10 34.69
N LEU B 542 46.07 -16.51 35.73
CA LEU B 542 44.75 -15.93 36.10
C LEU B 542 44.94 -14.45 36.43
N VAL B 543 46.02 -14.10 37.14
CA VAL B 543 46.39 -12.70 37.49
C VAL B 543 46.74 -11.94 36.20
N LEU B 544 47.52 -12.55 35.31
CA LEU B 544 47.90 -11.96 33.99
C LEU B 544 46.63 -11.76 33.13
N TYR B 545 45.63 -12.64 33.28
CA TYR B 545 44.36 -12.61 32.53
C TYR B 545 43.47 -11.48 33.04
N LEU B 546 43.43 -11.24 34.35
CA LEU B 546 42.66 -10.12 34.97
C LEU B 546 43.27 -8.78 34.53
N ILE B 547 44.60 -8.70 34.41
CA ILE B 547 45.33 -7.50 33.91
C ILE B 547 44.90 -7.23 32.46
N ILE B 548 44.78 -8.28 31.64
CA ILE B 548 44.33 -8.17 30.22
C ILE B 548 42.88 -7.66 30.19
N VAL B 549 42.00 -8.19 31.04
CA VAL B 549 40.55 -7.80 31.09
C VAL B 549 40.44 -6.35 31.59
N VAL B 550 41.27 -5.94 32.55
CA VAL B 550 41.31 -4.53 33.08
C VAL B 550 41.92 -3.64 31.99
N GLY B 551 43.09 -4.02 31.44
CA GLY B 551 43.77 -3.30 30.34
C GLY B 551 42.84 -3.07 29.15
N MET B 552 42.07 -4.09 28.79
CA MET B 552 41.03 -4.06 27.73
C MET B 552 39.96 -3.01 28.11
N ALA B 553 39.37 -3.15 29.30
CA ALA B 553 38.27 -2.30 29.82
C ALA B 553 38.70 -0.83 29.85
N TYR B 554 39.97 -0.54 30.14
CA TYR B 554 40.53 0.83 30.11
C TYR B 554 40.55 1.34 28.66
N LEU B 555 41.22 0.61 27.76
CA LEU B 555 41.39 1.00 26.34
C LEU B 555 40.02 1.20 25.68
N PHE B 556 39.02 0.39 26.08
CA PHE B 556 37.64 0.43 25.51
C PHE B 556 36.99 1.78 25.83
N VAL B 557 37.20 2.27 27.06
CA VAL B 557 36.70 3.57 27.56
C VAL B 557 37.49 4.72 26.91
N ARG B 558 38.82 4.57 26.81
CA ARG B 558 39.76 5.62 26.32
C ARG B 558 39.59 5.84 24.82
N LEU B 559 39.31 4.77 24.05
CA LEU B 559 39.18 4.84 22.57
C LEU B 559 37.88 5.57 22.21
N PRO B 560 37.95 6.70 21.46
CA PRO B 560 36.76 7.47 21.11
C PRO B 560 36.02 6.85 19.92
N SER B 561 34.69 6.71 20.02
CA SER B 561 33.83 5.98 19.05
C SER B 561 33.36 6.92 17.93
N SER B 562 33.16 6.36 16.73
CA SER B 562 32.61 7.04 15.53
C SER B 562 31.75 6.02 14.75
N PHE B 563 31.20 6.41 13.59
CA PHE B 563 30.35 5.54 12.73
C PHE B 563 31.20 4.95 11.61
N LEU B 564 31.56 5.75 10.60
CA LEU B 564 32.43 5.35 9.47
C LEU B 564 33.55 6.37 9.30
N PRO B 565 34.79 5.94 9.04
CA PRO B 565 35.92 6.86 8.93
C PRO B 565 35.80 7.73 7.67
N ASP B 566 36.13 9.01 7.78
CA ASP B 566 36.11 9.98 6.65
C ASP B 566 37.06 9.48 5.56
N GLU B 567 36.69 9.69 4.29
CA GLU B 567 37.46 9.24 3.10
C GLU B 567 37.86 10.47 2.29
N ASP B 568 38.99 10.37 1.57
CA ASP B 568 39.39 11.31 0.50
C ASP B 568 38.59 10.93 -0.75
N GLN B 569 37.40 11.51 -0.92
CA GLN B 569 36.45 11.18 -2.02
C GLN B 569 36.77 12.03 -3.27
N GLY B 570 37.88 12.79 -3.25
CA GLY B 570 38.30 13.68 -4.33
C GLY B 570 37.52 14.98 -4.35
N VAL B 571 36.69 15.22 -3.33
CA VAL B 571 35.81 16.42 -3.20
C VAL B 571 35.70 16.82 -1.73
N PHE B 572 35.42 18.09 -1.48
CA PHE B 572 35.06 18.65 -0.15
C PHE B 572 34.35 19.99 -0.37
N MET B 573 33.81 20.55 0.72
CA MET B 573 32.97 21.78 0.68
C MET B 573 33.63 22.89 1.50
N THR B 574 33.36 24.14 1.13
CA THR B 574 33.69 25.37 1.88
C THR B 574 32.40 26.13 2.15
N MET B 575 31.94 26.17 3.41
CA MET B 575 30.78 26.98 3.83
C MET B 575 31.17 28.46 3.75
N VAL B 576 30.24 29.33 3.35
CA VAL B 576 30.41 30.81 3.33
C VAL B 576 29.16 31.45 3.97
N GLN B 577 29.25 31.81 5.24
CA GLN B 577 28.16 32.42 6.04
C GLN B 577 28.52 33.88 6.35
N LEU B 578 27.95 34.83 5.61
CA LEU B 578 28.07 36.29 5.90
C LEU B 578 27.03 36.65 6.97
N PRO B 579 27.20 37.80 7.67
CA PRO B 579 26.18 38.30 8.60
C PRO B 579 24.80 38.50 7.96
N ALA B 580 23.76 38.47 8.78
CA ALA B 580 22.34 38.61 8.37
C ALA B 580 22.10 39.99 7.74
N GLY B 581 21.39 40.04 6.62
CA GLY B 581 21.05 41.28 5.90
C GLY B 581 22.05 41.60 4.80
N ALA B 582 23.10 40.78 4.68
CA ALA B 582 24.14 40.88 3.63
C ALA B 582 23.54 40.48 2.28
N THR B 583 23.98 41.14 1.20
CA THR B 583 23.41 41.01 -0.17
C THR B 583 24.14 39.91 -0.96
N GLN B 584 23.54 39.52 -2.09
CA GLN B 584 24.07 38.52 -3.06
C GLN B 584 25.48 38.92 -3.50
N GLU B 585 25.68 40.22 -3.80
CA GLU B 585 26.96 40.76 -4.33
C GLU B 585 28.07 40.62 -3.27
N ARG B 586 27.77 40.92 -2.01
CA ARG B 586 28.73 40.78 -0.88
C ARG B 586 29.17 39.32 -0.77
N THR B 587 28.23 38.38 -0.86
CA THR B 587 28.49 36.92 -0.77
C THR B 587 29.30 36.48 -1.99
N GLN B 588 29.02 37.05 -3.17
CA GLN B 588 29.73 36.73 -4.44
C GLN B 588 31.21 37.11 -4.31
N LYS B 589 31.50 38.26 -3.66
CA LYS B 589 32.88 38.79 -3.47
C LYS B 589 33.69 37.83 -2.60
N VAL B 590 33.08 37.27 -1.54
CA VAL B 590 33.75 36.32 -0.61
C VAL B 590 34.00 35.01 -1.37
N LEU B 591 32.99 34.50 -2.09
CA LEU B 591 33.10 33.23 -2.88
C LEU B 591 34.22 33.37 -3.91
N ASN B 592 34.38 34.56 -4.51
CA ASN B 592 35.44 34.86 -5.51
C ASN B 592 36.83 34.70 -4.85
N GLU B 593 37.01 35.25 -3.65
CA GLU B 593 38.25 35.09 -2.83
C GLU B 593 38.49 33.60 -2.55
N VAL B 594 37.43 32.88 -2.14
CA VAL B 594 37.48 31.43 -1.79
C VAL B 594 37.92 30.65 -3.02
N THR B 595 37.27 30.88 -4.16
CA THR B 595 37.60 30.26 -5.48
C THR B 595 39.06 30.58 -5.84
N HIS B 596 39.48 31.84 -5.67
CA HIS B 596 40.82 32.36 -6.03
C HIS B 596 41.90 31.62 -5.22
N TYR B 597 41.72 31.51 -3.90
CA TYR B 597 42.64 30.78 -2.98
C TYR B 597 42.88 29.37 -3.52
N TYR B 598 41.81 28.63 -3.83
CA TYR B 598 41.87 27.19 -4.22
C TYR B 598 42.58 27.03 -5.56
N LEU B 599 42.36 27.96 -6.50
CA LEU B 599 42.97 27.92 -7.85
C LEU B 599 44.38 28.51 -7.82
N THR B 600 44.77 29.15 -6.70
CA THR B 600 46.09 29.78 -6.48
C THR B 600 46.92 28.90 -5.53
N LYS B 601 46.55 28.86 -4.24
CA LYS B 601 47.32 28.19 -3.15
C LYS B 601 47.29 26.67 -3.32
N GLU B 602 46.21 26.12 -3.88
CA GLU B 602 46.00 24.65 -4.01
C GLU B 602 45.87 24.26 -5.48
N LYS B 603 46.63 24.90 -6.38
CA LYS B 603 46.53 24.71 -7.85
C LYS B 603 47.06 23.32 -8.24
N ASN B 604 47.93 22.72 -7.41
CA ASN B 604 48.50 21.36 -7.63
C ASN B 604 47.45 20.29 -7.31
N ASN B 605 46.47 20.61 -6.46
CA ASN B 605 45.45 19.66 -5.93
C ASN B 605 44.09 19.92 -6.58
N VAL B 606 43.57 21.14 -6.44
CA VAL B 606 42.16 21.52 -6.79
C VAL B 606 41.99 21.51 -8.31
N GLU B 607 41.12 20.63 -8.81
CA GLU B 607 40.71 20.57 -10.24
C GLU B 607 39.74 21.71 -10.53
N SER B 608 38.75 21.93 -9.66
CA SER B 608 37.67 22.93 -9.85
C SER B 608 37.04 23.35 -8.52
N VAL B 609 36.39 24.53 -8.55
CA VAL B 609 35.56 25.10 -7.46
C VAL B 609 34.18 25.41 -8.04
N PHE B 610 33.13 24.74 -7.56
CA PHE B 610 31.72 25.00 -7.92
C PHE B 610 31.15 25.99 -6.90
N ALA B 611 31.18 27.28 -7.22
CA ALA B 611 30.73 28.40 -6.35
C ALA B 611 29.21 28.57 -6.49
N VAL B 612 28.46 28.16 -5.47
CA VAL B 612 26.97 28.27 -5.43
C VAL B 612 26.60 29.39 -4.44
N ASN B 613 26.40 30.60 -4.95
CA ASN B 613 25.93 31.79 -4.18
C ASN B 613 24.45 31.64 -3.88
N GLY B 614 24.04 31.92 -2.64
CA GLY B 614 22.62 32.02 -2.23
C GLY B 614 22.06 30.69 -1.74
N PHE B 615 22.93 29.72 -1.42
CA PHE B 615 22.53 28.37 -0.96
C PHE B 615 23.43 27.91 0.20
N GLY B 616 22.80 27.61 1.35
CA GLY B 616 23.41 26.95 2.51
C GLY B 616 22.45 25.94 3.12
N PHE B 617 22.96 24.90 3.77
CA PHE B 617 22.15 23.82 4.39
C PHE B 617 21.44 24.37 5.64
N ALA B 618 22.09 25.32 6.34
CA ALA B 618 21.56 26.02 7.53
C ALA B 618 20.29 26.80 7.15
N GLY B 619 20.22 27.29 5.91
CA GLY B 619 19.05 28.01 5.36
C GLY B 619 19.40 28.72 4.06
N ARG B 620 18.40 29.02 3.24
CA ARG B 620 18.53 29.80 1.97
C ARG B 620 18.74 31.28 2.32
N GLY B 621 19.04 32.12 1.32
CA GLY B 621 19.15 33.58 1.47
C GLY B 621 20.41 34.13 0.81
N GLN B 622 20.41 35.43 0.52
CA GLN B 622 21.47 36.14 -0.24
C GLN B 622 22.80 36.12 0.52
N ASN B 623 22.77 35.97 1.85
CA ASN B 623 23.93 36.14 2.75
C ASN B 623 24.69 34.82 2.95
N THR B 624 24.34 33.74 2.25
CA THR B 624 25.01 32.42 2.38
C THR B 624 25.38 31.86 1.00
N GLY B 625 26.37 30.97 0.99
CA GLY B 625 26.90 30.32 -0.23
C GLY B 625 27.76 29.12 0.13
N ILE B 626 28.03 28.26 -0.86
CA ILE B 626 28.92 27.08 -0.71
C ILE B 626 29.86 27.03 -1.92
N ALA B 627 31.12 26.65 -1.68
CA ALA B 627 32.09 26.28 -2.73
C ALA B 627 32.36 24.79 -2.64
N PHE B 628 31.88 24.02 -3.63
CA PHE B 628 32.13 22.56 -3.75
CA PHE B 628 32.13 22.56 -3.76
C PHE B 628 33.46 22.37 -4.47
N VAL B 629 34.52 22.07 -3.73
CA VAL B 629 35.91 21.90 -4.26
C VAL B 629 36.06 20.47 -4.78
N SER B 630 36.37 20.32 -6.07
CA SER B 630 36.69 19.04 -6.73
C SER B 630 38.20 18.94 -6.96
N LEU B 631 38.83 17.86 -6.50
CA LEU B 631 40.30 17.67 -6.49
C LEU B 631 40.75 16.93 -7.75
N LYS B 632 42.06 16.92 -8.00
CA LYS B 632 42.71 16.12 -9.08
C LYS B 632 42.73 14.64 -8.65
N ASP B 633 43.16 13.75 -9.54
CA ASP B 633 43.20 12.28 -9.32
C ASP B 633 44.13 11.98 -8.14
N TRP B 634 43.83 10.91 -7.39
CA TRP B 634 44.58 10.43 -6.20
C TRP B 634 46.07 10.24 -6.52
N ALA B 635 46.39 9.84 -7.76
CA ALA B 635 47.77 9.67 -8.28
C ALA B 635 48.48 11.04 -8.34
N ASP B 636 47.77 12.09 -8.76
CA ASP B 636 48.34 13.45 -8.99
C ASP B 636 48.47 14.22 -7.66
N ARG B 637 47.89 13.71 -6.57
CA ARG B 637 47.99 14.31 -5.21
C ARG B 637 48.69 13.33 -4.27
N PRO B 638 50.04 13.19 -4.37
CA PRO B 638 50.78 12.26 -3.52
C PRO B 638 51.01 12.78 -2.10
N GLY B 639 51.00 11.87 -1.11
CA GLY B 639 51.36 12.15 0.28
C GLY B 639 50.23 12.76 1.07
N GLU B 640 50.39 12.86 2.40
CA GLU B 640 49.36 13.33 3.36
C GLU B 640 49.13 14.84 3.21
N GLU B 641 50.14 15.57 2.72
CA GLU B 641 50.11 17.05 2.52
C GLU B 641 48.99 17.44 1.56
N ASN B 642 48.67 16.57 0.58
CA ASN B 642 47.75 16.87 -0.55
C ASN B 642 46.48 16.01 -0.46
N LYS B 643 46.09 15.58 0.75
CA LYS B 643 44.82 14.84 1.01
C LYS B 643 43.78 15.81 1.59
N VAL B 644 42.52 15.41 1.60
CA VAL B 644 41.34 16.28 1.95
C VAL B 644 41.46 16.74 3.40
N GLU B 645 42.08 15.93 4.28
CA GLU B 645 42.39 16.30 5.68
C GLU B 645 43.22 17.59 5.69
N ALA B 646 44.39 17.54 5.06
CA ALA B 646 45.43 18.61 5.09
C ALA B 646 44.94 19.88 4.39
N ILE B 647 44.20 19.77 3.29
CA ILE B 647 43.72 20.94 2.49
C ILE B 647 42.61 21.65 3.27
N THR B 648 41.70 20.89 3.88
CA THR B 648 40.62 21.39 4.78
C THR B 648 41.24 22.22 5.91
N MET B 649 42.31 21.71 6.52
CA MET B 649 43.04 22.38 7.64
C MET B 649 43.54 23.74 7.17
N ARG B 650 44.36 23.76 6.12
CA ARG B 650 45.00 24.98 5.56
C ARG B 650 43.94 25.99 5.13
N ALA B 651 42.89 25.53 4.46
CA ALA B 651 41.78 26.36 3.90
C ALA B 651 41.07 27.10 5.03
N THR B 652 40.53 26.36 6.02
CA THR B 652 39.82 26.91 7.19
C THR B 652 40.70 27.96 7.89
N ARG B 653 41.99 27.62 8.09
CA ARG B 653 43.01 28.46 8.77
C ARG B 653 43.27 29.73 7.95
N ALA B 654 43.43 29.59 6.63
CA ALA B 654 43.71 30.70 5.69
C ALA B 654 42.52 31.67 5.65
N PHE B 655 41.29 31.16 5.71
CA PHE B 655 40.04 31.96 5.61
C PHE B 655 39.67 32.59 6.96
N SER B 656 40.41 32.26 8.02
CA SER B 656 40.23 32.83 9.39
C SER B 656 40.21 34.37 9.32
N GLN B 657 41.06 34.96 8.47
CA GLN B 657 41.35 36.42 8.44
C GLN B 657 40.26 37.18 7.67
N ILE B 658 39.41 36.49 6.90
CA ILE B 658 38.33 37.14 6.09
C ILE B 658 37.36 37.83 7.06
N LYS B 659 37.24 39.16 6.97
CA LYS B 659 36.36 39.99 7.82
C LYS B 659 34.92 39.88 7.30
N ASP B 660 33.94 39.86 8.21
CA ASP B 660 32.48 39.85 7.92
C ASP B 660 32.10 38.58 7.16
N ALA B 661 32.62 37.41 7.57
CA ALA B 661 32.35 36.11 6.91
C ALA B 661 32.88 34.95 7.77
N MET B 662 31.98 34.07 8.21
CA MET B 662 32.31 32.69 8.67
C MET B 662 32.59 31.85 7.42
N VAL B 663 33.87 31.53 7.16
CA VAL B 663 34.30 30.73 5.98
C VAL B 663 35.20 29.59 6.48
N PHE B 664 34.73 28.35 6.38
CA PHE B 664 35.47 27.12 6.76
C PHE B 664 35.23 26.03 5.71
N ALA B 665 36.28 25.25 5.44
CA ALA B 665 36.23 24.04 4.59
C ALA B 665 35.95 22.82 5.48
N PHE B 666 35.43 21.74 4.90
CA PHE B 666 35.22 20.44 5.61
C PHE B 666 34.98 19.32 4.60
N ASN B 667 35.46 18.12 4.96
CA ASN B 667 35.31 16.85 4.18
C ASN B 667 33.85 16.40 4.28
N LEU B 668 33.39 15.63 3.30
CA LEU B 668 32.05 14.97 3.34
C LEU B 668 32.12 13.77 4.29
N PRO B 669 31.04 13.43 5.00
CA PRO B 669 30.93 12.16 5.70
C PRO B 669 30.76 11.01 4.70
N ALA B 670 31.27 9.82 5.03
CA ALA B 670 31.23 8.61 4.19
C ALA B 670 29.80 8.35 3.72
N ILE B 671 28.85 8.36 4.66
CA ILE B 671 27.37 8.33 4.39
C ILE B 671 26.78 9.60 5.01
N VAL B 672 25.98 10.33 4.23
CA VAL B 672 25.53 11.72 4.54
C VAL B 672 24.57 11.71 5.74
N GLU B 673 23.77 10.64 5.90
CA GLU B 673 22.53 10.64 6.72
C GLU B 673 22.83 10.33 8.20
N LEU B 674 24.03 9.88 8.55
CA LEU B 674 24.39 9.43 9.93
C LEU B 674 24.72 10.62 10.84
N GLY B 675 25.31 11.68 10.29
CA GLY B 675 25.86 12.81 11.08
C GLY B 675 27.14 12.39 11.80
N THR B 676 27.21 12.60 13.12
CA THR B 676 28.38 12.27 13.98
C THR B 676 27.91 11.48 15.21
N ALA B 677 28.70 10.49 15.63
CA ALA B 677 28.67 9.90 16.99
C ALA B 677 29.30 10.92 17.95
N THR B 678 28.78 11.01 19.17
CA THR B 678 29.03 12.09 20.17
C THR B 678 28.04 13.25 19.94
N GLY B 679 27.53 13.41 18.70
CA GLY B 679 26.58 14.48 18.32
C GLY B 679 25.14 14.11 18.63
N PHE B 680 24.29 15.11 18.91
CA PHE B 680 22.84 14.94 19.18
C PHE B 680 22.03 15.99 18.42
N ASP B 681 20.72 15.75 18.32
CA ASP B 681 19.74 16.56 17.55
C ASP B 681 18.51 16.82 18.44
N PHE B 682 18.48 17.98 19.07
CA PHE B 682 17.49 18.37 20.11
C PHE B 682 16.46 19.32 19.49
N GLU B 683 15.17 19.10 19.77
CA GLU B 683 14.05 19.96 19.32
C GLU B 683 13.47 20.65 20.55
N LEU B 684 13.54 21.98 20.61
CA LEU B 684 12.90 22.82 21.65
C LEU B 684 11.54 23.29 21.13
N ILE B 685 10.47 22.99 21.86
CA ILE B 685 9.08 22.98 21.32
C ILE B 685 8.19 23.95 22.11
N ASP B 686 7.51 24.84 21.39
CA ASP B 686 6.40 25.70 21.91
C ASP B 686 5.17 24.81 22.09
N GLN B 687 4.83 24.45 23.33
CA GLN B 687 3.76 23.47 23.67
C GLN B 687 2.50 24.19 24.16
N ALA B 688 2.49 25.53 24.21
CA ALA B 688 1.41 26.31 24.86
C ALA B 688 1.16 27.65 24.17
N GLY B 689 1.46 27.78 22.87
CA GLY B 689 1.20 28.98 22.07
C GLY B 689 1.88 30.22 22.64
N LEU B 690 3.13 30.07 23.11
CA LEU B 690 3.95 31.16 23.68
C LEU B 690 4.28 32.19 22.60
N GLY B 691 4.59 31.73 21.39
CA GLY B 691 4.96 32.59 20.24
C GLY B 691 6.42 32.39 19.86
N HIS B 692 6.87 33.05 18.79
CA HIS B 692 8.25 32.95 18.25
C HIS B 692 9.25 33.51 19.27
N GLU B 693 9.00 34.71 19.78
CA GLU B 693 9.97 35.51 20.60
C GLU B 693 10.20 34.82 21.94
N LYS B 694 9.16 34.28 22.57
CA LYS B 694 9.25 33.59 23.88
C LYS B 694 9.99 32.26 23.71
N LEU B 695 9.82 31.59 22.56
CA LEU B 695 10.58 30.36 22.22
C LEU B 695 12.05 30.73 21.98
N THR B 696 12.32 31.89 21.37
CA THR B 696 13.69 32.43 21.13
C THR B 696 14.38 32.65 22.48
N GLN B 697 13.68 33.29 23.43
CA GLN B 697 14.21 33.61 24.78
C GLN B 697 14.53 32.32 25.52
N ALA B 698 13.62 31.34 25.46
CA ALA B 698 13.77 30.01 26.10
C ALA B 698 14.98 29.27 25.50
N ARG B 699 15.19 29.43 24.19
CA ARG B 699 16.32 28.80 23.45
C ARG B 699 17.64 29.43 23.91
N ASN B 700 17.67 30.76 24.02
CA ASN B 700 18.85 31.53 24.51
C ASN B 700 19.16 31.11 25.95
N GLN B 701 18.12 30.96 26.78
CA GLN B 701 18.19 30.51 28.20
C GLN B 701 18.82 29.11 28.24
N LEU B 702 18.41 28.21 27.34
CA LEU B 702 18.92 26.81 27.25
C LEU B 702 20.37 26.84 26.75
N LEU B 703 20.65 27.64 25.72
CA LEU B 703 22.00 27.77 25.11
C LEU B 703 22.99 28.31 26.14
N ALA B 704 22.57 29.31 26.92
CA ALA B 704 23.36 29.94 28.02
C ALA B 704 23.76 28.87 29.05
N GLU B 705 22.79 28.07 29.51
CA GLU B 705 23.00 27.01 30.54
C GLU B 705 23.93 25.91 30.00
N ALA B 706 23.78 25.53 28.72
CA ALA B 706 24.60 24.50 28.04
C ALA B 706 26.06 24.96 28.01
N ALA B 707 26.30 26.25 27.75
CA ALA B 707 27.64 26.87 27.70
C ALA B 707 28.30 26.80 29.08
N LYS B 708 27.50 26.87 30.16
CA LYS B 708 27.96 26.81 31.57
C LYS B 708 28.29 25.37 31.99
N HIS B 709 28.29 24.40 31.07
CA HIS B 709 28.71 22.99 31.30
C HIS B 709 29.64 22.52 30.19
N PRO B 710 30.80 23.18 29.95
CA PRO B 710 31.67 22.84 28.83
C PRO B 710 32.37 21.48 29.04
N ASP B 711 32.40 21.00 30.28
CA ASP B 711 32.93 19.67 30.67
C ASP B 711 32.10 18.55 30.02
N MET B 712 30.81 18.80 29.75
CA MET B 712 29.83 17.77 29.31
C MET B 712 29.36 18.03 27.86
N LEU B 713 29.08 19.29 27.51
CA LEU B 713 28.50 19.70 26.20
C LEU B 713 29.45 20.64 25.46
N THR B 714 29.70 20.41 24.18
CA THR B 714 30.53 21.27 23.30
C THR B 714 29.77 21.57 22.00
N SER B 715 29.88 22.81 21.51
CA SER B 715 29.27 23.33 20.25
C SER B 715 27.74 23.23 20.30
N VAL B 716 27.13 23.41 21.48
CA VAL B 716 25.64 23.48 21.62
C VAL B 716 25.16 24.76 20.93
N ARG B 717 24.59 24.62 19.73
CA ARG B 717 24.26 25.74 18.80
C ARG B 717 22.87 25.53 18.21
N PRO B 718 22.19 26.61 17.76
CA PRO B 718 20.96 26.47 17.00
C PRO B 718 21.25 26.10 15.54
N ASN B 719 20.40 25.25 14.93
CA ASN B 719 20.52 24.81 13.52
C ASN B 719 19.85 25.83 12.60
N GLY B 720 19.00 26.69 13.15
CA GLY B 720 18.17 27.66 12.39
C GLY B 720 18.85 29.00 12.20
N LEU B 721 18.09 29.99 11.72
CA LEU B 721 18.55 31.38 11.47
C LEU B 721 18.01 32.31 12.58
N GLU B 722 18.67 33.46 12.76
CA GLU B 722 18.27 34.51 13.74
C GLU B 722 17.36 35.53 13.03
N ASP B 723 16.55 36.24 13.81
CA ASP B 723 15.63 37.29 13.33
C ASP B 723 16.45 38.38 12.63
N THR B 724 15.86 39.07 11.66
CA THR B 724 16.53 40.07 10.79
C THR B 724 15.64 41.30 10.64
N PRO B 725 16.22 42.49 10.39
CA PRO B 725 15.43 43.67 10.03
C PRO B 725 14.50 43.36 8.85
N GLN B 726 13.23 43.76 8.94
CA GLN B 726 12.23 43.63 7.84
C GLN B 726 11.33 44.86 7.82
N PHE B 727 10.85 45.22 6.63
CA PHE B 727 10.19 46.51 6.31
C PHE B 727 8.68 46.35 6.45
N LYS B 728 8.13 46.65 7.64
CA LYS B 728 6.66 46.60 7.88
C LYS B 728 6.00 47.80 7.19
N ILE B 729 5.04 47.55 6.31
CA ILE B 729 4.28 48.60 5.57
C ILE B 729 2.79 48.41 5.84
N ASP B 730 2.16 49.42 6.46
CA ASP B 730 0.74 49.41 6.91
C ASP B 730 -0.11 50.15 5.89
N ILE B 731 -0.86 49.41 5.06
CA ILE B 731 -1.88 49.98 4.13
C ILE B 731 -2.98 50.59 4.99
N ASP B 732 -3.16 51.91 4.91
CA ASP B 732 -4.25 52.64 5.62
C ASP B 732 -5.56 52.39 4.86
N GLN B 733 -6.48 51.64 5.47
CA GLN B 733 -7.75 51.18 4.84
C GLN B 733 -8.67 52.37 4.60
N GLU B 734 -8.69 53.34 5.53
CA GLU B 734 -9.57 54.53 5.46
C GLU B 734 -9.17 55.42 4.27
N LYS B 735 -7.89 55.74 4.15
CA LYS B 735 -7.37 56.65 3.09
C LYS B 735 -7.47 55.94 1.72
N ALA B 736 -7.33 54.61 1.70
CA ALA B 736 -7.46 53.78 0.48
C ALA B 736 -8.91 53.86 -0.04
N GLN B 737 -9.89 53.73 0.86
CA GLN B 737 -11.34 53.81 0.54
C GLN B 737 -11.70 55.25 0.16
N ALA B 738 -11.15 56.25 0.87
CA ALA B 738 -11.38 57.69 0.62
C ALA B 738 -11.03 58.04 -0.83
N LEU B 739 -9.81 57.68 -1.27
CA LEU B 739 -9.25 57.99 -2.61
C LEU B 739 -9.89 57.08 -3.68
N GLY B 740 -10.60 56.02 -3.27
CA GLY B 740 -11.26 55.08 -4.20
C GLY B 740 -10.25 54.14 -4.83
N VAL B 741 -9.24 53.71 -4.07
CA VAL B 741 -8.21 52.71 -4.47
C VAL B 741 -8.53 51.41 -3.75
N SER B 742 -8.84 50.34 -4.50
CA SER B 742 -9.15 49.00 -3.95
C SER B 742 -7.88 48.38 -3.36
N ILE B 743 -8.04 47.57 -2.32
CA ILE B 743 -6.91 46.93 -1.56
C ILE B 743 -6.25 45.88 -2.47
N ASN B 744 -7.05 45.21 -3.31
CA ASN B 744 -6.59 44.14 -4.24
C ASN B 744 -5.63 44.73 -5.27
N ASP B 745 -5.95 45.91 -5.80
CA ASP B 745 -5.09 46.66 -6.75
C ASP B 745 -3.79 47.06 -6.05
N ILE B 746 -3.87 47.47 -4.77
CA ILE B 746 -2.70 47.85 -3.93
C ILE B 746 -1.82 46.61 -3.72
N ASN B 747 -2.38 45.57 -3.10
CA ASN B 747 -1.63 44.34 -2.73
C ASN B 747 -1.06 43.65 -3.99
N THR B 748 -1.79 43.68 -5.11
CA THR B 748 -1.33 43.09 -6.40
C THR B 748 -0.17 43.93 -6.95
N THR B 749 -0.32 45.26 -6.99
CA THR B 749 0.72 46.21 -7.46
C THR B 749 2.02 45.94 -6.69
N LEU B 750 1.95 45.94 -5.35
CA LEU B 750 3.11 45.75 -4.44
C LEU B 750 3.73 44.37 -4.67
N GLY B 751 2.92 43.31 -4.53
CA GLY B 751 3.35 41.90 -4.62
C GLY B 751 3.96 41.58 -5.97
N ALA B 752 3.29 42.00 -7.05
CA ALA B 752 3.74 41.76 -8.45
C ALA B 752 5.09 42.44 -8.67
N ALA B 753 5.20 43.73 -8.34
CA ALA B 753 6.40 44.57 -8.58
C ALA B 753 7.60 44.07 -7.76
N TRP B 754 7.43 43.98 -6.44
CA TRP B 754 8.55 43.75 -5.48
C TRP B 754 8.83 42.25 -5.28
N GLY B 755 7.79 41.41 -5.32
CA GLY B 755 7.88 39.97 -5.05
C GLY B 755 7.92 39.15 -6.33
N GLY B 756 7.34 39.66 -7.41
CA GLY B 756 7.09 38.89 -8.64
C GLY B 756 5.74 38.21 -8.60
N SER B 757 5.19 37.90 -9.77
CA SER B 757 3.88 37.22 -9.96
C SER B 757 3.96 36.28 -11.17
N TYR B 758 3.88 34.98 -10.94
CA TYR B 758 3.73 33.94 -11.99
C TYR B 758 2.32 34.08 -12.56
N VAL B 759 2.22 34.52 -13.81
CA VAL B 759 0.94 34.93 -14.47
C VAL B 759 0.30 33.71 -15.14
N ASN B 760 1.00 33.10 -16.10
CA ASN B 760 0.52 31.89 -16.84
C ASN B 760 1.71 31.30 -17.63
N ASP B 761 1.45 30.32 -18.51
CA ASP B 761 2.49 29.62 -19.31
C ASP B 761 2.47 30.11 -20.77
N PHE B 762 3.57 29.88 -21.47
CA PHE B 762 3.74 30.10 -22.92
C PHE B 762 4.56 28.95 -23.50
N ILE B 763 4.57 28.79 -24.83
CA ILE B 763 5.30 27.68 -25.52
C ILE B 763 6.55 28.27 -26.19
N ASP B 764 7.74 27.96 -25.66
CA ASP B 764 9.06 28.37 -26.21
C ASP B 764 9.70 27.16 -26.92
N ARG B 765 9.72 27.20 -28.26
CA ARG B 765 10.32 26.13 -29.10
C ARG B 765 9.76 24.76 -28.66
N GLY B 766 8.45 24.66 -28.51
CA GLY B 766 7.71 23.42 -28.25
C GLY B 766 7.89 22.90 -26.83
N ARG B 767 8.14 23.79 -25.87
CA ARG B 767 8.28 23.47 -24.42
C ARG B 767 7.48 24.48 -23.60
N VAL B 768 6.49 24.02 -22.83
CA VAL B 768 5.67 24.90 -21.95
C VAL B 768 6.60 25.49 -20.88
N LYS B 769 6.48 26.79 -20.63
CA LYS B 769 7.37 27.58 -19.75
C LYS B 769 6.59 28.72 -19.10
N LYS B 770 7.08 29.25 -17.98
CA LYS B 770 6.35 30.21 -17.12
C LYS B 770 6.57 31.65 -17.61
N VAL B 771 5.57 32.50 -17.37
CA VAL B 771 5.60 33.97 -17.60
C VAL B 771 5.53 34.64 -16.22
N TYR B 772 6.55 35.45 -15.89
CA TYR B 772 6.63 36.25 -14.64
C TYR B 772 6.59 37.74 -14.99
N VAL B 773 5.76 38.51 -14.30
CA VAL B 773 5.86 40.00 -14.23
C VAL B 773 6.54 40.35 -12.91
N MET B 774 7.41 41.35 -12.94
CA MET B 774 8.13 41.87 -11.75
C MET B 774 8.68 43.25 -12.09
N SER B 775 9.03 44.04 -11.09
CA SER B 775 9.73 45.34 -11.25
C SER B 775 11.15 45.07 -11.77
N GLU B 776 11.62 45.91 -12.70
CA GLU B 776 13.05 46.02 -13.05
C GLU B 776 13.80 46.38 -11.76
N ALA B 777 14.96 45.77 -11.54
CA ALA B 777 15.72 45.81 -10.26
C ALA B 777 15.70 47.22 -9.65
N LYS B 778 15.97 48.25 -10.44
CA LYS B 778 16.29 49.62 -9.93
C LYS B 778 15.08 50.27 -9.24
N TYR B 779 13.87 49.71 -9.36
CA TYR B 779 12.63 50.27 -8.75
C TYR B 779 12.11 49.41 -7.60
N ARG B 780 12.88 48.43 -7.10
CA ARG B 780 12.46 47.59 -5.95
C ARG B 780 13.67 47.28 -5.05
N MET B 781 14.46 48.30 -4.72
CA MET B 781 15.74 48.14 -3.96
C MET B 781 15.66 48.81 -2.58
N LEU B 782 15.06 50.00 -2.48
CA LEU B 782 15.12 50.84 -1.26
C LEU B 782 13.74 51.36 -0.88
N PRO B 783 13.52 51.72 0.40
CA PRO B 783 12.23 52.27 0.85
C PRO B 783 11.71 53.48 0.05
N ASP B 784 12.60 54.30 -0.53
CA ASP B 784 12.24 55.46 -1.38
C ASP B 784 11.45 54.96 -2.60
N ASP B 785 11.84 53.81 -3.16
CA ASP B 785 11.30 53.25 -4.43
C ASP B 785 9.81 52.94 -4.26
N ILE B 786 9.34 52.67 -3.04
CA ILE B 786 7.91 52.35 -2.72
C ILE B 786 7.01 53.47 -3.27
N GLY B 787 7.44 54.74 -3.13
CA GLY B 787 6.66 55.93 -3.50
C GLY B 787 6.52 56.11 -5.01
N ASP B 788 7.39 55.48 -5.80
CA ASP B 788 7.42 55.60 -7.29
C ASP B 788 6.34 54.71 -7.92
N TRP B 789 5.70 53.83 -7.14
CA TRP B 789 4.62 52.91 -7.61
C TRP B 789 3.25 53.56 -7.40
N TYR B 790 2.48 53.62 -8.49
CA TYR B 790 1.15 54.29 -8.55
C TYR B 790 0.07 53.23 -8.78
N VAL B 791 -1.12 53.48 -8.23
CA VAL B 791 -2.34 52.63 -8.36
C VAL B 791 -3.46 53.51 -8.91
N ARG B 792 -4.22 53.02 -9.89
CA ARG B 792 -5.35 53.78 -10.49
C ARG B 792 -6.58 53.61 -9.58
N ALA B 793 -7.18 54.72 -9.16
CA ALA B 793 -8.40 54.77 -8.35
C ALA B 793 -9.61 54.56 -9.27
N ALA B 794 -10.81 54.47 -8.67
CA ALA B 794 -12.11 54.30 -9.37
C ALA B 794 -12.33 55.45 -10.37
N ASP B 795 -11.91 56.67 -10.01
CA ASP B 795 -12.18 57.92 -10.77
C ASP B 795 -11.06 58.16 -11.80
N GLY B 796 -10.07 57.28 -11.89
CA GLY B 796 -9.05 57.27 -12.96
C GLY B 796 -7.76 57.99 -12.58
N GLN B 797 -7.69 58.57 -11.38
CA GLN B 797 -6.49 59.32 -10.89
C GLN B 797 -5.46 58.32 -10.34
N MET B 798 -4.18 58.53 -10.66
CA MET B 798 -3.05 57.67 -10.21
C MET B 798 -2.58 58.16 -8.83
N VAL B 799 -2.50 57.25 -7.87
CA VAL B 799 -2.17 57.52 -6.44
C VAL B 799 -0.89 56.77 -6.09
N PRO B 800 0.18 57.46 -5.62
CA PRO B 800 1.41 56.76 -5.23
C PRO B 800 1.19 56.04 -3.89
N PHE B 801 2.02 55.03 -3.60
CA PHE B 801 1.95 54.24 -2.35
C PHE B 801 2.11 55.15 -1.13
N SER B 802 2.95 56.20 -1.25
CA SER B 802 3.23 57.20 -0.19
C SER B 802 1.91 57.74 0.41
N ALA B 803 0.88 57.90 -0.42
CA ALA B 803 -0.40 58.57 -0.09
C ALA B 803 -1.23 57.75 0.92
N PHE B 804 -1.16 56.42 0.87
CA PHE B 804 -2.06 55.51 1.64
C PHE B 804 -1.28 54.47 2.46
N SER B 805 0.05 54.58 2.56
CA SER B 805 0.89 53.62 3.32
C SER B 805 1.79 54.37 4.32
N SER B 806 2.30 53.62 5.30
CA SER B 806 3.24 54.08 6.36
C SER B 806 4.13 52.90 6.74
N SER B 807 5.44 53.08 6.76
CA SER B 807 6.42 51.98 6.96
C SER B 807 7.32 52.25 8.18
N ARG B 808 7.77 51.17 8.82
CA ARG B 808 8.74 51.18 9.95
C ARG B 808 9.53 49.88 9.93
N TRP B 809 10.77 49.91 10.45
CA TRP B 809 11.62 48.70 10.61
C TRP B 809 11.16 47.93 11.86
N GLU B 810 11.00 46.62 11.73
CA GLU B 810 10.83 45.67 12.85
C GLU B 810 11.74 44.48 12.62
N TYR B 811 11.88 43.61 13.61
CA TYR B 811 12.58 42.30 13.48
C TYR B 811 11.53 41.20 13.29
N GLY B 812 11.88 40.19 12.49
CA GLY B 812 11.06 38.98 12.28
C GLY B 812 11.90 37.85 11.74
N SER B 813 11.38 36.62 11.81
CA SER B 813 12.11 35.38 11.43
C SER B 813 12.17 35.25 9.91
N PRO B 814 13.36 34.98 9.33
CA PRO B 814 13.48 34.57 7.93
C PRO B 814 13.41 33.04 7.74
N ARG B 815 13.17 32.29 8.82
CA ARG B 815 13.08 30.80 8.80
C ARG B 815 12.43 30.31 10.10
N LEU B 816 11.16 29.87 10.00
CA LEU B 816 10.33 29.40 11.13
C LEU B 816 10.24 27.87 11.08
N GLU B 817 10.77 27.21 12.10
CA GLU B 817 10.84 25.74 12.19
C GLU B 817 9.60 25.25 12.95
N ARG B 818 9.11 24.05 12.62
CA ARG B 818 8.04 23.36 13.37
C ARG B 818 8.39 21.88 13.46
N TYR B 819 8.07 21.26 14.60
CA TYR B 819 8.29 19.81 14.86
C TYR B 819 6.99 19.20 15.39
N ASN B 820 6.44 18.22 14.65
CA ASN B 820 5.17 17.52 14.93
C ASN B 820 4.03 18.54 15.08
N GLY B 821 4.01 19.53 14.18
CA GLY B 821 2.88 20.48 14.02
C GLY B 821 2.95 21.66 14.98
N LEU B 822 3.93 21.70 15.88
CA LEU B 822 4.11 22.77 16.89
C LEU B 822 5.36 23.58 16.55
N PRO B 823 5.35 24.92 16.78
CA PRO B 823 6.55 25.74 16.59
C PRO B 823 7.73 25.15 17.36
N SER B 824 8.91 25.11 16.75
CA SER B 824 10.12 24.46 17.32
C SER B 824 11.37 25.27 16.96
N MET B 825 12.48 24.93 17.60
CA MET B 825 13.84 25.43 17.27
C MET B 825 14.82 24.29 17.50
N GLU B 826 15.41 23.79 16.40
CA GLU B 826 16.38 22.68 16.40
C GLU B 826 17.67 23.17 17.02
N ILE B 827 18.17 22.45 18.03
CA ILE B 827 19.48 22.70 18.69
C ILE B 827 20.39 21.50 18.40
N LEU B 828 21.50 21.75 17.70
CA LEU B 828 22.59 20.75 17.51
C LEU B 828 23.62 20.96 18.62
N GLY B 829 24.41 19.91 18.88
CA GLY B 829 25.51 19.91 19.85
C GLY B 829 26.15 18.54 19.89
N GLN B 830 27.15 18.34 20.75
CA GLN B 830 27.78 17.01 20.93
C GLN B 830 28.34 16.88 22.35
N ALA B 831 28.52 15.64 22.81
CA ALA B 831 29.17 15.30 24.09
C ALA B 831 30.63 15.77 24.04
N ALA B 832 31.12 16.34 25.15
CA ALA B 832 32.50 16.82 25.31
C ALA B 832 33.46 15.63 25.29
N PRO B 833 34.75 15.83 24.96
CA PRO B 833 35.72 14.73 24.88
C PRO B 833 35.71 13.83 26.14
N GLY B 834 35.63 12.51 25.94
CA GLY B 834 35.63 11.50 27.01
C GLY B 834 34.25 11.31 27.65
N LYS B 835 33.22 11.91 27.05
CA LYS B 835 31.79 11.75 27.48
C LYS B 835 31.04 10.94 26.42
N SER B 836 30.06 10.14 26.84
CA SER B 836 29.12 9.42 25.96
C SER B 836 27.97 10.36 25.58
N THR B 837 27.42 10.18 24.37
CA THR B 837 26.24 10.94 23.86
C THR B 837 25.10 10.89 24.89
N GLY B 838 24.85 9.70 25.44
CA GLY B 838 23.79 9.44 26.43
C GLY B 838 23.85 10.37 27.63
N GLU B 839 25.06 10.67 28.12
CA GLU B 839 25.30 11.59 29.27
C GLU B 839 24.93 13.02 28.86
N ALA B 840 25.47 13.47 27.73
CA ALA B 840 25.22 14.80 27.13
C ALA B 840 23.71 15.02 26.99
N MET B 841 22.99 14.01 26.48
CA MET B 841 21.52 14.05 26.27
C MET B 841 20.80 14.15 27.62
N GLU B 842 21.29 13.46 28.65
CA GLU B 842 20.69 13.48 30.02
C GLU B 842 20.80 14.88 30.62
N LEU B 843 21.92 15.58 30.37
CA LEU B 843 22.13 16.97 30.87
C LEU B 843 21.20 17.93 30.11
N MET B 844 21.09 17.77 28.80
CA MET B 844 20.20 18.60 27.93
C MET B 844 18.75 18.45 28.39
N GLU B 845 18.33 17.26 28.84
CA GLU B 845 16.98 16.98 29.40
C GLU B 845 16.85 17.68 30.77
N GLN B 846 17.90 17.62 31.60
CA GLN B 846 17.95 18.25 32.94
C GLN B 846 17.81 19.78 32.79
N LEU B 847 18.62 20.40 31.92
CA LEU B 847 18.62 21.87 31.68
C LEU B 847 17.27 22.31 31.10
N ALA B 848 16.68 21.47 30.23
CA ALA B 848 15.42 21.75 29.50
C ALA B 848 14.23 21.75 30.48
N SER B 849 14.33 20.98 31.56
CA SER B 849 13.26 20.86 32.60
C SER B 849 13.15 22.19 33.38
N LYS B 850 14.20 23.02 33.35
CA LYS B 850 14.25 24.34 34.07
C LYS B 850 14.04 25.49 33.09
N LEU B 851 13.33 25.26 31.98
CA LEU B 851 12.96 26.32 31.01
C LEU B 851 11.55 26.82 31.34
N PRO B 852 11.09 27.96 30.79
CA PRO B 852 9.81 28.55 31.19
C PRO B 852 8.62 27.62 30.91
N THR B 853 7.45 27.96 31.48
CA THR B 853 6.17 27.23 31.32
C THR B 853 5.81 27.13 29.83
N GLY B 854 5.41 25.93 29.38
CA GLY B 854 4.92 25.68 28.01
C GLY B 854 6.05 25.46 27.02
N VAL B 855 7.29 25.33 27.49
CA VAL B 855 8.47 24.99 26.63
C VAL B 855 8.80 23.51 26.85
N GLY B 856 8.41 22.67 25.90
CA GLY B 856 8.75 21.24 25.87
C GLY B 856 9.99 21.00 25.05
N TYR B 857 10.37 19.73 24.89
CA TYR B 857 11.54 19.29 24.10
C TYR B 857 11.29 17.89 23.54
N ASP B 858 12.13 17.46 22.60
CA ASP B 858 12.07 16.11 22.00
C ASP B 858 13.36 15.85 21.23
N TRP B 859 13.71 14.58 21.07
CA TRP B 859 14.91 14.10 20.31
C TRP B 859 14.46 13.65 18.91
N THR B 860 15.23 14.03 17.88
CA THR B 860 14.95 13.74 16.46
C THR B 860 16.22 13.19 15.80
N GLY B 861 16.09 12.71 14.56
CA GLY B 861 17.20 12.18 13.74
C GLY B 861 18.01 11.13 14.47
N MET B 862 19.35 11.26 14.44
CA MET B 862 20.34 10.34 15.03
C MET B 862 20.04 10.07 16.51
N SER B 863 19.53 11.07 17.23
CA SER B 863 19.26 11.02 18.70
C SER B 863 18.06 10.11 18.99
N TYR B 864 16.95 10.30 18.27
CA TYR B 864 15.74 9.45 18.29
C TYR B 864 16.16 7.99 18.00
N GLN B 865 17.06 7.81 17.03
CA GLN B 865 17.58 6.50 16.54
C GLN B 865 18.37 5.79 17.65
N GLU B 866 19.34 6.49 18.26
CA GLU B 866 20.19 5.97 19.36
C GLU B 866 19.31 5.61 20.56
N ARG B 867 18.47 6.57 21.00
CA ARG B 867 17.57 6.44 22.18
C ARG B 867 16.79 5.12 22.11
N LEU B 868 16.46 4.63 20.90
CA LEU B 868 15.72 3.36 20.69
C LEU B 868 16.70 2.19 20.45
N SER B 869 17.80 2.43 19.73
CA SER B 869 18.82 1.39 19.39
C SER B 869 19.66 1.02 20.61
N GLY B 870 19.78 1.93 21.58
CA GLY B 870 20.52 1.73 22.84
C GLY B 870 19.75 0.84 23.81
N ASN B 871 18.42 0.94 23.80
CA ASN B 871 17.49 0.08 24.58
C ASN B 871 17.63 -1.38 24.10
N GLN B 872 17.91 -1.59 22.81
CA GLN B 872 17.97 -2.92 22.14
C GLN B 872 19.23 -3.70 22.56
N ALA B 873 20.37 -3.02 22.67
CA ALA B 873 21.72 -3.64 22.74
C ALA B 873 21.76 -4.71 23.83
N PRO B 874 21.43 -4.40 25.10
CA PRO B 874 21.61 -5.37 26.20
C PRO B 874 21.00 -6.74 25.90
N SER B 875 19.76 -6.75 25.38
CA SER B 875 19.01 -7.97 25.00
C SER B 875 19.83 -8.81 24.01
N LEU B 876 20.36 -8.18 22.96
CA LEU B 876 21.05 -8.87 21.84
C LEU B 876 22.42 -9.36 22.31
N TYR B 877 23.12 -8.59 23.15
CA TYR B 877 24.38 -9.01 23.83
C TYR B 877 24.10 -10.24 24.70
N ALA B 878 23.03 -10.18 25.51
CA ALA B 878 22.59 -11.25 26.43
C ALA B 878 22.27 -12.51 25.61
N ILE B 879 21.30 -12.40 24.69
CA ILE B 879 20.81 -13.53 23.84
C ILE B 879 21.98 -14.19 23.13
N SER B 880 22.93 -13.40 22.62
CA SER B 880 24.15 -13.88 21.93
C SER B 880 24.97 -14.76 22.89
N LEU B 881 25.31 -14.23 24.06
CA LEU B 881 26.18 -14.89 25.07
C LEU B 881 25.50 -16.18 25.58
N ILE B 882 24.18 -16.14 25.80
CA ILE B 882 23.38 -17.28 26.33
C ILE B 882 23.40 -18.43 25.32
N VAL B 883 23.17 -18.14 24.03
CA VAL B 883 23.05 -19.17 22.96
C VAL B 883 24.43 -19.77 22.68
N VAL B 884 25.51 -18.97 22.75
CA VAL B 884 26.91 -19.46 22.56
C VAL B 884 27.19 -20.53 23.62
N PHE B 885 26.96 -20.20 24.90
CA PHE B 885 27.13 -21.11 26.05
C PHE B 885 26.37 -22.41 25.79
N LEU B 886 25.06 -22.31 25.49
CA LEU B 886 24.14 -23.45 25.31
C LEU B 886 24.62 -24.35 24.17
N CYS B 887 25.15 -23.78 23.10
CA CYS B 887 25.70 -24.52 21.93
C CYS B 887 26.95 -25.30 22.36
N LEU B 888 27.88 -24.63 23.06
CA LEU B 888 29.14 -25.25 23.57
C LEU B 888 28.79 -26.33 24.60
N ALA B 889 27.79 -26.08 25.45
CA ALA B 889 27.28 -27.03 26.46
C ALA B 889 26.84 -28.32 25.79
N ALA B 890 26.09 -28.21 24.69
CA ALA B 890 25.57 -29.35 23.89
C ALA B 890 26.74 -30.06 23.19
N LEU B 891 27.69 -29.31 22.64
CA LEU B 891 28.88 -29.84 21.92
C LEU B 891 29.70 -30.72 22.87
N TYR B 892 30.01 -30.21 24.06
CA TYR B 892 30.92 -30.84 25.05
C TYR B 892 30.14 -31.74 26.02
N GLU B 893 28.81 -31.69 26.00
CA GLU B 893 27.96 -32.43 26.97
C GLU B 893 28.49 -32.11 28.37
N SER B 894 28.43 -30.82 28.75
CA SER B 894 29.02 -30.26 29.99
C SER B 894 28.56 -28.81 30.19
N TRP B 895 28.16 -28.46 31.42
CA TRP B 895 27.72 -27.10 31.81
C TRP B 895 28.93 -26.21 32.15
N SER B 896 30.08 -26.82 32.45
CA SER B 896 31.29 -26.13 32.99
C SER B 896 32.32 -25.87 31.89
N ILE B 897 32.56 -26.84 31.00
CA ILE B 897 33.65 -26.79 29.98
C ILE B 897 33.48 -25.58 29.07
N PRO B 898 32.26 -25.24 28.58
CA PRO B 898 32.02 -24.02 27.81
C PRO B 898 32.84 -22.78 28.23
N PHE B 899 33.02 -22.58 29.54
CA PHE B 899 33.72 -21.39 30.12
C PHE B 899 35.18 -21.35 29.63
N SER B 900 35.80 -22.51 29.38
CA SER B 900 37.20 -22.63 28.92
C SER B 900 37.35 -21.98 27.54
N VAL B 901 36.37 -22.19 26.66
CA VAL B 901 36.30 -21.55 25.30
C VAL B 901 35.97 -20.07 25.48
N MET B 902 34.90 -19.76 26.22
CA MET B 902 34.31 -18.40 26.32
C MET B 902 35.30 -17.40 26.94
N LEU B 903 36.28 -17.87 27.73
CA LEU B 903 37.27 -16.98 28.40
C LEU B 903 38.30 -16.45 27.39
N VAL B 904 38.28 -16.90 26.12
CA VAL B 904 39.27 -16.49 25.08
C VAL B 904 38.98 -15.05 24.62
N VAL B 905 37.76 -14.55 24.84
CA VAL B 905 37.19 -13.32 24.20
C VAL B 905 38.16 -12.14 24.34
N PRO B 906 38.63 -11.78 25.56
CA PRO B 906 39.55 -10.65 25.72
C PRO B 906 40.91 -10.75 24.99
N LEU B 907 41.41 -11.97 24.79
CA LEU B 907 42.76 -12.22 24.18
C LEU B 907 42.83 -11.62 22.78
N GLY B 908 41.75 -11.71 22.01
CA GLY B 908 41.62 -11.08 20.69
C GLY B 908 41.38 -9.58 20.80
N VAL B 909 40.52 -9.17 21.72
CA VAL B 909 40.01 -7.76 21.82
C VAL B 909 41.15 -6.83 22.29
N ILE B 910 42.08 -7.32 23.10
CA ILE B 910 43.19 -6.48 23.69
C ILE B 910 44.10 -5.96 22.58
N GLY B 911 44.47 -6.82 21.62
CA GLY B 911 45.36 -6.48 20.50
C GLY B 911 44.71 -5.52 19.52
N ALA B 912 43.41 -5.69 19.28
CA ALA B 912 42.58 -4.80 18.44
C ALA B 912 42.62 -3.38 19.01
N LEU B 913 42.29 -3.24 20.30
CA LEU B 913 42.25 -1.94 21.02
C LEU B 913 43.66 -1.33 21.08
N LEU B 914 44.71 -2.15 21.23
CA LEU B 914 46.12 -1.68 21.25
C LEU B 914 46.48 -1.09 19.88
N ALA B 915 46.24 -1.86 18.81
CA ALA B 915 46.57 -1.48 17.41
C ALA B 915 45.79 -0.23 16.98
N ALA B 916 44.49 -0.18 17.31
CA ALA B 916 43.58 0.95 16.99
C ALA B 916 44.03 2.21 17.73
N THR B 917 44.27 2.11 19.04
CA THR B 917 44.66 3.25 19.92
C THR B 917 46.00 3.83 19.47
N PHE B 918 47.00 2.97 19.19
CA PHE B 918 48.39 3.39 18.87
C PHE B 918 48.48 3.89 17.42
N ARG B 919 47.47 3.63 16.57
CA ARG B 919 47.42 4.15 15.18
C ARG B 919 46.55 5.42 15.13
N GLY B 920 45.87 5.77 16.22
CA GLY B 920 44.99 6.95 16.32
C GLY B 920 43.73 6.79 15.49
N LEU B 921 43.15 5.59 15.47
CA LEU B 921 41.85 5.28 14.82
C LEU B 921 40.76 5.30 15.90
N THR B 922 39.52 4.99 15.51
CA THR B 922 38.30 5.13 16.34
C THR B 922 37.65 3.76 16.54
N ASN B 923 36.68 3.69 17.47
CA ASN B 923 35.80 2.52 17.69
C ASN B 923 34.65 2.60 16.68
N ASP B 924 34.94 2.40 15.40
CA ASP B 924 33.96 2.51 14.28
C ASP B 924 33.35 1.14 14.02
N VAL B 925 32.40 1.06 13.08
CA VAL B 925 31.63 -0.19 12.76
C VAL B 925 32.57 -1.24 12.17
N TYR B 926 33.59 -0.84 11.40
CA TYR B 926 34.57 -1.75 10.77
C TYR B 926 35.42 -2.42 11.86
N PHE B 927 35.85 -1.63 12.85
CA PHE B 927 36.57 -2.10 14.05
C PHE B 927 35.69 -3.09 14.83
N GLN B 928 34.43 -2.71 15.08
CA GLN B 928 33.45 -3.46 15.92
C GLN B 928 33.16 -4.83 15.31
N VAL B 929 32.88 -4.88 14.00
CA VAL B 929 32.58 -6.16 13.28
C VAL B 929 33.88 -6.98 13.24
N GLY B 930 35.04 -6.32 13.13
CA GLY B 930 36.37 -6.94 13.21
C GLY B 930 36.58 -7.67 14.52
N LEU B 931 36.14 -7.09 15.64
CA LEU B 931 36.22 -7.73 16.98
C LEU B 931 35.47 -9.06 16.96
N LEU B 932 34.29 -9.10 16.33
CA LEU B 932 33.43 -10.32 16.29
C LEU B 932 34.11 -11.41 15.45
N THR B 933 34.77 -11.05 14.34
CA THR B 933 35.50 -12.01 13.46
C THR B 933 36.76 -12.50 14.19
N THR B 934 37.44 -11.62 14.92
CA THR B 934 38.65 -11.96 15.73
C THR B 934 38.25 -12.86 16.90
N ILE B 935 37.17 -12.51 17.61
CA ILE B 935 36.58 -13.31 18.73
C ILE B 935 36.15 -14.67 18.18
N GLY B 936 35.48 -14.68 17.01
CA GLY B 936 34.96 -15.90 16.37
C GLY B 936 36.07 -16.89 16.01
N LEU B 937 37.18 -16.39 15.46
CA LEU B 937 38.33 -17.20 14.99
C LEU B 937 39.14 -17.71 16.19
N SER B 938 39.29 -16.90 17.24
CA SER B 938 39.94 -17.30 18.52
C SER B 938 39.06 -18.32 19.23
N ALA B 939 37.74 -18.09 19.27
CA ALA B 939 36.72 -19.03 19.82
C ALA B 939 36.76 -20.35 19.04
N LYS B 940 36.89 -20.26 17.72
CA LYS B 940 36.97 -21.43 16.81
C LYS B 940 38.20 -22.27 17.18
N ASN B 941 39.37 -21.63 17.25
CA ASN B 941 40.66 -22.27 17.62
C ASN B 941 40.52 -22.96 18.98
N ALA B 942 39.96 -22.25 19.97
CA ALA B 942 39.77 -22.72 21.36
C ALA B 942 38.85 -23.94 21.39
N ILE B 943 37.79 -23.93 20.59
CA ILE B 943 36.79 -25.04 20.54
C ILE B 943 37.49 -26.33 20.13
N LEU B 944 38.38 -26.27 19.13
CA LEU B 944 39.07 -27.47 18.58
C LEU B 944 40.17 -27.95 19.53
N ILE B 945 40.75 -27.06 20.35
CA ILE B 945 41.75 -27.45 21.40
C ILE B 945 41.01 -28.21 22.50
N VAL B 946 39.88 -27.70 22.96
CA VAL B 946 39.08 -28.30 24.08
C VAL B 946 38.46 -29.62 23.60
N GLU B 947 38.08 -29.70 22.33
CA GLU B 947 37.45 -30.90 21.72
C GLU B 947 38.46 -32.06 21.71
N PHE B 948 39.66 -31.80 21.18
CA PHE B 948 40.78 -32.78 21.08
C PHE B 948 41.18 -33.25 22.49
N ALA B 949 41.40 -32.31 23.41
CA ALA B 949 41.76 -32.58 24.82
C ALA B 949 40.68 -33.45 25.48
N LYS B 950 39.42 -33.01 25.39
CA LYS B 950 38.27 -33.69 26.06
C LYS B 950 38.12 -35.12 25.53
N ASP B 951 38.21 -35.32 24.22
CA ASP B 951 38.03 -36.64 23.57
C ASP B 951 39.17 -37.58 23.97
N LEU B 952 40.39 -37.06 24.11
CA LEU B 952 41.58 -37.85 24.55
C LEU B 952 41.33 -38.39 25.96
N MET B 953 40.65 -37.61 26.81
CA MET B 953 40.28 -38.00 28.20
C MET B 953 39.13 -39.02 28.15
N ASP B 954 38.10 -38.76 27.32
CA ASP B 954 36.86 -39.58 27.25
C ASP B 954 37.15 -40.91 26.54
N LYS B 955 37.73 -40.86 25.33
CA LYS B 955 37.94 -42.05 24.46
C LYS B 955 39.15 -42.85 24.96
N GLU B 956 40.32 -42.21 25.07
CA GLU B 956 41.63 -42.86 25.30
C GLU B 956 42.03 -42.79 26.79
N GLY B 957 41.12 -42.36 27.67
CA GLY B 957 41.27 -42.41 29.14
C GLY B 957 42.52 -41.69 29.64
N LYS B 958 43.01 -40.69 28.91
CA LYS B 958 44.24 -39.93 29.26
C LYS B 958 43.97 -38.97 30.42
N GLY B 959 45.04 -38.44 31.01
CA GLY B 959 44.98 -37.47 32.13
C GLY B 959 44.79 -36.05 31.61
N LEU B 960 44.21 -35.17 32.44
CA LEU B 960 43.87 -33.76 32.10
C LEU B 960 45.06 -33.10 31.41
N ILE B 961 46.23 -33.11 32.04
CA ILE B 961 47.45 -32.38 31.57
C ILE B 961 48.00 -33.08 30.33
N GLU B 962 48.02 -34.42 30.33
CA GLU B 962 48.49 -35.24 29.17
C GLU B 962 47.63 -34.90 27.95
N ALA B 963 46.30 -34.92 28.12
CA ALA B 963 45.30 -34.69 27.05
C ALA B 963 45.40 -33.24 26.56
N THR B 964 45.51 -32.28 27.48
CA THR B 964 45.65 -30.83 27.16
C THR B 964 46.94 -30.60 26.37
N LEU B 965 48.06 -31.16 26.83
CA LEU B 965 49.41 -30.96 26.21
C LEU B 965 49.44 -31.57 24.81
N ASP B 966 48.77 -32.70 24.61
CA ASP B 966 48.67 -33.39 23.30
C ASP B 966 47.77 -32.57 22.37
N ALA B 967 46.61 -32.10 22.87
CA ALA B 967 45.63 -31.28 22.12
C ALA B 967 46.33 -30.06 21.51
N VAL B 968 46.97 -29.23 22.34
CA VAL B 968 47.60 -27.95 21.91
C VAL B 968 48.77 -28.25 20.96
N ARG B 969 49.42 -29.41 21.09
CA ARG B 969 50.53 -29.86 20.18
C ARG B 969 49.96 -30.07 18.78
N MET B 970 48.86 -30.82 18.68
CA MET B 970 48.18 -31.16 17.41
C MET B 970 47.64 -29.89 16.75
N ARG B 971 47.15 -28.92 17.54
CA ARG B 971 46.43 -27.72 17.04
C ARG B 971 47.41 -26.56 16.76
N LEU B 972 48.68 -26.65 17.19
CA LEU B 972 49.65 -25.54 17.06
C LEU B 972 49.83 -25.16 15.59
N ARG B 973 49.98 -26.14 14.70
CA ARG B 973 50.29 -25.92 13.26
C ARG B 973 49.11 -25.21 12.58
N PRO B 974 47.88 -25.77 12.57
CA PRO B 974 46.76 -25.15 11.84
C PRO B 974 46.38 -23.76 12.35
N ILE B 975 46.63 -23.48 13.64
CA ILE B 975 46.40 -22.15 14.25
C ILE B 975 47.43 -21.16 13.67
N LEU B 976 48.71 -21.53 13.68
CA LEU B 976 49.82 -20.67 13.17
C LEU B 976 49.69 -20.48 11.66
N MET B 977 49.12 -21.44 10.93
CA MET B 977 48.95 -21.39 9.45
C MET B 977 47.88 -20.35 9.09
N THR B 978 46.65 -20.53 9.60
CA THR B 978 45.52 -19.57 9.40
C THR B 978 45.97 -18.16 9.75
N SER B 979 46.58 -17.98 10.92
CA SER B 979 47.02 -16.68 11.47
C SER B 979 48.07 -16.04 10.55
N LEU B 980 49.08 -16.81 10.14
CA LEU B 980 50.19 -16.34 9.26
C LEU B 980 49.61 -15.89 7.92
N ALA B 981 48.75 -16.72 7.31
CA ALA B 981 48.05 -16.44 6.05
C ALA B 981 47.20 -15.17 6.19
N PHE B 982 46.34 -15.12 7.23
CA PHE B 982 45.31 -14.08 7.41
C PHE B 982 45.96 -12.73 7.80
N ILE B 983 46.99 -12.75 8.65
CA ILE B 983 47.69 -11.50 9.10
C ILE B 983 48.46 -10.90 7.90
N LEU B 984 48.99 -11.74 7.01
CA LEU B 984 49.60 -11.30 5.72
C LEU B 984 48.50 -10.81 4.78
N GLY B 985 47.31 -11.44 4.84
CA GLY B 985 46.13 -11.11 4.02
C GLY B 985 45.60 -9.71 4.29
N VAL B 986 45.70 -9.20 5.52
CA VAL B 986 45.15 -7.88 5.95
C VAL B 986 46.27 -6.83 5.98
N MET B 987 47.53 -7.23 5.83
CA MET B 987 48.73 -6.35 5.95
C MET B 987 48.62 -5.17 4.97
N PRO B 988 48.21 -5.38 3.69
CA PRO B 988 48.07 -4.26 2.75
C PRO B 988 47.01 -3.23 3.15
N LEU B 989 45.89 -3.68 3.73
CA LEU B 989 44.76 -2.81 4.17
C LEU B 989 45.22 -1.87 5.28
N VAL B 990 46.15 -2.32 6.14
CA VAL B 990 46.69 -1.56 7.31
C VAL B 990 47.53 -0.38 6.81
N ILE B 991 48.45 -0.64 5.88
CA ILE B 991 49.47 0.33 5.38
C ILE B 991 48.90 1.16 4.21
N SER B 992 47.71 0.80 3.71
CA SER B 992 47.02 1.49 2.58
C SER B 992 46.84 2.99 2.91
N THR B 993 47.25 3.85 1.98
CA THR B 993 47.14 5.34 2.09
C THR B 993 46.28 5.92 0.96
N GLY B 994 45.87 5.10 -0.01
CA GLY B 994 45.23 5.56 -1.26
C GLY B 994 43.74 5.87 -1.07
N ALA B 995 42.98 5.80 -2.17
CA ALA B 995 41.52 5.98 -2.19
C ALA B 995 40.84 4.86 -1.39
N GLY B 996 39.89 5.22 -0.52
CA GLY B 996 39.14 4.27 0.32
C GLY B 996 40.00 3.67 1.43
N SER B 997 41.09 4.34 1.80
CA SER B 997 42.08 3.88 2.81
C SER B 997 41.50 4.01 4.22
N GLY B 998 40.57 4.94 4.44
CA GLY B 998 39.88 5.14 5.73
C GLY B 998 39.22 3.87 6.21
N ALA B 999 38.44 3.22 5.33
CA ALA B 999 37.70 1.96 5.58
C ALA B 999 38.68 0.78 5.68
N GLN B 1000 39.65 0.72 4.77
CA GLN B 1000 40.69 -0.36 4.73
C GLN B 1000 41.48 -0.35 6.04
N ASN B 1001 41.90 0.83 6.50
CA ASN B 1001 42.65 1.02 7.77
C ASN B 1001 41.78 0.55 8.95
N ALA B 1002 40.49 0.93 8.94
CA ALA B 1002 39.50 0.62 10.00
C ALA B 1002 39.25 -0.90 10.07
N VAL B 1003 39.22 -1.57 8.91
CA VAL B 1003 39.08 -3.04 8.79
C VAL B 1003 40.39 -3.69 9.25
N GLY B 1004 41.50 -3.34 8.59
CA GLY B 1004 42.80 -4.02 8.70
C GLY B 1004 43.44 -3.90 10.08
N THR B 1005 43.51 -2.69 10.63
CA THR B 1005 44.29 -2.36 11.85
C THR B 1005 43.77 -3.17 13.05
N GLY B 1006 42.46 -3.12 13.31
CA GLY B 1006 41.81 -3.82 14.44
C GLY B 1006 41.92 -5.33 14.32
N VAL B 1007 41.89 -5.86 13.09
CA VAL B 1007 41.97 -7.31 12.81
C VAL B 1007 43.42 -7.77 13.00
N MET B 1008 44.38 -7.11 12.33
CA MET B 1008 45.82 -7.47 12.37
C MET B 1008 46.28 -7.49 13.83
N GLY B 1009 46.04 -6.40 14.56
CA GLY B 1009 46.38 -6.24 15.99
C GLY B 1009 45.73 -7.33 16.84
N GLY B 1010 44.44 -7.55 16.65
CA GLY B 1010 43.66 -8.56 17.38
C GLY B 1010 44.16 -9.97 17.09
N MET B 1011 44.52 -10.26 15.84
CA MET B 1011 44.96 -11.61 15.40
C MET B 1011 46.33 -11.93 16.01
N VAL B 1012 47.21 -10.92 16.16
CA VAL B 1012 48.56 -11.10 16.77
C VAL B 1012 48.38 -11.57 18.22
N THR B 1013 47.56 -10.87 19.01
CA THR B 1013 47.32 -11.21 20.44
C THR B 1013 46.47 -12.49 20.53
N ALA B 1014 45.41 -12.62 19.72
CA ALA B 1014 44.51 -13.80 19.70
C ALA B 1014 45.34 -15.08 19.48
N THR B 1015 46.27 -15.05 18.52
CA THR B 1015 47.18 -16.18 18.19
C THR B 1015 48.15 -16.40 19.34
N VAL B 1016 49.00 -15.41 19.62
CA VAL B 1016 50.09 -15.45 20.63
C VAL B 1016 49.54 -15.92 21.98
N LEU B 1017 48.45 -15.32 22.46
CA LEU B 1017 47.92 -15.57 23.83
C LEU B 1017 47.13 -16.89 23.88
N ALA B 1018 46.24 -17.14 22.92
CA ALA B 1018 45.31 -18.30 22.94
C ALA B 1018 46.10 -19.62 23.05
N ILE B 1019 47.24 -19.74 22.36
CA ILE B 1019 48.05 -21.00 22.35
C ILE B 1019 48.58 -21.27 23.76
N PHE B 1020 48.81 -20.24 24.57
CA PHE B 1020 49.33 -20.34 25.96
C PHE B 1020 48.19 -20.30 26.99
N PHE B 1021 47.09 -19.60 26.71
CA PHE B 1021 46.01 -19.31 27.70
C PHE B 1021 44.88 -20.35 27.63
N VAL B 1022 44.51 -20.83 26.44
CA VAL B 1022 43.39 -21.80 26.25
C VAL B 1022 43.66 -23.06 27.08
N PRO B 1023 44.87 -23.69 27.00
CA PRO B 1023 45.19 -24.81 27.89
C PRO B 1023 44.97 -24.47 29.37
N VAL B 1024 45.39 -23.28 29.80
CA VAL B 1024 45.20 -22.78 31.20
C VAL B 1024 43.70 -22.80 31.50
N PHE B 1025 42.88 -22.19 30.63
CA PHE B 1025 41.41 -22.07 30.81
C PHE B 1025 40.80 -23.47 30.96
N PHE B 1026 41.21 -24.42 30.11
CA PHE B 1026 40.66 -25.79 30.09
C PHE B 1026 40.98 -26.50 31.41
N VAL B 1027 42.24 -26.42 31.85
CA VAL B 1027 42.73 -27.11 33.08
C VAL B 1027 42.06 -26.49 34.31
N VAL B 1028 42.13 -25.16 34.46
CA VAL B 1028 41.57 -24.41 35.63
C VAL B 1028 40.07 -24.74 35.77
N VAL B 1029 39.35 -24.80 34.65
CA VAL B 1029 37.86 -25.02 34.62
C VAL B 1029 37.55 -26.46 35.04
N ARG B 1030 38.25 -27.46 34.48
CA ARG B 1030 38.02 -28.91 34.80
C ARG B 1030 38.31 -29.16 36.29
N ARG B 1031 39.34 -28.51 36.83
CA ARG B 1031 39.71 -28.58 38.27
C ARG B 1031 38.59 -27.98 39.13
N ARG B 1032 38.12 -26.78 38.78
CA ARG B 1032 37.13 -25.99 39.57
C ARG B 1032 35.80 -26.77 39.64
N PHE B 1033 35.43 -27.48 38.57
CA PHE B 1033 34.20 -28.32 38.48
C PHE B 1033 34.63 -29.79 38.26
N SER B 1034 35.05 -30.44 39.35
CA SER B 1034 35.57 -31.84 39.39
C SER B 1034 34.44 -32.80 39.79
N MET C 1 12.39 -48.94 1.77
CA MET C 1 11.01 -48.38 1.71
C MET C 1 10.07 -49.34 0.97
N PRO C 2 10.45 -49.91 -0.21
CA PRO C 2 9.58 -50.84 -0.91
C PRO C 2 9.28 -52.12 -0.10
N ASN C 3 10.32 -52.71 0.52
CA ASN C 3 10.20 -53.91 1.39
C ASN C 3 9.18 -53.63 2.50
N PHE C 4 9.24 -52.45 3.11
CA PHE C 4 8.32 -51.99 4.18
C PHE C 4 6.86 -52.16 3.73
N PHE C 5 6.53 -51.66 2.54
CA PHE C 5 5.14 -51.55 2.04
C PHE C 5 4.69 -52.85 1.34
N ILE C 6 5.63 -53.73 0.97
CA ILE C 6 5.31 -55.10 0.46
C ILE C 6 4.62 -55.88 1.58
N ASP C 7 5.14 -55.77 2.80
CA ASP C 7 4.60 -56.43 4.03
C ASP C 7 3.37 -55.67 4.54
N ARG C 8 3.30 -54.36 4.27
CA ARG C 8 2.23 -53.45 4.79
C ARG C 8 1.45 -52.85 3.61
N PRO C 9 0.66 -53.66 2.88
CA PRO C 9 -0.10 -53.14 1.74
C PRO C 9 -1.20 -52.14 2.11
N ILE C 10 -1.77 -52.24 3.32
CA ILE C 10 -2.87 -51.34 3.78
C ILE C 10 -2.28 -49.95 4.05
N PHE C 11 -1.10 -49.87 4.68
CA PHE C 11 -0.33 -48.61 4.89
C PHE C 11 -0.12 -47.95 3.52
N ALA C 12 0.38 -48.72 2.54
CA ALA C 12 0.62 -48.26 1.16
C ALA C 12 -0.68 -47.73 0.55
N TRP C 13 -1.79 -48.43 0.73
CA TRP C 13 -3.13 -48.03 0.23
C TRP C 13 -3.60 -46.75 0.92
N VAL C 14 -3.34 -46.62 2.22
CA VAL C 14 -3.77 -45.45 3.05
C VAL C 14 -3.11 -44.18 2.50
N ILE C 15 -1.81 -44.22 2.21
CA ILE C 15 -1.04 -43.07 1.65
C ILE C 15 -1.68 -42.66 0.31
N ALA C 16 -2.07 -43.64 -0.51
CA ALA C 16 -2.67 -43.43 -1.86
C ALA C 16 -4.05 -42.79 -1.73
N ILE C 17 -4.88 -43.23 -0.77
CA ILE C 17 -6.28 -42.74 -0.58
C ILE C 17 -6.25 -41.31 -0.03
N ILE C 18 -5.37 -41.03 0.94
CA ILE C 18 -5.22 -39.67 1.54
C ILE C 18 -4.81 -38.70 0.43
N ILE C 19 -3.83 -39.05 -0.40
CA ILE C 19 -3.34 -38.21 -1.55
C ILE C 19 -4.53 -37.95 -2.48
N MET C 20 -5.34 -38.96 -2.78
CA MET C 20 -6.49 -38.86 -3.72
C MET C 20 -7.59 -37.98 -3.10
N LEU C 21 -7.87 -38.16 -1.81
CA LEU C 21 -8.88 -37.34 -1.07
C LEU C 21 -8.41 -35.88 -1.03
N ALA C 22 -7.16 -35.65 -0.61
CA ALA C 22 -6.51 -34.32 -0.56
C ALA C 22 -6.60 -33.65 -1.94
N GLY C 23 -6.37 -34.41 -3.01
CA GLY C 23 -6.41 -33.93 -4.39
C GLY C 23 -7.81 -33.63 -4.86
N GLY C 24 -8.72 -34.61 -4.69
CA GLY C 24 -10.14 -34.49 -5.08
C GLY C 24 -10.80 -33.29 -4.45
N LEU C 25 -10.54 -33.03 -3.16
CA LEU C 25 -11.09 -31.89 -2.38
C LEU C 25 -10.49 -30.58 -2.89
N ALA C 26 -9.18 -30.55 -3.13
CA ALA C 26 -8.45 -29.39 -3.68
C ALA C 26 -8.98 -29.06 -5.08
N ALA C 27 -9.19 -30.08 -5.92
CA ALA C 27 -9.61 -29.98 -7.34
C ALA C 27 -10.96 -29.27 -7.46
N LEU C 28 -11.89 -29.55 -6.54
CA LEU C 28 -13.28 -29.02 -6.56
C LEU C 28 -13.27 -27.49 -6.36
N LYS C 29 -12.35 -26.98 -5.54
CA LYS C 29 -12.29 -25.55 -5.13
C LYS C 29 -11.06 -24.86 -5.75
N LEU C 30 -10.58 -25.35 -6.90
CA LEU C 30 -9.55 -24.65 -7.72
C LEU C 30 -10.24 -23.71 -8.69
N PRO C 31 -9.65 -22.53 -8.99
CA PRO C 31 -10.16 -21.67 -10.06
C PRO C 31 -9.99 -22.33 -11.44
N VAL C 32 -10.85 -21.93 -12.39
CA VAL C 32 -10.83 -22.38 -13.81
C VAL C 32 -10.67 -21.14 -14.70
N ALA C 33 -9.81 -21.25 -15.72
CA ALA C 33 -9.50 -20.18 -16.70
C ALA C 33 -8.86 -20.83 -17.93
N GLN C 34 -8.79 -20.08 -19.04
CA GLN C 34 -8.10 -20.54 -20.27
C GLN C 34 -6.59 -20.53 -20.00
N TYR C 35 -6.07 -19.38 -19.57
CA TYR C 35 -4.65 -19.15 -19.22
C TYR C 35 -4.57 -18.60 -17.80
N PRO C 36 -3.37 -18.61 -17.19
CA PRO C 36 -3.11 -17.76 -16.02
C PRO C 36 -2.86 -16.32 -16.50
N THR C 37 -2.52 -15.43 -15.57
CA THR C 37 -2.02 -14.06 -15.90
C THR C 37 -0.67 -14.23 -16.60
N ILE C 38 -0.64 -14.02 -17.92
CA ILE C 38 0.59 -14.15 -18.77
C ILE C 38 0.94 -12.77 -19.35
N ALA C 39 -0.08 -11.97 -19.70
CA ALA C 39 0.09 -10.58 -20.17
C ALA C 39 0.70 -9.73 -19.06
N PRO C 40 1.70 -8.88 -19.37
CA PRO C 40 2.33 -8.04 -18.36
C PRO C 40 1.38 -6.93 -17.90
N PRO C 41 1.46 -6.48 -16.64
CA PRO C 41 0.51 -5.48 -16.13
C PRO C 41 0.83 -4.11 -16.74
N ALA C 42 -0.20 -3.29 -16.90
CA ALA C 42 -0.10 -1.95 -17.54
C ALA C 42 -0.93 -0.95 -16.74
N VAL C 43 -0.39 0.27 -16.59
CA VAL C 43 -1.04 1.44 -15.94
C VAL C 43 -1.21 2.50 -17.02
N THR C 44 -2.40 3.12 -17.10
CA THR C 44 -2.69 4.19 -18.09
C THR C 44 -3.02 5.49 -17.34
N ILE C 45 -2.32 6.56 -17.71
CA ILE C 45 -2.61 7.96 -17.31
C ILE C 45 -3.50 8.56 -18.40
N SER C 46 -4.72 8.97 -18.06
CA SER C 46 -5.68 9.65 -18.97
C SER C 46 -5.86 11.10 -18.51
N ALA C 47 -5.52 12.06 -19.37
CA ALA C 47 -5.73 13.51 -19.16
C ALA C 47 -6.58 14.06 -20.30
N SER C 48 -7.02 15.32 -20.19
CA SER C 48 -7.92 15.99 -21.17
C SER C 48 -7.68 17.50 -21.14
N TYR C 49 -7.38 18.08 -22.30
CA TYR C 49 -7.27 19.55 -22.52
C TYR C 49 -8.37 19.94 -23.50
N PRO C 50 -9.61 20.20 -23.01
CA PRO C 50 -10.75 20.44 -23.90
C PRO C 50 -10.47 21.51 -24.97
N GLY C 51 -10.72 21.17 -26.24
CA GLY C 51 -10.67 22.11 -27.39
C GLY C 51 -9.26 22.38 -27.88
N ALA C 52 -8.27 21.67 -27.35
CA ALA C 52 -6.84 21.81 -27.73
C ALA C 52 -6.50 20.74 -28.78
N ASP C 53 -5.68 21.11 -29.76
CA ASP C 53 -5.24 20.20 -30.86
C ASP C 53 -4.10 19.32 -30.33
N ALA C 54 -3.83 18.21 -31.02
CA ALA C 54 -2.84 17.17 -30.65
C ALA C 54 -1.50 17.80 -30.30
N LYS C 55 -0.99 18.68 -31.18
CA LYS C 55 0.35 19.32 -31.08
C LYS C 55 0.44 20.11 -29.77
N THR C 56 -0.58 20.92 -29.44
CA THR C 56 -0.68 21.72 -28.19
C THR C 56 -0.70 20.80 -26.97
N VAL C 57 -1.54 19.77 -26.99
CA VAL C 57 -1.76 18.82 -25.87
C VAL C 57 -0.49 18.00 -25.64
N GLN C 58 0.22 17.63 -26.71
CA GLN C 58 1.52 16.91 -26.61
C GLN C 58 2.53 17.79 -25.88
N ASP C 59 2.60 19.08 -26.23
CA ASP C 59 3.60 20.06 -25.71
C ASP C 59 3.30 20.38 -24.24
N THR C 60 2.02 20.59 -23.89
CA THR C 60 1.61 21.13 -22.57
C THR C 60 1.29 20.01 -21.57
N VAL C 61 1.00 18.78 -22.03
CA VAL C 61 0.51 17.69 -21.15
C VAL C 61 1.39 16.44 -21.32
N THR C 62 1.36 15.82 -22.50
CA THR C 62 1.92 14.46 -22.74
C THR C 62 3.41 14.42 -22.37
N GLN C 63 4.22 15.36 -22.89
CA GLN C 63 5.68 15.41 -22.65
C GLN C 63 5.95 15.80 -21.19
N VAL C 64 5.18 16.73 -20.65
CA VAL C 64 5.30 17.21 -19.23
C VAL C 64 5.14 16.00 -18.30
N ILE C 65 4.13 15.13 -18.56
CA ILE C 65 3.89 13.89 -17.76
C ILE C 65 5.03 12.89 -18.02
N GLU C 66 5.34 12.64 -19.30
CA GLU C 66 6.33 11.62 -19.75
C GLU C 66 7.72 11.93 -19.18
N GLN C 67 8.09 13.20 -19.10
CA GLN C 67 9.38 13.69 -18.51
C GLN C 67 9.56 13.11 -17.11
N ASN C 68 8.47 12.96 -16.35
CA ASN C 68 8.47 12.56 -14.92
C ASN C 68 8.33 11.04 -14.77
N MET C 69 7.88 10.32 -15.81
CA MET C 69 7.63 8.85 -15.76
C MET C 69 8.96 8.08 -15.75
N ASN C 70 10.11 8.76 -15.75
CA ASN C 70 11.45 8.13 -15.70
C ASN C 70 11.66 7.48 -14.33
N GLY C 71 12.52 6.44 -14.28
CA GLY C 71 13.04 5.81 -13.06
C GLY C 71 11.94 5.22 -12.18
N ILE C 72 10.94 4.57 -12.79
CA ILE C 72 9.91 3.75 -12.09
C ILE C 72 10.38 2.30 -12.14
N ASP C 73 10.09 1.52 -11.10
CA ASP C 73 10.52 0.09 -10.98
C ASP C 73 9.81 -0.76 -12.05
N ASN C 74 10.57 -1.58 -12.78
CA ASN C 74 10.07 -2.68 -13.64
C ASN C 74 9.30 -2.17 -14.86
N LEU C 75 9.63 -0.96 -15.36
CA LEU C 75 9.00 -0.38 -16.57
C LEU C 75 9.67 -0.97 -17.82
N MET C 76 8.94 -1.79 -18.58
CA MET C 76 9.43 -2.41 -19.85
C MET C 76 9.42 -1.35 -20.96
N TYR C 77 8.28 -0.68 -21.16
CA TYR C 77 8.13 0.39 -22.18
C TYR C 77 6.91 1.26 -21.85
N MET C 78 6.86 2.42 -22.49
CA MET C 78 5.79 3.44 -22.34
C MET C 78 5.38 3.92 -23.73
N SER C 79 4.08 3.84 -24.04
CA SER C 79 3.47 4.32 -25.31
C SER C 79 2.37 5.32 -24.98
N SER C 80 2.22 6.39 -25.76
CA SER C 80 1.21 7.45 -25.52
C SER C 80 0.72 8.05 -26.83
N ASN C 81 -0.45 8.69 -26.79
CA ASN C 81 -1.04 9.41 -27.95
C ASN C 81 -1.77 10.66 -27.44
N SER C 82 -1.63 11.76 -28.20
CA SER C 82 -2.32 13.06 -28.01
C SER C 82 -3.12 13.35 -29.27
N ASP C 83 -4.43 13.63 -29.18
CA ASP C 83 -5.32 13.72 -30.35
C ASP C 83 -6.05 15.07 -30.39
N SER C 84 -6.80 15.30 -31.47
CA SER C 84 -7.45 16.58 -31.87
C SER C 84 -8.57 16.97 -30.89
N THR C 85 -9.14 16.02 -30.15
CA THR C 85 -10.19 16.25 -29.13
C THR C 85 -9.56 16.74 -27.82
N GLY C 86 -8.23 16.65 -27.72
CA GLY C 86 -7.44 17.16 -26.59
C GLY C 86 -7.21 16.10 -25.53
N THR C 87 -7.48 14.84 -25.84
CA THR C 87 -7.31 13.68 -24.92
C THR C 87 -5.84 13.24 -24.94
N VAL C 88 -5.32 12.84 -23.77
CA VAL C 88 -4.00 12.16 -23.63
C VAL C 88 -4.26 10.78 -23.03
N GLN C 89 -3.56 9.77 -23.56
CA GLN C 89 -3.41 8.43 -22.92
C GLN C 89 -1.92 8.10 -22.89
N ILE C 90 -1.37 7.83 -21.71
CA ILE C 90 0.04 7.36 -21.52
C ILE C 90 -0.01 6.01 -20.79
N THR C 91 0.13 4.92 -21.54
CA THR C 91 0.15 3.53 -21.02
C THR C 91 1.60 3.13 -20.71
N LEU C 92 1.90 2.90 -19.43
CA LEU C 92 3.16 2.29 -18.95
C LEU C 92 2.93 0.79 -18.77
N THR C 93 3.75 -0.04 -19.42
CA THR C 93 3.69 -1.52 -19.35
C THR C 93 4.92 -2.02 -18.58
N PHE C 94 4.69 -2.89 -17.60
CA PHE C 94 5.71 -3.34 -16.60
C PHE C 94 6.11 -4.80 -16.84
N GLU C 95 7.24 -5.20 -16.25
CA GLU C 95 7.81 -6.57 -16.36
C GLU C 95 6.74 -7.57 -15.90
N SER C 96 6.77 -8.80 -16.41
CA SER C 96 5.84 -9.88 -16.00
C SER C 96 6.07 -10.18 -14.52
N GLY C 97 4.98 -10.36 -13.75
CA GLY C 97 5.02 -10.66 -12.31
C GLY C 97 5.25 -9.42 -11.44
N THR C 98 5.24 -8.22 -12.03
CA THR C 98 5.29 -6.93 -11.30
C THR C 98 3.96 -6.74 -10.56
N ASP C 99 4.02 -6.26 -9.31
CA ASP C 99 2.82 -5.96 -8.49
C ASP C 99 2.12 -4.73 -9.09
N ALA C 100 1.03 -4.96 -9.83
CA ALA C 100 0.30 -3.93 -10.61
C ALA C 100 -0.19 -2.80 -9.68
N ASP C 101 -0.51 -3.12 -8.42
CA ASP C 101 -1.01 -2.16 -7.40
C ASP C 101 0.12 -1.23 -6.96
N ILE C 102 1.35 -1.76 -6.82
CA ILE C 102 2.58 -0.98 -6.51
C ILE C 102 2.95 -0.13 -7.74
N ALA C 103 2.86 -0.70 -8.94
CA ALA C 103 3.14 -0.01 -10.22
C ALA C 103 2.23 1.23 -10.31
N GLN C 104 0.94 1.06 -10.02
CA GLN C 104 -0.06 2.17 -10.03
C GLN C 104 0.42 3.27 -9.08
N VAL C 105 0.75 2.91 -7.85
CA VAL C 105 1.19 3.84 -6.76
C VAL C 105 2.42 4.63 -7.24
N GLN C 106 3.42 3.94 -7.82
CA GLN C 106 4.69 4.54 -8.29
C GLN C 106 4.42 5.54 -9.44
N VAL C 107 3.46 5.24 -10.31
CA VAL C 107 3.07 6.13 -11.46
C VAL C 107 2.34 7.37 -10.91
N GLN C 108 1.45 7.17 -9.95
CA GLN C 108 0.62 8.25 -9.31
C GLN C 108 1.56 9.25 -8.61
N ASN C 109 2.56 8.74 -7.88
CA ASN C 109 3.56 9.55 -7.15
C ASN C 109 4.35 10.41 -8.15
N LYS C 110 4.73 9.82 -9.29
CA LYS C 110 5.50 10.52 -10.35
C LYS C 110 4.61 11.52 -11.09
N LEU C 111 3.34 11.17 -11.34
CA LEU C 111 2.38 12.07 -12.03
C LEU C 111 2.13 13.33 -11.19
N GLN C 112 2.18 13.20 -9.86
CA GLN C 112 1.87 14.31 -8.92
C GLN C 112 2.84 15.48 -9.14
N LEU C 113 4.11 15.19 -9.45
CA LEU C 113 5.14 16.22 -9.74
C LEU C 113 4.77 16.98 -11.03
N ALA C 114 4.23 16.28 -12.02
CA ALA C 114 3.83 16.86 -13.33
C ALA C 114 2.55 17.68 -13.19
N MET C 115 1.62 17.26 -12.33
CA MET C 115 0.22 17.78 -12.24
C MET C 115 0.19 19.30 -12.27
N PRO C 116 0.94 20.01 -11.38
CA PRO C 116 0.91 21.47 -11.37
C PRO C 116 1.58 22.14 -12.58
N LEU C 117 2.45 21.42 -13.29
CA LEU C 117 3.09 21.90 -14.55
C LEU C 117 2.10 21.81 -15.72
N LEU C 118 1.01 21.05 -15.56
CA LEU C 118 -0.07 20.96 -16.59
C LEU C 118 -0.90 22.23 -16.51
N PRO C 119 -1.68 22.57 -17.57
CA PRO C 119 -2.61 23.70 -17.51
C PRO C 119 -3.70 23.52 -16.44
N GLN C 120 -4.21 24.62 -15.90
CA GLN C 120 -5.29 24.65 -14.87
C GLN C 120 -6.51 23.89 -15.43
N GLU C 121 -6.77 24.00 -16.73
CA GLU C 121 -7.99 23.48 -17.40
C GLU C 121 -7.89 21.96 -17.53
N VAL C 122 -6.67 21.41 -17.58
CA VAL C 122 -6.41 19.94 -17.58
C VAL C 122 -6.61 19.42 -16.15
N GLN C 123 -6.00 20.08 -15.16
CA GLN C 123 -6.13 19.77 -13.71
C GLN C 123 -7.60 19.82 -13.30
N GLN C 124 -8.34 20.82 -13.79
CA GLN C 124 -9.82 20.99 -13.61
C GLN C 124 -10.55 19.75 -14.15
N GLN C 125 -10.07 19.19 -15.26
CA GLN C 125 -10.73 18.05 -15.96
C GLN C 125 -10.48 16.75 -15.19
N GLY C 126 -9.40 16.68 -14.40
CA GLY C 126 -9.01 15.50 -13.61
C GLY C 126 -8.16 14.52 -14.42
N VAL C 127 -7.05 14.05 -13.84
CA VAL C 127 -6.10 13.10 -14.47
C VAL C 127 -6.19 11.77 -13.72
N SER C 128 -6.63 10.70 -14.39
CA SER C 128 -6.79 9.34 -13.82
C SER C 128 -5.51 8.53 -14.01
N VAL C 129 -5.10 7.78 -12.99
CA VAL C 129 -3.99 6.79 -13.02
C VAL C 129 -4.53 5.48 -12.46
N GLU C 130 -4.62 4.44 -13.30
CA GLU C 130 -5.18 3.14 -12.90
C GLU C 130 -4.71 2.06 -13.88
N LYS C 131 -4.86 0.79 -13.47
CA LYS C 131 -4.46 -0.41 -14.24
C LYS C 131 -5.40 -0.54 -15.44
N SER C 132 -4.86 -0.94 -16.60
CA SER C 132 -5.54 -0.92 -17.91
C SER C 132 -5.29 -2.22 -18.67
N SER C 133 -6.30 -2.67 -19.43
CA SER C 133 -6.19 -3.71 -20.49
C SER C 133 -6.67 -3.09 -21.81
N SER C 134 -6.12 -3.54 -22.94
CA SER C 134 -6.38 -2.98 -24.29
C SER C 134 -7.49 -3.75 -25.01
N SER C 135 -8.00 -4.83 -24.40
CA SER C 135 -8.92 -5.80 -25.05
C SER C 135 -10.23 -5.91 -24.26
N PHE C 136 -11.35 -5.91 -24.98
CA PHE C 136 -12.72 -6.16 -24.42
C PHE C 136 -12.87 -7.66 -24.15
N LEU C 137 -13.17 -8.01 -22.90
CA LEU C 137 -13.65 -9.36 -22.51
C LEU C 137 -14.90 -9.69 -23.34
N MET C 138 -15.82 -8.73 -23.42
CA MET C 138 -17.10 -8.87 -24.16
C MET C 138 -17.68 -7.49 -24.49
N VAL C 139 -18.67 -7.47 -25.39
CA VAL C 139 -19.58 -6.31 -25.62
C VAL C 139 -20.99 -6.78 -25.27
N VAL C 140 -21.61 -6.17 -24.26
CA VAL C 140 -23.06 -6.36 -23.94
C VAL C 140 -23.84 -5.36 -24.79
N GLY C 141 -24.55 -5.86 -25.80
CA GLY C 141 -25.42 -5.06 -26.68
C GLY C 141 -26.78 -4.85 -26.05
N VAL C 142 -27.44 -3.74 -26.37
CA VAL C 142 -28.81 -3.41 -25.90
C VAL C 142 -29.59 -2.86 -27.11
N ILE C 143 -30.72 -3.48 -27.41
CA ILE C 143 -31.63 -3.11 -28.54
C ILE C 143 -33.03 -2.89 -27.99
N ASN C 144 -33.91 -2.31 -28.81
CA ASN C 144 -35.36 -2.12 -28.50
C ASN C 144 -36.16 -2.81 -29.60
N THR C 145 -37.13 -3.67 -29.23
CA THR C 145 -37.85 -4.56 -30.16
C THR C 145 -39.23 -3.99 -30.53
N ASP C 146 -39.78 -3.04 -29.76
CA ASP C 146 -41.14 -2.50 -30.01
C ASP C 146 -41.06 -1.00 -30.40
N GLY C 147 -39.91 -0.55 -30.91
CA GLY C 147 -39.72 0.74 -31.58
C GLY C 147 -40.22 1.94 -30.79
N THR C 148 -40.27 1.84 -29.45
CA THR C 148 -40.67 2.93 -28.52
C THR C 148 -39.44 3.79 -28.20
N MET C 149 -38.29 3.14 -27.97
CA MET C 149 -36.99 3.78 -27.63
C MET C 149 -36.14 3.92 -28.89
N THR C 150 -35.60 5.11 -29.14
CA THR C 150 -34.63 5.40 -30.24
C THR C 150 -33.25 4.84 -29.86
N GLN C 151 -32.25 5.08 -30.71
CA GLN C 151 -30.83 4.74 -30.45
C GLN C 151 -30.33 5.57 -29.25
N GLU C 152 -30.78 6.83 -29.15
CA GLU C 152 -30.39 7.79 -28.08
C GLU C 152 -31.03 7.35 -26.75
N ASP C 153 -32.31 6.97 -26.77
CA ASP C 153 -33.07 6.51 -25.58
C ASP C 153 -32.40 5.28 -24.96
N ILE C 154 -31.94 4.33 -25.78
CA ILE C 154 -31.29 3.07 -25.31
C ILE C 154 -29.95 3.44 -24.66
N SER C 155 -29.14 4.28 -25.32
CA SER C 155 -27.81 4.71 -24.83
C SER C 155 -27.96 5.42 -23.48
N ASP C 156 -28.97 6.27 -23.32
CA ASP C 156 -29.23 7.00 -22.05
C ASP C 156 -29.62 5.98 -20.97
N TYR C 157 -30.60 5.11 -21.25
CA TYR C 157 -31.04 4.09 -20.27
C TYR C 157 -29.83 3.30 -19.79
N VAL C 158 -28.93 2.90 -20.70
CA VAL C 158 -27.73 2.09 -20.37
C VAL C 158 -26.81 2.92 -19.47
N ALA C 159 -26.48 4.15 -19.88
CA ALA C 159 -25.57 5.07 -19.16
C ALA C 159 -26.08 5.32 -17.73
N ALA C 160 -27.39 5.53 -17.59
CA ALA C 160 -28.03 6.04 -16.35
C ALA C 160 -28.43 4.89 -15.41
N ASN C 161 -28.65 3.68 -15.92
CA ASN C 161 -29.29 2.58 -15.13
C ASN C 161 -28.43 1.31 -15.11
N MET C 162 -27.51 1.12 -16.05
CA MET C 162 -26.77 -0.16 -16.23
C MET C 162 -25.27 0.05 -16.02
N LYS C 163 -24.69 1.08 -16.61
CA LYS C 163 -23.20 1.25 -16.75
C LYS C 163 -22.53 1.23 -15.37
N ASP C 164 -22.96 2.09 -14.45
CA ASP C 164 -22.28 2.31 -13.15
C ASP C 164 -22.21 0.99 -12.38
N ALA C 165 -23.31 0.26 -12.28
CA ALA C 165 -23.39 -1.04 -11.56
C ALA C 165 -22.47 -2.07 -12.23
N ILE C 166 -22.40 -2.07 -13.56
CA ILE C 166 -21.52 -3.00 -14.35
C ILE C 166 -20.05 -2.62 -14.09
N SER C 167 -19.74 -1.33 -14.00
CA SER C 167 -18.36 -0.81 -13.82
C SER C 167 -17.83 -1.13 -12.41
N ARG C 168 -18.71 -1.37 -11.45
CA ARG C 168 -18.39 -1.72 -10.04
C ARG C 168 -18.47 -3.24 -9.80
N THR C 169 -18.90 -4.00 -10.80
CA THR C 169 -19.07 -5.48 -10.71
C THR C 169 -17.69 -6.13 -10.61
N SER C 170 -17.62 -7.30 -9.97
CA SER C 170 -16.38 -8.07 -9.66
C SER C 170 -15.56 -8.32 -10.92
N GLY C 171 -14.30 -7.89 -10.92
CA GLY C 171 -13.32 -8.20 -11.98
C GLY C 171 -13.52 -7.38 -13.24
N VAL C 172 -14.42 -6.39 -13.23
CA VAL C 172 -14.65 -5.47 -14.39
C VAL C 172 -13.64 -4.32 -14.30
N GLY C 173 -12.71 -4.25 -15.25
CA GLY C 173 -11.58 -3.31 -15.25
C GLY C 173 -11.95 -1.93 -15.76
N ASP C 174 -12.81 -1.84 -16.79
CA ASP C 174 -13.17 -0.59 -17.50
C ASP C 174 -14.38 -0.84 -18.39
N VAL C 175 -15.25 0.16 -18.53
CA VAL C 175 -16.54 0.04 -19.28
C VAL C 175 -16.66 1.22 -20.25
N GLN C 176 -16.62 0.90 -21.55
CA GLN C 176 -16.76 1.85 -22.69
C GLN C 176 -18.23 1.84 -23.13
N LEU C 177 -18.93 2.97 -23.00
CA LEU C 177 -20.33 3.12 -23.47
C LEU C 177 -20.30 3.35 -24.98
N PHE C 178 -21.01 2.50 -25.75
CA PHE C 178 -21.19 2.64 -27.21
C PHE C 178 -22.44 3.49 -27.45
N GLY C 179 -22.26 4.80 -27.29
CA GLY C 179 -23.33 5.81 -27.22
C GLY C 179 -23.01 6.84 -26.16
N SER C 180 -24.00 7.67 -25.78
CA SER C 180 -23.85 8.76 -24.79
C SER C 180 -25.06 8.83 -23.87
N GLN C 181 -24.85 9.24 -22.62
CA GLN C 181 -25.93 9.62 -21.67
C GLN C 181 -26.57 10.93 -22.16
N TYR C 182 -27.87 11.11 -21.93
CA TYR C 182 -28.56 12.39 -22.21
C TYR C 182 -27.96 13.48 -21.31
N ALA C 183 -27.66 14.62 -21.91
CA ALA C 183 -27.53 15.93 -21.23
C ALA C 183 -28.79 16.73 -21.54
N MET C 184 -28.99 17.87 -20.89
CA MET C 184 -29.96 18.90 -21.31
C MET C 184 -29.28 19.73 -22.40
N ARG C 185 -29.67 19.52 -23.66
CA ARG C 185 -29.08 20.22 -24.83
C ARG C 185 -29.87 21.52 -25.08
N ILE C 186 -29.19 22.66 -24.90
CA ILE C 186 -29.66 24.01 -25.34
C ILE C 186 -29.06 24.23 -26.74
N TRP C 187 -29.89 24.13 -27.79
CA TRP C 187 -29.47 24.33 -29.21
C TRP C 187 -29.76 25.78 -29.61
N MET C 188 -28.76 26.65 -29.47
CA MET C 188 -28.91 28.12 -29.69
C MET C 188 -29.11 28.42 -31.18
N ASN C 189 -29.83 29.50 -31.46
CA ASN C 189 -30.08 30.06 -32.81
C ASN C 189 -29.47 31.45 -32.84
N PRO C 190 -28.44 31.72 -33.67
CA PRO C 190 -27.74 33.01 -33.65
C PRO C 190 -28.60 34.19 -34.10
N ASN C 191 -29.60 33.94 -34.96
CA ASN C 191 -30.53 34.98 -35.49
C ASN C 191 -31.48 35.43 -34.37
N GLU C 192 -32.09 34.48 -33.65
CA GLU C 192 -32.99 34.75 -32.50
C GLU C 192 -32.19 35.44 -31.39
N LEU C 193 -30.93 35.03 -31.17
CA LEU C 193 -30.00 35.66 -30.18
C LEU C 193 -29.78 37.13 -30.56
N ASN C 194 -29.36 37.38 -31.80
CA ASN C 194 -29.07 38.72 -32.36
C ASN C 194 -30.33 39.58 -32.33
N LYS C 195 -31.49 38.97 -32.61
CA LYS C 195 -32.81 39.65 -32.71
C LYS C 195 -33.17 40.29 -31.36
N PHE C 196 -32.75 39.69 -30.24
CA PHE C 196 -33.02 40.19 -28.86
C PHE C 196 -31.76 40.81 -28.26
N GLN C 197 -30.73 41.04 -29.07
CA GLN C 197 -29.40 41.60 -28.64
C GLN C 197 -28.83 40.73 -27.51
N LEU C 198 -28.60 39.44 -27.77
CA LEU C 198 -28.10 38.45 -26.77
C LEU C 198 -26.95 37.63 -27.35
N THR C 199 -26.19 36.97 -26.47
CA THR C 199 -25.03 36.10 -26.80
C THR C 199 -25.14 34.78 -26.03
N PRO C 200 -24.34 33.75 -26.38
CA PRO C 200 -24.22 32.55 -25.54
C PRO C 200 -23.82 32.86 -24.09
N VAL C 201 -23.04 33.93 -23.86
CA VAL C 201 -22.62 34.41 -22.51
C VAL C 201 -23.86 34.65 -21.65
N ASP C 202 -24.86 35.34 -22.21
CA ASP C 202 -26.13 35.70 -21.55
C ASP C 202 -26.95 34.43 -21.26
N VAL C 203 -26.90 33.46 -22.18
CA VAL C 203 -27.57 32.13 -22.03
C VAL C 203 -26.88 31.38 -20.89
N ILE C 204 -25.54 31.35 -20.87
CA ILE C 204 -24.73 30.61 -19.85
C ILE C 204 -24.96 31.26 -18.47
N THR C 205 -24.82 32.58 -18.38
CA THR C 205 -25.04 33.38 -17.15
C THR C 205 -26.44 33.08 -16.59
N ALA C 206 -27.44 33.04 -17.46
CA ALA C 206 -28.86 32.80 -17.10
C ALA C 206 -29.03 31.38 -16.54
N ILE C 207 -28.48 30.37 -17.21
CA ILE C 207 -28.63 28.93 -16.82
C ILE C 207 -27.97 28.73 -15.45
N LYS C 208 -26.76 29.25 -15.26
CA LYS C 208 -26.04 29.17 -13.96
C LYS C 208 -26.91 29.80 -12.87
N ALA C 209 -27.53 30.94 -13.17
CA ALA C 209 -28.37 31.73 -12.24
C ALA C 209 -29.66 30.97 -11.88
N GLN C 210 -30.28 30.30 -12.85
CA GLN C 210 -31.66 29.75 -12.73
C GLN C 210 -31.68 28.21 -12.75
N ASN C 211 -30.54 27.55 -12.98
CA ASN C 211 -30.34 26.11 -12.74
C ASN C 211 -29.26 25.95 -11.67
N ALA C 212 -29.60 26.31 -10.43
CA ALA C 212 -28.69 26.32 -9.26
C ALA C 212 -29.26 25.42 -8.15
N GLN C 213 -28.37 24.83 -7.35
CA GLN C 213 -28.72 24.09 -6.11
C GLN C 213 -28.07 24.83 -4.95
N VAL C 214 -28.82 25.71 -4.28
CA VAL C 214 -28.35 26.68 -3.26
C VAL C 214 -28.37 26.03 -1.88
N ALA C 215 -27.30 26.19 -1.11
CA ALA C 215 -27.26 25.93 0.35
C ALA C 215 -27.81 27.17 1.07
N ALA C 216 -29.02 27.07 1.63
CA ALA C 216 -29.79 28.20 2.19
C ALA C 216 -29.73 28.23 3.73
N GLY C 217 -29.42 27.10 4.38
CA GLY C 217 -29.30 27.02 5.85
C GLY C 217 -30.60 26.60 6.51
N GLN C 218 -30.78 26.97 7.78
CA GLN C 218 -31.88 26.47 8.65
C GLN C 218 -32.55 27.62 9.40
N LEU C 219 -33.81 27.40 9.77
CA LEU C 219 -34.52 28.09 10.88
C LEU C 219 -34.21 27.31 12.17
N GLY C 220 -33.82 28.00 13.24
CA GLY C 220 -33.57 27.38 14.56
C GLY C 220 -32.37 26.44 14.55
N GLY C 221 -31.47 26.61 13.60
CA GLY C 221 -30.19 25.89 13.54
C GLY C 221 -29.22 26.41 14.60
N THR C 222 -28.19 25.64 14.92
CA THR C 222 -27.24 25.92 16.03
C THR C 222 -26.24 27.00 15.62
N PRO C 223 -25.73 27.81 16.57
CA PRO C 223 -26.24 27.86 17.94
C PRO C 223 -27.56 28.61 17.99
N PRO C 224 -28.61 28.05 18.64
CA PRO C 224 -29.93 28.68 18.63
C PRO C 224 -30.12 29.61 19.84
N VAL C 225 -31.21 30.39 19.83
CA VAL C 225 -31.75 31.06 21.04
C VAL C 225 -32.44 29.96 21.85
N LYS C 226 -31.96 29.70 23.08
CA LYS C 226 -32.51 28.64 23.97
C LYS C 226 -34.01 28.86 24.13
N GLY C 227 -34.81 27.82 23.90
CA GLY C 227 -36.29 27.87 23.91
C GLY C 227 -36.88 27.73 22.52
N GLN C 228 -36.04 27.74 21.49
CA GLN C 228 -36.43 27.46 20.08
C GLN C 228 -37.16 26.11 20.01
N GLN C 229 -38.34 26.08 19.38
CA GLN C 229 -39.14 24.84 19.16
C GLN C 229 -38.94 24.33 17.72
N LEU C 230 -38.83 25.25 16.75
CA LEU C 230 -38.75 24.95 15.30
C LEU C 230 -37.30 24.69 14.90
N ASN C 231 -37.05 23.59 14.17
CA ASN C 231 -35.77 23.34 13.45
C ASN C 231 -36.12 22.81 12.05
N ALA C 232 -36.22 23.71 11.07
CA ALA C 232 -36.56 23.41 9.67
C ALA C 232 -35.43 23.88 8.75
N SER C 233 -35.09 23.06 7.75
CA SER C 233 -34.16 23.40 6.65
C SER C 233 -34.82 24.45 5.75
N ILE C 234 -34.09 25.49 5.38
CA ILE C 234 -34.51 26.44 4.30
C ILE C 234 -34.15 25.79 2.97
N ILE C 235 -35.12 25.70 2.06
CA ILE C 235 -34.92 25.20 0.66
C ILE C 235 -35.15 26.39 -0.28
N ALA C 236 -34.10 26.81 -0.98
CA ALA C 236 -34.14 27.86 -2.02
C ALA C 236 -34.22 27.18 -3.39
N GLN C 237 -33.42 27.62 -4.36
CA GLN C 237 -33.45 27.07 -5.74
C GLN C 237 -32.92 25.64 -5.71
N THR C 238 -33.67 24.71 -6.33
CA THR C 238 -33.21 23.34 -6.69
C THR C 238 -32.89 23.33 -8.18
N ARG C 239 -32.22 22.26 -8.64
CA ARG C 239 -31.83 22.10 -10.07
C ARG C 239 -33.11 21.81 -10.87
N LEU C 240 -33.16 22.31 -12.10
CA LEU C 240 -34.27 22.08 -13.06
C LEU C 240 -34.24 20.60 -13.46
N THR C 241 -35.39 20.01 -13.77
CA THR C 241 -35.56 18.53 -13.92
C THR C 241 -36.08 18.16 -15.32
N SER C 242 -36.35 19.14 -16.20
CA SER C 242 -37.11 18.94 -17.46
C SER C 242 -36.76 20.00 -18.50
N THR C 243 -37.07 19.73 -19.77
CA THR C 243 -36.97 20.68 -20.90
C THR C 243 -37.95 21.85 -20.68
N GLU C 244 -39.10 21.56 -20.07
CA GLU C 244 -40.16 22.59 -19.78
C GLU C 244 -39.54 23.72 -18.97
N GLU C 245 -38.81 23.38 -17.89
CA GLU C 245 -38.28 24.34 -16.89
C GLU C 245 -37.08 25.12 -17.46
N PHE C 246 -36.25 24.47 -18.28
CA PHE C 246 -35.10 25.13 -18.95
C PHE C 246 -35.64 26.13 -19.99
N GLY C 247 -36.72 25.76 -20.67
CA GLY C 247 -37.38 26.59 -21.71
C GLY C 247 -37.83 27.93 -21.15
N LYS C 248 -38.39 27.95 -19.94
CA LYS C 248 -38.98 29.17 -19.32
C LYS C 248 -37.94 29.93 -18.48
N ILE C 249 -36.65 29.57 -18.59
CA ILE C 249 -35.52 30.40 -18.03
C ILE C 249 -35.65 31.79 -18.65
N LEU C 250 -35.74 32.82 -17.81
CA LEU C 250 -35.85 34.25 -18.24
C LEU C 250 -34.45 34.78 -18.56
N LEU C 251 -34.20 35.13 -19.82
CA LEU C 251 -32.91 35.72 -20.30
C LEU C 251 -32.92 37.22 -20.02
N LYS C 252 -34.02 37.91 -20.35
CA LYS C 252 -34.22 39.35 -20.05
C LYS C 252 -35.71 39.72 -20.18
N VAL C 253 -36.05 40.93 -19.75
CA VAL C 253 -37.41 41.56 -19.89
C VAL C 253 -37.23 42.82 -20.75
N ASN C 254 -37.95 42.91 -21.87
CA ASN C 254 -37.89 44.06 -22.81
C ASN C 254 -38.53 45.29 -22.15
N GLN C 255 -38.28 46.48 -22.71
CA GLN C 255 -38.77 47.78 -22.18
C GLN C 255 -40.31 47.78 -22.16
N ASP C 256 -40.94 47.12 -23.15
CA ASP C 256 -42.42 47.11 -23.31
C ASP C 256 -43.06 46.04 -22.40
N GLY C 257 -42.26 45.38 -21.55
CA GLY C 257 -42.76 44.42 -20.55
C GLY C 257 -42.83 42.99 -21.08
N SER C 258 -42.51 42.78 -22.36
CA SER C 258 -42.43 41.44 -23.00
C SER C 258 -41.21 40.69 -22.47
N ARG C 259 -41.26 39.36 -22.43
CA ARG C 259 -40.28 38.48 -21.75
C ARG C 259 -39.55 37.62 -22.78
N VAL C 260 -38.22 37.69 -22.79
CA VAL C 260 -37.33 36.81 -23.61
C VAL C 260 -36.98 35.59 -22.76
N LEU C 261 -37.54 34.43 -23.12
CA LEU C 261 -37.23 33.12 -22.48
C LEU C 261 -36.13 32.42 -23.29
N LEU C 262 -35.57 31.33 -22.76
CA LEU C 262 -34.47 30.57 -23.40
C LEU C 262 -35.01 29.85 -24.64
N ARG C 263 -36.24 29.35 -24.58
CA ARG C 263 -36.91 28.64 -25.71
C ARG C 263 -37.21 29.60 -26.86
N ASP C 264 -37.15 30.92 -26.62
CA ASP C 264 -37.35 31.97 -27.66
C ASP C 264 -36.06 32.17 -28.46
N VAL C 265 -34.91 31.65 -28.00
CA VAL C 265 -33.60 31.79 -28.69
C VAL C 265 -32.93 30.43 -28.92
N ALA C 266 -33.57 29.31 -28.55
CA ALA C 266 -32.96 27.97 -28.63
C ALA C 266 -34.02 26.86 -28.60
N LYS C 267 -33.66 25.68 -29.11
CA LYS C 267 -34.45 24.43 -28.99
C LYS C 267 -33.94 23.69 -27.76
N ILE C 268 -34.84 23.36 -26.83
CA ILE C 268 -34.52 22.63 -25.57
C ILE C 268 -34.90 21.16 -25.79
N GLU C 269 -33.96 20.23 -25.60
CA GLU C 269 -34.26 18.77 -25.66
C GLU C 269 -33.18 17.97 -24.93
N LEU C 270 -33.56 16.81 -24.38
CA LEU C 270 -32.62 15.75 -23.94
C LEU C 270 -31.86 15.26 -25.17
N GLY C 271 -30.56 15.01 -25.01
CA GLY C 271 -29.66 14.59 -26.09
C GLY C 271 -28.27 14.29 -25.57
N GLY C 272 -27.50 13.47 -26.28
CA GLY C 272 -26.21 12.94 -25.83
C GLY C 272 -25.26 14.04 -25.39
N GLU C 273 -24.42 13.75 -24.38
CA GLU C 273 -23.28 14.62 -23.97
C GLU C 273 -22.42 14.90 -25.21
N ASN C 274 -22.15 13.85 -26.00
CA ASN C 274 -21.58 13.93 -27.36
C ASN C 274 -22.43 13.04 -28.30
N TYR C 275 -22.32 13.27 -29.60
CA TYR C 275 -23.09 12.55 -30.65
C TYR C 275 -22.15 11.82 -31.61
N ASP C 276 -20.92 11.52 -31.16
CA ASP C 276 -19.85 10.94 -31.99
C ASP C 276 -20.10 9.45 -32.23
N ILE C 277 -20.46 8.71 -31.18
CA ILE C 277 -20.58 7.23 -31.21
C ILE C 277 -22.03 6.86 -31.55
N ILE C 278 -22.19 6.05 -32.61
CA ILE C 278 -23.49 5.53 -33.11
C ILE C 278 -23.30 4.04 -33.41
N ALA C 279 -23.90 3.17 -32.59
CA ALA C 279 -23.73 1.70 -32.63
C ALA C 279 -24.92 1.06 -33.32
N GLU C 280 -24.74 -0.15 -33.85
CA GLU C 280 -25.71 -0.86 -34.71
C GLU C 280 -25.50 -2.37 -34.55
N PHE C 281 -26.55 -3.12 -34.19
CA PHE C 281 -26.54 -4.59 -33.98
C PHE C 281 -27.31 -5.28 -35.12
N ASN C 282 -26.60 -5.82 -36.10
CA ASN C 282 -27.16 -6.49 -37.31
C ASN C 282 -28.03 -5.47 -38.07
N GLY C 283 -27.54 -4.23 -38.21
CA GLY C 283 -28.21 -3.15 -38.95
C GLY C 283 -29.29 -2.46 -38.13
N GLN C 284 -29.60 -2.98 -36.94
CA GLN C 284 -30.66 -2.46 -36.02
C GLN C 284 -30.04 -1.46 -35.05
N PRO C 285 -30.64 -0.25 -34.87
CA PRO C 285 -30.19 0.70 -33.85
C PRO C 285 -29.97 0.06 -32.48
N ALA C 286 -28.86 0.40 -31.81
CA ALA C 286 -28.42 -0.23 -30.55
C ALA C 286 -27.55 0.71 -29.72
N SER C 287 -27.41 0.39 -28.44
CA SER C 287 -26.31 0.83 -27.55
C SER C 287 -25.57 -0.42 -27.05
N GLY C 288 -24.54 -0.24 -26.23
CA GLY C 288 -23.83 -1.37 -25.60
C GLY C 288 -22.78 -0.90 -24.60
N LEU C 289 -22.22 -1.85 -23.86
CA LEU C 289 -21.07 -1.66 -22.94
C LEU C 289 -19.91 -2.54 -23.42
N GLY C 290 -18.79 -1.92 -23.77
CA GLY C 290 -17.50 -2.62 -23.97
C GLY C 290 -16.83 -2.87 -22.64
N ILE C 291 -16.91 -4.10 -22.13
CA ILE C 291 -16.43 -4.45 -20.76
C ILE C 291 -15.02 -5.06 -20.88
N LYS C 292 -14.06 -4.47 -20.18
CA LYS C 292 -12.65 -4.95 -20.11
C LYS C 292 -12.46 -5.69 -18.79
N LEU C 293 -11.73 -6.81 -18.84
CA LEU C 293 -11.37 -7.62 -17.64
C LEU C 293 -10.32 -6.84 -16.83
N ALA C 294 -10.50 -6.79 -15.51
CA ALA C 294 -9.56 -6.14 -14.56
C ALA C 294 -8.32 -7.02 -14.41
N THR C 295 -7.13 -6.40 -14.33
CA THR C 295 -5.82 -7.09 -14.18
C THR C 295 -5.94 -8.16 -13.09
N GLY C 296 -5.64 -9.41 -13.42
CA GLY C 296 -5.56 -10.54 -12.47
C GLY C 296 -6.90 -11.18 -12.16
N ALA C 297 -8.00 -10.61 -12.65
CA ALA C 297 -9.38 -11.11 -12.42
C ALA C 297 -9.64 -12.34 -13.31
N ASN C 298 -10.47 -13.26 -12.83
CA ASN C 298 -10.87 -14.49 -13.56
C ASN C 298 -11.93 -14.13 -14.60
N ALA C 299 -11.71 -14.51 -15.86
CA ALA C 299 -12.59 -14.18 -17.01
C ALA C 299 -13.98 -14.80 -16.84
N LEU C 300 -14.03 -16.09 -16.47
CA LEU C 300 -15.28 -16.88 -16.34
C LEU C 300 -16.12 -16.37 -15.15
N ASP C 301 -15.49 -16.05 -14.02
CA ASP C 301 -16.16 -15.51 -12.81
C ASP C 301 -16.70 -14.10 -13.13
N THR C 302 -15.89 -13.28 -13.80
CA THR C 302 -16.25 -11.88 -14.21
C THR C 302 -17.44 -11.94 -15.16
N ALA C 303 -17.43 -12.84 -16.14
CA ALA C 303 -18.52 -13.03 -17.12
C ALA C 303 -19.79 -13.44 -16.38
N ALA C 304 -19.67 -14.40 -15.46
CA ALA C 304 -20.77 -14.89 -14.58
C ALA C 304 -21.35 -13.72 -13.79
N ALA C 305 -20.46 -12.89 -13.22
CA ALA C 305 -20.82 -11.72 -12.38
C ALA C 305 -21.62 -10.70 -13.21
N ILE C 306 -21.18 -10.46 -14.45
CA ILE C 306 -21.81 -9.49 -15.39
C ILE C 306 -23.24 -9.99 -15.71
N ARG C 307 -23.40 -11.30 -15.95
CA ARG C 307 -24.72 -11.90 -16.30
CA ARG C 307 -24.71 -11.92 -16.28
C ARG C 307 -25.64 -11.86 -15.05
N ALA C 308 -25.08 -12.15 -13.88
CA ALA C 308 -25.79 -12.08 -12.58
C ALA C 308 -26.30 -10.64 -12.38
N GLU C 309 -25.43 -9.65 -12.61
CA GLU C 309 -25.73 -8.22 -12.39
C GLU C 309 -26.76 -7.74 -13.43
N LEU C 310 -26.73 -8.29 -14.64
CA LEU C 310 -27.70 -7.93 -15.71
C LEU C 310 -29.06 -8.58 -15.41
N ALA C 311 -29.05 -9.78 -14.81
CA ALA C 311 -30.28 -10.51 -14.40
C ALA C 311 -31.04 -9.71 -13.33
N LYS C 312 -30.32 -9.03 -12.44
CA LYS C 312 -30.90 -8.14 -11.40
C LYS C 312 -31.62 -6.97 -12.08
N MET C 313 -31.06 -6.44 -13.17
CA MET C 313 -31.53 -5.21 -13.85
C MET C 313 -32.73 -5.50 -14.75
N GLU C 314 -32.79 -6.69 -15.36
CA GLU C 314 -33.73 -7.03 -16.48
C GLU C 314 -35.18 -6.79 -16.07
N PRO C 315 -35.63 -7.20 -14.85
CA PRO C 315 -36.99 -6.95 -14.40
C PRO C 315 -37.50 -5.49 -14.43
N PHE C 316 -36.61 -4.51 -14.35
CA PHE C 316 -36.97 -3.06 -14.21
C PHE C 316 -36.79 -2.34 -15.54
N PHE C 317 -36.45 -3.06 -16.62
CA PHE C 317 -36.27 -2.50 -17.99
C PHE C 317 -37.61 -1.98 -18.50
N PRO C 318 -37.62 -0.90 -19.31
CA PRO C 318 -38.84 -0.46 -19.99
C PRO C 318 -39.23 -1.47 -21.07
N SER C 319 -40.48 -1.42 -21.53
CA SER C 319 -41.04 -2.36 -22.55
C SER C 319 -40.13 -2.38 -23.78
N GLY C 320 -39.71 -3.58 -24.20
CA GLY C 320 -39.04 -3.81 -25.49
C GLY C 320 -37.53 -3.82 -25.37
N LEU C 321 -36.96 -3.28 -24.30
CA LEU C 321 -35.49 -3.31 -24.07
C LEU C 321 -35.07 -4.76 -23.87
N LYS C 322 -34.11 -5.23 -24.68
CA LYS C 322 -33.57 -6.61 -24.65
C LYS C 322 -32.05 -6.55 -24.71
N ILE C 323 -31.36 -7.30 -23.84
CA ILE C 323 -29.89 -7.47 -23.89
C ILE C 323 -29.57 -8.49 -24.99
N VAL C 324 -28.51 -8.22 -25.75
CA VAL C 324 -27.94 -9.15 -26.77
C VAL C 324 -26.44 -9.27 -26.52
N TYR C 325 -25.83 -10.37 -26.97
CA TYR C 325 -24.42 -10.74 -26.66
C TYR C 325 -23.64 -10.86 -27.96
N PRO C 326 -23.36 -9.72 -28.63
CA PRO C 326 -22.70 -9.72 -29.95
C PRO C 326 -21.20 -10.05 -29.98
N TYR C 327 -20.55 -10.13 -28.82
CA TYR C 327 -19.08 -10.32 -28.71
C TYR C 327 -18.73 -10.81 -27.31
N ASP C 328 -18.20 -12.02 -27.20
CA ASP C 328 -17.88 -12.69 -25.90
C ASP C 328 -16.78 -13.72 -26.14
N THR C 329 -15.65 -13.59 -25.44
CA THR C 329 -14.48 -14.51 -25.55
C THR C 329 -14.68 -15.73 -24.65
N THR C 330 -15.62 -15.68 -23.70
CA THR C 330 -15.77 -16.71 -22.63
C THR C 330 -16.40 -17.99 -23.16
N PRO C 331 -17.23 -17.98 -24.23
CA PRO C 331 -17.66 -19.22 -24.88
C PRO C 331 -16.48 -20.05 -25.42
N PHE C 332 -15.46 -19.38 -25.95
CA PHE C 332 -14.21 -20.03 -26.45
C PHE C 332 -13.43 -20.61 -25.27
N VAL C 333 -13.33 -19.86 -24.18
CA VAL C 333 -12.62 -20.27 -22.94
C VAL C 333 -13.27 -21.57 -22.43
N LYS C 334 -14.61 -21.63 -22.43
CA LYS C 334 -15.40 -22.80 -21.98
C LYS C 334 -15.11 -24.00 -22.89
N ILE C 335 -15.23 -23.84 -24.21
CA ILE C 335 -15.12 -24.98 -25.18
C ILE C 335 -13.66 -25.48 -25.21
N SER C 336 -12.68 -24.59 -25.19
CA SER C 336 -11.23 -24.97 -25.30
C SER C 336 -10.83 -25.82 -24.09
N ILE C 337 -11.35 -25.51 -22.90
CA ILE C 337 -11.12 -26.31 -21.65
C ILE C 337 -11.84 -27.65 -21.77
N HIS C 338 -13.07 -27.66 -22.31
CA HIS C 338 -13.84 -28.91 -22.58
C HIS C 338 -13.02 -29.83 -23.48
N GLU C 339 -12.41 -29.28 -24.54
CA GLU C 339 -11.66 -30.06 -25.56
C GLU C 339 -10.34 -30.61 -24.96
N VAL C 340 -9.77 -29.94 -23.97
CA VAL C 340 -8.53 -30.41 -23.29
C VAL C 340 -8.90 -31.47 -22.24
N VAL C 341 -10.08 -31.35 -21.63
CA VAL C 341 -10.64 -32.39 -20.71
C VAL C 341 -10.96 -33.64 -21.54
N LYS C 342 -11.54 -33.45 -22.73
CA LYS C 342 -11.80 -34.54 -23.72
C LYS C 342 -10.48 -35.23 -24.07
N THR C 343 -9.46 -34.45 -24.43
CA THR C 343 -8.08 -34.94 -24.77
C THR C 343 -7.50 -35.71 -23.59
N LEU C 344 -7.65 -35.19 -22.37
CA LEU C 344 -7.06 -35.76 -21.13
C LEU C 344 -7.68 -37.13 -20.83
N VAL C 345 -9.00 -37.27 -21.01
CA VAL C 345 -9.73 -38.55 -20.80
C VAL C 345 -9.32 -39.54 -21.89
N GLU C 346 -9.20 -39.07 -23.14
CA GLU C 346 -8.76 -39.91 -24.30
C GLU C 346 -7.34 -40.42 -24.07
N ALA C 347 -6.46 -39.59 -23.51
CA ALA C 347 -5.05 -39.94 -23.20
C ALA C 347 -5.02 -41.07 -22.17
N ILE C 348 -5.85 -40.99 -21.12
CA ILE C 348 -5.91 -41.99 -20.02
C ILE C 348 -6.38 -43.33 -20.59
N ILE C 349 -7.39 -43.31 -21.48
CA ILE C 349 -7.96 -44.52 -22.14
C ILE C 349 -6.87 -45.15 -23.04
N LEU C 350 -6.20 -44.35 -23.87
CA LEU C 350 -5.17 -44.83 -24.83
C LEU C 350 -3.99 -45.45 -24.07
N VAL C 351 -3.55 -44.80 -22.99
CA VAL C 351 -2.43 -45.29 -22.11
C VAL C 351 -2.86 -46.61 -21.45
N PHE C 352 -4.10 -46.68 -20.95
CA PHE C 352 -4.69 -47.91 -20.36
C PHE C 352 -4.59 -49.05 -21.38
N LEU C 353 -5.06 -48.81 -22.60
CA LEU C 353 -5.08 -49.80 -23.71
C LEU C 353 -3.64 -50.20 -24.08
N VAL C 354 -2.69 -49.26 -24.07
CA VAL C 354 -1.26 -49.54 -24.37
C VAL C 354 -0.73 -50.52 -23.31
N MET C 355 -1.01 -50.27 -22.03
CA MET C 355 -0.56 -51.14 -20.92
C MET C 355 -1.29 -52.48 -20.98
N TYR C 356 -2.56 -52.48 -21.37
CA TYR C 356 -3.39 -53.70 -21.54
C TYR C 356 -2.76 -54.59 -22.63
N LEU C 357 -2.33 -53.99 -23.75
CA LEU C 357 -1.71 -54.71 -24.90
C LEU C 357 -0.53 -55.55 -24.40
N PHE C 358 0.32 -55.00 -23.52
CA PHE C 358 1.60 -55.62 -23.07
C PHE C 358 1.36 -56.53 -21.85
N LEU C 359 0.61 -56.06 -20.84
CA LEU C 359 0.43 -56.77 -19.54
C LEU C 359 -0.69 -57.81 -19.64
N GLN C 360 -1.73 -57.56 -20.47
CA GLN C 360 -2.77 -58.54 -20.87
C GLN C 360 -3.68 -58.92 -19.70
N ASN C 361 -3.14 -59.56 -18.66
CA ASN C 361 -3.87 -59.90 -17.41
C ASN C 361 -4.47 -58.61 -16.84
N PHE C 362 -5.77 -58.62 -16.50
CA PHE C 362 -6.53 -57.42 -16.07
C PHE C 362 -5.94 -56.87 -14.76
N ARG C 363 -5.56 -57.76 -13.83
CA ARG C 363 -4.95 -57.41 -12.52
C ARG C 363 -3.63 -56.67 -12.75
N ALA C 364 -2.74 -57.25 -13.56
CA ALA C 364 -1.39 -56.72 -13.87
C ALA C 364 -1.51 -55.33 -14.53
N THR C 365 -2.49 -55.15 -15.41
CA THR C 365 -2.77 -53.88 -16.14
C THR C 365 -3.24 -52.80 -15.16
N LEU C 366 -4.09 -53.18 -14.18
CA LEU C 366 -4.75 -52.24 -13.25
C LEU C 366 -3.72 -51.60 -12.30
N ILE C 367 -2.65 -52.32 -11.97
CA ILE C 367 -1.63 -51.88 -10.97
C ILE C 367 -1.07 -50.51 -11.37
N PRO C 368 -0.48 -50.34 -12.57
CA PRO C 368 -0.02 -49.02 -13.02
C PRO C 368 -1.16 -48.06 -13.40
N THR C 369 -2.35 -48.58 -13.73
CA THR C 369 -3.56 -47.75 -14.05
C THR C 369 -3.97 -46.96 -12.79
N ILE C 370 -3.78 -47.55 -11.60
CA ILE C 370 -4.15 -46.93 -10.28
C ILE C 370 -3.22 -45.74 -9.99
N ALA C 371 -2.01 -45.74 -10.57
CA ALA C 371 -1.04 -44.62 -10.46
C ALA C 371 -1.64 -43.34 -11.07
N VAL C 372 -2.53 -43.46 -12.06
CA VAL C 372 -3.11 -42.32 -12.82
C VAL C 372 -3.92 -41.43 -11.87
N PRO C 373 -5.00 -41.92 -11.21
CA PRO C 373 -5.77 -41.09 -10.29
C PRO C 373 -4.97 -40.61 -9.06
N VAL C 374 -4.07 -41.46 -8.52
CA VAL C 374 -3.26 -41.14 -7.31
C VAL C 374 -2.38 -39.92 -7.63
N VAL C 375 -1.64 -39.97 -8.74
CA VAL C 375 -0.69 -38.89 -9.16
C VAL C 375 -1.48 -37.64 -9.55
N LEU C 376 -2.48 -37.77 -10.43
CA LEU C 376 -3.24 -36.62 -11.01
C LEU C 376 -3.92 -35.83 -9.88
N LEU C 377 -4.59 -36.52 -8.95
CA LEU C 377 -5.27 -35.87 -7.81
C LEU C 377 -4.20 -35.27 -6.88
N GLY C 378 -3.13 -36.01 -6.59
CA GLY C 378 -1.96 -35.50 -5.88
C GLY C 378 -1.47 -34.19 -6.49
N THR C 379 -1.40 -34.12 -7.82
CA THR C 379 -0.94 -32.93 -8.58
C THR C 379 -1.92 -31.78 -8.37
N PHE C 380 -3.23 -32.04 -8.42
CA PHE C 380 -4.30 -31.03 -8.19
C PHE C 380 -4.12 -30.39 -6.81
N ALA C 381 -3.69 -31.17 -5.82
CA ALA C 381 -3.42 -30.71 -4.43
C ALA C 381 -2.22 -29.76 -4.44
N VAL C 382 -1.17 -30.10 -5.20
CA VAL C 382 0.07 -29.26 -5.31
C VAL C 382 -0.29 -27.95 -6.02
N LEU C 383 -1.10 -28.02 -7.08
CA LEU C 383 -1.60 -26.80 -7.80
C LEU C 383 -2.23 -25.85 -6.78
N ALA C 384 -3.18 -26.36 -5.99
CA ALA C 384 -3.95 -25.60 -4.96
C ALA C 384 -2.99 -25.02 -3.91
N ALA C 385 -2.03 -25.84 -3.45
CA ALA C 385 -1.02 -25.47 -2.43
C ALA C 385 -0.22 -24.24 -2.91
N PHE C 386 0.21 -24.25 -4.17
CA PHE C 386 1.11 -23.22 -4.78
C PHE C 386 0.29 -22.14 -5.50
N GLY C 387 -1.05 -22.22 -5.45
CA GLY C 387 -1.96 -21.15 -5.89
C GLY C 387 -2.15 -21.11 -7.40
N PHE C 388 -2.02 -22.25 -8.08
CA PHE C 388 -2.23 -22.38 -9.54
C PHE C 388 -3.70 -22.73 -9.80
N SER C 389 -4.15 -22.55 -11.05
CA SER C 389 -5.56 -22.77 -11.47
C SER C 389 -5.62 -23.97 -12.43
N ILE C 390 -6.80 -24.57 -12.56
CA ILE C 390 -7.13 -25.50 -13.68
C ILE C 390 -7.23 -24.63 -14.94
N ASN C 391 -6.19 -24.66 -15.78
CA ASN C 391 -6.14 -23.91 -17.06
C ASN C 391 -5.56 -24.82 -18.16
N THR C 392 -5.61 -24.37 -19.42
CA THR C 392 -5.20 -25.16 -20.62
C THR C 392 -3.75 -25.62 -20.46
N LEU C 393 -2.88 -24.79 -19.88
CA LEU C 393 -1.42 -25.05 -19.78
C LEU C 393 -1.14 -26.12 -18.71
N THR C 394 -1.80 -26.04 -17.55
CA THR C 394 -1.67 -27.04 -16.45
C THR C 394 -2.36 -28.34 -16.88
N MET C 395 -3.38 -28.24 -17.75
CA MET C 395 -4.09 -29.41 -18.33
C MET C 395 -3.18 -30.09 -19.36
N PHE C 396 -2.57 -29.32 -20.28
CA PHE C 396 -1.57 -29.83 -21.25
C PHE C 396 -0.46 -30.53 -20.50
N GLY C 397 -0.02 -29.94 -19.37
CA GLY C 397 0.95 -30.52 -18.44
C GLY C 397 0.55 -31.93 -18.04
N MET C 398 -0.73 -32.12 -17.69
CA MET C 398 -1.27 -33.42 -17.21
C MET C 398 -1.41 -34.42 -18.36
N VAL C 399 -1.73 -33.96 -19.58
CA VAL C 399 -1.85 -34.84 -20.78
C VAL C 399 -0.47 -35.41 -21.10
N LEU C 400 0.57 -34.59 -21.03
CA LEU C 400 1.99 -35.01 -21.22
C LEU C 400 2.38 -35.98 -20.11
N ALA C 401 1.85 -35.79 -18.90
CA ALA C 401 2.22 -36.56 -17.68
C ALA C 401 1.65 -37.97 -17.74
N ILE C 402 0.46 -38.18 -18.34
CA ILE C 402 -0.27 -39.50 -18.28
C ILE C 402 0.71 -40.59 -18.73
N GLY C 403 1.30 -40.43 -19.91
CA GLY C 403 2.21 -41.41 -20.52
C GLY C 403 3.56 -41.47 -19.84
N LEU C 404 3.83 -40.56 -18.88
CA LEU C 404 5.11 -40.47 -18.13
C LEU C 404 4.95 -40.97 -16.69
N LEU C 405 3.82 -40.72 -16.04
CA LEU C 405 3.62 -41.04 -14.59
C LEU C 405 3.44 -42.55 -14.42
N VAL C 406 2.94 -43.25 -15.45
CA VAL C 406 2.77 -44.73 -15.41
C VAL C 406 4.13 -45.42 -15.59
N ASP C 407 5.16 -44.71 -16.06
CA ASP C 407 6.46 -45.31 -16.47
C ASP C 407 7.08 -46.07 -15.30
N ASP C 408 7.30 -45.41 -14.16
CA ASP C 408 7.93 -46.02 -12.96
C ASP C 408 7.12 -47.26 -12.53
N ALA C 409 5.79 -47.13 -12.44
CA ALA C 409 4.86 -48.23 -12.06
C ALA C 409 4.97 -49.37 -13.07
N ILE C 410 4.99 -49.07 -14.37
CA ILE C 410 5.11 -50.07 -15.48
C ILE C 410 6.44 -50.82 -15.33
N VAL C 411 7.54 -50.11 -15.10
CA VAL C 411 8.91 -50.70 -14.98
C VAL C 411 8.91 -51.73 -13.83
N VAL C 412 8.20 -51.45 -12.74
CA VAL C 412 8.10 -52.34 -11.54
C VAL C 412 7.35 -53.62 -11.92
N VAL C 413 6.15 -53.47 -12.48
CA VAL C 413 5.22 -54.60 -12.80
C VAL C 413 5.87 -55.50 -13.87
N GLU C 414 6.51 -54.92 -14.90
CA GLU C 414 7.16 -55.67 -16.00
C GLU C 414 8.32 -56.50 -15.43
N ASN C 415 9.14 -55.89 -14.56
CA ASN C 415 10.35 -56.53 -13.98
C ASN C 415 9.94 -57.71 -13.08
N VAL C 416 8.82 -57.58 -12.36
CA VAL C 416 8.28 -58.66 -11.49
C VAL C 416 7.79 -59.81 -12.37
N GLU C 417 6.98 -59.51 -13.39
CA GLU C 417 6.42 -60.53 -14.33
C GLU C 417 7.56 -61.18 -15.13
N ARG C 418 8.68 -60.48 -15.31
CA ARG C 418 9.90 -61.02 -15.95
C ARG C 418 10.57 -62.00 -14.97
N VAL C 419 10.85 -61.55 -13.74
CA VAL C 419 11.58 -62.35 -12.70
C VAL C 419 10.78 -63.63 -12.39
N MET C 420 9.45 -63.56 -12.41
CA MET C 420 8.55 -64.73 -12.24
C MET C 420 8.72 -65.68 -13.45
N ALA C 421 8.83 -65.13 -14.66
CA ALA C 421 8.99 -65.91 -15.91
C ALA C 421 10.38 -66.59 -15.93
N GLU C 422 11.44 -65.87 -15.53
CA GLU C 422 12.84 -66.37 -15.56
C GLU C 422 13.05 -67.46 -14.49
N GLU C 423 12.64 -67.20 -13.24
CA GLU C 423 13.06 -67.98 -12.04
C GLU C 423 11.90 -68.76 -11.41
N GLY C 424 10.65 -68.46 -11.79
CA GLY C 424 9.46 -69.18 -11.27
C GLY C 424 9.15 -68.85 -9.82
N LEU C 425 9.67 -67.73 -9.30
CA LEU C 425 9.40 -67.25 -7.92
C LEU C 425 7.91 -66.89 -7.80
N PRO C 426 7.35 -66.90 -6.58
CA PRO C 426 6.01 -66.34 -6.35
C PRO C 426 6.04 -64.82 -6.34
N PRO C 427 4.87 -64.14 -6.42
CA PRO C 427 4.83 -62.68 -6.56
C PRO C 427 5.63 -61.88 -5.53
N LYS C 428 5.50 -62.23 -4.24
CA LYS C 428 6.09 -61.47 -3.10
C LYS C 428 7.63 -61.55 -3.16
N GLU C 429 8.18 -62.76 -3.32
CA GLU C 429 9.65 -62.99 -3.44
C GLU C 429 10.16 -62.30 -4.71
N ALA C 430 9.37 -62.34 -5.79
CA ALA C 430 9.70 -61.76 -7.12
C ALA C 430 9.73 -60.24 -7.02
N THR C 431 8.73 -59.63 -6.38
CA THR C 431 8.66 -58.16 -6.13
C THR C 431 9.86 -57.74 -5.29
N ARG C 432 10.15 -58.47 -4.20
CA ARG C 432 11.28 -58.20 -3.27
C ARG C 432 12.59 -58.07 -4.06
N LYS C 433 12.88 -59.05 -4.92
CA LYS C 433 14.10 -59.11 -5.76
C LYS C 433 14.05 -57.97 -6.80
N SER C 434 12.89 -57.77 -7.43
CA SER C 434 12.66 -56.77 -8.50
C SER C 434 13.09 -55.37 -8.02
N MET C 435 12.52 -54.91 -6.90
CA MET C 435 12.68 -53.51 -6.40
C MET C 435 14.16 -53.21 -6.14
N GLY C 436 14.96 -54.23 -5.80
CA GLY C 436 16.43 -54.09 -5.63
C GLY C 436 17.13 -53.80 -6.95
N GLN C 437 16.67 -54.41 -8.04
CA GLN C 437 17.29 -54.32 -9.39
C GLN C 437 16.97 -52.98 -10.06
N ILE C 438 15.77 -52.42 -9.81
CA ILE C 438 15.16 -51.35 -10.67
C ILE C 438 15.11 -50.00 -9.95
N GLN C 439 15.50 -49.90 -8.68
CA GLN C 439 15.30 -48.66 -7.87
C GLN C 439 16.03 -47.49 -8.54
N GLY C 440 17.26 -47.69 -9.00
CA GLY C 440 18.10 -46.66 -9.66
C GLY C 440 17.44 -46.11 -10.91
N ALA C 441 16.77 -46.98 -11.69
CA ALA C 441 16.03 -46.63 -12.93
C ALA C 441 14.80 -45.80 -12.57
N LEU C 442 14.03 -46.23 -11.55
CA LEU C 442 12.78 -45.55 -11.12
C LEU C 442 13.10 -44.09 -10.76
N VAL C 443 14.13 -43.88 -9.92
CA VAL C 443 14.53 -42.53 -9.42
C VAL C 443 15.11 -41.71 -10.58
N GLY C 444 15.87 -42.35 -11.47
CA GLY C 444 16.49 -41.70 -12.65
C GLY C 444 15.45 -41.10 -13.57
N ILE C 445 14.42 -41.88 -13.93
CA ILE C 445 13.32 -41.50 -14.86
C ILE C 445 12.60 -40.27 -14.29
N ALA C 446 12.20 -40.35 -13.02
CA ALA C 446 11.44 -39.31 -12.30
C ALA C 446 12.29 -38.05 -12.13
N MET C 447 13.61 -38.20 -11.98
CA MET C 447 14.55 -37.07 -11.75
C MET C 447 14.77 -36.30 -13.06
N VAL C 448 15.07 -36.99 -14.17
CA VAL C 448 15.40 -36.33 -15.47
C VAL C 448 14.14 -35.69 -16.08
N LEU C 449 12.96 -36.26 -15.84
CA LEU C 449 11.67 -35.71 -16.35
C LEU C 449 11.14 -34.64 -15.40
N SER C 450 11.74 -34.49 -14.22
CA SER C 450 11.48 -33.37 -13.26
C SER C 450 12.50 -32.25 -13.50
N ALA C 451 13.79 -32.59 -13.44
CA ALA C 451 14.93 -31.65 -13.44
C ALA C 451 14.93 -30.78 -14.70
N VAL C 452 14.52 -31.35 -15.84
CA VAL C 452 14.56 -30.66 -17.17
C VAL C 452 13.48 -29.57 -17.23
N PHE C 453 12.53 -29.56 -16.28
CA PHE C 453 11.41 -28.58 -16.20
C PHE C 453 11.62 -27.60 -15.04
N VAL C 454 12.76 -27.64 -14.35
CA VAL C 454 13.02 -26.78 -13.16
C VAL C 454 13.56 -25.42 -13.62
N PRO C 455 14.64 -25.34 -14.42
CA PRO C 455 15.14 -24.04 -14.89
C PRO C 455 14.10 -23.13 -15.57
N MET C 456 13.21 -23.70 -16.40
CA MET C 456 12.20 -22.92 -17.20
C MET C 456 11.31 -22.09 -16.26
N ALA C 457 11.03 -22.59 -15.06
CA ALA C 457 10.14 -21.95 -14.05
C ALA C 457 10.72 -20.59 -13.62
N PHE C 458 12.05 -20.45 -13.63
CA PHE C 458 12.79 -19.25 -13.15
C PHE C 458 12.87 -18.16 -14.24
N PHE C 459 12.42 -18.44 -15.47
CA PHE C 459 12.46 -17.47 -16.60
C PHE C 459 11.29 -16.48 -16.51
N GLY C 460 11.41 -15.37 -17.23
CA GLY C 460 10.51 -14.21 -17.14
C GLY C 460 9.75 -13.95 -18.44
N GLY C 461 8.99 -12.85 -18.47
CA GLY C 461 8.08 -12.50 -19.58
C GLY C 461 6.81 -13.31 -19.52
N SER C 462 5.97 -13.23 -20.56
CA SER C 462 4.74 -14.03 -20.71
C SER C 462 5.12 -15.50 -20.89
N THR C 463 6.27 -15.76 -21.52
CA THR C 463 6.84 -17.10 -21.77
C THR C 463 7.06 -17.82 -20.44
N GLY C 464 7.74 -17.15 -19.50
CA GLY C 464 8.02 -17.67 -18.14
C GLY C 464 6.75 -18.12 -17.44
N ALA C 465 5.71 -17.28 -17.47
CA ALA C 465 4.37 -17.56 -16.90
C ALA C 465 3.84 -18.87 -17.49
N ILE C 466 3.96 -19.02 -18.81
CA ILE C 466 3.49 -20.22 -19.58
C ILE C 466 4.33 -21.43 -19.16
N TYR C 467 5.66 -21.27 -19.10
CA TYR C 467 6.61 -22.35 -18.70
C TYR C 467 6.21 -22.91 -17.33
N ARG C 468 5.94 -22.03 -16.36
CA ARG C 468 5.69 -22.41 -14.94
C ARG C 468 4.47 -23.34 -14.84
N GLN C 469 3.46 -23.18 -15.70
CA GLN C 469 2.22 -24.01 -15.66
C GLN C 469 2.60 -25.47 -15.92
N PHE C 470 3.43 -25.71 -16.93
CA PHE C 470 3.97 -27.05 -17.30
C PHE C 470 4.89 -27.56 -16.20
N SER C 471 5.77 -26.67 -15.73
CA SER C 471 6.82 -26.95 -14.71
C SER C 471 6.21 -27.55 -13.44
N ILE C 472 5.27 -26.84 -12.82
CA ILE C 472 4.61 -27.28 -11.55
C ILE C 472 3.89 -28.61 -11.79
N THR C 473 3.21 -28.75 -12.94
CA THR C 473 2.31 -29.90 -13.25
C THR C 473 3.13 -31.19 -13.44
N ILE C 474 4.18 -31.13 -14.26
CA ILE C 474 4.97 -32.33 -14.67
C ILE C 474 5.93 -32.72 -13.54
N VAL C 475 6.49 -31.76 -12.79
CA VAL C 475 7.43 -32.04 -11.67
C VAL C 475 6.66 -32.73 -10.53
N SER C 476 5.47 -32.21 -10.19
CA SER C 476 4.53 -32.82 -9.21
C SER C 476 4.16 -34.24 -9.65
N ALA C 477 3.72 -34.38 -10.91
CA ALA C 477 3.31 -35.66 -11.52
C ALA C 477 4.43 -36.68 -11.38
N MET C 478 5.65 -36.32 -11.77
CA MET C 478 6.83 -37.24 -11.83
C MET C 478 7.34 -37.54 -10.41
N ALA C 479 7.28 -36.56 -9.49
CA ALA C 479 7.66 -36.72 -8.06
C ALA C 479 6.72 -37.73 -7.40
N LEU C 480 5.41 -37.62 -7.63
CA LEU C 480 4.39 -38.54 -7.07
C LEU C 480 4.52 -39.91 -7.74
N SER C 481 4.85 -39.96 -9.03
CA SER C 481 4.95 -41.22 -9.84
C SER C 481 5.99 -42.17 -9.23
N VAL C 482 7.13 -41.64 -8.78
CA VAL C 482 8.22 -42.45 -8.14
C VAL C 482 7.78 -42.86 -6.73
N LEU C 483 7.05 -42.01 -6.00
CA LEU C 483 6.53 -42.35 -4.64
C LEU C 483 5.55 -43.51 -4.75
N VAL C 484 4.66 -43.49 -5.75
CA VAL C 484 3.65 -44.56 -6.02
C VAL C 484 4.39 -45.87 -6.35
N ALA C 485 5.43 -45.80 -7.19
CA ALA C 485 6.23 -46.96 -7.64
C ALA C 485 7.06 -47.55 -6.49
N LEU C 486 7.36 -46.75 -5.46
CA LEU C 486 8.17 -47.19 -4.29
C LEU C 486 7.26 -47.67 -3.14
N ILE C 487 6.00 -47.23 -3.10
CA ILE C 487 5.08 -47.44 -1.95
C ILE C 487 3.95 -48.40 -2.36
N LEU C 488 3.12 -48.00 -3.33
CA LEU C 488 1.86 -48.71 -3.69
C LEU C 488 2.16 -49.87 -4.64
N THR C 489 2.86 -49.62 -5.74
CA THR C 489 3.09 -50.60 -6.84
C THR C 489 3.73 -51.87 -6.30
N PRO C 490 4.76 -51.79 -5.42
CA PRO C 490 5.34 -53.00 -4.83
C PRO C 490 4.31 -53.78 -3.98
N ALA C 491 3.50 -53.07 -3.19
CA ALA C 491 2.45 -53.65 -2.32
C ALA C 491 1.40 -54.38 -3.18
N LEU C 492 1.04 -53.83 -4.35
CA LEU C 492 0.03 -54.42 -5.27
C LEU C 492 0.62 -55.64 -5.98
N CYS C 493 1.87 -55.55 -6.45
CA CYS C 493 2.59 -56.64 -7.16
C CYS C 493 2.70 -57.87 -6.25
N ALA C 494 3.01 -57.66 -4.97
CA ALA C 494 3.25 -58.73 -3.97
C ALA C 494 1.93 -59.41 -3.57
N THR C 495 0.79 -58.70 -3.63
CA THR C 495 -0.51 -59.17 -3.09
C THR C 495 -1.46 -59.59 -4.22
N MET C 496 -1.72 -58.72 -5.21
CA MET C 496 -2.83 -58.89 -6.19
C MET C 496 -2.31 -59.19 -7.60
N LEU C 497 -1.10 -59.76 -7.73
CA LEU C 497 -0.54 -60.23 -9.02
C LEU C 497 -0.47 -61.76 -9.01
N LYS C 498 -0.90 -62.42 -10.10
CA LYS C 498 -0.95 -63.91 -10.19
C LYS C 498 0.46 -64.45 -10.41
N PRO C 499 0.78 -65.66 -9.89
CA PRO C 499 2.07 -66.30 -10.14
C PRO C 499 2.19 -66.77 -11.60
N ILE C 500 3.30 -66.42 -12.26
CA ILE C 500 3.70 -66.90 -13.61
C ILE C 500 4.65 -68.09 -13.41
N ALA C 501 4.32 -69.24 -14.01
CA ALA C 501 5.15 -70.47 -13.99
C ALA C 501 6.45 -70.21 -14.78
N LYS C 502 7.57 -70.76 -14.31
CA LYS C 502 8.90 -70.64 -14.96
C LYS C 502 8.79 -71.08 -16.43
N GLY C 503 9.29 -70.26 -17.36
CA GLY C 503 9.29 -70.54 -18.80
C GLY C 503 8.20 -69.79 -19.54
N ASP C 504 7.02 -69.62 -18.92
CA ASP C 504 5.82 -68.98 -19.53
C ASP C 504 6.10 -67.50 -19.81
N HIS C 505 6.15 -67.13 -21.10
CA HIS C 505 6.25 -65.74 -21.59
C HIS C 505 4.99 -65.36 -22.37
N GLY C 506 3.85 -65.97 -22.01
CA GLY C 506 2.53 -65.71 -22.62
C GLY C 506 2.44 -66.20 -24.06
N GLU C 507 3.40 -67.00 -24.52
CA GLU C 507 3.39 -67.62 -25.88
C GLU C 507 2.30 -68.70 -25.90
N GLY C 508 2.09 -69.37 -24.76
CA GLY C 508 1.06 -70.41 -24.56
C GLY C 508 -0.36 -69.86 -24.67
N LYS C 509 -0.55 -68.59 -24.31
CA LYS C 509 -1.87 -67.89 -24.38
C LYS C 509 -2.46 -68.05 -25.79
N LYS C 510 -3.79 -68.02 -25.90
CA LYS C 510 -4.54 -68.18 -27.18
C LYS C 510 -5.12 -66.82 -27.58
N GLY C 511 -5.62 -66.73 -28.81
CA GLY C 511 -6.16 -65.49 -29.38
C GLY C 511 -5.06 -64.51 -29.75
N PHE C 512 -5.34 -63.21 -29.65
CA PHE C 512 -4.47 -62.10 -30.14
C PHE C 512 -3.18 -62.02 -29.30
N PHE C 513 -3.30 -62.11 -27.98
CA PHE C 513 -2.18 -61.89 -27.02
C PHE C 513 -1.11 -62.97 -27.21
N GLY C 514 -1.52 -64.21 -27.49
CA GLY C 514 -0.63 -65.33 -27.84
C GLY C 514 0.25 -64.97 -29.03
N TRP C 515 -0.35 -64.41 -30.08
CA TRP C 515 0.33 -63.97 -31.33
C TRP C 515 1.29 -62.81 -31.02
N PHE C 516 0.85 -61.85 -30.19
CA PHE C 516 1.63 -60.63 -29.83
C PHE C 516 2.88 -61.03 -29.02
N ASN C 517 2.73 -61.97 -28.09
CA ASN C 517 3.82 -62.48 -27.22
C ASN C 517 4.84 -63.27 -28.06
N ARG C 518 4.37 -64.10 -28.99
CA ARG C 518 5.23 -64.85 -29.95
C ARG C 518 5.98 -63.85 -30.83
N MET C 519 5.26 -62.88 -31.39
CA MET C 519 5.82 -61.80 -32.26
C MET C 519 6.88 -61.01 -31.47
N PHE C 520 6.58 -60.64 -30.23
CA PHE C 520 7.43 -59.74 -29.41
C PHE C 520 8.69 -60.49 -28.94
N GLU C 521 8.53 -61.72 -28.45
CA GLU C 521 9.67 -62.58 -28.00
C GLU C 521 10.58 -62.86 -29.20
N LYS C 522 9.99 -63.00 -30.40
CA LYS C 522 10.73 -63.20 -31.68
C LYS C 522 11.50 -61.93 -32.02
N SER C 523 10.84 -60.77 -31.97
CA SER C 523 11.42 -59.44 -32.29
C SER C 523 12.47 -59.04 -31.24
N THR C 524 12.33 -59.50 -30.00
CA THR C 524 13.32 -59.30 -28.91
C THR C 524 14.64 -59.99 -29.28
N HIS C 525 14.57 -61.20 -29.85
CA HIS C 525 15.75 -61.97 -30.32
C HIS C 525 16.41 -61.23 -31.49
N HIS C 526 15.61 -60.80 -32.48
CA HIS C 526 16.07 -59.98 -33.64
C HIS C 526 16.84 -58.76 -33.13
N TYR C 527 16.27 -58.05 -32.15
CA TYR C 527 16.78 -56.78 -31.59
C TYR C 527 18.14 -57.00 -30.93
N THR C 528 18.23 -57.99 -30.02
CA THR C 528 19.45 -58.31 -29.23
C THR C 528 20.59 -58.71 -30.18
N ASP C 529 20.31 -59.58 -31.16
CA ASP C 529 21.30 -60.05 -32.16
C ASP C 529 21.77 -58.86 -33.01
N SER C 530 20.84 -57.95 -33.33
CA SER C 530 21.10 -56.71 -34.11
C SER C 530 22.05 -55.79 -33.32
N VAL C 531 21.74 -55.54 -32.04
CA VAL C 531 22.58 -54.69 -31.14
C VAL C 531 23.97 -55.34 -31.04
N GLY C 532 24.04 -56.66 -30.85
CA GLY C 532 25.28 -57.46 -30.89
C GLY C 532 26.12 -57.11 -32.10
N GLY C 533 25.49 -57.09 -33.28
CA GLY C 533 26.12 -56.72 -34.56
C GLY C 533 26.53 -55.26 -34.57
N ILE C 534 25.69 -54.38 -34.03
CA ILE C 534 25.95 -52.90 -33.95
C ILE C 534 27.20 -52.68 -33.09
N LEU C 535 27.34 -53.40 -31.96
CA LEU C 535 28.42 -53.20 -30.98
C LEU C 535 29.76 -53.73 -31.52
N ARG C 536 29.73 -54.55 -32.58
CA ARG C 536 30.97 -55.02 -33.28
C ARG C 536 31.41 -53.98 -34.32
N SER C 537 30.56 -53.02 -34.68
CA SER C 537 30.81 -51.99 -35.74
C SER C 537 30.33 -50.61 -35.28
N THR C 538 30.82 -50.13 -34.14
CA THR C 538 30.40 -48.85 -33.50
C THR C 538 30.84 -47.65 -34.34
N GLY C 539 32.03 -47.73 -34.97
CA GLY C 539 32.61 -46.68 -35.83
C GLY C 539 31.62 -46.17 -36.87
N ARG C 540 30.85 -47.07 -37.48
CA ARG C 540 29.81 -46.73 -38.49
C ARG C 540 28.74 -45.83 -37.84
N TYR C 541 28.27 -46.21 -36.64
CA TYR C 541 27.11 -45.58 -35.95
C TYR C 541 27.53 -44.24 -35.33
N LEU C 542 28.82 -44.02 -35.09
CA LEU C 542 29.34 -42.69 -34.65
C LEU C 542 29.28 -41.71 -35.83
N VAL C 543 29.45 -42.20 -37.06
CA VAL C 543 29.33 -41.39 -38.31
C VAL C 543 27.85 -41.04 -38.54
N LEU C 544 26.96 -42.03 -38.44
CA LEU C 544 25.49 -41.82 -38.55
C LEU C 544 25.04 -40.80 -37.50
N TYR C 545 25.57 -40.89 -36.27
CA TYR C 545 25.23 -39.98 -35.15
C TYR C 545 25.55 -38.54 -35.54
N LEU C 546 26.73 -38.29 -36.12
CA LEU C 546 27.19 -36.93 -36.49
C LEU C 546 26.35 -36.39 -37.66
N ILE C 547 25.85 -37.26 -38.54
CA ILE C 547 24.91 -36.87 -39.64
C ILE C 547 23.59 -36.42 -39.01
N ILE C 548 23.08 -37.18 -38.02
CA ILE C 548 21.82 -36.86 -37.28
C ILE C 548 21.96 -35.50 -36.58
N VAL C 549 23.14 -35.21 -36.02
CA VAL C 549 23.43 -33.93 -35.29
C VAL C 549 23.43 -32.77 -36.29
N VAL C 550 24.05 -32.97 -37.47
CA VAL C 550 24.09 -31.96 -38.58
C VAL C 550 22.65 -31.77 -39.11
N GLY C 551 21.92 -32.87 -39.30
CA GLY C 551 20.50 -32.87 -39.71
C GLY C 551 19.63 -32.14 -38.70
N MET C 552 19.91 -32.33 -37.41
CA MET C 552 19.19 -31.67 -36.28
C MET C 552 19.42 -30.16 -36.34
N ALA C 553 20.68 -29.73 -36.43
CA ALA C 553 21.11 -28.32 -36.49
C ALA C 553 20.46 -27.62 -37.69
N TYR C 554 20.50 -28.26 -38.86
CA TYR C 554 19.92 -27.71 -40.12
C TYR C 554 18.43 -27.49 -39.95
N LEU C 555 17.71 -28.51 -39.45
CA LEU C 555 16.23 -28.49 -39.27
C LEU C 555 15.82 -27.41 -38.26
N PHE C 556 16.59 -27.23 -37.19
CA PHE C 556 16.34 -26.20 -36.14
C PHE C 556 16.48 -24.80 -36.75
N VAL C 557 17.59 -24.55 -37.47
CA VAL C 557 17.91 -23.23 -38.08
C VAL C 557 16.89 -22.94 -39.19
N ARG C 558 16.49 -23.96 -39.96
CA ARG C 558 15.53 -23.80 -41.10
C ARG C 558 14.13 -23.50 -40.57
N LEU C 559 13.71 -24.14 -39.46
CA LEU C 559 12.34 -24.05 -38.90
C LEU C 559 12.04 -22.59 -38.52
N PRO C 560 10.99 -21.96 -39.11
CA PRO C 560 10.62 -20.59 -38.72
C PRO C 560 10.06 -20.56 -37.29
N SER C 561 10.17 -19.40 -36.64
CA SER C 561 9.74 -19.17 -35.24
C SER C 561 8.45 -18.33 -35.20
N SER C 562 7.60 -18.60 -34.20
CA SER C 562 6.40 -17.80 -33.85
C SER C 562 6.31 -17.72 -32.32
N PHE C 563 5.26 -17.11 -31.76
CA PHE C 563 5.04 -17.00 -30.30
C PHE C 563 4.02 -18.06 -29.86
N LEU C 564 2.71 -17.79 -30.01
CA LEU C 564 1.63 -18.76 -29.73
C LEU C 564 0.73 -18.85 -30.97
N PRO C 565 0.17 -20.04 -31.30
CA PRO C 565 -0.69 -20.19 -32.46
C PRO C 565 -1.98 -19.38 -32.29
N ASP C 566 -2.47 -18.78 -33.39
CA ASP C 566 -3.82 -18.16 -33.46
C ASP C 566 -4.86 -19.28 -33.35
N GLU C 567 -6.03 -18.97 -32.81
CA GLU C 567 -7.16 -19.90 -32.64
C GLU C 567 -8.39 -19.28 -33.29
N ASP C 568 -9.39 -20.11 -33.65
CA ASP C 568 -10.78 -19.65 -33.91
C ASP C 568 -11.47 -19.52 -32.56
N GLN C 569 -11.74 -18.29 -32.11
CA GLN C 569 -12.33 -17.98 -30.79
C GLN C 569 -13.80 -17.59 -30.97
N GLY C 570 -14.39 -17.93 -32.12
CA GLY C 570 -15.82 -17.70 -32.43
C GLY C 570 -16.14 -16.23 -32.64
N VAL C 571 -15.12 -15.37 -32.59
CA VAL C 571 -15.27 -13.89 -32.69
C VAL C 571 -14.02 -13.34 -33.39
N PHE C 572 -14.19 -12.20 -34.07
CA PHE C 572 -13.08 -11.37 -34.60
C PHE C 572 -13.59 -9.95 -34.80
N MET C 573 -12.70 -9.04 -35.21
CA MET C 573 -13.01 -7.60 -35.31
C MET C 573 -12.56 -7.07 -36.68
N THR C 574 -13.23 -6.02 -37.15
CA THR C 574 -12.92 -5.27 -38.40
C THR C 574 -12.73 -3.80 -38.04
N MET C 575 -11.54 -3.24 -38.32
CA MET C 575 -11.26 -1.79 -38.15
C MET C 575 -11.68 -1.07 -39.44
N VAL C 576 -12.18 0.16 -39.30
CA VAL C 576 -12.60 1.06 -40.43
C VAL C 576 -11.94 2.42 -40.21
N GLN C 577 -11.09 2.85 -41.14
CA GLN C 577 -10.38 4.16 -41.07
C GLN C 577 -10.57 4.89 -42.40
N LEU C 578 -11.33 5.99 -42.38
CA LEU C 578 -11.59 6.84 -43.58
C LEU C 578 -10.56 7.97 -43.62
N PRO C 579 -10.34 8.58 -44.81
CA PRO C 579 -9.41 9.69 -44.95
C PRO C 579 -9.66 10.86 -43.99
N ALA C 580 -8.71 11.79 -43.92
CA ALA C 580 -8.78 13.00 -43.09
C ALA C 580 -10.04 13.80 -43.46
N GLY C 581 -10.83 14.19 -42.44
CA GLY C 581 -12.00 15.07 -42.59
C GLY C 581 -13.27 14.34 -43.00
N ALA C 582 -13.21 13.02 -43.20
CA ALA C 582 -14.38 12.18 -43.58
C ALA C 582 -15.44 12.29 -42.47
N THR C 583 -16.71 12.41 -42.85
CA THR C 583 -17.83 12.69 -41.93
C THR C 583 -18.42 11.38 -41.41
N GLN C 584 -19.28 11.47 -40.39
CA GLN C 584 -19.99 10.35 -39.72
C GLN C 584 -20.82 9.58 -40.75
N GLU C 585 -21.42 10.28 -41.71
CA GLU C 585 -22.30 9.73 -42.79
C GLU C 585 -21.47 8.88 -43.75
N ARG C 586 -20.27 9.36 -44.14
CA ARG C 586 -19.33 8.64 -45.05
C ARG C 586 -18.86 7.34 -44.39
N THR C 587 -18.53 7.39 -43.09
CA THR C 587 -18.05 6.22 -42.31
C THR C 587 -19.18 5.17 -42.23
N GLN C 588 -20.43 5.62 -42.09
CA GLN C 588 -21.61 4.74 -41.93
C GLN C 588 -21.87 3.97 -43.23
N LYS C 589 -21.54 4.58 -44.37
CA LYS C 589 -21.64 3.93 -45.70
C LYS C 589 -20.67 2.75 -45.75
N VAL C 590 -19.43 2.94 -45.29
CA VAL C 590 -18.37 1.89 -45.26
C VAL C 590 -18.78 0.82 -44.25
N LEU C 591 -19.31 1.21 -43.09
CA LEU C 591 -19.74 0.27 -42.03
C LEU C 591 -20.93 -0.55 -42.53
N ASN C 592 -21.79 0.05 -43.35
CA ASN C 592 -22.93 -0.65 -44.02
C ASN C 592 -22.36 -1.71 -44.96
N GLU C 593 -21.38 -1.34 -45.79
CA GLU C 593 -20.70 -2.25 -46.76
C GLU C 593 -20.04 -3.41 -46.00
N VAL C 594 -19.43 -3.14 -44.84
CA VAL C 594 -18.74 -4.15 -43.98
C VAL C 594 -19.80 -5.09 -43.38
N THR C 595 -20.83 -4.53 -42.74
CA THR C 595 -21.94 -5.31 -42.13
C THR C 595 -22.60 -6.15 -43.22
N HIS C 596 -22.87 -5.53 -44.37
CA HIS C 596 -23.54 -6.17 -45.54
C HIS C 596 -22.81 -7.47 -45.90
N TYR C 597 -21.48 -7.40 -46.04
CA TYR C 597 -20.61 -8.55 -46.41
C TYR C 597 -20.85 -9.71 -45.45
N TYR C 598 -20.90 -9.45 -44.15
CA TYR C 598 -21.00 -10.48 -43.09
C TYR C 598 -22.42 -11.07 -43.07
N LEU C 599 -23.45 -10.25 -43.31
CA LEU C 599 -24.87 -10.66 -43.22
C LEU C 599 -25.35 -11.34 -44.51
N THR C 600 -24.59 -11.26 -45.60
CA THR C 600 -24.96 -11.85 -46.91
C THR C 600 -23.94 -12.92 -47.31
N LYS C 601 -22.71 -12.54 -47.64
CA LYS C 601 -21.67 -13.46 -48.16
C LYS C 601 -21.30 -14.49 -47.07
N GLU C 602 -21.13 -14.05 -45.81
CA GLU C 602 -20.70 -14.93 -44.70
C GLU C 602 -21.84 -15.18 -43.71
N LYS C 603 -23.09 -15.23 -44.20
CA LYS C 603 -24.28 -15.40 -43.33
C LYS C 603 -24.33 -16.84 -42.79
N ASN C 604 -23.65 -17.79 -43.45
CA ASN C 604 -23.57 -19.20 -42.99
C ASN C 604 -22.60 -19.31 -41.81
N ASN C 605 -21.64 -18.38 -41.68
CA ASN C 605 -20.58 -18.43 -40.65
C ASN C 605 -20.78 -17.34 -39.59
N VAL C 606 -21.29 -16.17 -39.96
CA VAL C 606 -21.50 -15.01 -39.03
C VAL C 606 -22.88 -15.12 -38.40
N GLU C 607 -22.94 -15.02 -37.06
CA GLU C 607 -24.21 -14.96 -36.26
C GLU C 607 -24.65 -13.50 -36.13
N SER C 608 -23.78 -12.63 -35.61
CA SER C 608 -24.10 -11.20 -35.36
C SER C 608 -22.92 -10.29 -35.68
N VAL C 609 -23.23 -9.04 -36.02
CA VAL C 609 -22.30 -7.90 -36.28
C VAL C 609 -22.74 -6.74 -35.39
N PHE C 610 -21.86 -6.30 -34.48
CA PHE C 610 -22.05 -5.07 -33.66
C PHE C 610 -21.08 -4.01 -34.19
N ALA C 611 -21.58 -3.11 -35.04
CA ALA C 611 -20.79 -2.09 -35.76
C ALA C 611 -20.94 -0.75 -35.03
N VAL C 612 -19.81 -0.11 -34.73
CA VAL C 612 -19.73 1.17 -33.97
C VAL C 612 -19.14 2.24 -34.89
N ASN C 613 -19.92 3.27 -35.19
CA ASN C 613 -19.49 4.47 -35.94
C ASN C 613 -18.91 5.48 -34.94
N GLY C 614 -17.68 5.94 -35.17
CA GLY C 614 -17.03 7.00 -34.36
C GLY C 614 -16.28 6.43 -33.17
N PHE C 615 -15.76 5.22 -33.29
CA PHE C 615 -14.94 4.52 -32.27
C PHE C 615 -14.03 3.50 -32.96
N GLY C 616 -12.73 3.54 -32.67
CA GLY C 616 -11.72 2.59 -33.16
C GLY C 616 -10.59 2.44 -32.17
N PHE C 617 -9.49 1.82 -32.59
CA PHE C 617 -8.28 1.58 -31.76
C PHE C 617 -7.12 2.47 -32.24
N ALA C 618 -7.30 3.18 -33.36
CA ALA C 618 -6.32 4.15 -33.92
C ALA C 618 -6.86 5.58 -33.75
N GLY C 619 -7.76 5.80 -32.78
CA GLY C 619 -8.32 7.12 -32.45
C GLY C 619 -9.83 7.11 -32.35
N ARG C 620 -10.40 8.24 -31.94
CA ARG C 620 -11.86 8.53 -31.90
C ARG C 620 -12.18 9.46 -33.08
N GLY C 621 -13.43 9.87 -33.24
CA GLY C 621 -13.86 10.88 -34.24
C GLY C 621 -14.53 10.26 -35.45
N GLN C 622 -15.12 11.12 -36.29
CA GLN C 622 -16.15 10.78 -37.31
C GLN C 622 -15.60 9.81 -38.36
N ASN C 623 -14.30 9.87 -38.66
CA ASN C 623 -13.66 9.11 -39.77
C ASN C 623 -13.17 7.73 -39.27
N THR C 624 -13.68 7.27 -38.13
CA THR C 624 -13.27 6.00 -37.48
C THR C 624 -14.51 5.13 -37.20
N GLY C 625 -14.36 3.81 -37.35
CA GLY C 625 -15.42 2.82 -37.05
C GLY C 625 -14.82 1.47 -36.71
N ILE C 626 -15.61 0.59 -36.09
CA ILE C 626 -15.18 -0.79 -35.75
C ILE C 626 -16.41 -1.71 -35.76
N ALA C 627 -16.22 -2.96 -36.20
CA ALA C 627 -17.26 -4.01 -36.24
C ALA C 627 -16.81 -5.21 -35.40
N PHE C 628 -17.54 -5.47 -34.32
CA PHE C 628 -17.41 -6.71 -33.50
C PHE C 628 -18.25 -7.79 -34.18
N VAL C 629 -17.58 -8.84 -34.68
CA VAL C 629 -18.23 -9.95 -35.44
C VAL C 629 -18.18 -11.21 -34.57
N SER C 630 -19.35 -11.79 -34.28
CA SER C 630 -19.51 -13.08 -33.58
C SER C 630 -20.01 -14.13 -34.57
N LEU C 631 -19.25 -15.23 -34.72
CA LEU C 631 -19.58 -16.36 -35.61
C LEU C 631 -20.57 -17.30 -34.93
N LYS C 632 -21.24 -18.12 -35.72
CA LYS C 632 -22.11 -19.24 -35.25
C LYS C 632 -21.21 -20.29 -34.59
N ASP C 633 -21.81 -21.27 -33.90
CA ASP C 633 -21.05 -22.25 -33.09
C ASP C 633 -20.10 -23.05 -33.99
N TRP C 634 -18.94 -23.44 -33.44
CA TRP C 634 -17.85 -24.18 -34.12
C TRP C 634 -18.40 -25.41 -34.85
N ALA C 635 -19.37 -26.11 -34.23
CA ALA C 635 -20.03 -27.32 -34.75
C ALA C 635 -20.69 -27.05 -36.11
N ASP C 636 -21.26 -25.85 -36.30
CA ASP C 636 -22.05 -25.47 -37.49
C ASP C 636 -21.16 -24.75 -38.52
N ARG C 637 -19.83 -24.77 -38.31
CA ARG C 637 -18.83 -24.20 -39.26
C ARG C 637 -17.74 -25.23 -39.51
N PRO C 638 -18.09 -26.40 -40.10
CA PRO C 638 -17.09 -27.45 -40.39
C PRO C 638 -16.21 -27.06 -41.59
N GLY C 639 -14.98 -27.56 -41.63
CA GLY C 639 -14.01 -27.28 -42.70
C GLY C 639 -13.30 -25.96 -42.48
N GLU C 640 -12.03 -25.85 -42.87
CA GLU C 640 -11.15 -24.73 -42.47
C GLU C 640 -11.51 -23.45 -43.24
N GLU C 641 -12.27 -23.54 -44.33
CA GLU C 641 -12.71 -22.35 -45.11
C GLU C 641 -13.77 -21.57 -44.31
N ASN C 642 -14.40 -22.20 -43.31
CA ASN C 642 -15.44 -21.59 -42.44
C ASN C 642 -14.85 -21.25 -41.06
N LYS C 643 -13.53 -21.09 -40.96
CA LYS C 643 -12.81 -20.73 -39.71
C LYS C 643 -12.31 -19.28 -39.84
N VAL C 644 -12.03 -18.65 -38.69
CA VAL C 644 -11.76 -17.18 -38.60
C VAL C 644 -10.63 -16.80 -39.56
N GLU C 645 -9.59 -17.61 -39.69
CA GLU C 645 -8.43 -17.29 -40.56
C GLU C 645 -8.93 -17.06 -41.99
N ALA C 646 -9.65 -18.04 -42.55
CA ALA C 646 -10.17 -18.05 -43.94
C ALA C 646 -11.21 -16.93 -44.11
N ILE C 647 -12.08 -16.75 -43.12
CA ILE C 647 -13.17 -15.71 -43.15
C ILE C 647 -12.54 -14.32 -43.21
N THR C 648 -11.58 -14.04 -42.31
CA THR C 648 -10.92 -12.71 -42.17
C THR C 648 -10.11 -12.40 -43.44
N MET C 649 -9.46 -13.42 -44.01
CA MET C 649 -8.66 -13.31 -45.25
C MET C 649 -9.59 -12.89 -46.40
N ARG C 650 -10.72 -13.61 -46.56
CA ARG C 650 -11.75 -13.33 -47.59
C ARG C 650 -12.40 -11.97 -47.33
N ALA C 651 -12.71 -11.66 -46.06
CA ALA C 651 -13.33 -10.40 -45.62
C ALA C 651 -12.41 -9.23 -45.99
N THR C 652 -11.12 -9.30 -45.66
CA THR C 652 -10.12 -8.23 -45.88
C THR C 652 -9.88 -8.05 -47.38
N ARG C 653 -9.83 -9.14 -48.15
CA ARG C 653 -9.68 -9.12 -49.64
C ARG C 653 -10.88 -8.38 -50.24
N ALA C 654 -12.10 -8.74 -49.84
CA ALA C 654 -13.36 -8.14 -50.31
C ALA C 654 -13.40 -6.64 -50.01
N PHE C 655 -12.90 -6.22 -48.85
CA PHE C 655 -12.99 -4.81 -48.34
C PHE C 655 -11.91 -3.93 -48.97
N SER C 656 -10.87 -4.51 -49.59
CA SER C 656 -9.85 -3.77 -50.37
C SER C 656 -10.52 -3.06 -51.55
N GLN C 657 -11.69 -3.55 -51.99
CA GLN C 657 -12.49 -3.02 -53.12
C GLN C 657 -13.20 -1.72 -52.69
N ILE C 658 -13.44 -1.53 -51.40
CA ILE C 658 -14.09 -0.29 -50.86
C ILE C 658 -13.12 0.87 -51.11
N LYS C 659 -13.61 1.95 -51.74
CA LYS C 659 -12.81 3.14 -52.12
C LYS C 659 -12.75 4.12 -50.95
N ASP C 660 -11.60 4.79 -50.79
CA ASP C 660 -11.36 5.83 -49.76
C ASP C 660 -11.78 5.30 -48.39
N ALA C 661 -11.15 4.20 -47.97
CA ALA C 661 -11.29 3.60 -46.62
C ALA C 661 -10.24 2.51 -46.44
N MET C 662 -9.49 2.55 -45.34
CA MET C 662 -8.68 1.41 -44.84
C MET C 662 -9.62 0.53 -44.00
N VAL C 663 -9.96 -0.65 -44.52
CA VAL C 663 -10.87 -1.64 -43.86
C VAL C 663 -10.12 -2.97 -43.77
N PHE C 664 -9.97 -3.50 -42.55
CA PHE C 664 -9.19 -4.74 -42.26
C PHE C 664 -9.97 -5.60 -41.27
N ALA C 665 -10.22 -6.86 -41.63
CA ALA C 665 -10.77 -7.92 -40.75
C ALA C 665 -9.61 -8.79 -40.29
N PHE C 666 -9.43 -8.93 -38.98
CA PHE C 666 -8.27 -9.63 -38.37
C PHE C 666 -8.74 -10.51 -37.21
N ASN C 667 -8.07 -11.64 -37.02
CA ASN C 667 -8.27 -12.57 -35.88
C ASN C 667 -7.71 -11.90 -34.62
N LEU C 668 -8.13 -12.37 -33.43
CA LEU C 668 -7.52 -11.98 -32.14
C LEU C 668 -6.20 -12.75 -31.98
N PRO C 669 -5.22 -12.19 -31.23
CA PRO C 669 -4.06 -12.98 -30.80
C PRO C 669 -4.49 -13.93 -29.67
N ALA C 670 -3.68 -14.95 -29.39
CA ALA C 670 -3.95 -15.98 -28.35
C ALA C 670 -4.07 -15.31 -26.97
N ILE C 671 -3.19 -14.36 -26.66
CA ILE C 671 -3.21 -13.57 -25.38
C ILE C 671 -3.71 -12.16 -25.72
N VAL C 672 -4.96 -11.86 -25.36
CA VAL C 672 -5.75 -10.72 -25.94
C VAL C 672 -5.34 -9.39 -25.28
N GLU C 673 -4.69 -9.40 -24.11
CA GLU C 673 -4.49 -8.17 -23.29
C GLU C 673 -3.38 -7.30 -23.91
N LEU C 674 -2.44 -7.90 -24.65
CA LEU C 674 -1.27 -7.17 -25.23
C LEU C 674 -1.67 -6.47 -26.53
N GLY C 675 -2.12 -7.24 -27.53
CA GLY C 675 -2.49 -6.74 -28.88
C GLY C 675 -3.95 -7.00 -29.19
N THR C 676 -4.62 -6.03 -29.81
CA THR C 676 -6.03 -6.12 -30.27
C THR C 676 -6.10 -7.04 -31.49
N ALA C 677 -5.06 -7.02 -32.34
CA ALA C 677 -5.01 -7.75 -33.63
C ALA C 677 -3.90 -8.80 -33.60
N THR C 678 -4.07 -9.85 -34.42
CA THR C 678 -3.06 -10.89 -34.73
C THR C 678 -1.90 -10.25 -35.49
N GLY C 679 -0.80 -10.98 -35.65
CA GLY C 679 0.38 -10.54 -36.43
C GLY C 679 1.36 -9.77 -35.57
N PHE C 680 2.16 -8.89 -36.18
CA PHE C 680 3.27 -8.15 -35.50
C PHE C 680 2.80 -6.74 -35.12
N ASP C 681 3.51 -6.12 -34.17
CA ASP C 681 3.20 -4.77 -33.62
C ASP C 681 4.49 -3.94 -33.65
N PHE C 682 4.70 -3.17 -34.72
CA PHE C 682 5.94 -2.43 -35.04
C PHE C 682 5.80 -0.97 -34.59
N GLU C 683 6.88 -0.40 -34.07
CA GLU C 683 6.95 1.01 -33.62
C GLU C 683 8.13 1.69 -34.33
N LEU C 684 7.83 2.60 -35.25
CA LEU C 684 8.84 3.48 -35.89
C LEU C 684 9.06 4.67 -34.97
N ILE C 685 10.32 5.02 -34.68
CA ILE C 685 10.68 6.03 -33.64
C ILE C 685 11.56 7.12 -34.26
N ASP C 686 11.30 8.38 -33.89
CA ASP C 686 12.11 9.57 -34.23
C ASP C 686 13.18 9.75 -33.15
N GLN C 687 14.42 9.37 -33.45
CA GLN C 687 15.55 9.28 -32.47
C GLN C 687 16.60 10.36 -32.74
N ALA C 688 16.28 11.38 -33.54
CA ALA C 688 17.23 12.47 -33.92
C ALA C 688 16.51 13.82 -34.05
N GLY C 689 15.33 13.97 -33.46
CA GLY C 689 14.50 15.19 -33.54
C GLY C 689 14.25 15.62 -34.98
N LEU C 690 13.93 14.68 -35.87
CA LEU C 690 13.67 14.91 -37.32
C LEU C 690 12.36 15.69 -37.50
N GLY C 691 11.33 15.33 -36.72
CA GLY C 691 10.02 15.99 -36.75
C GLY C 691 8.95 15.11 -37.36
N HIS C 692 7.69 15.50 -37.21
CA HIS C 692 6.48 14.73 -37.63
C HIS C 692 6.52 14.44 -39.13
N GLU C 693 6.90 15.41 -39.97
CA GLU C 693 6.83 15.29 -41.45
C GLU C 693 7.86 14.26 -41.93
N LYS C 694 9.10 14.35 -41.44
CA LYS C 694 10.21 13.44 -41.85
C LYS C 694 9.89 12.00 -41.39
N LEU C 695 9.25 11.86 -40.23
CA LEU C 695 8.82 10.56 -39.66
C LEU C 695 7.68 9.98 -40.50
N THR C 696 6.78 10.82 -41.00
CA THR C 696 5.67 10.44 -41.94
C THR C 696 6.26 9.89 -43.24
N GLN C 697 7.30 10.55 -43.76
CA GLN C 697 7.99 10.17 -45.03
C GLN C 697 8.66 8.81 -44.84
N ALA C 698 9.44 8.64 -43.76
CA ALA C 698 10.13 7.38 -43.39
C ALA C 698 9.10 6.25 -43.25
N ARG C 699 7.93 6.54 -42.67
CA ARG C 699 6.83 5.57 -42.50
C ARG C 699 6.33 5.15 -43.89
N ASN C 700 6.00 6.13 -44.73
CA ASN C 700 5.52 5.93 -46.13
C ASN C 700 6.56 5.09 -46.89
N GLN C 701 7.84 5.46 -46.78
CA GLN C 701 9.00 4.76 -47.38
C GLN C 701 9.01 3.29 -46.91
N LEU C 702 8.75 3.03 -45.63
CA LEU C 702 8.73 1.67 -45.05
C LEU C 702 7.49 0.90 -45.57
N LEU C 703 6.32 1.54 -45.57
CA LEU C 703 5.03 0.93 -46.01
C LEU C 703 5.10 0.58 -47.50
N ALA C 704 5.70 1.47 -48.32
CA ALA C 704 5.89 1.31 -49.78
C ALA C 704 6.80 0.11 -50.04
N GLU C 705 7.93 0.03 -49.33
CA GLU C 705 8.92 -1.07 -49.43
C GLU C 705 8.30 -2.39 -48.96
N ALA C 706 7.40 -2.34 -47.96
CA ALA C 706 6.72 -3.51 -47.38
C ALA C 706 5.71 -4.07 -48.38
N ALA C 707 5.08 -3.21 -49.18
CA ALA C 707 4.09 -3.56 -50.21
C ALA C 707 4.75 -4.33 -51.36
N LYS C 708 6.07 -4.18 -51.54
CA LYS C 708 6.88 -4.89 -52.57
C LYS C 708 7.14 -6.35 -52.16
N HIS C 709 6.78 -6.74 -50.93
CA HIS C 709 6.96 -8.11 -50.39
C HIS C 709 5.61 -8.69 -49.97
N PRO C 710 4.65 -8.89 -50.90
CA PRO C 710 3.34 -9.47 -50.56
C PRO C 710 3.42 -10.97 -50.23
N ASP C 711 4.52 -11.63 -50.63
CA ASP C 711 4.79 -13.07 -50.36
C ASP C 711 5.10 -13.27 -48.86
N MET C 712 5.50 -12.21 -48.16
CA MET C 712 5.87 -12.25 -46.71
C MET C 712 4.87 -11.43 -45.88
N LEU C 713 4.64 -10.16 -46.22
CA LEU C 713 3.84 -9.22 -45.41
C LEU C 713 2.47 -8.98 -46.08
N THR C 714 1.39 -9.05 -45.30
CA THR C 714 0.02 -8.63 -45.70
C THR C 714 -0.60 -7.75 -44.60
N SER C 715 -1.58 -6.93 -44.99
CA SER C 715 -2.35 -6.02 -44.11
C SER C 715 -1.41 -5.12 -43.31
N VAL C 716 -0.28 -4.72 -43.89
CA VAL C 716 0.68 -3.76 -43.25
C VAL C 716 0.02 -2.38 -43.32
N ARG C 717 -0.41 -1.83 -42.19
CA ARG C 717 -1.08 -0.51 -42.11
C ARG C 717 -0.59 0.26 -40.88
N PRO C 718 -0.67 1.60 -40.89
CA PRO C 718 -0.49 2.40 -39.68
C PRO C 718 -1.65 2.20 -38.69
N ASN C 719 -1.34 2.11 -37.40
CA ASN C 719 -2.33 2.23 -36.29
C ASN C 719 -2.33 3.70 -35.85
N GLY C 720 -2.60 4.59 -36.81
CA GLY C 720 -2.59 6.06 -36.61
C GLY C 720 -3.36 6.76 -37.70
N LEU C 721 -3.65 8.05 -37.50
CA LEU C 721 -4.45 8.89 -38.42
C LEU C 721 -3.49 9.70 -39.31
N GLU C 722 -3.97 10.11 -40.49
CA GLU C 722 -3.25 11.01 -41.43
C GLU C 722 -3.54 12.46 -41.03
N ASP C 723 -2.65 13.37 -41.43
CA ASP C 723 -2.73 14.83 -41.15
C ASP C 723 -4.07 15.35 -41.68
N THR C 724 -4.76 16.17 -40.87
CA THR C 724 -6.09 16.75 -41.17
C THR C 724 -5.94 18.23 -41.51
N PRO C 725 -6.72 18.75 -42.48
CA PRO C 725 -6.94 20.19 -42.58
C PRO C 725 -7.50 20.75 -41.26
N GLN C 726 -7.02 21.93 -40.86
CA GLN C 726 -7.49 22.68 -39.66
C GLN C 726 -7.97 24.06 -40.12
N PHE C 727 -9.11 24.51 -39.61
CA PHE C 727 -9.68 25.86 -39.86
C PHE C 727 -9.17 26.83 -38.79
N LYS C 728 -8.12 27.59 -39.12
CA LYS C 728 -7.49 28.58 -38.21
C LYS C 728 -8.28 29.89 -38.27
N ILE C 729 -8.83 30.31 -37.13
CA ILE C 729 -9.56 31.61 -36.99
C ILE C 729 -8.69 32.55 -36.13
N ASP C 730 -8.54 33.80 -36.56
CA ASP C 730 -7.67 34.82 -35.90
C ASP C 730 -8.53 36.01 -35.47
N ILE C 731 -8.68 36.19 -34.15
CA ILE C 731 -9.44 37.31 -33.52
C ILE C 731 -8.52 38.54 -33.47
N ASP C 732 -8.88 39.61 -34.17
CA ASP C 732 -8.19 40.93 -34.12
C ASP C 732 -8.65 41.65 -32.85
N GLN C 733 -7.87 41.55 -31.77
CA GLN C 733 -8.23 42.03 -30.41
C GLN C 733 -8.27 43.57 -30.40
N GLU C 734 -7.46 44.23 -31.25
CA GLU C 734 -7.39 45.71 -31.36
C GLU C 734 -8.67 46.22 -32.05
N LYS C 735 -9.13 45.51 -33.09
CA LYS C 735 -10.34 45.84 -33.88
C LYS C 735 -11.59 45.59 -33.02
N ALA C 736 -11.56 44.55 -32.19
CA ALA C 736 -12.62 44.19 -31.22
C ALA C 736 -12.71 45.27 -30.13
N GLN C 737 -11.56 45.71 -29.61
CA GLN C 737 -11.45 46.79 -28.58
C GLN C 737 -11.93 48.11 -29.19
N ALA C 738 -11.67 48.35 -30.48
CA ALA C 738 -12.12 49.53 -31.23
C ALA C 738 -13.65 49.54 -31.35
N LEU C 739 -14.27 48.38 -31.61
CA LEU C 739 -15.75 48.23 -31.75
C LEU C 739 -16.40 48.09 -30.36
N GLY C 740 -15.61 47.85 -29.31
CA GLY C 740 -16.06 47.88 -27.91
C GLY C 740 -16.63 46.55 -27.44
N VAL C 741 -16.14 45.43 -28.00
CA VAL C 741 -16.54 44.05 -27.62
C VAL C 741 -15.36 43.41 -26.87
N SER C 742 -15.62 42.81 -25.71
CA SER C 742 -14.60 42.14 -24.86
C SER C 742 -14.23 40.79 -25.49
N ILE C 743 -12.95 40.42 -25.46
CA ILE C 743 -12.42 39.20 -26.13
C ILE C 743 -12.85 37.95 -25.35
N ASN C 744 -13.27 38.10 -24.08
CA ASN C 744 -13.87 37.00 -23.28
C ASN C 744 -15.24 36.66 -23.88
N ASP C 745 -16.04 37.68 -24.22
CA ASP C 745 -17.38 37.52 -24.83
C ASP C 745 -17.24 36.88 -26.22
N ILE C 746 -16.17 37.21 -26.96
CA ILE C 746 -15.84 36.58 -28.27
C ILE C 746 -15.56 35.09 -28.04
N ASN C 747 -14.59 34.79 -27.17
CA ASN C 747 -14.07 33.42 -26.90
C ASN C 747 -15.21 32.50 -26.47
N THR C 748 -16.05 32.93 -25.53
CA THR C 748 -17.21 32.15 -25.02
C THR C 748 -18.22 31.94 -26.16
N THR C 749 -18.53 32.99 -26.93
CA THR C 749 -19.50 32.92 -28.06
C THR C 749 -19.02 31.89 -29.08
N LEU C 750 -17.77 31.99 -29.53
CA LEU C 750 -17.17 31.08 -30.56
C LEU C 750 -17.17 29.64 -30.02
N GLY C 751 -16.57 29.43 -28.85
CA GLY C 751 -16.43 28.10 -28.22
C GLY C 751 -17.77 27.46 -27.90
N ALA C 752 -18.68 28.20 -27.27
CA ALA C 752 -20.00 27.72 -26.83
C ALA C 752 -20.84 27.32 -28.06
N ALA C 753 -20.75 28.10 -29.15
CA ALA C 753 -21.53 27.88 -30.39
C ALA C 753 -20.99 26.65 -31.14
N TRP C 754 -19.72 26.69 -31.55
CA TRP C 754 -19.10 25.70 -32.46
C TRP C 754 -18.66 24.44 -31.70
N GLY C 755 -18.12 24.60 -30.49
CA GLY C 755 -17.55 23.50 -29.69
C GLY C 755 -18.56 22.91 -28.71
N GLY C 756 -19.56 23.70 -28.31
CA GLY C 756 -20.43 23.37 -27.17
C GLY C 756 -19.78 23.72 -25.85
N SER C 757 -20.57 23.93 -24.80
CA SER C 757 -20.11 24.40 -23.48
C SER C 757 -20.89 23.69 -22.36
N TYR C 758 -20.20 22.88 -21.55
CA TYR C 758 -20.71 22.30 -20.28
C TYR C 758 -20.89 23.45 -19.29
N VAL C 759 -22.15 23.75 -18.94
CA VAL C 759 -22.53 24.93 -18.11
C VAL C 759 -22.55 24.51 -16.64
N ASN C 760 -23.38 23.51 -16.31
CA ASN C 760 -23.58 23.00 -14.93
C ASN C 760 -24.43 21.73 -15.02
N ASP C 761 -24.77 21.13 -13.88
CA ASP C 761 -25.51 19.86 -13.81
C ASP C 761 -27.01 20.15 -13.63
N PHE C 762 -27.84 19.13 -13.87
CA PHE C 762 -29.30 19.14 -13.67
C PHE C 762 -29.72 17.73 -13.27
N ILE C 763 -30.98 17.52 -12.88
CA ILE C 763 -31.49 16.22 -12.34
C ILE C 763 -32.49 15.63 -13.33
N ASP C 764 -32.11 14.58 -14.04
CA ASP C 764 -32.97 13.81 -14.96
C ASP C 764 -33.46 12.55 -14.24
N ARG C 765 -34.67 12.60 -13.67
CA ARG C 765 -35.33 11.49 -12.95
C ARG C 765 -34.39 10.93 -11.87
N GLY C 766 -33.93 11.81 -10.97
CA GLY C 766 -33.19 11.45 -9.75
C GLY C 766 -31.70 11.22 -9.98
N ARG C 767 -31.21 11.43 -11.20
CA ARG C 767 -29.77 11.23 -11.54
C ARG C 767 -29.18 12.54 -12.06
N VAL C 768 -27.99 12.90 -11.55
CA VAL C 768 -27.25 14.12 -11.97
C VAL C 768 -26.75 13.87 -13.40
N LYS C 769 -27.04 14.79 -14.31
CA LYS C 769 -26.54 14.78 -15.70
C LYS C 769 -26.13 16.21 -16.05
N LYS C 770 -25.49 16.39 -17.22
CA LYS C 770 -24.85 17.66 -17.63
C LYS C 770 -25.87 18.53 -18.38
N VAL C 771 -25.62 19.83 -18.43
CA VAL C 771 -26.31 20.81 -19.31
C VAL C 771 -25.28 21.35 -20.29
N TYR C 772 -25.57 21.24 -21.59
CA TYR C 772 -24.72 21.79 -22.68
C TYR C 772 -25.51 22.87 -23.42
N VAL C 773 -24.89 24.05 -23.59
CA VAL C 773 -25.30 25.04 -24.62
C VAL C 773 -24.39 24.82 -25.82
N MET C 774 -24.97 24.81 -27.02
CA MET C 774 -24.24 24.66 -28.30
C MET C 774 -25.07 25.31 -29.40
N SER C 775 -24.45 25.68 -30.51
CA SER C 775 -25.16 26.15 -31.72
C SER C 775 -25.99 24.98 -32.27
N GLU C 776 -27.20 25.27 -32.76
CA GLU C 776 -28.01 24.32 -33.56
C GLU C 776 -27.21 23.97 -34.81
N ALA C 777 -27.23 22.69 -35.23
CA ALA C 777 -26.32 22.10 -36.24
C ALA C 777 -26.12 23.04 -37.44
N LYS C 778 -27.19 23.62 -37.98
CA LYS C 778 -27.17 24.29 -39.31
C LYS C 778 -26.39 25.62 -39.26
N TYR C 779 -26.07 26.14 -38.08
CA TYR C 779 -25.32 27.42 -37.91
C TYR C 779 -23.85 27.15 -37.55
N ARG C 780 -23.41 25.88 -37.57
CA ARG C 780 -22.00 25.50 -37.25
C ARG C 780 -21.52 24.42 -38.21
N MET C 781 -21.93 24.48 -39.48
CA MET C 781 -21.56 23.49 -40.53
C MET C 781 -20.50 24.09 -41.47
N LEU C 782 -20.65 25.35 -41.90
CA LEU C 782 -19.83 25.96 -42.98
C LEU C 782 -18.95 27.07 -42.43
N PRO C 783 -17.73 27.25 -42.98
CA PRO C 783 -16.88 28.39 -42.64
C PRO C 783 -17.54 29.78 -42.67
N ASP C 784 -18.44 30.03 -43.62
CA ASP C 784 -19.14 31.33 -43.80
C ASP C 784 -20.06 31.61 -42.60
N ASP C 785 -20.56 30.56 -41.95
CA ASP C 785 -21.52 30.66 -40.80
C ASP C 785 -20.84 31.29 -39.58
N ILE C 786 -19.51 31.43 -39.58
CA ILE C 786 -18.73 32.11 -38.50
C ILE C 786 -19.30 33.53 -38.30
N GLY C 787 -19.42 34.28 -39.39
CA GLY C 787 -19.84 35.70 -39.40
C GLY C 787 -21.32 35.90 -39.11
N ASP C 788 -22.10 34.82 -39.03
CA ASP C 788 -23.55 34.87 -38.65
C ASP C 788 -23.69 35.00 -37.13
N TRP C 789 -22.59 34.90 -36.37
CA TRP C 789 -22.57 35.02 -34.89
C TRP C 789 -22.24 36.47 -34.50
N TYR C 790 -22.99 37.00 -33.53
CA TYR C 790 -22.92 38.40 -33.04
C TYR C 790 -22.57 38.42 -31.55
N VAL C 791 -21.69 39.36 -31.18
CA VAL C 791 -21.29 39.67 -29.77
C VAL C 791 -21.75 41.09 -29.46
N ARG C 792 -22.35 41.30 -28.28
CA ARG C 792 -22.84 42.63 -27.82
C ARG C 792 -21.64 43.46 -27.34
N ALA C 793 -21.47 44.66 -27.91
CA ALA C 793 -20.46 45.65 -27.50
C ALA C 793 -20.92 46.36 -26.23
N ALA C 794 -20.01 47.10 -25.57
CA ALA C 794 -20.27 47.86 -24.33
C ALA C 794 -21.40 48.88 -24.56
N ASP C 795 -21.45 49.48 -25.76
CA ASP C 795 -22.39 50.58 -26.12
C ASP C 795 -23.76 50.01 -26.52
N GLY C 796 -23.89 48.69 -26.70
CA GLY C 796 -25.19 48.00 -26.87
C GLY C 796 -25.40 47.41 -28.26
N GLN C 797 -24.69 47.93 -29.27
CA GLN C 797 -24.82 47.47 -30.68
C GLN C 797 -24.23 46.05 -30.81
N MET C 798 -24.87 45.20 -31.64
CA MET C 798 -24.44 43.81 -31.93
C MET C 798 -23.43 43.85 -33.09
N VAL C 799 -22.28 43.21 -32.91
CA VAL C 799 -21.13 43.23 -33.88
C VAL C 799 -20.94 41.82 -34.43
N PRO C 800 -20.97 41.61 -35.76
CA PRO C 800 -20.75 40.29 -36.35
C PRO C 800 -19.28 39.88 -36.28
N PHE C 801 -19.00 38.57 -36.20
CA PHE C 801 -17.63 38.01 -36.11
C PHE C 801 -16.78 38.50 -37.30
N SER C 802 -17.41 38.64 -38.48
CA SER C 802 -16.77 39.13 -39.73
C SER C 802 -16.05 40.46 -39.49
N ALA C 803 -16.58 41.30 -38.60
CA ALA C 803 -16.08 42.67 -38.31
C ALA C 803 -14.71 42.63 -37.62
N PHE C 804 -14.37 41.55 -36.89
CA PHE C 804 -13.15 41.49 -36.04
C PHE C 804 -12.42 40.15 -36.18
N SER C 805 -12.60 39.43 -37.29
CA SER C 805 -12.04 38.06 -37.47
C SER C 805 -11.69 37.79 -38.94
N SER C 806 -10.63 37.02 -39.16
CA SER C 806 -10.21 36.44 -40.46
C SER C 806 -9.97 34.95 -40.26
N SER C 807 -9.88 34.17 -41.34
CA SER C 807 -9.69 32.70 -41.29
C SER C 807 -8.85 32.20 -42.48
N ARG C 808 -8.10 31.13 -42.26
CA ARG C 808 -7.29 30.42 -43.27
C ARG C 808 -7.16 28.94 -42.87
N TRP C 809 -6.70 28.11 -43.80
CA TRP C 809 -6.60 26.63 -43.63
C TRP C 809 -5.14 26.26 -43.31
N GLU C 810 -4.93 25.66 -42.13
CA GLU C 810 -3.65 25.02 -41.73
C GLU C 810 -3.76 23.51 -41.91
N TYR C 811 -2.65 22.79 -41.76
CA TYR C 811 -2.59 21.30 -41.74
C TYR C 811 -1.76 20.86 -40.52
N GLY C 812 -2.28 19.90 -39.76
CA GLY C 812 -1.61 19.34 -38.57
C GLY C 812 -2.12 17.94 -38.26
N SER C 813 -1.37 17.18 -37.48
CA SER C 813 -1.74 15.80 -37.04
C SER C 813 -2.95 15.87 -36.13
N PRO C 814 -3.99 15.04 -36.37
CA PRO C 814 -5.10 14.89 -35.42
C PRO C 814 -4.80 13.87 -34.31
N ARG C 815 -3.61 13.25 -34.35
CA ARG C 815 -3.19 12.23 -33.38
C ARG C 815 -1.67 12.00 -33.47
N LEU C 816 -0.92 12.49 -32.48
CA LEU C 816 0.55 12.31 -32.37
C LEU C 816 0.83 11.18 -31.38
N GLU C 817 1.55 10.14 -31.81
CA GLU C 817 1.96 9.00 -30.96
C GLU C 817 3.38 9.27 -30.44
N ARG C 818 3.72 8.66 -29.30
CA ARG C 818 5.09 8.64 -28.73
C ARG C 818 5.35 7.25 -28.12
N TYR C 819 6.56 6.73 -28.29
CA TYR C 819 6.99 5.42 -27.74
C TYR C 819 8.33 5.61 -27.00
N ASN C 820 8.34 5.29 -25.70
CA ASN C 820 9.50 5.44 -24.78
C ASN C 820 10.01 6.88 -24.84
N GLY C 821 9.09 7.84 -24.77
CA GLY C 821 9.40 9.28 -24.61
C GLY C 821 9.71 10.01 -25.92
N LEU C 822 9.70 9.30 -27.06
CA LEU C 822 10.10 9.86 -28.38
C LEU C 822 8.95 9.79 -29.37
N PRO C 823 8.87 10.73 -30.35
CA PRO C 823 7.82 10.71 -31.37
C PRO C 823 7.89 9.39 -32.16
N SER C 824 6.75 8.72 -32.33
CA SER C 824 6.66 7.35 -32.87
C SER C 824 5.48 7.22 -33.82
N MET C 825 5.50 6.18 -34.66
CA MET C 825 4.35 5.76 -35.49
C MET C 825 4.26 4.23 -35.44
N GLU C 826 3.17 3.72 -34.85
CA GLU C 826 2.88 2.28 -34.73
C GLU C 826 2.46 1.77 -36.10
N ILE C 827 3.04 0.64 -36.54
CA ILE C 827 2.68 -0.07 -37.79
C ILE C 827 2.28 -1.49 -37.40
N LEU C 828 1.05 -1.88 -37.74
CA LEU C 828 0.53 -3.25 -37.53
C LEU C 828 0.59 -3.99 -38.88
N GLY C 829 0.68 -5.32 -38.83
CA GLY C 829 0.74 -6.16 -40.04
C GLY C 829 0.76 -7.63 -39.69
N GLN C 830 0.60 -8.47 -40.71
CA GLN C 830 0.54 -9.95 -40.58
C GLN C 830 1.61 -10.57 -41.46
N ALA C 831 2.13 -11.73 -41.05
CA ALA C 831 2.84 -12.67 -41.94
C ALA C 831 1.84 -13.18 -42.97
N ALA C 832 2.25 -13.23 -44.24
CA ALA C 832 1.41 -13.69 -45.38
C ALA C 832 1.17 -15.19 -45.24
N PRO C 833 0.12 -15.75 -45.88
CA PRO C 833 -0.19 -17.18 -45.75
C PRO C 833 1.03 -18.08 -45.98
N GLY C 834 1.29 -18.98 -45.03
CA GLY C 834 2.39 -19.98 -45.10
C GLY C 834 3.67 -19.48 -44.44
N LYS C 835 3.73 -18.21 -44.03
CA LYS C 835 4.90 -17.59 -43.37
C LYS C 835 4.60 -17.36 -41.88
N SER C 836 5.64 -17.38 -41.04
CA SER C 836 5.56 -17.16 -39.57
C SER C 836 5.63 -15.67 -39.27
N THR C 837 5.16 -15.28 -38.08
CA THR C 837 5.31 -13.90 -37.52
C THR C 837 6.80 -13.59 -37.37
N GLY C 838 7.61 -14.60 -37.02
CA GLY C 838 9.08 -14.49 -36.88
C GLY C 838 9.74 -14.06 -38.17
N GLU C 839 9.35 -14.66 -39.31
CA GLU C 839 9.87 -14.34 -40.66
C GLU C 839 9.43 -12.91 -41.03
N ALA C 840 8.15 -12.59 -40.83
CA ALA C 840 7.57 -11.24 -41.06
C ALA C 840 8.35 -10.21 -40.24
N MET C 841 8.65 -10.52 -38.97
CA MET C 841 9.44 -9.64 -38.07
C MET C 841 10.85 -9.43 -38.63
N GLU C 842 11.48 -10.51 -39.11
CA GLU C 842 12.87 -10.51 -39.66
C GLU C 842 12.95 -9.55 -40.85
N LEU C 843 12.01 -9.65 -41.80
CA LEU C 843 11.98 -8.80 -43.02
C LEU C 843 11.71 -7.34 -42.63
N MET C 844 10.79 -7.09 -41.71
CA MET C 844 10.43 -5.73 -41.24
C MET C 844 11.66 -5.05 -40.63
N GLU C 845 12.51 -5.80 -39.93
CA GLU C 845 13.79 -5.31 -39.34
C GLU C 845 14.76 -4.92 -40.46
N GLN C 846 14.87 -5.74 -41.49
CA GLN C 846 15.76 -5.51 -42.67
C GLN C 846 15.30 -4.26 -43.42
N LEU C 847 14.01 -4.17 -43.72
CA LEU C 847 13.39 -3.01 -44.42
C LEU C 847 13.64 -1.74 -43.61
N ALA C 848 13.48 -1.81 -42.28
CA ALA C 848 13.61 -0.67 -41.34
C ALA C 848 15.06 -0.17 -41.29
N SER C 849 16.05 -1.04 -41.53
CA SER C 849 17.50 -0.70 -41.54
C SER C 849 17.83 0.22 -42.71
N LYS C 850 17.01 0.23 -43.76
CA LYS C 850 17.21 1.00 -45.01
C LYS C 850 16.47 2.35 -44.95
N LEU C 851 16.17 2.87 -43.76
CA LEU C 851 15.45 4.15 -43.57
C LEU C 851 16.48 5.25 -43.25
N PRO C 852 16.10 6.55 -43.35
CA PRO C 852 17.00 7.65 -43.02
C PRO C 852 17.59 7.52 -41.62
N THR C 853 18.87 7.89 -41.45
CA THR C 853 19.56 7.98 -40.13
C THR C 853 18.72 8.89 -39.23
N GLY C 854 18.49 8.47 -37.99
CA GLY C 854 17.63 9.18 -37.02
C GLY C 854 16.29 8.49 -36.84
N VAL C 855 15.85 7.70 -37.83
CA VAL C 855 14.61 6.87 -37.75
C VAL C 855 14.99 5.46 -37.26
N GLY C 856 14.73 5.17 -35.99
CA GLY C 856 14.89 3.83 -35.41
C GLY C 856 13.56 3.10 -35.34
N TYR C 857 13.54 1.89 -34.79
CA TYR C 857 12.33 1.07 -34.59
C TYR C 857 12.42 0.28 -33.29
N ASP C 858 11.30 -0.32 -32.88
CA ASP C 858 11.23 -1.23 -31.72
C ASP C 858 9.98 -2.10 -31.87
N TRP C 859 10.03 -3.32 -31.32
CA TRP C 859 8.89 -4.25 -31.23
C TRP C 859 8.19 -4.04 -29.88
N THR C 860 6.87 -3.90 -29.88
CA THR C 860 6.06 -3.66 -28.66
C THR C 860 5.00 -4.76 -28.52
N GLY C 861 4.30 -4.79 -27.39
CA GLY C 861 3.21 -5.73 -27.08
C GLY C 861 3.56 -7.16 -27.42
N MET C 862 2.87 -7.73 -28.41
CA MET C 862 2.92 -9.17 -28.79
C MET C 862 4.28 -9.50 -29.41
N SER C 863 4.81 -8.60 -30.23
CA SER C 863 6.12 -8.75 -30.92
C SER C 863 7.26 -8.69 -29.90
N TYR C 864 7.17 -7.79 -28.91
CA TYR C 864 8.15 -7.66 -27.80
C TYR C 864 8.32 -9.02 -27.11
N GLN C 865 7.21 -9.67 -26.75
CA GLN C 865 7.19 -10.99 -26.04
C GLN C 865 7.79 -12.08 -26.94
N GLU C 866 7.44 -12.06 -28.24
CA GLU C 866 7.89 -13.03 -29.26
C GLU C 866 9.42 -12.94 -29.42
N ARG C 867 9.93 -11.71 -29.57
CA ARG C 867 11.39 -11.41 -29.62
C ARG C 867 12.06 -11.97 -28.36
N LEU C 868 11.46 -11.73 -27.20
CA LEU C 868 11.99 -12.14 -25.87
C LEU C 868 12.02 -13.67 -25.77
N SER C 869 10.92 -14.33 -26.15
CA SER C 869 10.75 -15.81 -26.16
C SER C 869 11.91 -16.46 -26.93
N GLY C 870 12.21 -15.95 -28.13
CA GLY C 870 13.29 -16.45 -28.99
C GLY C 870 14.66 -16.18 -28.41
N ASN C 871 14.92 -14.93 -28.00
CA ASN C 871 16.23 -14.47 -27.48
C ASN C 871 16.68 -15.36 -26.31
N GLN C 872 15.77 -15.80 -25.44
CA GLN C 872 16.12 -16.45 -24.15
C GLN C 872 16.20 -17.99 -24.31
N ALA C 873 15.63 -18.57 -25.37
CA ALA C 873 15.44 -20.03 -25.55
C ALA C 873 16.78 -20.77 -25.52
N PRO C 874 17.85 -20.31 -26.22
CA PRO C 874 19.15 -20.98 -26.16
C PRO C 874 19.72 -21.15 -24.75
N SER C 875 19.65 -20.10 -23.93
CA SER C 875 20.05 -20.11 -22.49
C SER C 875 19.28 -21.20 -21.74
N LEU C 876 17.98 -21.31 -22.03
CA LEU C 876 17.03 -22.26 -21.38
C LEU C 876 17.44 -23.70 -21.69
N TYR C 877 17.71 -24.01 -22.96
CA TYR C 877 18.14 -25.36 -23.42
C TYR C 877 19.51 -25.68 -22.81
N ALA C 878 20.41 -24.70 -22.77
CA ALA C 878 21.79 -24.84 -22.25
C ALA C 878 21.77 -25.21 -20.77
N ILE C 879 21.12 -24.39 -19.92
CA ILE C 879 21.07 -24.60 -18.44
C ILE C 879 20.27 -25.89 -18.14
N SER C 880 19.25 -26.20 -18.94
CA SER C 880 18.40 -27.41 -18.77
C SER C 880 19.21 -28.68 -19.01
N LEU C 881 20.08 -28.67 -20.03
CA LEU C 881 20.98 -29.81 -20.37
C LEU C 881 22.03 -30.00 -19.26
N ILE C 882 22.60 -28.89 -18.76
CA ILE C 882 23.65 -28.90 -17.70
C ILE C 882 23.03 -29.47 -16.41
N VAL C 883 21.82 -29.02 -16.04
CA VAL C 883 21.13 -29.43 -14.79
C VAL C 883 20.85 -30.95 -14.84
N VAL C 884 20.35 -31.45 -15.97
CA VAL C 884 20.00 -32.89 -16.17
C VAL C 884 21.29 -33.72 -16.07
N PHE C 885 22.38 -33.24 -16.68
CA PHE C 885 23.73 -33.89 -16.64
C PHE C 885 24.21 -34.01 -15.19
N LEU C 886 24.26 -32.89 -14.48
CA LEU C 886 24.79 -32.78 -13.08
C LEU C 886 23.94 -33.63 -12.14
N CYS C 887 22.61 -33.64 -12.33
CA CYS C 887 21.64 -34.44 -11.54
C CYS C 887 21.92 -35.93 -11.71
N LEU C 888 22.22 -36.37 -12.93
CA LEU C 888 22.55 -37.79 -13.25
C LEU C 888 23.90 -38.15 -12.62
N ALA C 889 24.89 -37.25 -12.72
CA ALA C 889 26.25 -37.43 -12.16
C ALA C 889 26.16 -37.62 -10.63
N ALA C 890 25.33 -36.81 -9.97
CA ALA C 890 25.13 -36.84 -8.50
C ALA C 890 24.39 -38.13 -8.10
N LEU C 891 23.41 -38.56 -8.91
CA LEU C 891 22.53 -39.72 -8.60
C LEU C 891 23.30 -41.03 -8.74
N TYR C 892 24.04 -41.18 -9.84
CA TYR C 892 24.73 -42.45 -10.25
C TYR C 892 26.22 -42.39 -9.91
N GLU C 893 26.68 -41.32 -9.27
CA GLU C 893 28.08 -41.16 -8.80
C GLU C 893 29.05 -41.51 -9.94
N SER C 894 28.89 -40.85 -11.08
CA SER C 894 29.60 -41.18 -12.35
C SER C 894 29.60 -39.98 -13.30
N TRP C 895 30.63 -39.88 -14.14
CA TRP C 895 30.68 -38.92 -15.28
C TRP C 895 30.33 -39.65 -16.58
N SER C 896 30.68 -40.95 -16.67
CA SER C 896 30.48 -41.80 -17.88
C SER C 896 28.99 -42.05 -18.13
N ILE C 897 28.19 -42.31 -17.09
CA ILE C 897 26.73 -42.59 -17.21
C ILE C 897 26.03 -41.33 -17.73
N PRO C 898 26.23 -40.14 -17.11
CA PRO C 898 25.74 -38.88 -17.69
C PRO C 898 26.10 -38.60 -19.16
N PHE C 899 27.38 -38.64 -19.55
CA PHE C 899 27.83 -38.38 -20.94
C PHE C 899 27.13 -39.37 -21.89
N SER C 900 27.12 -40.66 -21.52
CA SER C 900 26.46 -41.76 -22.25
C SER C 900 24.97 -41.46 -22.44
N VAL C 901 24.29 -40.98 -21.39
CA VAL C 901 22.83 -40.67 -21.41
C VAL C 901 22.60 -39.42 -22.27
N MET C 902 23.32 -38.32 -21.99
CA MET C 902 23.06 -36.99 -22.63
C MET C 902 23.24 -37.05 -24.15
N LEU C 903 24.09 -37.94 -24.67
CA LEU C 903 24.36 -38.08 -26.13
C LEU C 903 23.08 -38.52 -26.88
N VAL C 904 22.05 -38.96 -26.15
CA VAL C 904 20.75 -39.43 -26.73
C VAL C 904 19.87 -38.23 -27.10
N VAL C 905 20.19 -37.01 -26.65
CA VAL C 905 19.27 -35.83 -26.76
C VAL C 905 19.04 -35.51 -28.25
N PRO C 906 20.07 -35.42 -29.11
CA PRO C 906 19.84 -35.23 -30.54
C PRO C 906 18.88 -36.24 -31.20
N LEU C 907 18.88 -37.50 -30.76
CA LEU C 907 17.97 -38.57 -31.28
C LEU C 907 16.51 -38.13 -31.08
N GLY C 908 16.20 -37.52 -29.93
CA GLY C 908 14.87 -36.99 -29.63
C GLY C 908 14.58 -35.72 -30.40
N VAL C 909 15.52 -34.76 -30.38
CA VAL C 909 15.33 -33.38 -30.90
C VAL C 909 15.03 -33.45 -32.42
N ILE C 910 15.75 -34.29 -33.17
CA ILE C 910 15.57 -34.40 -34.65
C ILE C 910 14.14 -34.87 -34.95
N GLY C 911 13.60 -35.78 -34.14
CA GLY C 911 12.22 -36.30 -34.28
C GLY C 911 11.19 -35.19 -34.11
N ALA C 912 11.37 -34.32 -33.11
CA ALA C 912 10.50 -33.15 -32.85
C ALA C 912 10.60 -32.18 -34.03
N LEU C 913 11.81 -31.90 -34.50
CA LEU C 913 12.08 -30.97 -35.62
C LEU C 913 11.48 -31.54 -36.92
N LEU C 914 11.58 -32.86 -37.15
CA LEU C 914 10.97 -33.52 -38.34
C LEU C 914 9.45 -33.35 -38.27
N ALA C 915 8.83 -33.80 -37.18
CA ALA C 915 7.37 -33.78 -36.96
C ALA C 915 6.82 -32.36 -37.12
N ALA C 916 7.51 -31.36 -36.57
CA ALA C 916 7.09 -29.93 -36.65
C ALA C 916 7.22 -29.45 -38.09
N THR C 917 8.37 -29.70 -38.73
CA THR C 917 8.69 -29.26 -40.12
C THR C 917 7.66 -29.84 -41.10
N PHE C 918 7.37 -31.15 -41.01
CA PHE C 918 6.51 -31.89 -41.98
C PHE C 918 5.02 -31.66 -41.67
N ARG C 919 4.67 -31.25 -40.45
CA ARG C 919 3.26 -30.89 -40.09
C ARG C 919 3.04 -29.39 -40.34
N GLY C 920 4.12 -28.64 -40.61
CA GLY C 920 4.06 -27.21 -40.98
C GLY C 920 3.97 -26.29 -39.78
N LEU C 921 4.25 -26.79 -38.58
CA LEU C 921 4.24 -26.00 -37.32
C LEU C 921 5.54 -25.21 -37.22
N THR C 922 5.67 -24.36 -36.20
CA THR C 922 6.78 -23.40 -36.03
C THR C 922 7.48 -23.64 -34.68
N ASN C 923 8.66 -23.04 -34.53
CA ASN C 923 9.43 -22.97 -33.26
C ASN C 923 8.80 -21.87 -32.38
N ASP C 924 7.76 -22.24 -31.61
CA ASP C 924 6.98 -21.32 -30.75
C ASP C 924 7.08 -21.79 -29.29
N VAL C 925 6.33 -21.17 -28.38
CA VAL C 925 6.45 -21.41 -26.91
C VAL C 925 6.15 -22.89 -26.62
N TYR C 926 5.17 -23.49 -27.31
CA TYR C 926 4.76 -24.90 -27.09
C TYR C 926 5.86 -25.84 -27.59
N PHE C 927 6.58 -25.46 -28.65
CA PHE C 927 7.69 -26.28 -29.22
C PHE C 927 8.91 -26.20 -28.30
N GLN C 928 9.14 -25.04 -27.67
CA GLN C 928 10.23 -24.84 -26.68
C GLN C 928 10.00 -25.80 -25.50
N VAL C 929 8.80 -25.78 -24.93
CA VAL C 929 8.34 -26.71 -23.86
C VAL C 929 8.51 -28.14 -24.36
N GLY C 930 8.19 -28.39 -25.63
CA GLY C 930 8.32 -29.69 -26.31
C GLY C 930 9.76 -30.18 -26.35
N LEU C 931 10.69 -29.31 -26.74
CA LEU C 931 12.14 -29.64 -26.83
C LEU C 931 12.68 -29.98 -25.43
N LEU C 932 12.26 -29.24 -24.40
CA LEU C 932 12.62 -29.53 -22.99
C LEU C 932 12.09 -30.91 -22.63
N THR C 933 10.80 -31.17 -22.85
CA THR C 933 10.15 -32.49 -22.62
C THR C 933 10.94 -33.57 -23.36
N THR C 934 11.36 -33.28 -24.59
CA THR C 934 12.06 -34.23 -25.50
C THR C 934 13.45 -34.58 -24.93
N ILE C 935 14.14 -33.64 -24.28
CA ILE C 935 15.42 -33.90 -23.56
C ILE C 935 15.16 -34.96 -22.49
N GLY C 936 14.07 -34.78 -21.73
CA GLY C 936 13.66 -35.70 -20.64
C GLY C 936 13.30 -37.07 -21.15
N LEU C 937 12.49 -37.16 -22.21
CA LEU C 937 12.02 -38.42 -22.84
C LEU C 937 13.24 -39.23 -23.32
N SER C 938 14.17 -38.55 -23.98
CA SER C 938 15.41 -39.13 -24.56
C SER C 938 16.26 -39.74 -23.43
N ALA C 939 16.50 -38.95 -22.37
CA ALA C 939 17.30 -39.33 -21.18
C ALA C 939 16.62 -40.51 -20.46
N LYS C 940 15.29 -40.51 -20.38
CA LYS C 940 14.48 -41.59 -19.75
C LYS C 940 14.82 -42.93 -20.43
N ASN C 941 14.68 -42.99 -21.76
CA ASN C 941 14.92 -44.23 -22.56
C ASN C 941 16.40 -44.64 -22.43
N ALA C 942 17.32 -43.67 -22.49
CA ALA C 942 18.78 -43.90 -22.36
C ALA C 942 19.10 -44.51 -20.98
N ILE C 943 18.50 -43.95 -19.91
CA ILE C 943 18.71 -44.40 -18.50
C ILE C 943 18.32 -45.88 -18.39
N LEU C 944 17.21 -46.28 -18.98
CA LEU C 944 16.66 -47.66 -18.87
C LEU C 944 17.68 -48.68 -19.41
N ILE C 945 18.54 -48.30 -20.37
CA ILE C 945 19.63 -49.17 -20.88
C ILE C 945 20.89 -48.98 -20.02
N VAL C 946 21.37 -47.74 -19.89
CA VAL C 946 22.72 -47.42 -19.33
C VAL C 946 22.77 -47.72 -17.83
N GLU C 947 21.78 -47.29 -17.05
CA GLU C 947 21.72 -47.52 -15.58
C GLU C 947 21.82 -49.02 -15.31
N PHE C 948 20.97 -49.81 -15.97
CA PHE C 948 20.83 -51.29 -15.76
C PHE C 948 22.09 -52.01 -16.27
N ALA C 949 22.69 -51.53 -17.36
CA ALA C 949 23.95 -52.07 -17.93
C ALA C 949 25.08 -51.91 -16.90
N LYS C 950 25.30 -50.69 -16.41
CA LYS C 950 26.34 -50.35 -15.39
C LYS C 950 26.11 -51.20 -14.14
N ASP C 951 24.85 -51.43 -13.76
CA ASP C 951 24.44 -52.17 -12.54
C ASP C 951 24.84 -53.64 -12.71
N LEU C 952 24.62 -54.21 -13.90
CA LEU C 952 24.96 -55.64 -14.22
C LEU C 952 26.49 -55.82 -14.16
N MET C 953 27.25 -54.83 -14.63
CA MET C 953 28.75 -54.86 -14.59
C MET C 953 29.22 -54.87 -13.14
N ASP C 954 28.59 -54.05 -12.28
CA ASP C 954 28.99 -53.86 -10.85
C ASP C 954 28.51 -55.06 -10.02
N LYS C 955 27.20 -55.29 -9.97
CA LYS C 955 26.55 -56.22 -9.00
C LYS C 955 26.68 -57.69 -9.44
N GLU C 956 27.11 -57.97 -10.68
CA GLU C 956 27.25 -59.37 -11.19
C GLU C 956 28.56 -59.56 -11.97
N GLY C 957 29.50 -58.59 -11.91
CA GLY C 957 30.86 -58.68 -12.48
C GLY C 957 30.88 -59.07 -13.95
N LYS C 958 29.83 -58.74 -14.71
CA LYS C 958 29.72 -59.05 -16.16
C LYS C 958 30.55 -58.04 -16.96
N GLY C 959 31.03 -58.43 -18.14
CA GLY C 959 31.84 -57.57 -19.02
C GLY C 959 30.99 -56.47 -19.64
N LEU C 960 31.63 -55.53 -20.33
CA LEU C 960 30.99 -54.33 -20.93
C LEU C 960 29.92 -54.77 -21.94
N ILE C 961 30.29 -55.60 -22.91
CA ILE C 961 29.41 -56.04 -24.03
C ILE C 961 28.29 -56.92 -23.48
N GLU C 962 28.63 -57.91 -22.64
CA GLU C 962 27.67 -58.91 -22.11
C GLU C 962 26.59 -58.19 -21.28
N ALA C 963 26.99 -57.21 -20.46
CA ALA C 963 26.11 -56.42 -19.58
C ALA C 963 25.15 -55.57 -20.43
N THR C 964 25.67 -54.89 -21.45
CA THR C 964 24.89 -54.06 -22.41
C THR C 964 23.84 -54.94 -23.09
N LEU C 965 24.23 -56.10 -23.61
CA LEU C 965 23.35 -57.00 -24.40
C LEU C 965 22.28 -57.61 -23.49
N ASP C 966 22.62 -57.95 -22.24
CA ASP C 966 21.65 -58.46 -21.24
C ASP C 966 20.70 -57.32 -20.87
N ALA C 967 21.21 -56.09 -20.73
CA ALA C 967 20.45 -54.89 -20.33
C ALA C 967 19.38 -54.57 -21.38
N VAL C 968 19.78 -54.45 -22.65
CA VAL C 968 18.85 -54.08 -23.77
C VAL C 968 17.80 -55.18 -23.95
N ARG C 969 18.18 -56.46 -23.80
CA ARG C 969 17.28 -57.63 -23.91
C ARG C 969 16.14 -57.47 -22.91
N MET C 970 16.47 -57.29 -21.64
CA MET C 970 15.52 -57.26 -20.49
C MET C 970 14.68 -55.98 -20.52
N ARG C 971 15.16 -54.91 -21.16
CA ARG C 971 14.57 -53.54 -21.04
C ARG C 971 13.89 -53.09 -22.34
N LEU C 972 13.90 -53.88 -23.42
CA LEU C 972 13.18 -53.51 -24.67
C LEU C 972 11.69 -53.38 -24.40
N ARG C 973 11.09 -54.34 -23.70
CA ARG C 973 9.63 -54.43 -23.46
C ARG C 973 9.16 -53.20 -22.68
N PRO C 974 9.74 -52.86 -21.50
CA PRO C 974 9.35 -51.64 -20.78
C PRO C 974 9.67 -50.33 -21.52
N ILE C 975 10.78 -50.26 -22.25
CA ILE C 975 11.17 -49.05 -23.05
C ILE C 975 10.07 -48.80 -24.10
N LEU C 976 9.70 -49.82 -24.88
CA LEU C 976 8.70 -49.70 -25.98
C LEU C 976 7.30 -49.50 -25.37
N MET C 977 7.05 -50.10 -24.20
CA MET C 977 5.74 -50.05 -23.49
C MET C 977 5.49 -48.62 -22.99
N THR C 978 6.45 -48.05 -22.25
CA THR C 978 6.38 -46.69 -21.65
C THR C 978 6.53 -45.62 -22.72
N SER C 979 7.16 -45.94 -23.86
CA SER C 979 7.33 -45.02 -25.01
C SER C 979 6.01 -44.91 -25.78
N LEU C 980 5.35 -46.05 -26.05
CA LEU C 980 4.03 -46.10 -26.72
C LEU C 980 2.98 -45.46 -25.81
N ALA C 981 3.12 -45.61 -24.48
CA ALA C 981 2.24 -44.95 -23.49
C ALA C 981 2.23 -43.44 -23.79
N PHE C 982 3.42 -42.84 -23.88
CA PHE C 982 3.60 -41.39 -24.15
C PHE C 982 3.12 -41.05 -25.57
N ILE C 983 3.56 -41.80 -26.59
CA ILE C 983 3.28 -41.52 -28.03
C ILE C 983 1.76 -41.52 -28.24
N LEU C 984 1.07 -42.57 -27.78
CA LEU C 984 -0.42 -42.69 -27.91
C LEU C 984 -1.09 -41.78 -26.89
N GLY C 985 -0.42 -41.47 -25.76
CA GLY C 985 -0.91 -40.53 -24.73
C GLY C 985 -1.11 -39.12 -25.27
N VAL C 986 -0.18 -38.63 -26.10
CA VAL C 986 -0.19 -37.27 -26.71
C VAL C 986 -0.82 -37.32 -28.11
N MET C 987 -1.30 -38.50 -28.54
CA MET C 987 -1.95 -38.73 -29.86
C MET C 987 -3.13 -37.77 -30.02
N PRO C 988 -4.05 -37.65 -29.03
CA PRO C 988 -5.24 -36.81 -29.18
C PRO C 988 -4.91 -35.30 -29.29
N LEU C 989 -3.83 -34.84 -28.67
CA LEU C 989 -3.28 -33.46 -28.85
C LEU C 989 -2.92 -33.27 -30.33
N VAL C 990 -2.29 -34.28 -30.94
CA VAL C 990 -1.74 -34.22 -32.32
C VAL C 990 -2.89 -34.23 -33.34
N ILE C 991 -3.94 -35.01 -33.10
CA ILE C 991 -5.04 -35.24 -34.11
C ILE C 991 -6.28 -34.39 -33.76
N SER C 992 -6.18 -33.48 -32.79
CA SER C 992 -7.28 -32.57 -32.39
C SER C 992 -7.56 -31.59 -33.54
N THR C 993 -8.83 -31.36 -33.85
CA THR C 993 -9.30 -30.38 -34.85
C THR C 993 -10.35 -29.44 -34.22
N GLY C 994 -10.52 -29.50 -32.89
CA GLY C 994 -11.55 -28.73 -32.16
C GLY C 994 -11.11 -27.29 -31.92
N ALA C 995 -11.90 -26.53 -31.17
CA ALA C 995 -11.55 -25.18 -30.69
C ALA C 995 -10.33 -25.30 -29.77
N GLY C 996 -9.28 -24.51 -30.05
CA GLY C 996 -8.01 -24.54 -29.29
C GLY C 996 -7.07 -25.64 -29.75
N SER C 997 -7.33 -26.23 -30.92
CA SER C 997 -6.50 -27.31 -31.52
C SER C 997 -5.16 -26.73 -32.01
N GLY C 998 -5.10 -25.42 -32.26
CA GLY C 998 -3.84 -24.74 -32.59
C GLY C 998 -2.78 -25.02 -31.54
N ALA C 999 -3.13 -24.82 -30.27
CA ALA C 999 -2.26 -25.03 -29.09
C ALA C 999 -2.09 -26.54 -28.84
N GLN C 1000 -3.17 -27.33 -28.97
CA GLN C 1000 -3.12 -28.80 -28.73
C GLN C 1000 -2.15 -29.44 -29.74
N ASN C 1001 -2.28 -29.11 -31.03
CA ASN C 1001 -1.42 -29.61 -32.12
C ASN C 1001 0.04 -29.19 -31.86
N ALA C 1002 0.25 -27.96 -31.38
CA ALA C 1002 1.57 -27.36 -31.13
C ALA C 1002 2.32 -28.12 -30.02
N VAL C 1003 1.60 -28.47 -28.93
CA VAL C 1003 2.18 -29.13 -27.72
C VAL C 1003 2.54 -30.58 -28.07
N GLY C 1004 1.63 -31.30 -28.74
CA GLY C 1004 1.71 -32.75 -28.96
C GLY C 1004 2.70 -33.14 -30.05
N THR C 1005 2.69 -32.42 -31.18
CA THR C 1005 3.37 -32.82 -32.44
C THR C 1005 4.87 -32.98 -32.20
N GLY C 1006 5.52 -31.95 -31.63
CA GLY C 1006 6.97 -31.94 -31.34
C GLY C 1006 7.37 -33.12 -30.47
N VAL C 1007 6.71 -33.30 -29.32
CA VAL C 1007 7.04 -34.35 -28.31
C VAL C 1007 6.69 -35.75 -28.85
N MET C 1008 5.65 -35.88 -29.68
CA MET C 1008 5.25 -37.19 -30.25
C MET C 1008 6.35 -37.66 -31.21
N GLY C 1009 6.75 -36.79 -32.14
CA GLY C 1009 7.92 -37.00 -33.02
C GLY C 1009 9.19 -37.18 -32.20
N GLY C 1010 9.33 -36.41 -31.13
CA GLY C 1010 10.45 -36.48 -30.17
C GLY C 1010 10.61 -37.88 -29.61
N MET C 1011 9.50 -38.49 -29.13
CA MET C 1011 9.51 -39.81 -28.45
C MET C 1011 9.68 -40.94 -29.48
N VAL C 1012 9.12 -40.79 -30.68
CA VAL C 1012 9.21 -41.81 -31.77
C VAL C 1012 10.70 -42.05 -32.10
N THR C 1013 11.45 -40.98 -32.37
CA THR C 1013 12.90 -41.07 -32.72
C THR C 1013 13.72 -41.38 -31.46
N ALA C 1014 13.29 -40.92 -30.29
CA ALA C 1014 13.97 -41.18 -29.00
C ALA C 1014 13.80 -42.64 -28.58
N THR C 1015 12.88 -43.38 -29.19
CA THR C 1015 12.67 -44.84 -28.96
C THR C 1015 13.34 -45.63 -30.09
N VAL C 1016 12.87 -45.44 -31.33
CA VAL C 1016 13.34 -46.22 -32.52
C VAL C 1016 14.87 -46.12 -32.62
N LEU C 1017 15.45 -44.92 -32.48
CA LEU C 1017 16.92 -44.72 -32.67
C LEU C 1017 17.68 -45.08 -31.38
N ALA C 1018 17.13 -44.77 -30.21
CA ALA C 1018 17.85 -44.87 -28.92
C ALA C 1018 18.20 -46.33 -28.60
N ILE C 1019 17.25 -47.26 -28.82
CA ILE C 1019 17.43 -48.71 -28.51
C ILE C 1019 18.65 -49.27 -29.25
N PHE C 1020 19.06 -48.66 -30.37
CA PHE C 1020 20.23 -49.07 -31.18
C PHE C 1020 21.46 -48.22 -30.81
N PHE C 1021 21.28 -46.90 -30.61
CA PHE C 1021 22.38 -45.92 -30.47
C PHE C 1021 22.86 -45.82 -29.02
N VAL C 1022 21.98 -45.97 -28.03
CA VAL C 1022 22.32 -45.82 -26.59
C VAL C 1022 23.38 -46.84 -26.20
N PRO C 1023 23.23 -48.14 -26.57
CA PRO C 1023 24.29 -49.14 -26.34
C PRO C 1023 25.66 -48.75 -26.91
N VAL C 1024 25.67 -48.12 -28.10
CA VAL C 1024 26.92 -47.64 -28.75
C VAL C 1024 27.54 -46.55 -27.87
N PHE C 1025 26.74 -45.55 -27.48
CA PHE C 1025 27.20 -44.42 -26.61
C PHE C 1025 27.86 -44.98 -25.35
N PHE C 1026 27.15 -45.88 -24.64
CA PHE C 1026 27.61 -46.49 -23.37
C PHE C 1026 28.93 -47.22 -23.59
N VAL C 1027 28.96 -48.15 -24.55
CA VAL C 1027 30.13 -49.02 -24.85
C VAL C 1027 31.32 -48.16 -25.30
N VAL C 1028 31.09 -47.15 -26.14
CA VAL C 1028 32.16 -46.27 -26.68
C VAL C 1028 32.72 -45.37 -25.57
N VAL C 1029 31.85 -44.78 -24.74
CA VAL C 1029 32.25 -43.81 -23.67
C VAL C 1029 32.94 -44.56 -22.53
N ARG C 1030 32.44 -45.74 -22.15
CA ARG C 1030 33.03 -46.61 -21.10
C ARG C 1030 34.44 -47.06 -21.53
N ARG C 1031 34.63 -47.36 -22.82
CA ARG C 1031 35.90 -47.89 -23.38
C ARG C 1031 36.97 -46.79 -23.41
N ARG C 1032 36.58 -45.54 -23.67
CA ARG C 1032 37.54 -44.40 -23.83
C ARG C 1032 37.75 -43.66 -22.51
N PHE C 1033 36.77 -43.67 -21.60
CA PHE C 1033 36.79 -42.88 -20.33
C PHE C 1033 36.48 -43.79 -19.13
N SER C 1034 37.14 -44.95 -19.03
CA SER C 1034 37.10 -45.87 -17.86
C SER C 1034 38.23 -46.91 -17.96
N ARG C 1035 38.45 -47.66 -16.87
CA ARG C 1035 39.42 -48.79 -16.79
C ARG C 1035 38.81 -49.91 -15.94
N SER D 12 33.30 49.81 12.03
CA SER D 12 34.44 49.26 12.82
C SER D 12 34.15 47.81 13.24
N ASP D 13 35.15 47.14 13.82
CA ASP D 13 35.06 45.74 14.30
C ASP D 13 34.16 45.70 15.54
N LEU D 14 34.49 46.51 16.57
CA LEU D 14 33.82 46.51 17.89
C LEU D 14 32.41 47.13 17.77
N GLY D 15 32.22 48.09 16.86
CA GLY D 15 30.92 48.71 16.58
C GLY D 15 29.85 47.66 16.30
N LYS D 16 30.19 46.68 15.46
CA LYS D 16 29.25 45.59 15.02
C LYS D 16 29.12 44.54 16.13
N LYS D 17 30.16 44.32 16.94
CA LYS D 17 30.10 43.42 18.12
C LYS D 17 29.22 44.07 19.19
N LEU D 18 29.19 45.41 19.27
CA LEU D 18 28.31 46.15 20.22
C LEU D 18 26.86 46.10 19.71
N LEU D 19 26.66 46.15 18.39
CA LEU D 19 25.32 46.00 17.75
C LEU D 19 24.75 44.62 18.10
N GLU D 20 25.55 43.56 17.95
CA GLU D 20 25.15 42.17 18.28
C GLU D 20 24.91 42.05 19.80
N ALA D 21 25.84 42.56 20.61
CA ALA D 21 25.83 42.42 22.09
C ALA D 21 24.64 43.15 22.71
N ALA D 22 24.32 44.34 22.19
CA ALA D 22 23.20 45.20 22.66
C ALA D 22 21.86 44.50 22.39
N ARG D 23 21.75 43.83 21.24
CA ARG D 23 20.54 43.10 20.79
C ARG D 23 20.31 41.88 21.70
N ALA D 24 21.36 41.12 22.01
CA ALA D 24 21.29 39.83 22.73
C ALA D 24 21.12 40.06 24.24
N GLY D 25 21.34 41.28 24.72
CA GLY D 25 21.24 41.63 26.15
C GLY D 25 22.43 41.14 26.96
N ARG D 26 23.57 40.90 26.30
CA ARG D 26 24.83 40.44 26.94
C ARG D 26 25.47 41.63 27.66
N ASP D 27 25.05 41.86 28.90
CA ASP D 27 25.40 43.04 29.74
C ASP D 27 26.92 43.10 29.94
N ASP D 28 27.55 41.97 30.28
CA ASP D 28 29.01 41.90 30.61
C ASP D 28 29.84 42.17 29.36
N GLU D 29 29.38 41.74 28.18
CA GLU D 29 30.11 41.97 26.91
C GLU D 29 30.05 43.47 26.55
N VAL D 30 28.90 44.12 26.78
CA VAL D 30 28.71 45.58 26.53
C VAL D 30 29.68 46.35 27.43
N ARG D 31 29.73 46.00 28.71
CA ARG D 31 30.63 46.62 29.73
C ARG D 31 32.08 46.61 29.19
N ILE D 32 32.55 45.47 28.69
CA ILE D 32 33.93 45.27 28.17
C ILE D 32 34.11 46.10 26.90
N LEU D 33 33.12 46.09 26.00
CA LEU D 33 33.15 46.86 24.73
C LEU D 33 33.13 48.36 25.03
N MET D 34 32.42 48.78 26.08
CA MET D 34 32.37 50.20 26.54
C MET D 34 33.76 50.61 27.04
N ALA D 35 34.45 49.73 27.78
CA ALA D 35 35.83 49.94 28.28
C ALA D 35 36.78 50.10 27.09
N ASN D 36 36.62 49.30 26.03
CA ASN D 36 37.55 49.21 24.87
C ASN D 36 37.20 50.26 23.81
N GLY D 37 36.18 51.08 24.04
CA GLY D 37 35.84 52.25 23.20
C GLY D 37 35.08 51.88 21.94
N ALA D 38 34.23 50.84 22.01
CA ALA D 38 33.32 50.43 20.92
C ALA D 38 32.35 51.57 20.62
N ASP D 39 32.13 51.87 19.33
CA ASP D 39 31.36 53.06 18.88
C ASP D 39 29.89 52.90 19.25
N VAL D 40 29.37 53.75 20.15
CA VAL D 40 27.94 53.76 20.59
C VAL D 40 27.06 54.26 19.43
N ASN D 41 27.63 55.04 18.50
CA ASN D 41 26.89 55.66 17.36
C ASN D 41 26.94 54.74 16.13
N ALA D 42 27.57 53.55 16.25
CA ALA D 42 27.58 52.51 15.21
C ALA D 42 26.12 52.18 14.85
N ALA D 43 25.82 52.06 13.55
CA ALA D 43 24.46 51.80 13.03
C ALA D 43 24.52 50.74 11.93
N ASP D 44 23.55 49.82 11.92
CA ASP D 44 23.38 48.78 10.87
C ASP D 44 22.75 49.44 9.62
N VAL D 45 22.41 48.63 8.61
CA VAL D 45 21.97 49.11 7.26
C VAL D 45 20.69 49.93 7.40
N VAL D 46 19.77 49.52 8.27
CA VAL D 46 18.45 50.18 8.46
C VAL D 46 18.61 51.42 9.36
N GLY D 47 19.79 51.62 9.95
CA GLY D 47 20.17 52.84 10.69
C GLY D 47 19.94 52.71 12.18
N TRP D 48 19.97 51.48 12.71
CA TRP D 48 19.70 51.17 14.13
C TRP D 48 21.02 51.14 14.90
N THR D 49 21.12 51.99 15.94
CA THR D 49 22.22 52.05 16.92
C THR D 49 22.01 50.94 17.96
N PRO D 50 23.04 50.61 18.78
CA PRO D 50 22.83 49.78 19.97
C PRO D 50 21.62 50.22 20.82
N LEU D 51 21.43 51.54 21.00
CA LEU D 51 20.34 52.10 21.84
C LEU D 51 18.98 51.74 21.21
N HIS D 52 18.85 51.83 19.88
CA HIS D 52 17.68 51.33 19.13
C HIS D 52 17.43 49.85 19.48
N LEU D 53 18.46 49.01 19.38
CA LEU D 53 18.38 47.54 19.59
C LEU D 53 18.09 47.23 21.05
N ALA D 54 18.64 48.00 21.99
CA ALA D 54 18.40 47.86 23.44
C ALA D 54 16.95 48.27 23.76
N ALA D 55 16.48 49.37 23.17
CA ALA D 55 15.12 49.91 23.34
C ALA D 55 14.08 48.90 22.81
N TYR D 56 14.40 48.23 21.70
CA TYR D 56 13.51 47.27 21.00
C TYR D 56 13.33 46.02 21.87
N TRP D 57 14.43 45.34 22.22
CA TRP D 57 14.43 44.02 22.88
C TRP D 57 14.32 44.16 24.41
N GLY D 58 14.18 45.38 24.93
CA GLY D 58 13.77 45.65 26.33
C GLY D 58 14.91 45.49 27.34
N HIS D 59 16.17 45.57 26.89
CA HIS D 59 17.38 45.40 27.74
C HIS D 59 17.68 46.72 28.47
N LEU D 60 17.16 46.86 29.69
CA LEU D 60 17.11 48.12 30.49
C LEU D 60 18.52 48.57 30.89
N GLU D 61 19.36 47.65 31.40
CA GLU D 61 20.70 48.00 31.95
C GLU D 61 21.59 48.56 30.82
N ILE D 62 21.49 47.97 29.62
CA ILE D 62 22.33 48.35 28.43
C ILE D 62 21.90 49.74 27.94
N VAL D 63 20.60 50.05 27.92
CA VAL D 63 20.09 51.41 27.59
C VAL D 63 20.82 52.41 28.50
N GLU D 64 20.84 52.13 29.81
CA GLU D 64 21.43 53.03 30.84
C GLU D 64 22.95 53.13 30.61
N VAL D 65 23.62 52.03 30.32
CA VAL D 65 25.10 51.98 30.07
C VAL D 65 25.43 52.81 28.82
N LEU D 66 24.66 52.63 27.74
CA LEU D 66 24.91 53.31 26.43
C LEU D 66 24.74 54.83 26.60
N LEU D 67 23.76 55.27 27.41
CA LEU D 67 23.47 56.72 27.63
C LEU D 67 24.59 57.35 28.44
N LYS D 68 25.10 56.65 29.46
CA LYS D 68 26.29 57.09 30.25
C LYS D 68 27.50 57.25 29.32
N ASN D 69 27.61 56.40 28.29
CA ASN D 69 28.73 56.40 27.31
C ASN D 69 28.35 57.23 26.07
N GLY D 70 27.54 58.28 26.25
CA GLY D 70 27.33 59.36 25.27
C GLY D 70 26.74 58.86 23.96
N ALA D 71 25.76 57.96 24.03
CA ALA D 71 24.97 57.47 22.87
C ALA D 71 23.88 58.51 22.55
N ASP D 72 23.60 58.72 21.27
CA ASP D 72 22.57 59.69 20.81
C ASP D 72 21.20 59.14 21.19
N VAL D 73 20.54 59.78 22.16
CA VAL D 73 19.20 59.39 22.71
C VAL D 73 18.12 59.65 21.63
N ASN D 74 18.39 60.57 20.69
CA ASN D 74 17.43 60.98 19.64
C ASN D 74 17.98 60.60 18.26
N ALA D 75 18.86 59.59 18.20
CA ALA D 75 19.31 58.97 16.93
C ALA D 75 18.07 58.47 16.20
N TYR D 76 18.01 58.66 14.88
CA TYR D 76 16.85 58.23 14.06
C TYR D 76 17.32 57.29 12.95
N ASP D 77 16.55 56.22 12.70
CA ASP D 77 16.84 55.19 11.67
C ASP D 77 16.49 55.79 10.29
N THR D 78 16.63 55.00 9.22
CA THR D 78 16.46 55.46 7.81
C THR D 78 15.00 55.83 7.52
N LEU D 79 14.06 55.55 8.44
CA LEU D 79 12.63 55.93 8.34
C LEU D 79 12.24 56.91 9.47
N GLY D 80 13.21 57.40 10.24
CA GLY D 80 13.03 58.54 11.18
C GLY D 80 12.61 58.11 12.58
N SER D 81 12.55 56.81 12.87
CA SER D 81 12.12 56.26 14.18
C SER D 81 13.28 56.35 15.18
N THR D 82 12.99 56.76 16.41
CA THR D 82 13.96 56.92 17.53
C THR D 82 13.84 55.73 18.47
N PRO D 83 14.80 55.53 19.40
CA PRO D 83 14.65 54.51 20.46
C PRO D 83 13.38 54.64 21.31
N LEU D 84 12.91 55.86 21.58
CA LEU D 84 11.69 56.14 22.40
C LEU D 84 10.46 55.59 21.68
N HIS D 85 10.40 55.71 20.34
CA HIS D 85 9.38 55.07 19.47
C HIS D 85 9.32 53.56 19.79
N LEU D 86 10.47 52.90 19.76
CA LEU D 86 10.60 51.42 19.89
C LEU D 86 10.17 50.99 21.30
N ALA D 87 10.68 51.66 22.34
CA ALA D 87 10.38 51.39 23.76
C ALA D 87 8.89 51.65 24.03
N ALA D 88 8.36 52.78 23.56
CA ALA D 88 6.95 53.19 23.72
C ALA D 88 6.02 52.20 22.99
N HIS D 89 6.46 51.68 21.84
CA HIS D 89 5.66 50.77 20.99
C HIS D 89 5.60 49.37 21.60
N PHE D 90 6.72 48.89 22.14
CA PHE D 90 6.90 47.47 22.61
C PHE D 90 6.76 47.38 24.13
N GLY D 91 6.21 48.43 24.77
CA GLY D 91 5.70 48.40 26.15
C GLY D 91 6.79 48.33 27.21
N HIS D 92 7.99 48.84 26.91
CA HIS D 92 9.16 48.83 27.84
C HIS D 92 9.16 50.10 28.70
N LEU D 93 8.39 50.07 29.80
CA LEU D 93 8.05 51.26 30.62
C LEU D 93 9.31 51.90 31.22
N GLU D 94 10.21 51.08 31.79
CA GLU D 94 11.44 51.57 32.48
C GLU D 94 12.35 52.29 31.48
N ILE D 95 12.51 51.72 30.28
CA ILE D 95 13.38 52.29 29.21
C ILE D 95 12.79 53.63 28.74
N VAL D 96 11.47 53.70 28.52
CA VAL D 96 10.74 54.94 28.14
C VAL D 96 11.11 56.04 29.14
N GLU D 97 11.04 55.74 30.45
CA GLU D 97 11.31 56.70 31.55
C GLU D 97 12.79 57.12 31.51
N VAL D 98 13.71 56.16 31.35
CA VAL D 98 15.19 56.40 31.33
C VAL D 98 15.54 57.27 30.11
N LEU D 99 15.02 56.94 28.92
CA LEU D 99 15.27 57.71 27.67
C LEU D 99 14.80 59.16 27.88
N LEU D 100 13.64 59.36 28.51
CA LEU D 100 13.01 60.69 28.72
C LEU D 100 13.84 61.49 29.74
N LYS D 101 14.35 60.85 30.79
CA LYS D 101 15.26 61.46 31.79
C LYS D 101 16.51 62.00 31.08
N ASN D 102 17.04 61.25 30.11
CA ASN D 102 18.30 61.58 29.39
C ASN D 102 17.98 62.41 28.13
N GLY D 103 16.79 63.01 28.06
CA GLY D 103 16.46 64.11 27.12
C GLY D 103 15.95 63.61 25.77
N ALA D 104 15.32 62.43 25.74
CA ALA D 104 14.67 61.86 24.53
C ALA D 104 13.53 62.79 24.10
N ASP D 105 13.45 63.09 22.80
CA ASP D 105 12.42 63.99 22.20
C ASP D 105 11.07 63.26 22.24
N VAL D 106 10.19 63.68 23.15
CA VAL D 106 8.88 63.03 23.42
C VAL D 106 7.94 63.24 22.22
N ASN D 107 8.16 64.29 21.42
CA ASN D 107 7.31 64.65 20.25
C ASN D 107 8.03 64.32 18.93
N ALA D 108 9.08 63.49 18.98
CA ALA D 108 9.84 63.03 17.81
C ALA D 108 8.88 62.37 16.81
N LYS D 109 9.00 62.72 15.53
CA LYS D 109 8.14 62.17 14.45
C LYS D 109 9.00 61.35 13.48
N ASP D 110 8.56 60.13 13.14
CA ASP D 110 9.17 59.31 12.07
C ASP D 110 8.70 59.87 10.73
N ASP D 111 9.12 59.27 9.62
CA ASP D 111 8.81 59.75 8.24
C ASP D 111 7.29 59.80 8.01
N ASN D 112 6.51 59.06 8.81
CA ASN D 112 5.04 58.92 8.68
C ASN D 112 4.31 59.94 9.57
N GLY D 113 5.06 60.68 10.40
CA GLY D 113 4.50 61.65 11.38
C GLY D 113 4.05 60.95 12.66
N ILE D 114 4.44 59.68 12.83
CA ILE D 114 4.03 58.82 13.98
C ILE D 114 4.95 59.12 15.17
N THR D 115 4.37 59.56 16.29
CA THR D 115 5.08 59.90 17.55
C THR D 115 5.12 58.66 18.45
N PRO D 116 5.97 58.67 19.51
CA PRO D 116 5.91 57.63 20.54
C PRO D 116 4.53 57.49 21.20
N LEU D 117 3.79 58.59 21.34
CA LEU D 117 2.42 58.61 21.94
C LEU D 117 1.47 57.78 21.07
N HIS D 118 1.51 57.97 19.74
CA HIS D 118 0.69 57.23 18.74
C HIS D 118 0.92 55.71 18.89
N LEU D 119 2.19 55.30 18.92
CA LEU D 119 2.60 53.87 19.00
C LEU D 119 2.17 53.28 20.35
N ALA D 120 2.41 54.01 21.45
CA ALA D 120 2.02 53.61 22.82
C ALA D 120 0.50 53.45 22.89
N ALA D 121 -0.24 54.41 22.32
CA ALA D 121 -1.71 54.40 22.22
C ALA D 121 -2.18 53.17 21.44
N ASN D 122 -1.56 52.89 20.30
CA ASN D 122 -2.00 51.84 19.34
C ASN D 122 -1.91 50.45 20.00
N ARG D 123 -0.83 50.18 20.73
CA ARG D 123 -0.62 48.87 21.44
C ARG D 123 -1.20 48.96 22.85
N GLY D 124 -1.77 50.10 23.23
CA GLY D 124 -2.63 50.27 24.41
C GLY D 124 -1.84 50.27 25.72
N HIS D 125 -0.59 50.71 25.69
CA HIS D 125 0.31 50.79 26.88
C HIS D 125 -0.05 52.01 27.72
N LEU D 126 -0.89 51.83 28.73
CA LEU D 126 -1.53 52.92 29.54
C LEU D 126 -0.45 53.68 30.33
N GLU D 127 0.39 52.96 31.09
CA GLU D 127 1.44 53.54 31.96
C GLU D 127 2.38 54.38 31.10
N ILE D 128 2.77 53.87 29.92
CA ILE D 128 3.72 54.53 28.99
C ILE D 128 3.09 55.80 28.41
N VAL D 129 1.78 55.78 28.13
CA VAL D 129 1.04 56.99 27.63
C VAL D 129 1.06 58.05 28.74
N GLU D 130 0.85 57.64 30.00
CA GLU D 130 0.81 58.56 31.17
C GLU D 130 2.19 59.19 31.39
N VAL D 131 3.26 58.40 31.27
CA VAL D 131 4.67 58.88 31.40
C VAL D 131 4.96 59.91 30.29
N LEU D 132 4.67 59.55 29.04
CA LEU D 132 4.91 60.42 27.85
C LEU D 132 4.16 61.76 28.03
N LEU D 133 2.96 61.72 28.62
CA LEU D 133 2.13 62.93 28.88
C LEU D 133 2.81 63.80 29.96
N LYS D 134 3.35 63.18 31.02
CA LYS D 134 4.08 63.88 32.11
C LYS D 134 5.25 64.69 31.52
N TYR D 135 6.02 64.10 30.59
CA TYR D 135 7.21 64.73 29.96
C TYR D 135 6.80 65.60 28.77
N GLY D 136 5.51 65.89 28.61
CA GLY D 136 4.98 66.97 27.74
C GLY D 136 4.71 66.52 26.32
N ALA D 137 4.08 65.35 26.14
CA ALA D 137 3.69 64.81 24.82
C ALA D 137 2.55 65.65 24.25
N ASP D 138 2.68 66.05 22.98
CA ASP D 138 1.61 66.75 22.20
C ASP D 138 0.49 65.74 21.91
N VAL D 139 -0.58 65.77 22.71
CA VAL D 139 -1.76 64.86 22.58
C VAL D 139 -2.43 65.09 21.21
N ASN D 140 -2.31 66.30 20.65
CA ASN D 140 -2.98 66.72 19.40
C ASN D 140 -2.05 66.52 18.18
N ALA D 141 -0.89 65.88 18.36
CA ALA D 141 0.06 65.56 17.27
C ALA D 141 -0.63 64.61 16.27
N GLN D 142 -0.57 64.93 14.98
CA GLN D 142 -1.26 64.20 13.89
C GLN D 142 -0.22 63.52 12.98
N ASP D 143 -0.45 62.26 12.63
CA ASP D 143 0.37 61.51 11.64
C ASP D 143 0.01 62.02 10.24
N LYS D 144 0.55 61.41 9.19
CA LYS D 144 0.34 61.79 7.77
C LYS D 144 -1.14 61.66 7.38
N PHE D 145 -1.92 60.85 8.10
CA PHE D 145 -3.37 60.60 7.84
C PHE D 145 -4.24 61.45 8.77
N GLY D 146 -3.63 62.40 9.50
CA GLY D 146 -4.34 63.37 10.36
C GLY D 146 -4.90 62.72 11.62
N LYS D 147 -4.36 61.58 12.04
CA LYS D 147 -4.87 60.79 13.20
C LYS D 147 -4.08 61.15 14.47
N THR D 148 -4.80 61.39 15.56
CA THR D 148 -4.24 61.62 16.93
C THR D 148 -4.14 60.28 17.67
N ALA D 149 -3.59 60.28 18.88
CA ALA D 149 -3.59 59.12 19.80
C ALA D 149 -5.03 58.83 20.23
N PHE D 150 -5.86 59.89 20.35
CA PHE D 150 -7.30 59.78 20.69
C PHE D 150 -8.03 59.00 19.59
N ASP D 151 -7.85 59.40 18.32
CA ASP D 151 -8.47 58.76 17.14
C ASP D 151 -8.15 57.25 17.17
N ILE D 152 -6.91 56.89 17.52
CA ILE D 152 -6.43 55.48 17.59
C ILE D 152 -7.17 54.74 18.71
N SER D 153 -7.33 55.38 19.88
CA SER D 153 -8.00 54.81 21.08
C SER D 153 -9.47 54.55 20.79
N ILE D 154 -10.13 55.45 20.04
CA ILE D 154 -11.56 55.30 19.61
C ILE D 154 -11.65 54.13 18.62
N ASN D 155 -10.77 54.08 17.61
CA ASN D 155 -10.80 53.07 16.53
C ASN D 155 -10.49 51.66 17.10
N ASN D 156 -9.56 51.57 18.05
CA ASN D 156 -9.19 50.30 18.74
C ASN D 156 -10.25 49.94 19.77
N GLY D 157 -11.04 50.93 20.22
CA GLY D 157 -12.11 50.76 21.22
C GLY D 157 -11.56 50.56 22.61
N ASN D 158 -10.40 51.16 22.92
CA ASN D 158 -9.77 51.18 24.27
C ASN D 158 -10.37 52.35 25.06
N GLU D 159 -11.33 52.06 25.94
CA GLU D 159 -12.12 53.07 26.69
C GLU D 159 -11.27 53.69 27.81
N ASP D 160 -10.45 52.87 28.50
CA ASP D 160 -9.50 53.32 29.54
C ASP D 160 -8.57 54.39 28.95
N LEU D 161 -8.03 54.11 27.76
CA LEU D 161 -7.07 54.98 27.03
C LEU D 161 -7.76 56.26 26.53
N ALA D 162 -9.03 56.16 26.13
CA ALA D 162 -9.85 57.29 25.61
C ALA D 162 -10.00 58.37 26.71
N GLU D 163 -10.19 57.95 27.97
CA GLU D 163 -10.35 58.85 29.15
C GLU D 163 -9.10 59.72 29.31
N ILE D 164 -7.91 59.10 29.32
CA ILE D 164 -6.61 59.76 29.66
C ILE D 164 -6.31 60.83 28.61
N LEU D 165 -6.51 60.51 27.32
CA LEU D 165 -6.16 61.39 26.17
C LEU D 165 -7.15 62.55 26.05
N GLN D 166 -8.35 62.43 26.65
CA GLN D 166 -9.35 63.54 26.73
C GLN D 166 -8.83 64.57 27.74
N LYS D 167 -8.44 65.75 27.26
CA LYS D 167 -7.87 66.87 28.07
C LYS D 167 -8.46 68.20 27.60
N ASP E 13 -51.04 14.86 25.02
CA ASP E 13 -50.57 14.79 23.60
C ASP E 13 -51.62 14.10 22.74
N LEU E 14 -52.91 14.36 22.97
CA LEU E 14 -54.04 13.70 22.27
C LEU E 14 -54.22 14.34 20.88
N GLY E 15 -54.12 15.68 20.81
CA GLY E 15 -54.12 16.44 19.55
C GLY E 15 -52.87 16.14 18.72
N LYS E 16 -51.75 15.86 19.40
CA LYS E 16 -50.44 15.52 18.77
C LYS E 16 -50.53 14.14 18.10
N LYS E 17 -51.19 13.18 18.76
CA LYS E 17 -51.44 11.81 18.23
C LYS E 17 -52.26 11.88 16.93
N LEU E 18 -53.22 12.80 16.86
CA LEU E 18 -54.14 12.97 15.70
C LEU E 18 -53.37 13.57 14.52
N LEU E 19 -52.42 14.47 14.78
CA LEU E 19 -51.50 15.05 13.75
C LEU E 19 -50.68 13.91 13.13
N GLU E 20 -50.03 13.10 13.97
CA GLU E 20 -49.18 11.96 13.57
C GLU E 20 -50.03 10.93 12.80
N ALA E 21 -51.24 10.66 13.28
CA ALA E 21 -52.17 9.64 12.73
C ALA E 21 -52.72 10.10 11.36
N ALA E 22 -53.13 11.37 11.25
CA ALA E 22 -53.67 11.98 10.01
C ALA E 22 -52.59 11.97 8.92
N ARG E 23 -51.33 12.17 9.29
CA ARG E 23 -50.16 12.13 8.37
C ARG E 23 -49.91 10.69 7.92
N ALA E 24 -49.70 9.79 8.88
CA ALA E 24 -49.32 8.37 8.66
C ALA E 24 -50.42 7.65 7.87
N GLY E 25 -51.65 8.15 7.90
CA GLY E 25 -52.78 7.66 7.09
C GLY E 25 -53.48 6.46 7.71
N ARG E 26 -53.44 6.36 9.05
CA ARG E 26 -54.16 5.31 9.82
C ARG E 26 -55.62 5.74 9.99
N ASP E 27 -56.50 5.25 9.11
CA ASP E 27 -57.97 5.48 9.18
C ASP E 27 -58.51 4.91 10.49
N ASP E 28 -57.97 3.77 10.93
CA ASP E 28 -58.32 3.09 12.20
C ASP E 28 -58.16 4.09 13.35
N GLU E 29 -56.95 4.61 13.55
CA GLU E 29 -56.53 5.37 14.76
C GLU E 29 -57.16 6.77 14.78
N VAL E 30 -57.36 7.41 13.62
CA VAL E 30 -57.93 8.78 13.52
C VAL E 30 -59.32 8.80 14.19
N ARG E 31 -60.15 7.78 13.95
CA ARG E 31 -61.53 7.67 14.50
C ARG E 31 -61.47 7.32 16.00
N ILE E 32 -60.49 6.51 16.41
CA ILE E 32 -60.28 6.11 17.84
C ILE E 32 -59.89 7.34 18.65
N LEU E 33 -58.99 8.18 18.12
CA LEU E 33 -58.54 9.44 18.77
C LEU E 33 -59.69 10.47 18.75
N MET E 34 -60.57 10.40 17.76
CA MET E 34 -61.72 11.33 17.59
C MET E 34 -62.77 11.05 18.68
N ALA E 35 -63.09 9.77 18.89
CA ALA E 35 -64.08 9.29 19.89
C ALA E 35 -63.70 9.76 21.29
N ASN E 36 -62.39 9.87 21.59
CA ASN E 36 -61.85 10.30 22.90
C ASN E 36 -61.63 11.83 22.93
N GLY E 37 -62.25 12.57 22.00
CA GLY E 37 -62.38 14.03 22.04
C GLY E 37 -61.07 14.77 21.76
N ALA E 38 -60.26 14.26 20.83
CA ALA E 38 -59.00 14.91 20.38
C ALA E 38 -59.34 16.15 19.56
N ASP E 39 -58.50 17.18 19.65
CA ASP E 39 -58.72 18.50 18.99
C ASP E 39 -58.52 18.35 17.48
N VAL E 40 -59.58 18.54 16.70
CA VAL E 40 -59.58 18.37 15.22
C VAL E 40 -58.82 19.52 14.54
N ASN E 41 -58.65 20.65 15.23
CA ASN E 41 -57.97 21.86 14.69
C ASN E 41 -56.59 22.03 15.36
N ALA E 42 -56.04 20.96 15.96
CA ALA E 42 -54.72 20.95 16.62
C ALA E 42 -53.65 21.37 15.59
N ALA E 43 -52.83 22.37 15.93
CA ALA E 43 -51.74 22.90 15.07
C ALA E 43 -50.42 22.22 15.46
N ASP E 44 -49.57 21.93 14.46
CA ASP E 44 -48.16 21.52 14.66
C ASP E 44 -47.30 22.80 14.70
N VAL E 45 -45.98 22.64 14.72
CA VAL E 45 -44.99 23.75 14.94
C VAL E 45 -45.17 24.82 13.85
N VAL E 46 -45.50 24.41 12.62
CA VAL E 46 -45.56 25.32 11.43
C VAL E 46 -47.02 25.69 11.10
N GLY E 47 -47.97 25.30 11.94
CA GLY E 47 -49.39 25.71 11.86
C GLY E 47 -50.24 24.75 11.05
N TRP E 48 -49.79 23.51 10.88
CA TRP E 48 -50.50 22.47 10.08
C TRP E 48 -51.47 21.70 10.97
N THR E 49 -52.76 21.74 10.64
CA THR E 49 -53.85 20.90 11.20
C THR E 49 -53.70 19.46 10.70
N PRO E 50 -54.43 18.48 11.28
CA PRO E 50 -54.56 17.16 10.67
C PRO E 50 -55.06 17.23 9.21
N LEU E 51 -55.93 18.20 8.92
CA LEU E 51 -56.57 18.41 7.59
C LEU E 51 -55.52 18.89 6.58
N HIS E 52 -54.56 19.73 7.01
CA HIS E 52 -53.36 20.10 6.22
C HIS E 52 -52.59 18.83 5.84
N LEU E 53 -52.22 18.03 6.85
CA LEU E 53 -51.41 16.80 6.67
C LEU E 53 -52.15 15.83 5.75
N ALA E 54 -53.44 15.58 6.03
CA ALA E 54 -54.30 14.67 5.25
C ALA E 54 -54.38 15.15 3.79
N ALA E 55 -54.54 16.45 3.57
CA ALA E 55 -54.61 17.07 2.22
C ALA E 55 -53.29 16.87 1.49
N TYR E 56 -52.17 17.17 2.16
CA TYR E 56 -50.79 17.12 1.59
C TYR E 56 -50.46 15.70 1.14
N TRP E 57 -50.55 14.72 2.05
CA TRP E 57 -50.10 13.32 1.82
C TRP E 57 -51.15 12.54 1.00
N GLY E 58 -52.37 13.07 0.86
CA GLY E 58 -53.42 12.54 -0.04
C GLY E 58 -54.22 11.42 0.61
N HIS E 59 -54.71 11.62 1.84
CA HIS E 59 -55.54 10.66 2.60
C HIS E 59 -57.01 11.10 2.52
N LEU E 60 -57.70 10.68 1.46
CA LEU E 60 -59.08 11.13 1.10
C LEU E 60 -60.07 10.80 2.23
N GLU E 61 -60.02 9.56 2.74
CA GLU E 61 -60.98 9.05 3.77
C GLU E 61 -60.81 9.85 5.06
N ILE E 62 -59.57 10.19 5.44
CA ILE E 62 -59.24 10.94 6.69
C ILE E 62 -59.66 12.41 6.53
N VAL E 63 -59.60 12.97 5.32
CA VAL E 63 -60.08 14.36 5.04
C VAL E 63 -61.60 14.40 5.29
N GLU E 64 -62.34 13.40 4.80
CA GLU E 64 -63.81 13.27 5.01
C GLU E 64 -64.10 13.13 6.51
N VAL E 65 -63.40 12.19 7.18
CA VAL E 65 -63.62 11.83 8.61
C VAL E 65 -63.31 13.04 9.51
N LEU E 66 -62.30 13.84 9.17
CA LEU E 66 -61.94 15.08 9.93
C LEU E 66 -63.03 16.12 9.73
N LEU E 67 -63.49 16.32 8.49
CA LEU E 67 -64.51 17.34 8.11
C LEU E 67 -65.85 17.03 8.79
N LYS E 68 -66.18 15.74 8.96
CA LYS E 68 -67.37 15.28 9.75
C LYS E 68 -67.33 15.91 11.15
N ASN E 69 -66.16 15.83 11.82
CA ASN E 69 -65.98 16.20 13.24
C ASN E 69 -65.60 17.67 13.37
N GLY E 70 -66.07 18.52 12.45
CA GLY E 70 -66.01 19.99 12.54
C GLY E 70 -64.60 20.54 12.35
N ALA E 71 -63.79 19.91 11.50
CA ALA E 71 -62.44 20.38 11.12
C ALA E 71 -62.56 21.72 10.39
N ASP E 72 -61.78 22.72 10.80
CA ASP E 72 -61.76 24.07 10.16
C ASP E 72 -61.20 23.92 8.74
N VAL E 73 -62.07 24.05 7.74
CA VAL E 73 -61.75 23.80 6.29
C VAL E 73 -60.82 24.91 5.77
N ASN E 74 -60.93 26.12 6.32
CA ASN E 74 -60.07 27.29 5.97
C ASN E 74 -59.12 27.62 7.12
N ALA E 75 -58.67 26.60 7.87
CA ALA E 75 -57.51 26.68 8.78
C ALA E 75 -56.28 27.07 7.95
N TYR E 76 -55.47 28.02 8.43
CA TYR E 76 -54.26 28.49 7.70
C TYR E 76 -53.03 28.30 8.59
N ASP E 77 -51.89 27.95 7.95
CA ASP E 77 -50.57 27.73 8.61
C ASP E 77 -49.91 29.10 8.81
N THR E 78 -48.69 29.11 9.37
CA THR E 78 -47.94 30.32 9.77
C THR E 78 -47.59 31.17 8.53
N LEU E 79 -47.79 30.67 7.31
CA LEU E 79 -47.56 31.42 6.05
C LEU E 79 -48.86 31.61 5.25
N GLY E 80 -50.02 31.25 5.82
CA GLY E 80 -51.36 31.59 5.28
C GLY E 80 -51.92 30.56 4.33
N SER E 81 -51.22 29.45 4.09
CA SER E 81 -51.66 28.36 3.17
C SER E 81 -52.70 27.48 3.89
N THR E 82 -53.74 27.05 3.17
CA THR E 82 -54.88 26.24 3.64
C THR E 82 -54.77 24.82 3.09
N PRO E 83 -55.57 23.84 3.59
CA PRO E 83 -55.58 22.50 3.01
C PRO E 83 -55.95 22.50 1.51
N LEU E 84 -56.78 23.44 1.07
CA LEU E 84 -57.18 23.58 -0.36
C LEU E 84 -55.95 23.93 -1.22
N HIS E 85 -55.10 24.85 -0.73
CA HIS E 85 -53.79 25.18 -1.36
C HIS E 85 -53.01 23.88 -1.57
N LEU E 86 -52.88 23.08 -0.52
CA LEU E 86 -52.05 21.84 -0.50
C LEU E 86 -52.65 20.81 -1.47
N ALA E 87 -53.96 20.58 -1.39
CA ALA E 87 -54.71 19.61 -2.22
C ALA E 87 -54.58 19.96 -3.72
N ALA E 88 -54.73 21.23 -4.05
CA ALA E 88 -54.67 21.76 -5.44
C ALA E 88 -53.25 21.60 -5.99
N HIS E 89 -52.24 21.85 -5.16
CA HIS E 89 -50.81 21.94 -5.57
C HIS E 89 -50.28 20.54 -5.94
N PHE E 90 -50.67 19.50 -5.20
CA PHE E 90 -50.13 18.12 -5.30
C PHE E 90 -51.12 17.19 -6.03
N GLY E 91 -52.09 17.77 -6.75
CA GLY E 91 -52.92 17.06 -7.75
C GLY E 91 -53.96 16.13 -7.15
N HIS E 92 -54.29 16.28 -5.86
CA HIS E 92 -55.30 15.43 -5.16
C HIS E 92 -56.72 15.89 -5.52
N LEU E 93 -57.21 15.45 -6.68
CA LEU E 93 -58.46 15.91 -7.34
C LEU E 93 -59.68 15.68 -6.43
N GLU E 94 -59.82 14.47 -5.89
CA GLU E 94 -60.98 14.08 -5.03
C GLU E 94 -61.01 14.97 -3.79
N ILE E 95 -59.85 15.21 -3.17
CA ILE E 95 -59.72 16.00 -1.90
C ILE E 95 -60.06 17.47 -2.17
N VAL E 96 -59.73 17.99 -3.35
CA VAL E 96 -60.11 19.37 -3.77
C VAL E 96 -61.65 19.46 -3.77
N GLU E 97 -62.32 18.48 -4.39
CA GLU E 97 -63.81 18.42 -4.50
C GLU E 97 -64.41 18.31 -3.09
N VAL E 98 -63.88 17.41 -2.26
CA VAL E 98 -64.38 17.17 -0.87
C VAL E 98 -64.24 18.46 -0.05
N LEU E 99 -63.06 19.08 -0.09
CA LEU E 99 -62.77 20.35 0.66
C LEU E 99 -63.70 21.46 0.16
N LEU E 100 -63.89 21.56 -1.15
CA LEU E 100 -64.72 22.62 -1.80
C LEU E 100 -66.20 22.43 -1.42
N LYS E 101 -66.66 21.17 -1.36
CA LYS E 101 -68.06 20.83 -0.94
C LYS E 101 -68.27 21.30 0.50
N ASN E 102 -67.25 21.19 1.37
CA ASN E 102 -67.35 21.51 2.82
C ASN E 102 -67.10 23.00 3.06
N GLY E 103 -67.08 23.83 2.01
CA GLY E 103 -67.12 25.30 2.10
C GLY E 103 -65.74 25.92 2.23
N ALA E 104 -64.74 25.36 1.53
CA ALA E 104 -63.36 25.89 1.45
C ALA E 104 -63.39 27.18 0.60
N ASP E 105 -62.59 28.18 0.98
CA ASP E 105 -62.47 29.46 0.24
C ASP E 105 -61.62 29.21 -1.01
N VAL E 106 -62.26 29.17 -2.18
CA VAL E 106 -61.60 28.90 -3.49
C VAL E 106 -60.63 30.05 -3.83
N ASN E 107 -60.89 31.26 -3.32
CA ASN E 107 -60.07 32.48 -3.56
C ASN E 107 -59.16 32.76 -2.36
N ALA E 108 -58.81 31.74 -1.57
CA ALA E 108 -57.92 31.85 -0.39
C ALA E 108 -56.53 32.32 -0.84
N LYS E 109 -55.96 33.31 -0.15
CA LYS E 109 -54.60 33.85 -0.42
C LYS E 109 -53.70 33.56 0.79
N ASP E 110 -52.55 32.93 0.55
CA ASP E 110 -51.46 32.80 1.55
C ASP E 110 -50.76 34.16 1.65
N ASP E 111 -49.77 34.28 2.53
CA ASP E 111 -49.03 35.54 2.81
C ASP E 111 -48.43 36.10 1.50
N ASN E 112 -48.23 35.24 0.50
CA ASN E 112 -47.61 35.60 -0.81
C ASN E 112 -48.68 36.09 -1.80
N GLY E 113 -49.96 35.98 -1.45
CA GLY E 113 -51.09 36.28 -2.36
C GLY E 113 -51.35 35.17 -3.35
N ILE E 114 -50.76 33.99 -3.14
CA ILE E 114 -50.91 32.78 -4.02
C ILE E 114 -52.21 32.08 -3.64
N THR E 115 -52.98 31.64 -4.64
CA THR E 115 -54.30 30.97 -4.49
C THR E 115 -54.19 29.52 -4.94
N PRO E 116 -55.14 28.63 -4.56
CA PRO E 116 -55.13 27.25 -5.03
C PRO E 116 -55.17 27.12 -6.56
N LEU E 117 -55.73 28.11 -7.26
CA LEU E 117 -55.74 28.18 -8.75
C LEU E 117 -54.30 28.34 -9.25
N HIS E 118 -53.55 29.30 -8.67
CA HIS E 118 -52.12 29.58 -8.99
C HIS E 118 -51.31 28.29 -8.92
N LEU E 119 -51.48 27.54 -7.84
CA LEU E 119 -50.69 26.30 -7.53
C LEU E 119 -51.06 25.19 -8.52
N ALA E 120 -52.36 24.96 -8.72
CA ALA E 120 -52.89 23.97 -9.70
C ALA E 120 -52.43 24.35 -11.10
N ALA E 121 -52.46 25.65 -11.44
CA ALA E 121 -52.05 26.20 -12.76
C ALA E 121 -50.55 25.96 -12.99
N ASN E 122 -49.73 26.04 -11.93
CA ASN E 122 -48.25 25.97 -12.02
C ASN E 122 -47.84 24.51 -12.32
N ARG E 123 -48.43 23.54 -11.61
CA ARG E 123 -48.14 22.08 -11.79
C ARG E 123 -48.93 21.52 -12.97
N GLY E 124 -49.86 22.30 -13.54
CA GLY E 124 -50.62 21.95 -14.75
C GLY E 124 -51.61 20.82 -14.50
N HIS E 125 -52.22 20.77 -13.31
CA HIS E 125 -53.32 19.84 -12.95
C HIS E 125 -54.62 20.36 -13.57
N LEU E 126 -54.86 20.02 -14.84
CA LEU E 126 -55.90 20.62 -15.72
C LEU E 126 -57.30 20.35 -15.15
N GLU E 127 -57.51 19.18 -14.55
CA GLU E 127 -58.83 18.74 -14.02
C GLU E 127 -59.18 19.56 -12.78
N ILE E 128 -58.24 19.76 -11.85
CA ILE E 128 -58.42 20.54 -10.60
C ILE E 128 -58.68 22.01 -10.95
N VAL E 129 -57.97 22.54 -11.94
CA VAL E 129 -58.12 23.96 -12.42
C VAL E 129 -59.59 24.18 -12.79
N GLU E 130 -60.21 23.21 -13.47
CA GLU E 130 -61.63 23.28 -13.94
C GLU E 130 -62.58 23.21 -12.74
N VAL E 131 -62.27 22.38 -11.73
CA VAL E 131 -63.09 22.24 -10.49
C VAL E 131 -63.04 23.55 -9.71
N LEU E 132 -61.86 24.16 -9.55
CA LEU E 132 -61.67 25.45 -8.84
C LEU E 132 -62.42 26.57 -9.60
N LEU E 133 -62.34 26.57 -10.93
CA LEU E 133 -63.06 27.55 -11.81
C LEU E 133 -64.57 27.37 -11.63
N LYS E 134 -65.05 26.11 -11.62
CA LYS E 134 -66.47 25.76 -11.44
C LYS E 134 -66.97 26.34 -10.10
N TYR E 135 -66.23 26.11 -9.02
CA TYR E 135 -66.61 26.48 -7.63
C TYR E 135 -66.40 27.98 -7.38
N GLY E 136 -65.90 28.73 -8.37
CA GLY E 136 -65.94 30.20 -8.41
C GLY E 136 -64.60 30.84 -8.08
N ALA E 137 -63.51 30.36 -8.67
CA ALA E 137 -62.15 30.94 -8.54
C ALA E 137 -62.06 32.20 -9.41
N ASP E 138 -61.51 33.28 -8.87
CA ASP E 138 -61.19 34.53 -9.63
C ASP E 138 -59.96 34.25 -10.50
N VAL E 139 -60.12 34.27 -11.82
CA VAL E 139 -59.01 34.04 -12.81
C VAL E 139 -58.05 35.22 -12.78
N ASN E 140 -58.54 36.42 -12.48
CA ASN E 140 -57.74 37.69 -12.53
C ASN E 140 -56.97 37.90 -11.22
N ALA E 141 -57.20 37.06 -10.20
CA ALA E 141 -56.50 37.11 -8.89
C ALA E 141 -54.99 37.13 -9.14
N GLN E 142 -54.30 38.12 -8.55
CA GLN E 142 -52.84 38.36 -8.70
C GLN E 142 -52.11 38.02 -7.39
N ASP E 143 -50.96 37.35 -7.48
CA ASP E 143 -50.00 37.19 -6.34
C ASP E 143 -49.20 38.49 -6.21
N LYS E 144 -48.34 38.58 -5.19
CA LYS E 144 -47.54 39.79 -4.84
C LYS E 144 -46.74 40.30 -6.04
N PHE E 145 -46.49 39.45 -7.05
CA PHE E 145 -45.69 39.78 -8.26
C PHE E 145 -46.59 40.16 -9.45
N GLY E 146 -47.91 40.19 -9.24
CA GLY E 146 -48.89 40.60 -10.27
C GLY E 146 -49.13 39.52 -11.31
N LYS E 147 -49.06 38.25 -10.91
CA LYS E 147 -49.17 37.07 -11.82
C LYS E 147 -50.54 36.39 -11.62
N THR E 148 -51.25 36.15 -12.73
CA THR E 148 -52.49 35.33 -12.80
C THR E 148 -52.11 33.88 -13.16
N ALA E 149 -53.09 32.97 -13.13
CA ALA E 149 -52.96 31.57 -13.62
C ALA E 149 -52.65 31.59 -15.12
N PHE E 150 -53.23 32.54 -15.87
CA PHE E 150 -52.98 32.73 -17.32
C PHE E 150 -51.51 33.08 -17.55
N ASP E 151 -50.95 33.99 -16.73
CA ASP E 151 -49.53 34.41 -16.78
C ASP E 151 -48.64 33.18 -16.53
N ILE E 152 -49.02 32.33 -15.58
CA ILE E 152 -48.30 31.09 -15.19
C ILE E 152 -48.32 30.11 -16.36
N SER E 153 -49.50 29.88 -16.95
CA SER E 153 -49.76 28.90 -18.04
C SER E 153 -48.96 29.28 -19.30
N ILE E 154 -48.96 30.57 -19.68
CA ILE E 154 -48.20 31.10 -20.85
C ILE E 154 -46.70 30.90 -20.60
N ASN E 155 -46.23 31.22 -19.39
CA ASN E 155 -44.79 31.14 -19.02
C ASN E 155 -44.33 29.66 -19.02
N ASN E 156 -45.18 28.75 -18.54
CA ASN E 156 -44.89 27.29 -18.46
C ASN E 156 -45.06 26.65 -19.84
N GLY E 157 -45.58 27.39 -20.83
CA GLY E 157 -45.81 26.91 -22.21
C GLY E 157 -46.92 25.87 -22.27
N ASN E 158 -47.82 25.86 -21.27
CA ASN E 158 -48.96 24.91 -21.18
C ASN E 158 -50.03 25.33 -22.19
N GLU E 159 -50.22 24.53 -23.24
CA GLU E 159 -51.18 24.78 -24.34
C GLU E 159 -52.61 24.62 -23.79
N ASP E 160 -52.91 23.44 -23.25
CA ASP E 160 -54.25 23.01 -22.77
C ASP E 160 -54.77 23.99 -21.70
N LEU E 161 -53.91 24.41 -20.77
CA LEU E 161 -54.29 25.24 -19.59
C LEU E 161 -54.63 26.66 -20.02
N ALA E 162 -53.87 27.23 -20.96
CA ALA E 162 -54.00 28.62 -21.46
C ALA E 162 -55.41 28.84 -22.01
N GLU E 163 -55.91 27.92 -22.85
CA GLU E 163 -57.22 28.04 -23.53
C GLU E 163 -58.36 27.81 -22.53
N ILE E 164 -58.14 27.02 -21.47
CA ILE E 164 -59.15 26.78 -20.40
C ILE E 164 -59.37 28.10 -19.62
N LEU E 165 -58.30 28.87 -19.40
CA LEU E 165 -58.34 30.16 -18.64
C LEU E 165 -58.70 31.31 -19.59
N GLN E 166 -58.45 31.16 -20.90
CA GLN E 166 -58.81 32.12 -21.97
C GLN E 166 -57.96 33.40 -21.82
C1B LMT F . 4.41 -6.31 25.16
C2B LMT F . 5.01 -5.04 25.78
C3B LMT F . 4.73 -3.81 24.93
C4B LMT F . 5.03 -4.06 23.45
C5B LMT F . 4.32 -5.31 22.93
C6B LMT F . 5.29 -6.28 22.25
O1B LMT F . 3.57 -7.00 26.10
O2B LMT F . 4.52 -4.83 27.10
O3B LMT F . 5.54 -2.72 25.41
O4' LMT F . 4.62 -2.92 22.69
O5B LMT F . 3.62 -5.98 24.00
O6B LMT F . 5.53 -5.86 20.90
C1' LMT F . 2.47 -10.88 27.06
C2' LMT F . 3.57 -10.29 27.92
C3' LMT F . 3.69 -8.78 27.71
C4' LMT F . 3.76 -8.41 26.22
C5' LMT F . 2.69 -9.16 25.42
C6' LMT F . 2.84 -8.95 23.92
O1' LMT F . 2.44 -12.30 27.19
O2' LMT F . 3.29 -10.56 29.31
O3' LMT F . 4.87 -8.30 28.37
O5' LMT F . 2.74 -10.56 25.70
O6' LMT F . 2.54 -10.14 23.18
C1 LMT F . 1.20 -12.89 26.83
C2 LMT F . 1.34 -14.42 26.76
C3 LMT F . 2.41 -14.96 27.71
C4 LMT F . 2.22 -16.45 27.99
C5 LMT F . 3.56 -17.21 27.97
C6 LMT F . 3.68 -18.20 29.13
C7 LMT F . 2.91 -19.50 28.90
C8 LMT F . 3.70 -20.72 29.37
C9 LMT F . 3.79 -20.81 30.89
C10 LMT F . 5.16 -21.24 31.38
C11 LMT F . 6.05 -20.04 31.75
C12 LMT F . 7.38 -20.50 32.32
C1B LMT G . 6.65 -50.08 12.22
C2B LMT G . 7.27 -51.49 12.14
C3B LMT G . 8.32 -51.72 13.21
C4B LMT G . 9.35 -50.60 13.21
C5B LMT G . 8.65 -49.26 13.40
C6B LMT G . 9.63 -48.09 13.38
O1B LMT G . 5.70 -50.04 13.29
O2B LMT G . 6.23 -52.47 12.25
O3B LMT G . 8.97 -52.97 12.99
O4' LMT G . 10.32 -50.82 14.24
O5B LMT G . 7.68 -49.08 12.37
O6B LMT G . 9.76 -47.52 14.69
C1' LMT G . 3.20 -46.79 12.17
C2' LMT G . 3.98 -46.68 13.47
C3' LMT G . 5.15 -47.66 13.46
C4' LMT G . 4.62 -49.08 13.22
C5' LMT G . 3.83 -49.09 11.91
C6' LMT G . 3.31 -50.50 11.62
O1' LMT G . 2.10 -45.88 12.22
O2' LMT G . 4.42 -45.34 13.64
O3' LMT G . 5.89 -47.65 14.68
O5' LMT G . 2.75 -48.15 12.00
O6' LMT G . 2.05 -50.45 10.94
C1 LMT G . 2.27 -44.75 11.36
C2 LMT G . 1.13 -43.76 11.56
C3 LMT G . 0.14 -43.75 10.40
C4 LMT G . 0.42 -42.59 9.45
C5 LMT G . -0.45 -42.70 8.20
C6 LMT G . -0.60 -41.37 7.47
C7 LMT G . 0.61 -41.03 6.61
C8 LMT G . 0.20 -40.31 5.33
C9 LMT G . 1.31 -39.40 4.81
C10 LMT G . 1.10 -39.02 3.34
C11 LMT G . -0.20 -38.24 3.14
C12 LMT G . -0.04 -37.15 2.10
C1B LMT H . 29.64 -38.12 18.17
C2B LMT H . 30.93 -37.59 17.50
C3B LMT H . 32.14 -38.55 17.57
C4B LMT H . 31.77 -40.03 17.56
C5B LMT H . 30.30 -40.25 17.19
C6B LMT H . 29.95 -41.73 17.22
O1B LMT H . 28.47 -37.56 17.54
O2B LMT H . 30.68 -37.26 16.12
O3B LMT H . 32.90 -38.26 18.75
O4' LMT H . 32.60 -40.75 16.63
O5B LMT H . 29.50 -39.54 18.13
O6B LMT H . 30.56 -42.41 16.11
C1' LMT H . 27.85 -33.39 18.24
C2' LMT H . 27.78 -34.31 19.46
C3' LMT H . 28.40 -35.68 19.23
C4' LMT H . 27.91 -36.28 17.91
C5' LMT H . 28.15 -35.28 16.77
C6' LMT H . 27.67 -35.80 15.41
O1' LMT H . 26.96 -32.29 18.46
O2' LMT H . 28.42 -33.68 20.57
O3' LMT H . 28.03 -36.53 20.33
O5' LMT H . 27.45 -34.06 17.04
O6' LMT H . 28.79 -36.02 14.56
C1 LMT H . 27.20 -31.10 17.72
C2 LMT H . 26.76 -29.92 18.60
C3 LMT H . 26.21 -28.75 17.79
C4 LMT H . 25.68 -27.66 18.72
C5 LMT H . 24.24 -27.91 19.14
C6 LMT H . 23.27 -26.93 18.51
C7 LMT H . 21.88 -27.05 19.12
C8 LMT H . 20.84 -26.23 18.36
C9 LMT H . 19.56 -27.02 18.13
C10 LMT H . 18.39 -26.10 17.77
C11 LMT H . 17.09 -26.89 17.58
C12 LMT H . 15.88 -25.98 17.62
C1B LMT I . -20.17 -61.36 36.50
C2B LMT I . -19.25 -62.54 36.84
C3B LMT I . -18.70 -63.16 35.55
C4B LMT I . -19.87 -63.63 34.70
C5B LMT I . -20.80 -62.45 34.40
C6B LMT I . -22.02 -62.92 33.59
O1B LMT I . -19.40 -60.30 35.92
O2B LMT I . -18.18 -62.12 37.68
O3B LMT I . -17.83 -64.24 35.84
O4' LMT I . -19.40 -64.20 33.47
O5B LMT I . -21.22 -61.79 35.61
O6B LMT I . -23.22 -62.30 34.03
C1' LMT I . -19.05 -56.15 36.34
C2' LMT I . -18.79 -56.97 37.60
C3' LMT I . -18.48 -58.41 37.19
C4' LMT I . -19.68 -58.97 36.40
C5' LMT I . -19.99 -58.04 35.22
C6' LMT I . -21.25 -58.53 34.49
O1' LMT I . -19.32 -54.79 36.71
O2' LMT I . -17.71 -56.42 38.36
O3' LMT I . -18.20 -59.20 38.35
O5' LMT I . -20.18 -56.70 35.66
O6' LMT I . -21.65 -57.58 33.49
C1 LMT I . -19.21 -53.87 35.61
C2 LMT I . -19.57 -52.46 36.08
C3 LMT I . -18.86 -51.38 35.25
C4 LMT I . -19.72 -50.13 35.10
C5 LMT I . -20.78 -50.31 34.00
C6 LMT I . -20.42 -49.56 32.72
C7 LMT I . -20.96 -48.14 32.74
C8 LMT I . -22.39 -48.06 32.22
C9 LMT I . -22.92 -46.63 32.21
C10 LMT I . -23.10 -46.07 33.62
C11 LMT I . -21.97 -45.11 34.02
C12 LMT I . -21.74 -45.13 35.52
C1 D10 J . 17.64 -19.12 19.22
C2 D10 J . 16.67 -18.03 19.59
C3 D10 J . 15.72 -17.65 18.49
C4 D10 J . 14.97 -16.36 18.72
C5 D10 J . 13.81 -16.12 17.79
C6 D10 J . 12.93 -14.96 18.19
C7 D10 J . 11.71 -14.76 17.32
C8 D10 J . 10.95 -13.49 17.59
C9 D10 J . 9.53 -13.50 17.11
C10 D10 J . 8.85 -12.14 17.15
C1 D10 K . 21.70 -32.01 34.43
C2 D10 K . 20.59 -31.45 35.29
C3 D10 K . 20.50 -29.95 35.29
C4 D10 K . 19.31 -29.40 34.51
C5 D10 K . 19.18 -27.89 34.57
C6 D10 K . 18.12 -27.33 33.66
C7 D10 K . 17.97 -25.82 33.71
C8 D10 K . 16.60 -25.31 33.33
C9 D10 K . 16.59 -23.91 32.76
C10 D10 K . 15.20 -23.34 32.57
N1 DDQ L . -0.76 -48.45 58.80
O1 DDQ L . -0.20 -47.36 58.58
CM1 DDQ L . -0.44 -48.87 60.17
CM2 DDQ L . -0.27 -49.48 57.86
C1 DDQ L . -2.24 -48.30 58.68
C2 DDQ L . -2.68 -47.67 57.35
C3 DDQ L . -3.56 -46.45 57.58
C4 DDQ L . -2.75 -45.25 58.05
C5 DDQ L . -3.48 -43.94 57.77
C6 DDQ L . -3.16 -43.41 56.38
C7 DDQ L . -4.17 -42.36 55.92
C8 DDQ L . -5.41 -43.00 55.30
C9 DDQ L . -6.21 -41.97 54.52
C10 DDQ L . -7.60 -42.47 54.21
N1 DDQ M . -4.17 -16.17 8.51
O1 DDQ M . -5.04 -15.89 7.66
CM1 DDQ M . -4.79 -16.10 9.85
CM2 DDQ M . -3.08 -15.18 8.44
C1 DDQ M . -3.67 -17.54 8.30
C2 DDQ M . -3.04 -17.75 6.92
C3 DDQ M . -2.84 -19.25 6.62
C4 DDQ M . -1.37 -19.59 6.38
C5 DDQ M . -1.17 -21.09 6.40
C6 DDQ M . 0.18 -21.48 5.80
C7 DDQ M . 0.60 -22.87 6.25
C8 DDQ M . 1.90 -23.30 5.56
C9 DDQ M . 2.33 -24.70 6.02
C10 DDQ M . 3.73 -25.02 5.53
N1 DDQ N . -12.04 -26.93 0.98
O1 DDQ N . -11.91 -26.43 2.12
CM1 DDQ N . -11.48 -26.03 -0.03
CM2 DDQ N . -13.48 -27.12 0.73
C1 DDQ N . -11.38 -28.25 0.95
C2 DDQ N . -9.85 -28.18 1.04
C3 DDQ N . -9.30 -29.45 1.67
C4 DDQ N . -7.77 -29.53 1.54
C5 DDQ N . -7.25 -30.93 1.87
C6 DDQ N . -7.50 -31.33 3.32
C7 DDQ N . -6.71 -32.57 3.70
C8 DDQ N . -6.93 -33.00 5.14
C9 DDQ N . -6.09 -34.23 5.50
C10 DDQ N . -5.70 -34.26 6.95
C1 GOL O . -24.92 24.16 10.19
O1 GOL O . -24.50 23.48 11.37
C2 GOL O . -26.28 24.79 10.34
O2 GOL O . -26.64 25.49 9.15
C3 GOL O . -26.37 25.73 11.54
O3 GOL O . -27.48 26.61 11.44
C1 GOL P . -45.41 9.15 6.58
O1 GOL P . -44.38 8.17 6.65
C2 GOL P . -45.40 9.89 5.26
O2 GOL P . -44.07 10.22 4.91
C3 GOL P . -46.06 9.10 4.15
O3 GOL P . -47.47 8.96 4.35
C1 HEX Q . -8.60 -21.36 3.16
C2 HEX Q . -7.44 -22.28 3.44
C3 HEX Q . -6.38 -21.66 4.33
C4 HEX Q . -5.17 -22.54 4.56
C5 HEX Q . -5.08 -23.15 5.95
C6 HEX Q . -4.08 -24.27 6.07
C1 OCT R . -10.60 -47.91 39.70
C2 OCT R . -11.82 -48.48 39.03
C3 OCT R . -12.34 -49.75 39.68
C4 OCT R . -13.74 -50.15 39.27
C5 OCT R . -14.23 -51.44 39.89
C6 OCT R . -15.74 -51.59 39.93
C7 OCT R . -16.22 -53.02 40.05
C8 OCT R . -17.68 -53.16 40.45
C1 OCT S . 11.84 -19.45 15.11
C2 OCT S . 11.24 -18.07 15.17
C3 OCT S . 10.60 -17.63 13.87
C4 OCT S . 10.02 -16.22 13.89
C5 OCT S . 9.87 -15.60 12.52
C6 OCT S . 9.45 -14.14 12.55
C7 OCT S . 8.88 -13.62 11.24
C8 OCT S . 8.34 -12.20 11.33
C1 FUA T . 32.81 -13.18 -12.14
C2 FUA T . 31.88 -14.36 -12.37
C3 FUA T . 32.46 -15.33 -13.38
C4 FUA T . 33.91 -15.75 -13.06
C5 FUA T . 34.81 -14.51 -12.82
C6 FUA T . 36.28 -14.89 -12.62
C7 FUA T . 37.14 -13.75 -12.07
C8 FUA T . 36.55 -12.34 -12.27
C9 FUA T . 35.17 -12.31 -11.52
C10 FUA T . 34.25 -13.57 -11.70
C11 FUA T . 34.48 -10.92 -11.60
C12 FUA T . 35.39 -9.77 -11.15
C13 FUA T . 36.76 -9.83 -11.86
C14 FUA T . 37.44 -11.20 -11.61
C15 FUA T . 38.84 -10.91 -12.23
C16 FUA T . 39.15 -9.47 -11.81
C17 FUA T . 37.82 -8.86 -11.37
C18 FUA T . 34.44 -16.70 -14.15
C19 FUA T . 34.12 -14.34 -10.36
C20 FUA T . 36.42 -12.11 -13.79
C21 FUA T . 37.69 -11.44 -10.11
C22 FUA T . 37.74 -7.63 -10.77
C23 FUA T . 36.42 -7.05 -10.29
C24 FUA T . 35.86 -6.13 -11.36
C25 FUA T . 34.68 -5.33 -10.88
C26 FUA T . 34.62 -4.05 -10.54
C27 FUA T . 35.68 -3.04 -10.87
C28 FUA T . 33.45 -3.50 -9.79
C29 FUA T . 38.82 -6.87 -10.60
C31 FUA T . 41.45 -9.15 -11.08
C32 FUA T . 41.83 -9.46 -12.49
O1 FUA T . 34.01 -10.62 -12.92
O2 FUA T . 40.17 -9.52 -10.78
O3 FUA T . 42.17 -8.64 -10.27
O4 FUA T . 39.08 -6.43 -9.48
O5 FUA T . 39.46 -6.52 -11.59
O6 FUA T . 32.34 -14.75 -14.68
C1B LMT U . 30.66 -1.60 -15.35
C2B LMT U . 30.39 -1.02 -16.74
C3B LMT U . 31.66 -1.07 -17.59
C4B LMT U . 32.77 -0.32 -16.87
C5B LMT U . 32.99 -0.89 -15.47
C6B LMT U . 33.99 -0.07 -14.69
O1B LMT U . 30.90 -3.02 -15.44
O2B LMT U . 29.34 -1.73 -17.39
O3B LMT U . 31.41 -0.51 -18.87
O4' LMT U . 33.98 -0.40 -17.62
O5B LMT U . 31.76 -0.92 -14.73
O6B LMT U . 33.51 1.27 -14.51
C1' LMT U . 30.56 -6.07 -12.53
C2' LMT U . 29.55 -4.93 -12.47
C3' LMT U . 29.50 -4.13 -13.76
C4' LMT U . 30.91 -3.72 -14.19
C5' LMT U . 31.75 -4.99 -14.31
C6' LMT U . 33.16 -4.74 -14.83
O1' LMT U . 30.73 -6.59 -11.21
O2' LMT U . 28.25 -5.48 -12.19
O3' LMT U . 28.65 -3.01 -13.53
O5' LMT U . 31.83 -5.60 -13.02
O6' LMT U . 33.92 -3.95 -13.90
C1 LMT U . 31.23 -7.93 -11.19
C2 LMT U . 32.20 -8.09 -10.03
C3 LMT U . 31.51 -8.36 -8.71
C4 LMT U . 32.51 -8.83 -7.67
C5 LMT U . 32.72 -10.34 -7.75
C6 LMT U . 34.01 -10.74 -7.04
C7 LMT U . 34.15 -12.26 -6.95
C8 LMT U . 35.21 -12.64 -5.93
C9 LMT U . 35.23 -14.15 -5.69
C10 LMT U . 36.24 -14.85 -6.58
C11 LMT U . 37.64 -14.78 -5.98
C12 LMT U . 38.69 -15.02 -7.04
C1B LMT V . 59.03 -22.16 34.54
C2B LMT V . 59.76 -23.48 34.85
C3B LMT V . 58.76 -24.48 35.42
C4B LMT V . 58.03 -23.91 36.62
C5B LMT V . 57.47 -22.52 36.33
C6B LMT V . 56.96 -21.85 37.60
O1B LMT V . 58.02 -22.37 33.55
O2B LMT V . 60.37 -24.00 33.67
O3B LMT V . 59.45 -25.68 35.81
O4' LMT V . 56.98 -24.83 36.97
O5B LMT V . 58.46 -21.67 35.75
O6B LMT V . 56.30 -22.80 38.44
C1' LMT V . 56.86 -20.19 30.14
C2' LMT V . 58.29 -20.71 30.20
C3' LMT V . 58.39 -21.85 31.21
C4' LMT V . 57.91 -21.34 32.56
C5' LMT V . 56.48 -20.83 32.44
C6' LMT V . 55.98 -20.32 33.79
O1' LMT V . 56.83 -19.07 29.24
O2' LMT V . 58.73 -21.14 28.90
O3' LMT V . 59.75 -22.31 31.31
O5' LMT V . 56.42 -19.79 31.44
O6' LMT V . 55.14 -19.16 33.65
C1 LMT V . 55.57 -18.84 28.63
C2 LMT V . 55.62 -17.57 27.79
C3 LMT V . 54.22 -17.01 27.54
C4 LMT V . 54.29 -15.63 26.90
C5 LMT V . 52.89 -15.09 26.59
C6 LMT V . 52.28 -14.36 27.78
C7 LMT V . 52.50 -12.86 27.69
C8 LMT V . 51.82 -12.12 28.86
C9 LMT V . 51.53 -10.68 28.50
C10 LMT V . 50.92 -9.94 29.70
C11 LMT V . 50.45 -8.54 29.33
C12 LMT V . 49.49 -8.00 30.37
C1 D10 W . 24.21 -27.59 37.19
C2 D10 W . 23.04 -26.94 36.50
C3 D10 W . 23.42 -25.88 35.49
C4 D10 W . 22.34 -25.52 34.50
C5 D10 W . 22.67 -24.31 33.64
C6 D10 W . 21.54 -23.82 32.78
C7 D10 W . 21.86 -22.59 31.97
C8 D10 W . 20.69 -21.98 31.23
C9 D10 W . 20.76 -20.48 31.04
C10 D10 W . 19.50 -19.86 30.49
C1 D10 X . 15.43 -10.23 19.24
C2 D10 X . 15.74 -11.34 18.26
C3 D10 X . 17.06 -12.03 18.50
C4 D10 X . 17.40 -13.12 17.50
C5 D10 X . 18.66 -13.88 17.82
C6 D10 X . 18.67 -15.30 17.28
C7 D10 X . 20.00 -16.01 17.38
C8 D10 X . 20.11 -17.22 16.50
C9 D10 X . 21.27 -18.15 16.81
C10 D10 X . 20.99 -19.62 16.54
C1 D10 Y . 61.35 -19.07 27.69
C2 D10 Y . 60.15 -18.79 26.80
C3 D10 Y . 60.19 -19.54 25.48
C4 D10 Y . 58.86 -20.09 25.02
C5 D10 Y . 58.94 -20.90 23.74
C6 D10 Y . 57.67 -20.89 22.92
C7 D10 Y . 57.77 -21.60 21.60
C8 D10 Y . 56.61 -21.36 20.66
C9 D10 Y . 56.80 -21.88 19.25
C10 D10 Y . 55.84 -21.30 18.24
N1 DDQ Z . 15.76 -9.19 9.95
O1 DDQ Z . 16.21 -8.75 8.87
CM1 DDQ Z . 14.36 -9.61 9.77
CM2 DDQ Z . 15.77 -8.11 10.95
C1 DDQ Z . 16.59 -10.32 10.43
C2 DDQ Z . 17.15 -11.18 9.30
C3 DDQ Z . 17.74 -12.49 9.82
C4 DDQ Z . 19.06 -12.85 9.15
C5 DDQ Z . 19.42 -14.32 9.33
C6 DDQ Z . 20.64 -14.70 8.50
C7 DDQ Z . 20.75 -16.20 8.24
C8 DDQ Z . 21.47 -16.49 6.91
C9 DDQ Z . 21.77 -17.99 6.75
C10 DDQ Z . 22.16 -18.33 5.33
N1 DDQ AA . 70.71 -27.29 4.56
O1 DDQ AA . 71.70 -26.91 5.22
CM1 DDQ AA . 69.80 -28.05 5.44
CM2 DDQ AA . 71.19 -28.20 3.49
C1 DDQ AA . 70.04 -26.13 3.94
C2 DDQ AA . 69.58 -25.06 4.93
C3 DDQ AA . 69.00 -23.85 4.18
C4 DDQ AA . 68.06 -23.02 5.04
C5 DDQ AA . 68.78 -21.89 5.79
C6 DDQ AA . 68.20 -20.52 5.48
C7 DDQ AA . 66.94 -20.23 6.31
C8 DDQ AA . 66.26 -18.94 5.87
C9 DDQ AA . 65.26 -18.45 6.90
C10 DDQ AA . 64.43 -17.29 6.36
N1 DDQ BA . 15.95 -10.68 -7.17
O1 DDQ BA . 15.18 -10.55 -6.19
CM1 DDQ BA . 17.29 -10.19 -6.81
CM2 DDQ BA . 15.43 -9.85 -8.27
C1 DDQ BA . 16.00 -12.09 -7.60
C2 DDQ BA . 16.09 -13.09 -6.44
C3 DDQ BA . 16.63 -14.44 -6.91
C4 DDQ BA . 16.80 -15.43 -5.76
C5 DDQ BA . 18.09 -16.24 -5.89
C6 DDQ BA . 18.07 -17.49 -5.02
C7 DDQ BA . 19.47 -18.11 -4.88
C8 DDQ BA . 19.48 -19.22 -3.83
C9 DDQ BA . 20.90 -19.74 -3.57
C10 DDQ BA . 21.04 -20.33 -2.18
N1 DDQ CA . 30.94 -0.10 23.79
O1 DDQ CA . 30.74 0.42 22.68
CM1 DDQ CA . 29.77 0.16 24.64
CM2 DDQ CA . 32.15 0.54 24.37
C1 DDQ CA . 31.13 -1.55 23.57
C2 DDQ CA . 31.75 -2.30 24.76
C3 DDQ CA . 31.31 -3.77 24.81
C4 DDQ CA . 30.24 -3.99 25.89
C5 DDQ CA . 29.78 -5.44 25.95
C6 DDQ CA . 29.53 -5.89 27.39
C7 DDQ CA . 29.03 -7.34 27.44
C8 DDQ CA . 30.18 -8.33 27.40
C9 DDQ CA . 29.84 -9.56 26.57
C10 DDQ CA . 30.99 -10.55 26.55
C1 GOL DA . -1.67 28.89 -15.84
O1 GOL DA . -0.55 28.58 -15.01
C2 GOL DA . -1.92 27.80 -16.87
O2 GOL DA . -0.90 27.82 -17.86
C3 GOL DA . -3.26 27.94 -17.54
O3 GOL DA . -3.42 29.22 -18.14
C1 GOL EA . 3.18 12.56 16.56
O1 GOL EA . 3.39 13.95 16.80
C2 GOL EA . 3.97 12.08 15.36
O2 GOL EA . 3.90 13.03 14.30
C3 GOL EA . 3.50 10.73 14.85
O3 GOL EA . 3.43 9.78 15.91
C1 GOL FA . 18.57 41.25 -15.78
O1 GOL FA . 18.53 39.88 -15.39
C2 GOL FA . 17.25 41.95 -15.50
O2 GOL FA . 17.02 42.93 -16.52
C3 GOL FA . 17.19 42.59 -14.14
O3 GOL FA . 15.94 43.23 -13.89
C1 HEX GA . 19.75 -39.86 0.36
C2 HEX GA . 20.38 -38.51 0.10
C3 HEX GA . 19.41 -37.46 -0.40
C4 HEX GA . 20.05 -36.21 -0.96
C5 HEX GA . 19.08 -35.22 -1.56
C6 HEX GA . 19.71 -33.88 -1.90
C1 HEX HA . 23.27 -34.85 2.10
C2 HEX HA . 23.07 -36.32 2.41
C3 HEX HA . 23.65 -36.76 3.73
C4 HEX HA . 23.29 -38.18 4.14
C5 HEX HA . 23.69 -38.56 5.55
C6 HEX HA . 23.55 -40.03 5.86
C1 HEX IA . 21.77 -28.33 14.28
C2 HEX IA . 21.74 -29.64 15.05
C3 HEX IA . 22.88 -30.57 14.71
C4 HEX IA . 22.71 -32.00 15.17
C5 HEX IA . 23.96 -32.84 15.09
C6 HEX IA . 23.75 -34.31 15.39
C1 HEX JA . 48.41 -18.48 43.14
C2 HEX JA . 48.52 -16.98 43.02
C3 HEX JA . 49.90 -16.51 42.59
C4 HEX JA . 49.96 -15.11 42.04
C5 HEX JA . 51.37 -14.56 41.89
C6 HEX JA . 51.54 -13.56 40.75
C1 OCT KA . 54.66 -16.38 3.92
C2 OCT KA . 54.89 -17.19 2.67
C3 OCT KA . 55.63 -18.47 2.92
C4 OCT KA . 56.06 -19.23 1.68
C5 OCT KA . 57.54 -19.51 1.59
C6 OCT KA . 58.01 -20.05 0.26
C7 OCT KA . 57.44 -21.39 -0.11
C8 OCT KA . 58.34 -22.22 -1.00
C1 OCT LA . 19.04 -8.24 -9.64
C2 OCT LA . 19.12 -9.66 -10.16
C3 OCT LA . 20.09 -10.54 -9.42
C4 OCT LA . 19.74 -12.00 -9.40
C5 OCT LA . 20.94 -12.93 -9.39
C6 OCT LA . 20.60 -14.40 -9.47
C7 OCT LA . 20.84 -15.18 -8.19
C8 OCT LA . 21.26 -16.62 -8.39
C1 D12 MA . 29.36 -28.07 36.64
C2 D12 MA . 28.12 -27.22 36.78
C3 D12 MA . 28.39 -25.76 36.44
C4 D12 MA . 27.08 -24.98 36.24
C5 D12 MA . 27.32 -23.54 35.81
C6 D12 MA . 26.28 -23.07 34.79
C7 D12 MA . 26.09 -21.55 34.85
C8 D12 MA . 25.40 -20.99 33.60
C9 D12 MA . 25.71 -19.51 33.40
C10 D12 MA . 25.17 -18.98 32.07
C11 D12 MA . 26.17 -18.04 31.40
C12 D12 MA . 25.65 -17.47 30.10
O21 DDR NA . 30.03 -3.77 18.67
C21 DDR NA . 30.08 -4.95 18.33
C22 DDR NA . 31.27 -5.79 18.70
C23 DDR NA . 31.06 -6.46 20.05
C24 DDR NA . 31.80 -5.74 21.17
C25 DDR NA . 33.08 -6.47 21.58
C26 DDR NA . 32.77 -7.76 22.36
C27 DDR NA . 33.85 -8.04 23.41
C28 DDR NA . 33.43 -7.55 24.80
C29 DDR NA . 34.51 -7.85 25.84
C30 DDR NA . 33.94 -7.77 27.24
O52 DDR NA . 28.96 -5.50 17.56
C52 DDR NA . 27.70 -5.39 18.23
C53 DDR NA . 26.92 -4.22 17.66
O53 DDR NA . 27.57 -2.98 17.93
C51 DDR NA . 26.91 -6.69 18.05
O51 DDR NA . 26.66 -7.33 19.31
C1 DDR NA . 26.32 -8.74 19.34
O1 DDR NA . 25.60 -9.19 18.46
C2 DDR NA . 26.86 -9.63 20.44
C3 DDR NA . 28.39 -9.67 20.41
C4 DDR NA . 28.98 -10.14 21.75
C5 DDR NA . 29.20 -11.65 21.80
C6 DDR NA . 30.66 -12.04 21.55
C7 DDR NA . 31.18 -13.05 22.57
C8 DDR NA . 30.77 -14.48 22.21
C9 DDR NA . 31.38 -15.50 23.18
C10 DDR NA . 32.30 -16.47 22.47
C1B LMT OA . 25.93 -57.63 -39.01
C2B LMT OA . 26.41 -58.99 -38.52
C3B LMT OA . 27.48 -58.83 -37.45
C4B LMT OA . 28.63 -57.98 -37.98
C5B LMT OA . 28.14 -56.69 -38.60
C6B LMT OA . 29.26 -55.99 -39.36
O1B LMT OA . 25.31 -56.88 -37.95
O2B LMT OA . 25.31 -59.75 -38.01
O3B LMT OA . 28.00 -60.09 -37.03
O4' LMT OA . 29.52 -57.70 -36.89
O5B LMT OA . 27.07 -56.92 -39.53
O6B LMT OA . 30.30 -55.66 -38.45
C1' LMT OA . 22.23 -54.00 -37.73
C2' LMT OA . 21.85 -55.41 -38.16
C3' LMT OA . 22.95 -56.41 -37.78
C4' LMT OA . 24.28 -55.97 -38.36
C5' LMT OA . 24.59 -54.55 -37.88
C6' LMT OA . 25.90 -54.03 -38.45
O1' LMT OA . 21.29 -53.05 -38.25
O2' LMT OA . 20.61 -55.81 -37.56
O3' LMT OA . 22.62 -57.72 -38.26
O5' LMT OA . 23.52 -53.66 -38.24
O6' LMT OA . 25.78 -52.67 -38.90
C1 LMT OA . 20.30 -52.54 -37.35
C2 LMT OA . 19.62 -51.34 -37.98
C3 LMT OA . 18.86 -50.47 -36.96
C4 LMT OA . 19.45 -49.07 -36.85
C5 LMT OA . 18.91 -48.13 -37.92
C6 LMT OA . 19.37 -46.70 -37.69
C7 LMT OA . 19.43 -45.90 -38.98
C8 LMT OA . 19.42 -44.39 -38.73
C9 LMT OA . 20.24 -43.65 -39.78
C10 LMT OA . 19.78 -42.20 -39.91
C11 LMT OA . 20.81 -41.37 -40.68
C12 LMT OA . 20.16 -40.21 -41.40
C1B LMT PA . 4.84 -27.87 -46.10
C2B LMT PA . 6.29 -28.39 -46.19
C3B LMT PA . 7.31 -27.65 -45.33
C4B LMT PA . 7.04 -26.15 -45.36
C5B LMT PA . 5.64 -25.89 -44.81
C6B LMT PA . 5.32 -24.40 -44.67
O1B LMT PA . 4.05 -28.71 -45.23
O2B LMT PA . 6.36 -29.78 -45.84
O3B LMT PA . 8.64 -27.91 -45.79
O4' LMT PA . 8.05 -25.46 -44.59
O5B LMT PA . 4.67 -26.49 -45.68
O6B LMT PA . 4.17 -24.20 -43.86
C1' LMT PA . 0.66 -30.20 -44.01
C2' LMT PA . 0.87 -30.60 -45.46
C3' LMT PA . 2.29 -30.23 -45.85
C4' LMT PA . 2.64 -28.77 -45.50
C5' LMT PA . 1.90 -28.17 -44.29
C6' LMT PA . 1.76 -26.65 -44.44
O1' LMT PA . -0.54 -30.78 -43.46
O2' LMT PA . 0.63 -31.99 -45.68
O3' LMT PA . 2.47 -30.47 -47.25
O5' LMT PA . 0.61 -28.77 -44.03
O6' LMT PA . 0.44 -26.18 -44.16
C1 LMT PA . -0.34 -31.61 -42.31
C2 LMT PA . 0.21 -32.99 -42.70
C3 LMT PA . 0.59 -33.83 -41.47
C4 LMT PA . 1.28 -35.14 -41.87
C5 LMT PA . 2.81 -35.08 -41.77
C6 LMT PA . 3.36 -36.00 -40.67
C7 LMT PA . 4.88 -36.09 -40.71
C8 LMT PA . 5.38 -37.21 -39.79
C9 LMT PA . 6.90 -37.24 -39.67
C10 LMT PA . 7.33 -37.74 -38.29
C11 LMT PA . 8.78 -38.19 -38.27
C12 LMT PA . 9.27 -38.42 -36.86
C1 D10 QA . 10.82 -22.55 -8.47
C2 D10 QA . 11.14 -21.11 -8.85
C3 D10 QA . 9.93 -20.23 -8.96
C4 D10 QA . 10.17 -18.90 -9.66
C5 D10 QA . 9.23 -17.79 -9.27
C6 D10 QA . 9.12 -16.67 -10.26
C7 D10 QA . 10.34 -15.79 -10.37
C8 D10 QA . 10.61 -15.26 -11.77
C9 D10 QA . 11.85 -14.41 -11.89
C10 D10 QA . 12.03 -13.78 -13.25
C1 D10 RA . 17.79 -29.06 -27.07
C2 D10 RA . 17.44 -28.29 -28.31
C3 D10 RA . 18.56 -27.43 -28.85
C4 D10 RA . 18.83 -27.60 -30.33
C5 D10 RA . 19.77 -26.57 -30.91
C6 D10 RA . 20.28 -26.90 -32.30
C7 D10 RA . 21.62 -26.29 -32.65
C8 D10 RA . 21.54 -25.01 -33.45
C9 D10 RA . 22.86 -24.56 -34.04
C10 D10 RA . 22.82 -23.19 -34.67
C1 D10 SA . -6.60 -69.12 -31.87
C2 D10 SA . -7.10 -67.86 -32.52
C3 D10 SA . -6.03 -67.07 -33.25
C4 D10 SA . -6.35 -65.59 -33.40
C5 D10 SA . -5.35 -64.81 -34.21
C6 D10 SA . -5.24 -63.34 -33.81
C7 D10 SA . -5.22 -62.36 -34.97
C8 D10 SA . -3.87 -62.15 -35.60
C9 D10 SA . -3.57 -60.72 -35.96
C10 D10 SA . -2.49 -60.55 -37.00
N1 DDQ TA . 3.41 -17.67 -10.02
O1 DDQ TA . 2.44 -18.09 -9.35
CM1 DDQ TA . 3.70 -16.26 -9.67
CM2 DDQ TA . 3.05 -17.73 -11.45
C1 DDQ TA . 4.59 -18.51 -9.77
C2 DDQ TA . 4.97 -18.61 -8.28
C3 DDQ TA . 5.25 -20.05 -7.85
C4 DDQ TA . 6.65 -20.49 -8.26
C5 DDQ TA . 6.89 -21.96 -7.95
C6 DDQ TA . 6.24 -22.88 -8.97
C7 DDQ TA . 7.24 -23.81 -9.66
C8 DDQ TA . 7.77 -24.89 -8.71
C9 DDQ TA . 8.33 -26.10 -9.47
C10 DDQ TA . 9.72 -25.82 -10.00
N1 DDQ UA . 11.09 -46.91 6.23
O1 DDQ UA . 10.61 -47.92 5.70
CM1 DDQ UA . 12.04 -46.26 5.30
CM2 DDQ UA . 11.83 -47.33 7.43
C1 DDQ UA . 10.01 -45.97 6.62
C2 DDQ UA . 8.87 -45.92 5.60
C3 DDQ UA . 7.95 -44.72 5.81
C4 DDQ UA . 7.81 -43.89 4.53
C5 DDQ UA . 6.78 -42.77 4.67
C6 DDQ UA . 6.21 -42.39 3.31
C7 DDQ UA . 5.79 -40.92 3.26
C8 DDQ UA . 4.90 -40.63 2.06
C9 DDQ UA . 5.24 -39.30 1.39
C10 DDQ UA . 4.13 -38.86 0.45
C1 GOL VA . -19.53 19.22 -25.65
O1 GOL VA . -18.81 20.42 -25.90
C2 GOL VA . -19.52 18.29 -26.84
O2 GOL VA . -19.84 16.97 -26.42
C3 GOL VA . -20.47 18.73 -27.94
O3 GOL VA . -21.83 18.48 -27.58
C1 GOL WA . -8.12 -23.66 -33.91
O1 GOL WA . -9.13 -22.89 -33.25
C2 GOL WA . -7.91 -23.21 -35.34
O2 GOL WA . -6.53 -22.92 -35.55
C3 GOL WA . -8.38 -24.21 -36.37
O3 GOL WA . -9.72 -24.63 -36.13
C1 GOL XA . -28.77 19.43 -33.68
O1 GOL XA . -28.35 20.79 -33.66
C2 GOL XA . -30.25 19.30 -33.97
O2 GOL XA . -30.68 17.96 -33.70
C3 GOL XA . -31.10 20.28 -33.19
O3 GOL XA . -32.35 19.73 -32.80
C1 GOL YA . -40.24 24.01 -23.94
O1 GOL YA . -39.59 25.13 -24.54
C2 GOL YA . -39.52 22.72 -24.26
O2 GOL YA . -40.26 21.62 -23.73
C3 GOL YA . -39.29 22.53 -25.74
O3 GOL YA . -38.65 21.28 -26.02
C1 HEX ZA . -10.87 -31.17 -14.62
C2 HEX ZA . -12.18 -30.60 -15.13
C3 HEX ZA . -12.26 -29.09 -15.08
C4 HEX ZA . -13.41 -28.48 -15.85
C5 HEX ZA . -14.74 -28.53 -15.14
C6 HEX ZA . -15.91 -28.16 -16.02
C1 HEX AB . 9.50 -37.56 1.07
C2 HEX AB . 9.92 -39.01 1.02
C3 HEX AB . 10.72 -39.46 2.23
C4 HEX AB . 11.38 -40.81 2.06
C5 HEX AB . 11.71 -41.51 3.36
C6 HEX AB . 12.20 -42.94 3.19
C1 HEX BB . 14.80 -43.87 -1.92
C2 HEX BB . 13.70 -42.83 -1.80
C3 HEX BB . 13.80 -41.69 -2.78
C4 HEX BB . 12.51 -40.91 -2.98
C5 HEX BB . 12.59 -39.78 -3.99
C6 HEX BB . 11.36 -38.89 -4.00
C1 HEX CB . 5.70 -34.37 -3.88
C2 HEX CB . 5.45 -33.17 -4.78
C3 HEX CB . 6.65 -32.26 -4.95
C4 HEX CB . 6.32 -30.89 -5.47
C5 HEX CB . 7.54 -30.07 -5.87
C6 HEX CB . 7.23 -28.62 -6.19
C1 PTY DB . 16.90 -12.76 -16.09
C2 PTY DB . 21.78 -16.15 -18.87
C3 PTY DB . 20.82 -15.01 -18.66
O4 PTY DB . 18.17 -12.06 -15.98
C5 PTY DB . 16.49 -13.70 -18.40
C6 PTY DB . 17.08 -13.93 -17.03
O7 PTY DB . 16.46 -15.12 -16.47
C8 PTY DB . 17.20 -16.24 -16.38
O10 PTY DB . 18.15 -16.47 -17.09
C11 PTY DB . 16.72 -17.18 -15.31
C12 PTY DB . 17.81 -18.06 -14.76
C13 PTY DB . 17.26 -19.32 -14.12
C14 PTY DB . 18.29 -20.41 -13.95
C15 PTY DB . 18.13 -21.21 -12.68
C16 PTY DB . 18.03 -22.69 -12.90
C17 PTY DB . 17.44 -23.45 -11.74
C18 PTY DB . 18.06 -24.80 -11.49
C19 PTY DB . 18.45 -25.07 -10.06
C20 PTY DB . 19.45 -26.18 -9.89
C21 PTY DB . 19.14 -27.15 -8.76
C22 PTY DB . 18.85 -28.55 -9.19
C23 PTY DB . 17.60 -28.70 -10.02
C24 PTY DB . 16.48 -29.48 -9.35
C25 PTY DB . 16.48 -30.96 -9.65
C26 PTY DB . 16.71 -31.85 -8.44
C27 PTY DB . 15.63 -32.87 -8.13
C28 PTY DB . 14.42 -32.96 -9.04
C29 PTY DB . 13.41 -31.86 -8.83
C30 PTY DB . 18.61 -11.77 -14.76
C31 PTY DB . 19.63 -12.78 -14.28
O30 PTY DB . 18.25 -10.80 -14.14
C32 PTY DB . 19.05 -14.12 -13.93
C33 PTY DB . 18.27 -14.12 -12.61
C34 PTY DB . 16.81 -13.79 -12.75
C35 PTY DB . 15.92 -14.32 -11.65
C36 PTY DB . 15.96 -15.82 -11.50
C37 PTY DB . 16.55 -16.30 -10.19
C38 PTY DB . 17.65 -17.34 -10.32
C39 PTY DB . 17.57 -18.47 -9.32
C40 PTY DB . 18.86 -19.20 -9.09
C41 PTY DB . 18.71 -20.57 -8.46
C42 PTY DB . 19.87 -20.99 -7.58
C43 PTY DB . 20.21 -22.45 -7.60
C44 PTY DB . 19.49 -23.28 -6.57
P1 PTY DB . 18.55 -14.39 -19.91
O11 PTY DB . 19.47 -15.41 -19.06
O12 PTY DB . 18.98 -12.99 -19.57
O13 PTY DB . 18.59 -14.86 -21.34
O14 PTY DB . 17.06 -14.63 -19.35
N1 PTY DB . 21.72 -17.15 -17.80
C1 PTY EB . 36.23 -40.81 -13.35
C2 PTY EB . 33.80 -46.96 -12.60
C3 PTY EB . 33.08 -45.64 -12.72
O4 PTY EB . 36.71 -39.64 -12.64
C5 PTY EB . 34.55 -41.35 -15.21
C6 PTY EB . 35.54 -40.35 -14.63
O7 PTY EB . 36.54 -40.07 -15.65
C8 PTY EB . 36.28 -39.06 -16.51
O10 PTY EB . 35.67 -39.25 -17.54
C11 PTY EB . 36.81 -37.74 -16.03
C12 PTY EB . 36.15 -36.54 -16.66
C13 PTY EB . 35.51 -35.60 -15.64
C14 PTY EB . 34.27 -34.92 -16.15
C15 PTY EB . 33.92 -33.61 -15.48
C16 PTY EB . 32.85 -32.82 -16.21
C17 PTY EB . 32.33 -31.62 -15.46
C18 PTY EB . 31.32 -30.82 -16.25
C19 PTY EB . 30.49 -29.87 -15.41
C20 PTY EB . 29.63 -28.92 -16.22
C21 PTY EB . 30.22 -27.52 -16.38
C22 PTY EB . 29.20 -26.46 -16.72
C23 PTY EB . 29.74 -25.31 -17.55
C24 PTY EB . 28.98 -24.02 -17.39
C25 PTY EB . 28.87 -23.19 -18.66
C26 PTY EB . 28.04 -21.93 -18.52
C27 PTY EB . 27.10 -21.66 -19.67
C28 PTY EB . 26.25 -20.42 -19.51
C29 PTY EB . 25.04 -20.39 -20.41
C30 PTY EB . 36.82 -39.73 -11.30
C31 PTY EB . 36.42 -38.45 -10.61
O30 PTY EB . 37.18 -40.73 -10.74
C32 PTY EB . 37.19 -37.24 -11.06
C33 PTY EB . 36.77 -35.97 -10.35
C34 PTY EB . 37.21 -34.68 -11.03
C35 PTY EB . 36.09 -33.73 -11.38
C36 PTY EB . 36.56 -32.35 -11.77
C37 PTY EB . 35.46 -31.32 -11.90
C38 PTY EB . 35.89 -30.03 -12.57
C39 PTY EB . 34.90 -28.90 -12.45
C40 PTY EB . 34.95 -27.90 -13.60
C41 PTY EB . 34.68 -26.47 -13.21
C42 PTY EB . 33.22 -26.06 -13.23
C43 PTY EB . 32.97 -24.63 -13.66
C44 PTY EB . 31.64 -24.08 -13.20
P1 PTY EB . 33.31 -43.27 -13.89
O11 PTY EB . 33.64 -44.84 -13.80
O12 PTY EB . 32.16 -43.09 -14.84
O13 PTY EB . 33.23 -42.70 -12.50
O14 PTY EB . 34.63 -42.65 -14.58
N1 PTY EB . 32.94 -48.02 -12.09
C1 PTY FB . 23.17 -46.04 -4.68
C2 PTY FB . 27.47 -46.42 -6.99
C3 PTY FB . 26.46 -46.05 -8.04
O4 PTY FB . 23.45 -44.81 -3.97
C5 PTY FB . 22.74 -45.02 -6.96
C6 PTY FB . 22.16 -45.77 -5.78
O7 PTY FB . 21.04 -45.02 -5.21
C8 PTY FB . 19.85 -45.08 -5.84
O10 PTY FB . 19.73 -44.88 -7.01
C11 PTY FB . 18.70 -45.41 -4.92
C12 PTY FB . 18.52 -44.44 -3.80
C13 PTY FB . 18.50 -42.99 -4.26
C14 PTY FB . 17.78 -42.05 -3.32
C15 PTY FB . 17.99 -40.59 -3.64
C16 PTY FB . 16.73 -39.85 -4.03
C17 PTY FB . 16.95 -38.70 -4.99
C18 PTY FB . 16.22 -37.44 -4.61
C19 PTY FB . 16.33 -36.34 -5.64
C20 PTY FB . 15.72 -35.02 -5.20
C21 PTY FB . 16.63 -34.17 -4.34
C22 PTY FB . 16.51 -32.68 -4.61
C23 PTY FB . 16.99 -31.79 -3.48
C24 PTY FB . 16.29 -30.45 -3.40
C25 PTY FB . 15.09 -30.43 -2.49
C26 PTY FB . 15.39 -29.98 -1.07
C27 PTY FB . 14.29 -30.27 -0.07
C28 PTY FB . 14.77 -30.91 1.21
C29 PTY FB . 15.07 -32.38 1.08
C30 PTY FB . 24.59 -44.18 -4.24
C31 PTY FB . 24.36 -42.71 -4.51
O30 PTY FB . 25.67 -44.72 -4.27
C32 PTY FB . 23.23 -42.12 -3.73
C33 PTY FB . 23.00 -40.65 -4.04
C34 PTY FB . 21.55 -40.30 -4.28
C35 PTY FB . 21.24 -38.82 -4.16
C36 PTY FB . 21.25 -38.08 -5.48
C37 PTY FB . 20.61 -36.70 -5.42
C38 PTY FB . 20.89 -35.84 -6.61
C39 PTY FB . 20.00 -34.64 -6.75
C40 PTY FB . 20.59 -33.50 -7.55
C41 PTY FB . 21.46 -32.56 -6.75
C42 PTY FB . 20.71 -31.45 -6.06
C43 PTY FB . 21.52 -30.64 -5.06
C44 PTY FB . 20.79 -30.34 -3.78
P1 PTY FB . 23.95 -46.71 -8.63
O11 PTY FB . 25.11 -46.38 -7.57
O12 PTY FB . 23.59 -48.16 -8.46
O13 PTY FB . 24.39 -46.21 -9.97
O14 PTY FB . 22.68 -45.84 -8.16
N1 PTY FB . 28.78 -45.83 -7.26
C1 PTY GB . -2.51 -22.93 1.81
C2 PTY GB . 1.92 -19.53 -1.22
C3 PTY GB . 0.56 -19.01 -1.56
O4 PTY GB . -1.76 -24.11 1.43
C5 PTY GB . -3.37 -20.93 0.52
C6 PTY GB . -3.32 -22.44 0.63
O7 PTY GB . -4.70 -22.92 0.75
C8 PTY GB . -5.41 -23.17 -0.37
O10 PTY GB . -5.83 -22.28 -1.07
C11 PTY GB . -5.65 -24.64 -0.65
C12 PTY GB . -4.73 -25.54 0.11
C13 PTY GB . -4.79 -26.99 -0.34
C14 PTY GB . -3.89 -27.89 0.49
C15 PTY GB . -3.71 -29.28 -0.06
C16 PTY GB . -3.05 -30.24 0.91
C17 PTY GB . -1.87 -30.99 0.34
C18 PTY GB . -0.61 -30.18 0.20
C19 PTY GB . 0.60 -30.97 -0.27
C20 PTY GB . 1.64 -30.14 -0.98
C21 PTY GB . 3.01 -30.77 -1.02
C22 PTY GB . 4.10 -29.82 -1.47
C23 PTY GB . 5.44 -30.48 -1.73
C24 PTY GB . 6.17 -30.93 -0.48
C25 PTY GB . 7.65 -31.16 -0.67
C26 PTY GB . 8.24 -32.20 0.24
C27 PTY GB . 9.76 -32.23 0.26
C28 PTY GB . 10.36 -33.27 1.17
C29 PTY GB . 11.22 -32.71 2.27
C30 PTY GB . -1.55 -25.02 2.38
C31 PTY GB . -0.12 -25.49 2.42
O30 PTY GB . -2.42 -25.44 3.11
C32 PTY GB . 0.03 -26.94 2.80
C33 PTY GB . 1.44 -27.46 2.57
C34 PTY GB . 1.88 -28.52 3.55
C35 PTY GB . 3.32 -28.97 3.40
C36 PTY GB . 3.90 -29.68 4.60
C37 PTY GB . 5.38 -29.96 4.50
C38 PTY GB . 5.90 -30.96 5.51
C39 PTY GB . 5.79 -32.41 5.07
C40 PTY GB . 6.57 -33.38 5.93
C41 PTY GB . 6.35 -34.84 5.58
C42 PTY GB . 7.57 -35.72 5.80
C43 PTY GB . 7.24 -37.18 6.00
C44 PTY GB . 8.46 -38.06 6.13
P1 PTY GB . -1.93 -19.93 -1.46
O11 PTY GB . -0.36 -20.13 -1.76
O12 PTY GB . -2.68 -20.90 -2.33
O13 PTY GB . -2.26 -18.45 -1.54
O14 PTY GB . -2.09 -20.41 0.05
N1 PTY GB . 2.99 -18.81 -1.92
C1 D12 HB . -6.59 -58.53 -3.54
C2 D12 HB . -6.74 -57.41 -2.55
C3 D12 HB . -6.79 -56.05 -3.25
C4 D12 HB . -6.50 -54.89 -2.29
C5 D12 HB . -7.66 -54.60 -1.34
C6 D12 HB . -7.72 -53.13 -0.92
C7 D12 HB . -8.72 -52.33 -1.77
C8 D12 HB . -8.62 -50.83 -1.50
C9 D12 HB . -9.46 -50.03 -2.51
C10 D12 HB . -9.40 -48.52 -2.26
C11 D12 HB . -10.51 -47.80 -3.03
C12 D12 HB . -10.29 -46.30 -3.13
C1 D12 IB . 12.15 -53.83 -32.60
C2 D12 IB . 12.76 -55.07 -33.22
C3 D12 IB . 14.05 -54.76 -33.96
C4 D12 IB . 14.25 -55.67 -35.16
C5 D12 IB . 15.59 -55.42 -35.86
C6 D12 IB . 15.72 -56.28 -37.12
C7 D12 IB . 16.96 -55.94 -37.94
C8 D12 IB . 17.37 -57.10 -38.85
C9 D12 IB . 18.17 -56.62 -40.05
C10 D12 IB . 19.36 -57.54 -40.36
C11 D12 IB . 20.18 -57.02 -41.55
C12 D12 IB . 21.59 -57.58 -41.57
C1 D12 JB . -14.85 -25.45 -10.32
C2 D12 JB . -15.01 -26.95 -10.44
C3 D12 JB . -13.84 -27.57 -11.19
C4 D12 JB . -14.04 -29.06 -11.44
C5 D12 JB . -12.94 -29.91 -10.81
C6 D12 JB . -13.03 -31.37 -11.27
C7 D12 JB . -12.16 -32.29 -10.42
C8 D12 JB . -12.60 -33.74 -10.55
C9 D12 JB . -11.91 -34.64 -9.53
C10 D12 JB . -12.69 -34.70 -8.22
C11 D12 JB . -13.66 -35.89 -8.18
C12 D12 JB . -14.37 -35.99 -6.85
S SO4 KB . 7.41 18.75 -35.08
O1 SO4 KB . 7.67 18.53 -36.48
O2 SO4 KB . 8.16 17.82 -34.30
O3 SO4 KB . 7.78 20.10 -34.73
O4 SO4 KB . 6.00 18.57 -34.82
C1 GOL LB . -0.43 55.36 13.73
O1 GOL LB . -0.01 54.31 14.60
C2 GOL LB . -1.69 55.00 12.97
O2 GOL LB . -2.76 55.85 13.37
C3 GOL LB . -1.53 55.06 11.47
O3 GOL LB . -1.03 53.83 10.95
C1 GOL MB . -46.44 14.43 12.66
O1 GOL MB . -45.63 13.29 12.40
C2 GOL MB . -45.68 15.72 12.49
O2 GOL MB . -45.14 15.80 11.17
C3 GOL MB . -46.52 16.94 12.77
O3 GOL MB . -45.87 18.14 12.35
#